data_5Y4S
#
_entry.id   5Y4S
#
_cell.length_a   279.545
_cell.length_b   279.545
_cell.length_c   138.799
_cell.angle_alpha   90.00
_cell.angle_beta   90.00
_cell.angle_gamma   90.00
#
_symmetry.space_group_name_H-M   'I 41'
#
_entity_poly.entity_id   1
_entity_poly.type   'polypeptide(L)'
_entity_poly.pdbx_seq_one_letter_code
;MGSSHHHHHHSQDPENLYFQGSAANADFELFRVFLEKTCGIVLGSNKQYLVSSRLNKLMEQQGIKSLGELVQRIQTQRGG
LREMVVDAMTTNETLWFRDTYPFEVLKQRVLPELIKANGGQRLRIWSAACSSGQEPYSLSMAIDEFEKTNLGQLKAGVQI
VATDLSGSMLTAAKAGEYDTLAMGRGLSPERLQRYFDAKGPGRWAVKPAIRSRVEFRALNLLDSYASLGKFDMVFCRNVL
IYFSAEVKRDILLRIHGTLKPGGYLFLGASEALNNLPDHYQMVQCSPGIIYRAK
;
_entity_poly.pdbx_strand_id   A,B,C,D,E,F,G,H,I,J
#
# COMPACT_ATOMS: atom_id res chain seq x y z
N ASN A 25 23.60 17.73 -32.11
CA ASN A 25 22.62 18.73 -31.71
C ASN A 25 23.22 20.12 -31.59
N ALA A 26 24.46 20.26 -32.04
CA ALA A 26 25.17 21.54 -31.98
C ALA A 26 24.81 22.50 -33.12
N ASP A 27 24.54 21.96 -34.30
CA ASP A 27 24.22 22.81 -35.45
C ASP A 27 22.74 23.10 -35.57
N PHE A 28 22.12 23.51 -34.46
CA PHE A 28 20.74 23.95 -34.47
C PHE A 28 20.66 25.34 -33.86
N GLU A 29 21.38 25.51 -32.75
CA GLU A 29 21.49 26.81 -32.08
C GLU A 29 21.98 27.86 -33.05
N LEU A 30 22.87 27.46 -33.94
CA LEU A 30 23.35 28.35 -34.97
C LEU A 30 22.19 28.79 -35.86
N PHE A 31 21.31 27.84 -36.18
CA PHE A 31 20.17 28.14 -37.02
C PHE A 31 19.10 28.97 -36.31
N ARG A 32 18.69 28.53 -35.12
CA ARG A 32 17.60 29.22 -34.43
C ARG A 32 17.98 30.63 -33.98
N VAL A 33 19.24 30.85 -33.63
CA VAL A 33 19.72 32.18 -33.29
C VAL A 33 19.64 33.07 -34.52
N PHE A 34 19.89 32.48 -35.69
CA PHE A 34 19.75 33.20 -36.95
C PHE A 34 18.32 33.70 -37.15
N LEU A 35 17.36 32.79 -37.00
CA LEU A 35 15.96 33.13 -37.20
C LEU A 35 15.45 34.22 -36.25
N GLU A 36 15.83 34.13 -34.98
CA GLU A 36 15.42 35.14 -34.01
C GLU A 36 16.01 36.51 -34.32
N LYS A 37 17.30 36.51 -34.64
CA LYS A 37 18.04 37.73 -34.92
C LYS A 37 17.52 38.41 -36.18
N THR A 38 17.24 37.62 -37.21
CA THR A 38 16.86 38.15 -38.52
C THR A 38 15.36 38.10 -38.80
N CYS A 39 14.81 36.90 -38.93
CA CYS A 39 13.42 36.74 -39.33
C CYS A 39 12.41 37.00 -38.20
N GLY A 40 12.91 37.07 -36.97
CA GLY A 40 12.05 37.32 -35.81
C GLY A 40 11.15 36.14 -35.48
N ILE A 41 11.73 34.95 -35.48
CA ILE A 41 11.03 33.72 -35.18
C ILE A 41 11.82 32.95 -34.13
N VAL A 42 11.22 32.72 -32.96
CA VAL A 42 11.89 32.01 -31.88
C VAL A 42 11.62 30.51 -31.87
N LEU A 43 12.57 29.71 -31.40
CA LEU A 43 12.35 28.27 -31.37
C LEU A 43 12.56 27.62 -30.00
N GLY A 44 13.32 26.53 -29.93
CA GLY A 44 13.44 25.81 -28.67
C GLY A 44 14.14 24.46 -28.72
N SER A 45 15.03 24.21 -27.77
CA SER A 45 15.69 22.90 -27.64
C SER A 45 14.78 21.67 -27.81
N ASN A 46 13.48 21.84 -27.60
CA ASN A 46 12.55 20.74 -27.86
C ASN A 46 12.17 20.62 -29.33
N LYS A 47 11.35 21.58 -29.79
CA LYS A 47 10.91 21.63 -31.17
C LYS A 47 12.19 21.78 -31.95
N GLN A 48 12.73 20.66 -32.40
CA GLN A 48 13.96 20.63 -33.14
C GLN A 48 13.73 19.55 -34.16
N TYR A 49 12.62 18.85 -33.95
CA TYR A 49 12.25 17.77 -34.87
C TYR A 49 11.21 18.19 -35.88
N LEU A 50 10.24 18.97 -35.42
CA LEU A 50 9.20 19.47 -36.31
C LEU A 50 9.79 20.57 -37.20
N VAL A 51 11.02 20.93 -36.90
CA VAL A 51 11.79 21.85 -37.74
C VAL A 51 12.66 21.07 -38.71
N SER A 52 13.55 20.23 -38.17
CA SER A 52 14.52 19.51 -38.98
C SER A 52 13.83 18.48 -39.88
N SER A 53 12.54 18.29 -39.68
CA SER A 53 11.75 17.46 -40.58
C SER A 53 11.25 18.28 -41.76
N ARG A 54 10.66 19.43 -41.45
CA ARG A 54 9.98 20.24 -42.45
C ARG A 54 10.91 20.96 -43.42
N LEU A 55 12.00 21.53 -42.92
CA LEU A 55 12.88 22.28 -43.79
C LEU A 55 13.85 21.36 -44.52
N ASN A 56 14.04 20.16 -43.98
CA ASN A 56 14.90 19.17 -44.63
C ASN A 56 14.28 18.71 -45.94
N LYS A 57 12.96 18.85 -46.05
CA LYS A 57 12.27 18.59 -47.30
C LYS A 57 12.60 19.67 -48.32
N LEU A 58 12.66 20.93 -47.84
CA LEU A 58 13.04 22.05 -48.69
C LEU A 58 14.55 22.05 -48.92
N MET A 59 15.29 21.61 -47.90
CA MET A 59 16.75 21.55 -47.98
C MET A 59 17.23 20.46 -48.93
N GLU A 60 16.37 19.48 -49.17
CA GLU A 60 16.65 18.41 -50.11
C GLU A 60 16.37 18.91 -51.52
N GLN A 61 15.63 20.01 -51.58
CA GLN A 61 15.37 20.73 -52.82
C GLN A 61 16.51 21.72 -53.09
N GLN A 62 17.73 21.30 -52.75
CA GLN A 62 18.96 22.07 -52.93
C GLN A 62 20.15 21.28 -52.39
N GLY A 63 21.30 21.95 -52.23
CA GLY A 63 22.53 21.32 -51.81
C GLY A 63 23.09 22.04 -50.60
N ILE A 64 22.20 22.29 -49.65
CA ILE A 64 22.50 23.01 -48.42
C ILE A 64 22.45 21.95 -47.33
N LYS A 65 23.46 21.89 -46.48
CA LYS A 65 23.49 20.86 -45.46
C LYS A 65 23.42 21.41 -44.04
N SER A 66 22.25 21.99 -43.74
CA SER A 66 21.86 22.48 -42.42
C SER A 66 22.48 23.80 -42.00
N LEU A 67 23.69 24.10 -42.47
CA LEU A 67 24.34 25.33 -42.05
C LEU A 67 24.94 26.07 -43.24
N GLY A 68 24.97 25.40 -44.39
CA GLY A 68 25.34 26.04 -45.63
C GLY A 68 24.16 26.87 -46.08
N GLU A 69 22.99 26.49 -45.57
CA GLU A 69 21.78 27.25 -45.78
C GLU A 69 21.79 28.58 -45.05
N LEU A 70 22.35 28.59 -43.84
CA LEU A 70 22.44 29.79 -43.03
C LEU A 70 23.13 30.93 -43.75
N VAL A 71 24.25 30.64 -44.41
CA VAL A 71 24.98 31.64 -45.16
C VAL A 71 24.25 31.97 -46.46
N GLN A 72 23.64 30.96 -47.08
CA GLN A 72 22.97 31.14 -48.37
C GLN A 72 21.64 31.89 -48.23
N ARG A 73 21.16 32.03 -47.00
CA ARG A 73 19.96 32.80 -46.73
C ARG A 73 20.27 34.29 -46.71
N ILE A 74 21.53 34.63 -46.43
CA ILE A 74 21.90 36.02 -46.27
C ILE A 74 21.98 36.74 -47.62
N GLN A 75 22.06 35.99 -48.71
CA GLN A 75 21.83 36.59 -50.01
C GLN A 75 20.35 36.81 -50.17
N THR A 76 19.75 37.64 -49.33
CA THR A 76 18.30 37.72 -49.41
C THR A 76 17.98 38.60 -50.60
N GLN A 77 16.73 39.04 -50.72
CA GLN A 77 16.35 39.86 -51.86
C GLN A 77 16.78 39.22 -53.18
N ARG A 78 17.01 37.91 -53.17
CA ARG A 78 17.44 37.18 -54.36
C ARG A 78 16.89 35.77 -54.32
N GLY A 79 15.97 35.49 -55.24
CA GLY A 79 15.36 34.18 -55.41
C GLY A 79 14.50 33.62 -54.28
N GLY A 80 14.14 34.47 -53.33
CA GLY A 80 13.14 34.10 -52.34
C GLY A 80 13.35 32.90 -51.44
N LEU A 81 14.58 32.39 -51.34
CA LEU A 81 14.85 31.24 -50.48
C LEU A 81 14.56 31.59 -49.03
N ARG A 82 14.83 32.84 -48.67
CA ARG A 82 14.55 33.37 -47.35
C ARG A 82 13.06 33.24 -47.02
N GLU A 83 12.22 33.62 -47.97
CA GLU A 83 10.78 33.57 -47.79
C GLU A 83 10.26 32.14 -47.81
N MET A 84 11.04 31.23 -48.37
CA MET A 84 10.67 29.82 -48.39
C MET A 84 11.01 29.18 -47.06
N VAL A 85 12.12 29.63 -46.46
CA VAL A 85 12.54 29.14 -45.17
C VAL A 85 11.50 29.51 -44.12
N VAL A 86 10.93 30.70 -44.25
CA VAL A 86 9.86 31.13 -43.36
C VAL A 86 8.71 30.11 -43.41
N ASP A 87 8.36 29.67 -44.61
CA ASP A 87 7.40 28.56 -44.74
C ASP A 87 8.05 27.28 -44.22
N ALA A 88 7.20 26.35 -43.82
CA ALA A 88 7.61 25.07 -43.23
C ALA A 88 8.17 25.25 -41.82
N MET A 89 8.26 26.50 -41.36
CA MET A 89 8.51 26.75 -39.95
C MET A 89 7.14 26.94 -39.35
N THR A 90 6.18 27.12 -40.24
CA THR A 90 4.78 27.24 -39.87
C THR A 90 4.00 26.23 -40.68
N THR A 91 3.12 25.50 -40.01
CA THR A 91 2.19 24.63 -40.71
C THR A 91 1.44 25.48 -41.70
N ASN A 92 1.51 25.14 -42.98
CA ASN A 92 0.79 25.91 -43.99
C ASN A 92 -0.62 25.31 -44.01
N GLU A 93 -1.20 25.23 -42.82
CA GLU A 93 -2.50 24.62 -42.56
C GLU A 93 -3.38 25.55 -41.74
N THR A 94 -4.68 25.53 -42.01
CA THR A 94 -5.63 26.29 -41.20
C THR A 94 -6.27 25.40 -40.14
N LEU A 95 -5.90 25.62 -38.88
CA LEU A 95 -6.42 24.81 -37.79
C LEU A 95 -7.58 25.45 -37.02
N TRP A 96 -8.23 24.63 -36.20
CA TRP A 96 -9.24 25.08 -35.25
C TRP A 96 -8.58 25.17 -33.89
N PHE A 97 -8.69 26.34 -33.25
CA PHE A 97 -8.03 26.60 -31.97
C PHE A 97 -6.54 26.30 -32.07
N ARG A 98 -5.85 27.06 -32.91
CA ARG A 98 -4.42 26.85 -33.15
C ARG A 98 -3.62 26.95 -31.86
N ASP A 99 -2.78 25.95 -31.62
CA ASP A 99 -1.89 25.92 -30.45
C ASP A 99 -2.61 25.72 -29.11
N THR A 100 -3.93 25.87 -29.13
CA THR A 100 -4.81 25.59 -27.99
C THR A 100 -4.58 26.52 -26.80
N TYR A 101 -3.33 26.91 -26.56
CA TYR A 101 -3.01 27.77 -25.40
C TYR A 101 -3.55 29.20 -25.48
N PRO A 102 -3.56 29.85 -26.67
CA PRO A 102 -3.98 31.25 -26.59
C PRO A 102 -5.47 31.39 -26.26
N PHE A 103 -6.23 30.34 -26.53
CA PHE A 103 -7.66 30.34 -26.29
C PHE A 103 -7.97 30.05 -24.82
N GLU A 104 -7.14 29.23 -24.19
CA GLU A 104 -7.27 29.03 -22.75
C GLU A 104 -6.81 30.28 -22.02
N VAL A 105 -5.76 30.92 -22.52
CA VAL A 105 -5.29 32.19 -21.97
C VAL A 105 -6.38 33.25 -22.06
N LEU A 106 -7.05 33.28 -23.21
CA LEU A 106 -8.15 34.20 -23.42
C LEU A 106 -9.24 34.06 -22.37
N LYS A 107 -9.64 32.81 -22.13
CA LYS A 107 -10.76 32.51 -21.26
C LYS A 107 -10.46 32.77 -19.79
N GLN A 108 -9.38 32.19 -19.28
CA GLN A 108 -9.15 32.19 -17.84
C GLN A 108 -8.18 33.28 -17.36
N ARG A 109 -7.73 34.13 -18.29
CA ARG A 109 -6.78 35.18 -17.93
C ARG A 109 -7.21 36.53 -18.47
N VAL A 110 -7.26 36.63 -19.80
CA VAL A 110 -7.50 37.90 -20.48
C VAL A 110 -8.90 38.46 -20.25
N LEU A 111 -9.92 37.64 -20.54
CA LEU A 111 -11.30 38.08 -20.36
C LEU A 111 -11.62 38.49 -18.92
N PRO A 112 -11.24 37.71 -17.90
CA PRO A 112 -11.42 38.18 -16.53
C PRO A 112 -10.68 39.48 -16.20
N GLU A 113 -9.47 39.62 -16.74
CA GLU A 113 -8.70 40.84 -16.53
C GLU A 113 -9.46 42.00 -17.16
N LEU A 114 -10.03 41.74 -18.32
CA LEU A 114 -10.70 42.76 -19.10
C LEU A 114 -12.10 43.05 -18.54
N ILE A 115 -12.73 42.03 -17.96
CA ILE A 115 -14.07 42.18 -17.39
C ILE A 115 -14.09 43.09 -16.17
N LYS A 116 -13.08 42.94 -15.30
CA LYS A 116 -12.98 43.79 -14.13
C LYS A 116 -12.74 45.22 -14.57
N ALA A 117 -11.66 45.44 -15.32
CA ALA A 117 -11.30 46.74 -15.86
C ALA A 117 -12.47 47.51 -16.47
N ASN A 118 -13.15 46.89 -17.44
CA ASN A 118 -14.22 47.54 -18.17
C ASN A 118 -15.58 47.56 -17.47
N GLY A 119 -15.87 46.50 -16.72
CA GLY A 119 -17.21 46.36 -16.15
C GLY A 119 -18.14 45.86 -17.25
N GLY A 120 -17.68 44.82 -17.96
CA GLY A 120 -18.38 44.23 -19.10
C GLY A 120 -19.05 45.17 -20.08
N GLN A 121 -18.28 46.09 -20.63
CA GLN A 121 -18.77 47.10 -21.57
C GLN A 121 -18.49 46.74 -23.03
N ARG A 122 -19.00 45.60 -23.46
CA ARG A 122 -18.86 45.12 -24.83
C ARG A 122 -17.47 45.03 -25.48
N LEU A 123 -16.66 44.05 -25.07
CA LEU A 123 -15.35 43.83 -25.69
C LEU A 123 -15.38 43.57 -27.21
N ARG A 124 -14.43 44.16 -27.93
CA ARG A 124 -14.30 43.98 -29.37
C ARG A 124 -13.05 43.20 -29.66
N ILE A 125 -13.18 42.18 -30.50
CA ILE A 125 -12.02 41.38 -30.83
C ILE A 125 -11.79 41.49 -32.32
N TRP A 126 -10.52 41.60 -32.68
CA TRP A 126 -10.14 41.67 -34.08
C TRP A 126 -9.45 40.38 -34.47
N SER A 127 -10.04 39.69 -35.44
CA SER A 127 -9.34 38.57 -36.05
C SER A 127 -8.76 39.10 -37.37
N ALA A 128 -7.50 39.49 -37.30
CA ALA A 128 -6.81 40.05 -38.45
C ALA A 128 -6.32 38.91 -39.32
N ALA A 129 -6.61 38.99 -40.61
CA ALA A 129 -6.31 37.93 -41.55
C ALA A 129 -6.97 36.62 -41.11
N CYS A 130 -8.30 36.60 -41.20
CA CYS A 130 -9.12 35.49 -40.69
C CYS A 130 -9.10 34.24 -41.55
N SER A 131 -8.67 34.40 -42.81
CA SER A 131 -8.63 33.31 -43.79
C SER A 131 -9.99 32.65 -44.01
N SER A 132 -10.04 31.33 -43.85
CA SER A 132 -11.24 30.56 -44.14
C SER A 132 -12.33 30.76 -43.09
N GLY A 133 -12.02 31.47 -42.01
CA GLY A 133 -13.01 31.77 -41.00
C GLY A 133 -12.79 31.03 -39.70
N GLN A 134 -11.99 29.97 -39.78
CA GLN A 134 -11.72 29.09 -38.66
C GLN A 134 -11.27 29.79 -37.36
N GLU A 135 -10.25 30.65 -37.43
CA GLU A 135 -9.76 31.34 -36.23
C GLU A 135 -10.83 32.19 -35.51
N PRO A 136 -11.56 33.07 -36.22
CA PRO A 136 -12.57 33.84 -35.48
C PRO A 136 -13.75 33.00 -34.96
N TYR A 137 -14.17 32.00 -35.71
CA TYR A 137 -15.25 31.10 -35.27
C TYR A 137 -14.81 30.33 -34.02
N SER A 138 -13.52 30.00 -33.96
CA SER A 138 -12.95 29.37 -32.78
C SER A 138 -13.05 30.32 -31.59
N LEU A 139 -12.86 31.61 -31.87
CA LEU A 139 -12.97 32.65 -30.85
C LEU A 139 -14.41 32.78 -30.36
N SER A 140 -15.34 32.78 -31.30
CA SER A 140 -16.75 32.89 -30.98
C SER A 140 -17.17 31.72 -30.08
N MET A 141 -16.63 30.54 -30.36
CA MET A 141 -16.86 29.38 -29.51
C MET A 141 -16.29 29.56 -28.11
N ALA A 142 -15.08 30.12 -28.06
CA ALA A 142 -14.38 30.32 -26.80
C ALA A 142 -15.17 31.26 -25.90
N ILE A 143 -15.85 32.22 -26.54
CA ILE A 143 -16.69 33.16 -25.83
C ILE A 143 -17.88 32.45 -25.22
N ASP A 144 -18.59 31.70 -26.06
CA ASP A 144 -19.79 30.98 -25.64
C ASP A 144 -19.50 30.08 -24.45
N GLU A 145 -18.38 29.37 -24.50
CA GLU A 145 -18.04 28.47 -23.41
C GLU A 145 -17.52 29.23 -22.18
N PHE A 146 -17.10 30.49 -22.37
CA PHE A 146 -16.74 31.32 -21.22
C PHE A 146 -18.00 31.88 -20.57
N GLU A 147 -18.96 32.24 -21.41
CA GLU A 147 -20.24 32.74 -20.95
C GLU A 147 -20.97 31.65 -20.16
N LYS A 148 -20.78 30.41 -20.59
CA LYS A 148 -21.42 29.24 -19.97
C LYS A 148 -20.89 28.94 -18.58
N THR A 149 -19.59 29.13 -18.40
CA THR A 149 -18.92 28.88 -17.13
C THR A 149 -19.03 30.07 -16.18
N ASN A 150 -18.82 31.27 -16.71
CA ASN A 150 -18.81 32.49 -15.91
C ASN A 150 -20.07 33.33 -16.12
N LEU A 151 -21.23 32.71 -15.92
CA LEU A 151 -22.53 33.38 -16.04
C LEU A 151 -22.60 34.77 -15.40
N GLY A 152 -23.36 35.66 -16.04
CA GLY A 152 -23.56 37.02 -15.59
C GLY A 152 -22.40 37.96 -15.82
N GLN A 153 -21.32 37.43 -16.39
CA GLN A 153 -20.13 38.22 -16.68
C GLN A 153 -20.20 38.56 -18.15
N LEU A 154 -21.05 37.82 -18.85
CA LEU A 154 -21.26 38.00 -20.27
C LEU A 154 -22.13 39.23 -20.50
N LYS A 155 -21.77 40.34 -19.86
CA LYS A 155 -22.50 41.58 -20.03
C LYS A 155 -22.43 41.94 -21.50
N ALA A 156 -23.47 42.56 -22.01
CA ALA A 156 -23.56 42.87 -23.42
C ALA A 156 -23.18 41.65 -24.27
N GLY A 157 -22.47 41.89 -25.36
CA GLY A 157 -21.97 40.84 -26.22
C GLY A 157 -20.59 41.20 -26.73
N VAL A 158 -19.70 40.24 -26.91
CA VAL A 158 -18.41 40.62 -27.47
C VAL A 158 -18.55 40.67 -28.98
N GLN A 159 -18.05 41.74 -29.58
CA GLN A 159 -18.10 41.91 -31.02
C GLN A 159 -16.79 41.45 -31.67
N ILE A 160 -16.86 40.38 -32.45
CA ILE A 160 -15.66 39.93 -33.14
C ILE A 160 -15.69 40.43 -34.59
N VAL A 161 -14.67 41.18 -34.97
CA VAL A 161 -14.54 41.65 -36.35
C VAL A 161 -13.39 40.91 -37.02
N ALA A 162 -13.69 40.23 -38.11
CA ALA A 162 -12.68 39.45 -38.81
C ALA A 162 -12.45 40.02 -40.20
N THR A 163 -11.21 40.40 -40.47
CA THR A 163 -10.90 41.11 -41.69
C THR A 163 -9.94 40.36 -42.58
N ASP A 164 -10.21 40.41 -43.88
CA ASP A 164 -9.35 39.77 -44.85
C ASP A 164 -9.48 40.31 -46.27
N LEU A 165 -8.48 39.98 -47.09
CA LEU A 165 -8.49 40.24 -48.52
C LEU A 165 -9.78 39.75 -49.15
N SER A 166 -10.47 40.64 -49.85
CA SER A 166 -11.60 40.24 -50.70
C SER A 166 -11.19 39.06 -51.56
N GLY A 167 -11.68 37.87 -51.24
CA GLY A 167 -11.33 36.72 -52.04
C GLY A 167 -12.22 35.54 -51.76
N SER A 168 -11.75 34.36 -52.15
CA SER A 168 -12.51 33.15 -51.93
C SER A 168 -12.47 32.67 -50.48
N MET A 169 -11.41 33.00 -49.76
CA MET A 169 -11.24 32.53 -48.38
C MET A 169 -12.12 33.30 -47.41
N LEU A 170 -12.16 34.61 -47.56
CA LEU A 170 -13.06 35.42 -46.76
C LEU A 170 -14.51 35.12 -47.15
N THR A 171 -14.77 34.97 -48.44
CA THR A 171 -16.10 34.62 -48.91
C THR A 171 -16.51 33.26 -48.36
N ALA A 172 -15.54 32.36 -48.25
CA ALA A 172 -15.79 31.04 -47.66
C ALA A 172 -16.07 31.14 -46.17
N ALA A 173 -15.43 32.13 -45.54
CA ALA A 173 -15.65 32.40 -44.12
C ALA A 173 -17.08 32.81 -43.88
N LYS A 174 -17.55 33.76 -44.68
CA LYS A 174 -18.89 34.29 -44.55
C LYS A 174 -19.94 33.19 -44.65
N ALA A 175 -19.72 32.27 -45.58
CA ALA A 175 -20.59 31.11 -45.75
C ALA A 175 -20.62 30.30 -44.47
N GLY A 176 -19.41 30.05 -43.95
CA GLY A 176 -19.23 29.40 -42.67
C GLY A 176 -19.49 27.91 -42.73
N GLU A 177 -19.53 27.35 -43.94
CA GLU A 177 -19.53 25.90 -44.06
C GLU A 177 -18.10 25.43 -44.02
N TYR A 178 -17.92 24.11 -43.98
CA TYR A 178 -16.60 23.52 -43.79
C TYR A 178 -16.61 22.05 -44.15
N ASP A 179 -15.55 21.61 -44.82
CA ASP A 179 -15.38 20.22 -45.16
C ASP A 179 -15.37 19.36 -43.90
N THR A 180 -15.93 18.16 -44.00
CA THR A 180 -15.94 17.21 -42.89
C THR A 180 -14.51 16.89 -42.46
N LEU A 181 -13.59 16.96 -43.40
CA LEU A 181 -12.17 16.71 -43.15
C LEU A 181 -11.52 17.86 -42.40
N ALA A 182 -11.94 19.07 -42.72
CA ALA A 182 -11.38 20.28 -42.09
C ALA A 182 -11.77 20.33 -40.61
N MET A 183 -12.85 19.62 -40.28
CA MET A 183 -13.36 19.57 -38.92
C MET A 183 -12.53 18.67 -38.02
N GLY A 184 -11.81 17.73 -38.62
CA GLY A 184 -10.96 16.83 -37.87
C GLY A 184 -9.70 17.51 -37.37
N ARG A 185 -9.46 18.75 -37.80
CA ARG A 185 -8.23 19.45 -37.49
C ARG A 185 -8.37 20.48 -36.37
N GLY A 186 -7.93 20.10 -35.16
CA GLY A 186 -7.89 20.98 -34.02
C GLY A 186 -9.21 21.25 -33.30
N LEU A 187 -10.26 20.52 -33.65
CA LEU A 187 -11.58 20.75 -33.06
C LEU A 187 -12.10 19.55 -32.29
N SER A 188 -12.44 19.78 -31.02
CA SER A 188 -13.00 18.74 -30.16
C SER A 188 -14.34 18.23 -30.69
N PRO A 189 -14.58 16.92 -30.57
CA PRO A 189 -15.84 16.32 -31.02
C PRO A 189 -17.02 16.89 -30.21
N GLU A 190 -16.74 17.32 -28.98
CA GLU A 190 -17.70 18.07 -28.18
C GLU A 190 -18.08 19.36 -28.88
N ARG A 191 -17.06 20.16 -29.22
CA ARG A 191 -17.26 21.44 -29.88
C ARG A 191 -17.91 21.29 -31.26
N LEU A 192 -17.61 20.17 -31.93
CA LEU A 192 -18.21 19.92 -33.23
C LEU A 192 -19.72 19.68 -33.08
N GLN A 193 -20.08 18.77 -32.18
CA GLN A 193 -21.49 18.45 -31.96
C GLN A 193 -22.24 19.65 -31.39
N ARG A 194 -21.54 20.40 -30.53
CA ARG A 194 -22.17 21.50 -29.81
C ARG A 194 -22.35 22.75 -30.66
N TYR A 195 -21.33 23.09 -31.43
CA TYR A 195 -21.34 24.35 -32.18
C TYR A 195 -21.59 24.22 -33.68
N PHE A 196 -21.89 23.02 -34.16
CA PHE A 196 -22.05 22.82 -35.60
C PHE A 196 -23.28 22.00 -36.01
N ASP A 197 -24.01 22.49 -37.00
CA ASP A 197 -25.08 21.74 -37.64
C ASP A 197 -24.52 21.07 -38.89
N ALA A 198 -24.77 19.78 -39.05
CA ALA A 198 -24.32 19.09 -40.25
C ALA A 198 -25.26 19.43 -41.40
N LYS A 199 -24.76 20.21 -42.36
CA LYS A 199 -25.55 20.67 -43.49
C LYS A 199 -25.13 19.92 -44.75
N GLY A 200 -25.12 18.60 -44.68
CA GLY A 200 -24.72 17.80 -45.82
C GLY A 200 -24.18 16.45 -45.39
N PRO A 201 -24.01 15.53 -46.36
CA PRO A 201 -23.39 14.26 -46.02
C PRO A 201 -21.91 14.45 -45.66
N GLY A 202 -21.24 15.33 -46.40
CA GLY A 202 -19.84 15.62 -46.16
C GLY A 202 -19.55 17.05 -45.73
N ARG A 203 -20.59 17.81 -45.38
CA ARG A 203 -20.41 19.21 -45.02
C ARG A 203 -20.94 19.54 -43.61
N TRP A 204 -20.39 20.61 -43.05
CA TRP A 204 -20.75 21.08 -41.70
C TRP A 204 -20.79 22.61 -41.66
N ALA A 205 -21.83 23.15 -41.04
CA ALA A 205 -22.00 24.60 -40.95
C ALA A 205 -21.93 25.08 -39.50
N VAL A 206 -21.47 26.32 -39.29
CA VAL A 206 -21.41 26.89 -37.95
C VAL A 206 -22.82 27.19 -37.44
N LYS A 207 -23.10 26.85 -36.19
CA LYS A 207 -24.41 27.15 -35.60
C LYS A 207 -24.59 28.67 -35.48
N PRO A 208 -25.78 29.16 -35.87
CA PRO A 208 -26.12 30.58 -35.98
C PRO A 208 -25.79 31.41 -34.75
N ALA A 209 -25.88 30.80 -33.56
CA ALA A 209 -25.53 31.51 -32.34
C ALA A 209 -24.06 31.88 -32.34
N ILE A 210 -23.23 30.97 -32.85
CA ILE A 210 -21.80 31.20 -32.95
C ILE A 210 -21.51 32.07 -34.16
N ARG A 211 -22.25 31.82 -35.23
CA ARG A 211 -22.11 32.55 -36.48
C ARG A 211 -22.31 34.06 -36.29
N SER A 212 -23.31 34.40 -35.48
CA SER A 212 -23.78 35.78 -35.34
C SER A 212 -22.84 36.68 -34.54
N ARG A 213 -21.87 36.09 -33.87
CA ARG A 213 -20.98 36.87 -33.02
C ARG A 213 -19.91 37.61 -33.82
N VAL A 214 -19.70 37.18 -35.06
CA VAL A 214 -18.64 37.78 -35.89
C VAL A 214 -19.21 38.52 -37.09
N GLU A 215 -18.53 39.61 -37.47
CA GLU A 215 -18.84 40.31 -38.71
C GLU A 215 -17.56 40.34 -39.55
N PHE A 216 -17.68 39.92 -40.79
CA PHE A 216 -16.54 39.88 -41.70
C PHE A 216 -16.51 41.16 -42.51
N ARG A 217 -15.35 41.80 -42.53
CA ARG A 217 -15.17 42.99 -43.33
C ARG A 217 -13.88 42.87 -44.12
N ALA A 218 -13.93 43.26 -45.39
CA ALA A 218 -12.78 43.12 -46.26
C ALA A 218 -11.75 44.20 -45.99
N LEU A 219 -10.53 43.79 -45.70
CA LEU A 219 -9.46 44.75 -45.44
C LEU A 219 -8.08 44.21 -45.79
N ASN A 220 -7.29 45.04 -46.47
CA ASN A 220 -5.88 44.76 -46.65
C ASN A 220 -5.09 45.36 -45.49
N LEU A 221 -4.25 44.56 -44.85
CA LEU A 221 -3.54 45.00 -43.66
C LEU A 221 -2.59 46.13 -43.99
N LEU A 222 -2.38 46.37 -45.28
CA LEU A 222 -1.52 47.46 -45.71
C LEU A 222 -2.27 48.79 -45.80
N ASP A 223 -3.59 48.74 -45.64
CA ASP A 223 -4.41 49.95 -45.69
C ASP A 223 -4.73 50.50 -44.30
N SER A 224 -5.49 51.58 -44.24
CA SER A 224 -5.78 52.26 -42.98
C SER A 224 -6.76 51.51 -42.10
N TYR A 225 -6.51 51.53 -40.79
CA TYR A 225 -7.35 50.82 -39.83
C TYR A 225 -8.34 51.74 -39.11
N ALA A 226 -8.51 52.96 -39.62
CA ALA A 226 -9.32 53.97 -38.93
C ALA A 226 -10.80 53.62 -38.88
N SER A 227 -11.30 52.99 -39.94
CA SER A 227 -12.69 52.60 -40.05
C SER A 227 -13.10 51.47 -39.08
N LEU A 228 -12.13 50.76 -38.54
CA LEU A 228 -12.40 49.60 -37.67
C LEU A 228 -12.70 50.00 -36.23
N GLY A 229 -12.11 51.09 -35.77
CA GLY A 229 -12.33 51.52 -34.40
C GLY A 229 -11.36 50.85 -33.46
N LYS A 230 -11.64 50.87 -32.17
CA LYS A 230 -10.71 50.33 -31.19
C LYS A 230 -11.13 48.95 -30.67
N PHE A 231 -10.13 48.15 -30.32
CA PHE A 231 -10.35 46.78 -29.88
C PHE A 231 -9.71 46.54 -28.51
N ASP A 232 -10.33 45.65 -27.74
CA ASP A 232 -9.77 45.25 -26.45
C ASP A 232 -8.73 44.18 -26.71
N MET A 233 -8.97 43.38 -27.74
CA MET A 233 -8.03 42.33 -28.15
C MET A 233 -7.86 42.26 -29.66
N VAL A 234 -6.66 41.87 -30.07
CA VAL A 234 -6.38 41.66 -31.49
C VAL A 234 -5.67 40.32 -31.67
N PHE A 235 -6.19 39.52 -32.60
CA PHE A 235 -5.58 38.24 -32.93
C PHE A 235 -5.01 38.29 -34.33
N CYS A 236 -3.68 38.41 -34.41
CA CYS A 236 -2.99 38.39 -35.68
C CYS A 236 -1.85 37.38 -35.60
N ARG A 237 -2.10 36.18 -36.12
CA ARG A 237 -1.20 35.06 -35.86
C ARG A 237 -0.74 34.42 -37.17
N ASN A 238 0.58 34.25 -37.29
CA ASN A 238 1.22 33.72 -38.49
C ASN A 238 0.91 34.55 -39.73
N VAL A 239 1.09 35.85 -39.60
CA VAL A 239 0.76 36.82 -40.64
C VAL A 239 1.96 37.70 -40.97
N LEU A 240 2.45 38.36 -39.93
CA LEU A 240 3.49 39.37 -40.06
C LEU A 240 4.83 38.75 -40.45
N ILE A 241 5.02 37.48 -40.12
CA ILE A 241 6.26 36.78 -40.42
C ILE A 241 6.47 36.62 -41.92
N TYR A 242 5.37 36.73 -42.67
CA TYR A 242 5.42 36.59 -44.10
C TYR A 242 5.64 37.94 -44.77
N PHE A 243 5.87 38.96 -43.94
CA PHE A 243 6.17 40.31 -44.40
C PHE A 243 7.63 40.65 -44.12
N SER A 244 8.03 41.84 -44.52
CA SER A 244 9.39 42.30 -44.26
C SER A 244 9.52 42.77 -42.82
N ALA A 245 10.60 43.46 -42.50
CA ALA A 245 10.81 43.95 -41.15
C ALA A 245 10.25 45.36 -41.02
N GLU A 246 10.47 46.18 -42.05
CA GLU A 246 10.04 47.57 -42.07
C GLU A 246 8.52 47.70 -42.07
N VAL A 247 7.85 46.82 -42.80
CA VAL A 247 6.39 46.86 -42.91
C VAL A 247 5.71 46.08 -41.79
N LYS A 248 6.44 45.16 -41.18
CA LYS A 248 5.94 44.41 -40.03
C LYS A 248 5.76 45.38 -38.86
N ARG A 249 6.78 46.21 -38.63
CA ARG A 249 6.75 47.25 -37.61
C ARG A 249 5.64 48.27 -37.88
N ASP A 250 5.44 48.59 -39.15
CA ASP A 250 4.42 49.56 -39.55
C ASP A 250 3.04 49.06 -39.15
N ILE A 251 2.77 47.81 -39.48
CA ILE A 251 1.47 47.23 -39.18
C ILE A 251 1.30 47.13 -37.68
N LEU A 252 2.38 46.76 -36.99
CA LEU A 252 2.36 46.71 -35.54
C LEU A 252 2.04 48.07 -34.91
N LEU A 253 2.54 49.13 -35.52
CA LEU A 253 2.33 50.48 -35.01
C LEU A 253 0.90 50.93 -35.23
N ARG A 254 0.31 50.50 -36.35
CA ARG A 254 -1.08 50.80 -36.67
C ARG A 254 -2.05 49.89 -35.92
N ILE A 255 -1.53 48.74 -35.50
CA ILE A 255 -2.27 47.82 -34.63
C ILE A 255 -2.25 48.34 -33.19
N HIS A 256 -1.23 49.13 -32.85
CA HIS A 256 -1.21 49.77 -31.53
C HIS A 256 -2.37 50.76 -31.44
N GLY A 257 -2.67 51.40 -32.56
CA GLY A 257 -3.90 52.18 -32.70
C GLY A 257 -4.98 51.13 -32.74
N THR A 258 -6.24 51.50 -32.88
CA THR A 258 -7.31 50.48 -32.82
C THR A 258 -7.11 49.46 -31.68
N LEU A 259 -6.49 49.90 -30.60
CA LEU A 259 -6.33 49.09 -29.39
C LEU A 259 -6.59 49.96 -28.17
N LYS A 260 -7.55 49.57 -27.35
CA LYS A 260 -7.79 50.27 -26.11
C LYS A 260 -6.57 50.11 -25.22
N PRO A 261 -6.24 51.17 -24.45
CA PRO A 261 -5.07 51.12 -23.56
C PRO A 261 -5.17 49.94 -22.62
N GLY A 262 -4.12 49.12 -22.58
CA GLY A 262 -4.13 47.90 -21.82
C GLY A 262 -4.77 46.76 -22.59
N GLY A 263 -4.97 46.97 -23.89
CA GLY A 263 -5.54 45.94 -24.74
C GLY A 263 -4.51 44.90 -25.12
N TYR A 264 -4.95 43.71 -25.50
CA TYR A 264 -4.03 42.60 -25.73
C TYR A 264 -3.89 42.20 -27.20
N LEU A 265 -2.69 41.76 -27.56
CA LEU A 265 -2.40 41.33 -28.92
C LEU A 265 -1.85 39.90 -28.95
N PHE A 266 -2.46 39.06 -29.78
CA PHE A 266 -2.03 37.67 -29.88
C PHE A 266 -1.32 37.47 -31.21
N LEU A 267 -0.03 37.13 -31.15
CA LEU A 267 0.78 36.97 -32.36
C LEU A 267 1.01 35.54 -32.85
N GLY A 268 0.45 34.56 -32.17
CA GLY A 268 0.65 33.19 -32.60
C GLY A 268 1.98 32.56 -32.21
N ALA A 269 2.03 31.25 -32.38
CA ALA A 269 3.15 30.43 -31.95
C ALA A 269 4.47 30.92 -32.52
N SER A 270 5.40 31.20 -31.62
CA SER A 270 6.77 31.60 -31.98
C SER A 270 6.92 32.86 -32.85
N GLU A 271 6.06 33.85 -32.66
CA GLU A 271 6.28 35.16 -33.27
C GLU A 271 6.75 36.14 -32.21
N ALA A 272 7.76 36.93 -32.55
CA ALA A 272 8.27 37.97 -31.64
C ALA A 272 8.13 39.35 -32.26
N LEU A 273 7.95 40.36 -31.42
CA LEU A 273 7.81 41.73 -31.89
C LEU A 273 9.00 42.58 -31.49
N ASN A 274 10.16 41.96 -31.39
CA ASN A 274 11.39 42.66 -31.02
C ASN A 274 11.54 44.00 -31.73
N ASN A 275 10.88 45.02 -31.19
CA ASN A 275 10.93 46.36 -31.78
C ASN A 275 9.92 47.30 -31.16
N LEU A 276 9.76 48.47 -31.75
CA LEU A 276 8.82 49.47 -31.25
C LEU A 276 9.24 50.00 -29.89
N PRO A 277 9.51 51.36 -29.82
CA PRO A 277 9.91 51.83 -28.48
C PRO A 277 8.90 51.44 -27.41
N ASP A 278 9.12 50.28 -26.79
CA ASP A 278 8.21 49.77 -25.78
C ASP A 278 6.85 49.74 -26.44
N HIS A 279 5.94 50.57 -25.97
CA HIS A 279 4.62 50.67 -26.56
C HIS A 279 3.92 49.37 -26.17
N TYR A 280 4.49 48.24 -26.60
CA TYR A 280 3.92 46.94 -26.30
C TYR A 280 4.70 46.24 -25.19
N GLN A 281 4.00 45.84 -24.14
CA GLN A 281 4.62 45.17 -23.01
C GLN A 281 4.51 43.66 -23.21
N MET A 282 5.63 42.96 -23.09
CA MET A 282 5.63 41.51 -23.23
C MET A 282 5.06 40.89 -21.98
N VAL A 283 3.98 40.12 -22.13
CA VAL A 283 3.36 39.49 -20.97
C VAL A 283 3.54 37.99 -21.01
N GLN A 284 4.43 37.46 -20.17
CA GLN A 284 4.61 36.02 -20.14
C GLN A 284 3.53 35.39 -19.29
N CYS A 285 2.78 34.46 -19.90
CA CYS A 285 1.89 33.60 -19.15
C CYS A 285 2.68 32.31 -19.02
N SER A 286 2.14 31.31 -18.34
CA SER A 286 2.85 30.04 -18.28
C SER A 286 2.87 29.37 -19.66
N PRO A 287 1.71 29.23 -20.33
CA PRO A 287 1.75 28.70 -21.69
C PRO A 287 1.78 29.80 -22.75
N GLY A 288 2.94 30.40 -22.97
CA GLY A 288 3.07 31.40 -24.03
C GLY A 288 2.98 32.83 -23.56
N ILE A 289 2.94 33.76 -24.51
CA ILE A 289 2.99 35.18 -24.19
C ILE A 289 2.01 35.98 -25.03
N ILE A 290 1.55 37.09 -24.45
CA ILE A 290 0.71 38.05 -25.15
C ILE A 290 1.31 39.43 -24.93
N TYR A 291 0.77 40.42 -25.62
CA TYR A 291 1.33 41.76 -25.58
C TYR A 291 0.29 42.80 -25.21
N ARG A 292 0.61 43.65 -24.25
CA ARG A 292 -0.33 44.67 -23.81
C ARG A 292 0.16 46.02 -24.34
N ALA A 293 -0.78 46.87 -24.76
CA ALA A 293 -0.42 48.15 -25.40
C ALA A 293 -0.22 49.31 -24.41
N LYS A 294 1.01 49.80 -24.32
CA LYS A 294 1.32 50.99 -23.53
C LYS A 294 1.53 52.20 -24.44
N ASN B 25 -42.48 -12.71 6.95
CA ASN B 25 -42.46 -11.30 6.58
C ASN B 25 -42.89 -11.09 5.14
N ALA B 26 -43.40 -12.15 4.52
CA ALA B 26 -43.90 -12.08 3.14
C ALA B 26 -45.29 -11.46 3.09
N ASP B 27 -45.84 -11.15 4.27
CA ASP B 27 -47.14 -10.50 4.39
C ASP B 27 -46.91 -8.99 4.39
N PHE B 28 -46.23 -8.53 3.35
CA PHE B 28 -45.89 -7.13 3.15
C PHE B 28 -46.54 -6.60 1.89
N GLU B 29 -46.55 -7.43 0.84
CA GLU B 29 -47.20 -7.09 -0.42
C GLU B 29 -48.66 -6.70 -0.18
N LEU B 30 -49.29 -7.34 0.81
CA LEU B 30 -50.64 -7.00 1.23
C LEU B 30 -50.68 -5.56 1.73
N PHE B 31 -49.63 -5.17 2.46
CA PHE B 31 -49.52 -3.82 3.02
C PHE B 31 -49.28 -2.78 1.92
N ARG B 32 -48.36 -3.07 1.01
CA ARG B 32 -48.03 -2.14 -0.06
C ARG B 32 -49.27 -1.93 -0.93
N VAL B 33 -50.08 -2.97 -1.04
CA VAL B 33 -51.36 -2.90 -1.74
C VAL B 33 -52.32 -1.94 -1.04
N PHE B 34 -52.28 -1.93 0.28
CA PHE B 34 -53.10 -1.03 1.09
C PHE B 34 -52.85 0.43 0.79
N LEU B 35 -51.57 0.79 0.82
CA LEU B 35 -51.12 2.17 0.63
C LEU B 35 -51.51 2.75 -0.73
N GLU B 36 -51.32 1.97 -1.79
CA GLU B 36 -51.71 2.42 -3.12
C GLU B 36 -53.21 2.59 -3.19
N LYS B 37 -53.93 1.60 -2.64
CA LYS B 37 -55.38 1.59 -2.62
C LYS B 37 -56.00 2.70 -1.76
N THR B 38 -55.42 2.95 -0.58
CA THR B 38 -56.01 3.87 0.38
C THR B 38 -55.39 5.26 0.38
N CYS B 39 -54.14 5.34 0.80
CA CYS B 39 -53.46 6.63 0.96
C CYS B 39 -53.04 7.17 -0.40
N GLY B 40 -53.15 6.34 -1.42
CA GLY B 40 -52.79 6.72 -2.77
C GLY B 40 -51.29 6.85 -2.92
N ILE B 41 -50.57 5.88 -2.37
CA ILE B 41 -49.12 5.85 -2.45
C ILE B 41 -48.66 4.49 -2.95
N VAL B 42 -48.03 4.45 -4.10
CA VAL B 42 -47.53 3.20 -4.63
C VAL B 42 -46.09 3.06 -4.18
N LEU B 43 -45.64 1.83 -3.98
CA LEU B 43 -44.27 1.61 -3.57
C LEU B 43 -43.58 0.67 -4.53
N GLY B 44 -42.97 -0.36 -3.97
CA GLY B 44 -42.23 -1.31 -4.77
C GLY B 44 -41.43 -2.22 -3.87
N SER B 45 -41.41 -3.51 -4.18
CA SER B 45 -40.63 -4.45 -3.40
C SER B 45 -39.23 -3.88 -3.17
N ASN B 46 -38.77 -3.07 -4.14
CA ASN B 46 -37.45 -2.45 -4.05
C ASN B 46 -37.28 -1.58 -2.80
N LYS B 47 -38.04 -0.50 -2.72
CA LYS B 47 -37.97 0.38 -1.56
C LYS B 47 -38.72 -0.34 -0.45
N GLN B 48 -38.16 -1.45 0.02
CA GLN B 48 -38.80 -2.26 1.06
C GLN B 48 -37.86 -2.01 2.26
N TYR B 49 -36.92 -1.07 2.10
CA TYR B 49 -36.02 -0.65 3.18
C TYR B 49 -36.46 0.66 3.83
N LEU B 50 -36.90 1.59 3.00
CA LEU B 50 -37.33 2.91 3.48
C LEU B 50 -38.66 2.84 4.22
N VAL B 51 -39.27 1.67 4.22
CA VAL B 51 -40.49 1.44 4.99
C VAL B 51 -40.18 0.88 6.37
N SER B 52 -39.51 -0.26 6.39
CA SER B 52 -39.24 -0.94 7.66
C SER B 52 -38.24 -0.19 8.54
N SER B 53 -37.59 0.83 7.99
CA SER B 53 -36.70 1.65 8.80
C SER B 53 -37.49 2.79 9.44
N ARG B 54 -38.21 3.53 8.61
CA ARG B 54 -38.92 4.72 9.04
C ARG B 54 -40.15 4.42 9.90
N LEU B 55 -40.87 3.37 9.53
CA LEU B 55 -42.11 3.02 10.22
C LEU B 55 -41.89 2.19 11.49
N ASN B 56 -40.74 1.53 11.60
CA ASN B 56 -40.44 0.72 12.79
C ASN B 56 -40.29 1.55 14.05
N LYS B 57 -39.89 2.81 13.89
CA LYS B 57 -39.83 3.76 14.99
C LYS B 57 -41.24 4.20 15.40
N LEU B 58 -42.12 4.36 14.41
CA LEU B 58 -43.49 4.74 14.66
C LEU B 58 -44.31 3.58 15.24
N MET B 59 -44.01 2.37 14.80
CA MET B 59 -44.72 1.20 15.31
C MET B 59 -44.32 0.90 16.76
N GLU B 60 -43.13 1.36 17.15
CA GLU B 60 -42.66 1.27 18.52
C GLU B 60 -43.24 2.43 19.34
N GLN B 61 -43.68 3.47 18.62
CA GLN B 61 -44.33 4.63 19.22
C GLN B 61 -45.82 4.35 19.41
N GLN B 62 -46.11 3.09 19.73
CA GLN B 62 -47.46 2.61 20.03
C GLN B 62 -47.40 1.11 20.32
N GLY B 63 -48.39 0.37 19.86
CA GLY B 63 -48.49 -1.06 20.14
C GLY B 63 -48.76 -1.87 18.90
N ILE B 64 -47.98 -1.64 17.86
CA ILE B 64 -48.16 -2.30 16.58
C ILE B 64 -47.05 -3.30 16.32
N LYS B 65 -47.42 -4.54 16.04
CA LYS B 65 -46.42 -5.56 15.73
C LYS B 65 -46.70 -6.12 14.34
N SER B 66 -46.59 -5.24 13.35
CA SER B 66 -46.72 -5.55 11.93
C SER B 66 -48.15 -5.85 11.51
N LEU B 67 -48.48 -5.50 10.27
CA LEU B 67 -49.80 -5.69 9.64
C LEU B 67 -51.07 -5.43 10.48
N GLY B 68 -50.91 -5.25 11.78
CA GLY B 68 -51.99 -4.78 12.64
C GLY B 68 -52.12 -3.28 12.49
N GLU B 69 -51.03 -2.66 12.01
CA GLU B 69 -51.01 -1.23 11.71
C GLU B 69 -51.93 -0.94 10.55
N LEU B 70 -51.93 -1.82 9.56
CA LEU B 70 -52.82 -1.71 8.42
C LEU B 70 -54.26 -1.69 8.91
N VAL B 71 -54.55 -2.54 9.89
CA VAL B 71 -55.90 -2.64 10.45
C VAL B 71 -56.32 -1.47 11.35
N GLN B 72 -55.41 -0.95 12.18
CA GLN B 72 -55.80 0.11 13.10
C GLN B 72 -55.96 1.45 12.37
N ARG B 73 -55.37 1.53 11.18
CA ARG B 73 -55.51 2.69 10.29
C ARG B 73 -56.79 2.57 9.47
N ILE B 74 -57.28 1.34 9.35
CA ILE B 74 -58.39 1.00 8.46
C ILE B 74 -59.77 1.46 8.91
N GLN B 75 -60.09 1.36 10.20
CA GLN B 75 -61.31 1.97 10.69
C GLN B 75 -60.98 3.09 11.69
N THR B 76 -60.26 4.09 11.18
CA THR B 76 -59.76 5.18 12.01
C THR B 76 -60.75 6.33 12.17
N GLN B 77 -60.65 7.29 11.25
CA GLN B 77 -61.52 8.46 11.30
C GLN B 77 -61.45 9.11 12.67
N ARG B 78 -60.34 8.90 13.37
CA ARG B 78 -60.15 9.46 14.70
C ARG B 78 -58.68 9.31 15.06
N GLY B 79 -58.11 10.32 15.69
CA GLY B 79 -56.74 10.27 16.17
C GLY B 79 -55.65 10.05 15.15
N GLY B 80 -55.80 10.67 13.98
CA GLY B 80 -54.77 10.68 12.96
C GLY B 80 -54.10 9.36 12.65
N LEU B 81 -52.85 9.22 13.11
CA LEU B 81 -52.02 8.02 12.92
C LEU B 81 -51.86 7.65 11.44
N ARG B 82 -52.96 7.73 10.69
CA ARG B 82 -52.92 7.56 9.26
C ARG B 82 -52.06 8.67 8.69
N GLU B 83 -52.30 9.89 9.19
CA GLU B 83 -51.63 11.07 8.69
C GLU B 83 -50.17 11.09 9.10
N MET B 84 -49.83 10.36 10.17
CA MET B 84 -48.45 10.29 10.60
C MET B 84 -47.70 9.22 9.81
N VAL B 85 -48.37 8.11 9.54
CA VAL B 85 -47.76 7.05 8.74
C VAL B 85 -47.53 7.52 7.30
N VAL B 86 -48.50 8.23 6.75
CA VAL B 86 -48.36 8.82 5.42
C VAL B 86 -47.15 9.74 5.37
N ASP B 87 -46.99 10.55 6.41
CA ASP B 87 -45.82 11.42 6.51
C ASP B 87 -44.52 10.65 6.72
N ALA B 88 -44.54 9.69 7.63
CA ALA B 88 -43.33 8.92 7.99
C ALA B 88 -42.82 8.05 6.85
N MET B 89 -43.51 8.09 5.71
CA MET B 89 -43.04 7.46 4.49
C MET B 89 -42.29 8.41 3.55
N THR B 90 -42.27 9.69 3.89
CA THR B 90 -41.58 10.67 3.07
C THR B 90 -40.49 11.40 3.85
N THR B 91 -39.34 11.54 3.20
CA THR B 91 -38.20 12.27 3.75
C THR B 91 -38.57 13.68 4.16
N ASN B 92 -38.31 14.00 5.43
CA ASN B 92 -38.64 15.31 5.96
C ASN B 92 -37.52 16.32 5.70
N GLU B 93 -37.03 16.32 4.46
CA GLU B 93 -35.97 17.24 4.04
C GLU B 93 -36.31 17.84 2.69
N THR B 94 -35.95 19.10 2.49
CA THR B 94 -36.09 19.74 1.18
C THR B 94 -34.75 19.65 0.44
N LEU B 95 -34.70 18.86 -0.62
CA LEU B 95 -33.46 18.62 -1.35
C LEU B 95 -33.22 19.54 -2.56
N TRP B 96 -32.03 19.44 -3.12
CA TRP B 96 -31.71 20.05 -4.41
C TRP B 96 -31.78 18.96 -5.46
N PHE B 97 -32.57 19.19 -6.51
CA PHE B 97 -32.79 18.16 -7.53
C PHE B 97 -33.27 16.85 -6.90
N ARG B 98 -34.47 16.87 -6.31
CA ARG B 98 -34.97 15.69 -5.62
C ARG B 98 -35.02 14.49 -6.56
N ASP B 99 -34.37 13.40 -6.14
CA ASP B 99 -34.33 12.14 -6.87
C ASP B 99 -33.55 12.22 -8.19
N THR B 100 -33.25 13.45 -8.63
CA THR B 100 -32.40 13.73 -9.80
C THR B 100 -32.99 13.26 -11.14
N TYR B 101 -33.78 12.19 -11.11
CA TYR B 101 -34.33 11.64 -12.35
C TYR B 101 -35.32 12.58 -13.05
N PRO B 102 -36.19 13.30 -12.31
CA PRO B 102 -37.16 14.05 -13.11
C PRO B 102 -36.50 15.20 -13.86
N PHE B 103 -35.35 15.63 -13.35
CA PHE B 103 -34.62 16.73 -13.95
C PHE B 103 -33.80 16.23 -15.11
N GLU B 104 -33.33 14.98 -15.01
CA GLU B 104 -32.66 14.34 -16.14
C GLU B 104 -33.65 14.00 -17.23
N VAL B 105 -34.83 13.54 -16.84
CA VAL B 105 -35.91 13.29 -17.78
C VAL B 105 -36.33 14.57 -18.48
N LEU B 106 -36.43 15.64 -17.71
CA LEU B 106 -36.79 16.95 -18.25
C LEU B 106 -35.86 17.36 -19.38
N LYS B 107 -34.55 17.20 -19.15
CA LYS B 107 -33.56 17.66 -20.11
C LYS B 107 -33.54 16.82 -21.39
N GLN B 108 -33.46 15.49 -21.25
CA GLN B 108 -33.24 14.62 -22.40
C GLN B 108 -34.50 13.97 -22.97
N ARG B 109 -35.67 14.32 -22.42
CA ARG B 109 -36.93 13.76 -22.90
C ARG B 109 -38.02 14.80 -23.15
N VAL B 110 -38.42 15.50 -22.09
CA VAL B 110 -39.56 16.40 -22.19
C VAL B 110 -39.30 17.62 -23.07
N LEU B 111 -38.24 18.36 -22.74
CA LEU B 111 -37.90 19.57 -23.46
C LEU B 111 -37.65 19.34 -24.96
N PRO B 112 -36.87 18.29 -25.32
CA PRO B 112 -36.75 18.03 -26.77
C PRO B 112 -38.09 17.74 -27.43
N GLU B 113 -38.95 16.99 -26.75
CA GLU B 113 -40.27 16.67 -27.27
C GLU B 113 -41.14 17.92 -27.42
N LEU B 114 -41.08 18.81 -26.44
CA LEU B 114 -41.94 19.99 -26.42
C LEU B 114 -41.45 21.12 -27.32
N ILE B 115 -40.15 21.27 -27.46
CA ILE B 115 -39.58 22.29 -28.34
C ILE B 115 -39.88 21.94 -29.79
N LYS B 116 -39.77 20.66 -30.11
CA LYS B 116 -40.05 20.12 -31.43
C LYS B 116 -41.52 20.46 -31.70
N ALA B 117 -42.38 19.94 -30.83
CA ALA B 117 -43.82 20.21 -30.89
C ALA B 117 -44.18 21.69 -31.09
N ASN B 118 -43.66 22.55 -30.22
CA ASN B 118 -44.03 23.97 -30.22
C ASN B 118 -43.36 24.85 -31.26
N GLY B 119 -42.13 24.53 -31.66
CA GLY B 119 -41.39 25.40 -32.55
C GLY B 119 -40.84 26.55 -31.71
N GLY B 120 -40.21 26.18 -30.59
CA GLY B 120 -39.69 27.11 -29.60
C GLY B 120 -40.61 28.28 -29.35
N GLN B 121 -41.86 27.95 -29.00
CA GLN B 121 -42.89 28.95 -28.72
C GLN B 121 -43.03 29.24 -27.22
N ARG B 122 -41.89 29.40 -26.58
CA ARG B 122 -41.78 29.73 -25.15
C ARG B 122 -42.54 28.90 -24.10
N LEU B 123 -42.01 27.73 -23.77
CA LEU B 123 -42.61 26.90 -22.71
C LEU B 123 -42.68 27.56 -21.32
N ARG B 124 -43.74 27.23 -20.59
CA ARG B 124 -44.03 27.71 -19.23
C ARG B 124 -44.12 26.55 -18.23
N ILE B 125 -43.42 26.67 -17.10
CA ILE B 125 -43.40 25.63 -16.07
C ILE B 125 -43.93 26.07 -14.70
N TRP B 126 -44.69 25.19 -14.05
CA TRP B 126 -45.27 25.47 -12.73
C TRP B 126 -44.63 24.66 -11.59
N SER B 127 -44.04 25.35 -10.62
CA SER B 127 -43.58 24.71 -9.38
C SER B 127 -44.54 24.97 -8.23
N ALA B 128 -45.41 24.00 -7.96
CA ALA B 128 -46.44 24.16 -6.93
C ALA B 128 -45.91 23.92 -5.52
N ALA B 129 -46.17 24.87 -4.62
CA ALA B 129 -45.70 24.83 -3.24
C ALA B 129 -44.18 24.69 -3.18
N CYS B 130 -43.50 25.77 -3.55
CA CYS B 130 -42.05 25.77 -3.71
C CYS B 130 -41.29 25.72 -2.39
N SER B 131 -41.99 25.99 -1.29
CA SER B 131 -41.38 25.99 0.04
C SER B 131 -40.22 26.97 0.09
N SER B 132 -39.03 26.49 0.45
CA SER B 132 -37.88 27.35 0.63
C SER B 132 -37.35 27.88 -0.70
N GLY B 133 -37.86 27.39 -1.82
CA GLY B 133 -37.47 27.91 -3.11
C GLY B 133 -36.63 26.96 -3.94
N GLN B 134 -36.06 25.97 -3.27
CA GLN B 134 -35.13 25.00 -3.86
C GLN B 134 -35.55 24.32 -5.17
N GLU B 135 -36.73 23.69 -5.19
CA GLU B 135 -37.16 22.96 -6.38
C GLU B 135 -37.22 23.81 -7.67
N PRO B 136 -37.88 25.00 -7.62
CA PRO B 136 -37.90 25.79 -8.85
C PRO B 136 -36.53 26.31 -9.28
N TYR B 137 -35.65 26.61 -8.32
CA TYR B 137 -34.30 27.02 -8.66
C TYR B 137 -33.55 25.87 -9.34
N SER B 138 -33.84 24.65 -8.90
CA SER B 138 -33.27 23.46 -9.53
C SER B 138 -33.74 23.33 -10.97
N LEU B 139 -35.01 23.68 -11.21
CA LEU B 139 -35.55 23.67 -12.57
C LEU B 139 -34.85 24.71 -13.41
N SER B 140 -34.65 25.89 -12.84
CA SER B 140 -33.98 26.97 -13.54
C SER B 140 -32.57 26.57 -13.96
N MET B 141 -31.86 25.87 -13.08
CA MET B 141 -30.55 25.34 -13.45
C MET B 141 -30.67 24.27 -14.53
N ALA B 142 -31.69 23.41 -14.38
CA ALA B 142 -31.91 22.33 -15.33
C ALA B 142 -32.15 22.88 -16.72
N ILE B 143 -32.78 24.06 -16.76
CA ILE B 143 -33.01 24.78 -18.00
C ILE B 143 -31.70 25.30 -18.56
N ASP B 144 -30.92 25.93 -17.70
CA ASP B 144 -29.62 26.47 -18.06
C ASP B 144 -28.73 25.41 -18.71
N GLU B 145 -28.71 24.23 -18.12
CA GLU B 145 -27.84 23.16 -18.61
C GLU B 145 -28.32 22.57 -19.94
N PHE B 146 -29.60 22.76 -20.26
CA PHE B 146 -30.13 22.34 -21.55
C PHE B 146 -29.84 23.37 -22.62
N GLU B 147 -29.96 24.64 -22.25
CA GLU B 147 -29.67 25.73 -23.17
C GLU B 147 -28.21 25.78 -23.61
N LYS B 148 -27.32 25.44 -22.69
CA LYS B 148 -25.88 25.48 -22.95
C LYS B 148 -25.47 24.39 -23.94
N THR B 149 -26.12 23.23 -23.83
CA THR B 149 -25.85 22.08 -24.68
C THR B 149 -26.59 22.16 -26.02
N ASN B 150 -27.84 22.59 -25.95
CA ASN B 150 -28.71 22.65 -27.12
C ASN B 150 -28.91 24.05 -27.65
N LEU B 151 -27.81 24.72 -27.97
CA LEU B 151 -27.82 26.05 -28.57
C LEU B 151 -28.94 26.30 -29.55
N GLY B 152 -29.49 27.52 -29.52
CA GLY B 152 -30.53 27.92 -30.45
C GLY B 152 -31.90 27.33 -30.25
N GLN B 153 -32.12 26.56 -29.19
CA GLN B 153 -33.43 25.95 -28.98
C GLN B 153 -34.20 26.81 -27.99
N LEU B 154 -33.45 27.58 -27.21
CA LEU B 154 -34.03 28.51 -26.27
C LEU B 154 -34.43 29.81 -26.97
N LYS B 155 -35.28 29.70 -27.98
CA LYS B 155 -35.75 30.88 -28.70
C LYS B 155 -36.46 31.87 -27.78
N ALA B 156 -37.58 31.43 -27.20
CA ALA B 156 -38.37 32.26 -26.28
C ALA B 156 -38.11 31.68 -24.91
N GLY B 157 -37.14 32.23 -24.20
CA GLY B 157 -36.76 31.72 -22.88
C GLY B 157 -37.91 31.22 -22.03
N VAL B 158 -37.70 30.17 -21.24
CA VAL B 158 -38.80 29.61 -20.45
C VAL B 158 -39.06 30.31 -19.11
N GLN B 159 -40.33 30.58 -18.86
CA GLN B 159 -40.78 31.21 -17.62
C GLN B 159 -41.20 30.21 -16.55
N ILE B 160 -40.47 30.16 -15.46
CA ILE B 160 -40.83 29.29 -14.34
C ILE B 160 -41.53 30.08 -13.23
N VAL B 161 -42.75 29.67 -12.90
CA VAL B 161 -43.51 30.28 -11.82
C VAL B 161 -43.67 29.33 -10.63
N ALA B 162 -43.21 29.77 -9.45
CA ALA B 162 -43.28 28.95 -8.26
C ALA B 162 -44.17 29.61 -7.21
N THR B 163 -45.23 28.90 -6.81
CA THR B 163 -46.23 29.46 -5.92
C THR B 163 -46.38 28.66 -4.63
N ASP B 164 -46.52 29.37 -3.52
CA ASP B 164 -46.77 28.74 -2.22
C ASP B 164 -47.40 29.77 -1.29
N LEU B 165 -47.96 29.30 -0.18
CA LEU B 165 -48.56 30.18 0.84
C LEU B 165 -47.71 31.37 1.23
N SER B 166 -48.28 32.57 1.06
CA SER B 166 -47.70 33.79 1.57
C SER B 166 -47.32 33.65 3.04
N GLY B 167 -46.03 33.53 3.30
CA GLY B 167 -45.54 33.42 4.66
C GLY B 167 -44.04 33.49 4.64
N SER B 168 -43.42 32.95 5.67
CA SER B 168 -41.97 32.84 5.69
C SER B 168 -41.62 31.72 4.71
N MET B 169 -40.35 31.34 4.66
CA MET B 169 -39.86 30.32 3.73
C MET B 169 -40.05 30.75 2.27
N LEU B 170 -41.25 31.23 1.93
CA LEU B 170 -41.52 31.82 0.62
C LEU B 170 -40.78 33.14 0.53
N THR B 171 -40.83 33.89 1.62
CA THR B 171 -40.10 35.15 1.72
C THR B 171 -38.60 34.85 1.64
N ALA B 172 -38.21 33.71 2.23
CA ALA B 172 -36.84 33.23 2.17
C ALA B 172 -36.47 32.76 0.76
N ALA B 173 -37.45 32.25 0.04
CA ALA B 173 -37.26 31.78 -1.32
C ALA B 173 -36.86 32.91 -2.25
N LYS B 174 -37.62 34.01 -2.20
CA LYS B 174 -37.37 35.16 -3.07
C LYS B 174 -35.95 35.69 -2.92
N ALA B 175 -35.47 35.74 -1.67
CA ALA B 175 -34.11 36.16 -1.38
C ALA B 175 -33.09 35.24 -2.05
N GLY B 176 -33.29 33.94 -1.87
CA GLY B 176 -32.45 32.96 -2.52
C GLY B 176 -31.13 32.79 -1.82
N GLU B 177 -31.04 33.22 -0.57
CA GLU B 177 -29.88 32.88 0.24
C GLU B 177 -30.13 31.49 0.80
N TYR B 178 -29.10 30.85 1.35
CA TYR B 178 -29.17 29.47 1.84
C TYR B 178 -27.97 29.12 2.69
N ASP B 179 -28.20 28.39 3.77
CA ASP B 179 -27.13 27.90 4.64
C ASP B 179 -26.16 27.00 3.86
N THR B 180 -24.89 27.06 4.21
CA THR B 180 -23.88 26.22 3.57
C THR B 180 -24.23 24.74 3.73
N LEU B 181 -24.90 24.42 4.83
CA LEU B 181 -25.30 23.05 5.08
C LEU B 181 -26.47 22.68 4.18
N ALA B 182 -27.36 23.64 3.95
CA ALA B 182 -28.53 23.42 3.10
C ALA B 182 -28.10 23.19 1.66
N MET B 183 -26.92 23.71 1.33
CA MET B 183 -26.35 23.57 -0.01
C MET B 183 -25.80 22.18 -0.23
N GLY B 184 -25.46 21.50 0.86
CA GLY B 184 -24.91 20.16 0.81
C GLY B 184 -25.92 19.09 0.47
N ARG B 185 -27.20 19.47 0.37
CA ARG B 185 -28.25 18.49 0.19
C ARG B 185 -28.70 18.35 -1.26
N GLY B 186 -28.20 17.30 -1.92
CA GLY B 186 -28.60 16.98 -3.29
C GLY B 186 -28.03 17.82 -4.42
N LEU B 187 -27.07 18.69 -4.12
CA LEU B 187 -26.52 19.58 -5.14
C LEU B 187 -25.03 19.37 -5.37
N SER B 188 -24.67 19.10 -6.63
CA SER B 188 -23.28 18.90 -7.03
C SER B 188 -22.43 20.16 -6.82
N PRO B 189 -21.14 19.97 -6.46
CA PRO B 189 -20.23 21.10 -6.22
C PRO B 189 -20.02 21.96 -7.48
N GLU B 190 -20.13 21.35 -8.66
CA GLU B 190 -20.09 22.12 -9.90
C GLU B 190 -21.21 23.15 -9.90
N ARG B 191 -22.43 22.68 -9.69
CA ARG B 191 -23.59 23.56 -9.67
C ARG B 191 -23.50 24.60 -8.56
N LEU B 192 -22.84 24.24 -7.46
CA LEU B 192 -22.65 25.18 -6.36
C LEU B 192 -21.69 26.27 -6.80
N GLN B 193 -20.55 25.87 -7.34
CA GLN B 193 -19.55 26.82 -7.79
C GLN B 193 -20.09 27.65 -8.95
N ARG B 194 -20.87 27.00 -9.82
CA ARG B 194 -21.36 27.66 -11.02
C ARG B 194 -22.58 28.54 -10.80
N TYR B 195 -23.56 28.05 -10.05
CA TYR B 195 -24.83 28.77 -9.94
C TYR B 195 -25.01 29.51 -8.63
N PHE B 196 -23.96 29.56 -7.80
CA PHE B 196 -24.11 30.19 -6.50
C PHE B 196 -22.96 31.12 -6.12
N ASP B 197 -23.33 32.30 -5.66
CA ASP B 197 -22.40 33.25 -5.09
C ASP B 197 -22.39 33.16 -3.56
N ALA B 198 -21.20 33.08 -2.96
CA ALA B 198 -21.10 33.04 -1.51
C ALA B 198 -21.26 34.45 -0.94
N LYS B 199 -22.39 34.70 -0.30
CA LYS B 199 -22.68 36.02 0.24
C LYS B 199 -22.59 35.97 1.77
N GLY B 200 -21.48 35.42 2.24
CA GLY B 200 -21.26 35.26 3.66
C GLY B 200 -20.30 34.11 3.88
N PRO B 201 -19.79 33.97 5.11
CA PRO B 201 -18.93 32.82 5.42
C PRO B 201 -19.74 31.52 5.39
N GLY B 202 -20.96 31.57 5.90
CA GLY B 202 -21.82 30.40 5.94
C GLY B 202 -23.07 30.51 5.08
N ARG B 203 -23.12 31.52 4.22
CA ARG B 203 -24.31 31.72 3.39
C ARG B 203 -23.98 31.73 1.89
N TRP B 204 -24.98 31.38 1.10
CA TRP B 204 -24.85 31.31 -0.35
C TRP B 204 -26.11 31.81 -1.02
N ALA B 205 -25.95 32.65 -2.03
CA ALA B 205 -27.11 33.20 -2.72
C ALA B 205 -27.13 32.70 -4.15
N VAL B 206 -28.34 32.60 -4.72
CA VAL B 206 -28.49 32.17 -6.10
C VAL B 206 -27.97 33.27 -7.03
N LYS B 207 -27.24 32.87 -8.05
CA LYS B 207 -26.73 33.82 -9.04
C LYS B 207 -27.91 34.43 -9.80
N PRO B 208 -27.91 35.76 -9.96
CA PRO B 208 -28.99 36.55 -10.54
C PRO B 208 -29.49 36.03 -11.89
N ALA B 209 -28.61 35.39 -12.65
CA ALA B 209 -28.98 34.81 -13.94
C ALA B 209 -30.00 33.70 -13.76
N ILE B 210 -29.84 32.93 -12.69
CA ILE B 210 -30.77 31.85 -12.38
C ILE B 210 -32.05 32.40 -11.72
N ARG B 211 -31.88 33.39 -10.85
CA ARG B 211 -33.00 34.05 -10.18
C ARG B 211 -33.98 34.67 -11.18
N SER B 212 -33.43 35.22 -12.26
CA SER B 212 -34.21 35.96 -13.23
C SER B 212 -35.08 35.04 -14.09
N ARG B 213 -34.83 33.74 -14.03
CA ARG B 213 -35.57 32.78 -14.83
C ARG B 213 -36.91 32.48 -14.14
N VAL B 214 -36.96 32.75 -12.83
CA VAL B 214 -38.16 32.48 -12.03
C VAL B 214 -38.76 33.74 -11.37
N GLU B 215 -40.08 33.77 -11.27
CA GLU B 215 -40.77 34.79 -10.47
C GLU B 215 -41.68 34.12 -9.45
N PHE B 216 -41.58 34.52 -8.19
CA PHE B 216 -42.38 33.92 -7.13
C PHE B 216 -43.65 34.72 -6.85
N ARG B 217 -44.78 34.01 -6.81
CA ARG B 217 -46.09 34.61 -6.49
C ARG B 217 -46.83 33.79 -5.43
N ALA B 218 -47.50 34.49 -4.52
CA ALA B 218 -48.21 33.84 -3.41
C ALA B 218 -49.53 33.20 -3.83
N LEU B 219 -49.68 31.91 -3.56
CA LEU B 219 -50.90 31.18 -3.91
C LEU B 219 -51.23 30.05 -2.94
N ASN B 220 -52.50 29.97 -2.56
CA ASN B 220 -53.03 28.82 -1.84
C ASN B 220 -53.59 27.83 -2.87
N LEU B 221 -53.16 26.58 -2.80
CA LEU B 221 -53.54 25.58 -3.82
C LEU B 221 -55.02 25.20 -3.81
N LEU B 222 -55.76 25.62 -2.80
CA LEU B 222 -57.20 25.37 -2.75
C LEU B 222 -57.94 26.43 -3.54
N ASP B 223 -57.21 27.41 -4.05
CA ASP B 223 -57.82 28.51 -4.79
C ASP B 223 -57.86 28.25 -6.29
N SER B 224 -58.39 29.21 -7.05
CA SER B 224 -58.55 29.07 -8.49
C SER B 224 -57.22 29.19 -9.23
N TYR B 225 -57.05 28.36 -10.25
CA TYR B 225 -55.80 28.33 -11.01
C TYR B 225 -55.90 29.12 -12.31
N ALA B 226 -56.95 29.93 -12.42
CA ALA B 226 -57.23 30.67 -13.64
C ALA B 226 -56.18 31.74 -13.91
N SER B 227 -55.67 32.33 -12.84
CA SER B 227 -54.69 33.42 -12.93
C SER B 227 -53.35 33.01 -13.51
N LEU B 228 -53.05 31.71 -13.52
CA LEU B 228 -51.74 31.23 -13.95
C LEU B 228 -51.63 31.09 -15.47
N GLY B 229 -52.74 30.75 -16.12
CA GLY B 229 -52.73 30.50 -17.55
C GLY B 229 -52.41 29.04 -17.78
N LYS B 230 -52.01 28.69 -19.00
CA LYS B 230 -51.75 27.29 -19.30
C LYS B 230 -50.25 27.04 -19.30
N PHE B 231 -49.87 25.83 -18.90
CA PHE B 231 -48.47 25.46 -18.77
C PHE B 231 -48.15 24.20 -19.55
N ASP B 232 -46.90 24.08 -19.98
CA ASP B 232 -46.44 22.89 -20.66
C ASP B 232 -46.10 21.80 -19.64
N MET B 233 -45.62 22.23 -18.48
CA MET B 233 -45.27 21.30 -17.41
C MET B 233 -45.69 21.79 -16.03
N VAL B 234 -46.00 20.85 -15.14
CA VAL B 234 -46.32 21.15 -13.75
C VAL B 234 -45.52 20.28 -12.78
N PHE B 235 -44.85 20.92 -11.82
CA PHE B 235 -44.10 20.18 -10.80
C PHE B 235 -44.75 20.35 -9.43
N CYS B 236 -45.50 19.35 -8.99
CA CYS B 236 -46.07 19.31 -7.65
C CYS B 236 -45.75 17.96 -7.03
N ARG B 237 -44.72 17.93 -6.19
CA ARG B 237 -44.13 16.67 -5.76
C ARG B 237 -44.15 16.61 -4.23
N ASN B 238 -44.66 15.49 -3.71
CA ASN B 238 -44.86 15.32 -2.27
C ASN B 238 -45.80 16.40 -1.73
N VAL B 239 -46.95 16.51 -2.40
CA VAL B 239 -47.94 17.54 -2.11
C VAL B 239 -49.30 16.92 -1.82
N LEU B 240 -49.80 16.16 -2.78
CA LEU B 240 -51.16 15.64 -2.74
C LEU B 240 -51.35 14.57 -1.67
N ILE B 241 -50.26 13.88 -1.33
CA ILE B 241 -50.34 12.81 -0.34
C ILE B 241 -50.65 13.36 1.05
N TYR B 242 -50.39 14.64 1.25
CA TYR B 242 -50.63 15.26 2.54
C TYR B 242 -52.03 15.84 2.62
N PHE B 243 -52.81 15.64 1.57
CA PHE B 243 -54.20 16.03 1.56
C PHE B 243 -55.08 14.77 1.53
N SER B 244 -56.39 14.94 1.54
CA SER B 244 -57.32 13.82 1.49
C SER B 244 -57.43 13.30 0.06
N ALA B 245 -58.43 12.47 -0.20
CA ALA B 245 -58.62 11.89 -1.53
C ALA B 245 -59.53 12.77 -2.38
N GLU B 246 -60.55 13.33 -1.75
CA GLU B 246 -61.53 14.16 -2.45
C GLU B 246 -60.89 15.44 -3.00
N VAL B 247 -59.98 16.03 -2.24
CA VAL B 247 -59.33 17.27 -2.65
C VAL B 247 -58.10 17.02 -3.53
N LYS B 248 -57.55 15.81 -3.46
CA LYS B 248 -56.45 15.41 -4.36
C LYS B 248 -56.97 15.36 -5.79
N ARG B 249 -58.13 14.72 -5.96
CA ARG B 249 -58.79 14.64 -7.26
C ARG B 249 -59.21 16.02 -7.78
N ASP B 250 -59.62 16.90 -6.87
CA ASP B 250 -60.03 18.25 -7.22
C ASP B 250 -58.90 19.08 -7.83
N ILE B 251 -57.76 19.07 -7.16
CA ILE B 251 -56.61 19.83 -7.63
C ILE B 251 -56.07 19.27 -8.93
N LEU B 252 -56.01 17.95 -9.03
CA LEU B 252 -55.55 17.29 -10.25
C LEU B 252 -56.44 17.69 -11.45
N LEU B 253 -57.74 17.80 -11.19
CA LEU B 253 -58.69 18.18 -12.23
C LEU B 253 -58.61 19.68 -12.54
N ARG B 254 -58.33 20.48 -11.52
CA ARG B 254 -58.19 21.92 -11.71
C ARG B 254 -56.84 22.27 -12.35
N ILE B 255 -55.86 21.37 -12.18
CA ILE B 255 -54.57 21.53 -12.84
C ILE B 255 -54.63 21.13 -14.31
N HIS B 256 -55.55 20.23 -14.64
CA HIS B 256 -55.76 19.81 -16.02
C HIS B 256 -56.23 20.98 -16.89
N GLY B 257 -56.96 21.91 -16.30
CA GLY B 257 -57.33 23.13 -17.00
C GLY B 257 -56.14 24.05 -17.27
N THR B 258 -55.04 23.84 -16.56
CA THR B 258 -53.85 24.66 -16.71
C THR B 258 -52.73 23.86 -17.35
N LEU B 259 -53.09 22.96 -18.26
CA LEU B 259 -52.11 22.16 -18.97
C LEU B 259 -52.37 22.12 -20.47
N LYS B 260 -51.34 22.48 -21.24
CA LYS B 260 -51.38 22.39 -22.69
C LYS B 260 -51.56 20.92 -23.07
N PRO B 261 -52.30 20.67 -24.16
CA PRO B 261 -52.57 19.28 -24.58
C PRO B 261 -51.29 18.49 -24.79
N GLY B 262 -51.18 17.34 -24.12
CA GLY B 262 -49.96 16.55 -24.17
C GLY B 262 -48.93 17.08 -23.19
N GLY B 263 -49.38 17.93 -22.28
CA GLY B 263 -48.50 18.51 -21.27
C GLY B 263 -48.20 17.54 -20.14
N TYR B 264 -47.10 17.76 -19.43
CA TYR B 264 -46.64 16.80 -18.44
C TYR B 264 -46.78 17.26 -16.99
N LEU B 265 -47.06 16.32 -16.10
CA LEU B 265 -47.17 16.59 -14.67
C LEU B 265 -46.24 15.66 -13.91
N PHE B 266 -45.40 16.22 -13.05
CA PHE B 266 -44.47 15.43 -12.25
C PHE B 266 -44.89 15.40 -10.79
N LEU B 267 -45.30 14.23 -10.30
CA LEU B 267 -45.82 14.11 -8.95
C LEU B 267 -44.80 13.62 -7.92
N GLY B 268 -43.56 13.44 -8.35
CA GLY B 268 -42.54 12.95 -7.45
C GLY B 268 -42.71 11.46 -7.17
N ALA B 269 -41.67 10.87 -6.59
CA ALA B 269 -41.64 9.44 -6.34
C ALA B 269 -42.82 8.97 -5.51
N SER B 270 -43.07 7.66 -5.53
CA SER B 270 -44.15 7.05 -4.75
C SER B 270 -45.38 7.92 -4.62
N GLU B 271 -45.89 8.39 -5.76
CA GLU B 271 -47.09 9.22 -5.79
C GLU B 271 -48.00 8.68 -6.91
N ALA B 272 -49.25 8.34 -6.58
CA ALA B 272 -50.17 7.79 -7.56
C ALA B 272 -51.20 8.86 -7.88
N LEU B 273 -51.79 8.81 -9.08
CA LEU B 273 -52.83 9.77 -9.39
C LEU B 273 -54.18 9.06 -9.38
N ASN B 274 -54.31 8.19 -8.39
CA ASN B 274 -55.50 7.38 -8.14
C ASN B 274 -56.24 6.87 -9.38
N ASN B 275 -57.01 7.74 -10.02
CA ASN B 275 -57.79 7.33 -11.20
C ASN B 275 -57.87 8.33 -12.34
N LEU B 276 -58.84 9.24 -12.21
CA LEU B 276 -59.21 10.24 -13.20
C LEU B 276 -59.85 9.56 -14.41
N PRO B 277 -60.88 10.20 -15.01
CA PRO B 277 -61.49 9.58 -16.19
C PRO B 277 -60.55 9.72 -17.37
N ASP B 278 -59.68 8.73 -17.53
CA ASP B 278 -58.52 8.75 -18.43
C ASP B 278 -58.14 10.17 -18.86
N HIS B 279 -58.02 11.07 -17.89
CA HIS B 279 -57.58 12.44 -18.17
C HIS B 279 -56.07 12.45 -18.34
N TYR B 280 -55.39 11.99 -17.30
CA TYR B 280 -53.94 11.90 -17.33
C TYR B 280 -53.56 10.51 -17.83
N GLN B 281 -52.72 10.46 -18.85
CA GLN B 281 -52.21 9.19 -19.35
C GLN B 281 -50.87 8.92 -18.69
N MET B 282 -50.71 7.72 -18.13
CA MET B 282 -49.45 7.40 -17.47
C MET B 282 -48.38 7.15 -18.51
N VAL B 283 -47.34 7.97 -18.50
CA VAL B 283 -46.24 7.81 -19.43
C VAL B 283 -45.00 7.42 -18.67
N GLN B 284 -44.66 6.13 -18.72
CA GLN B 284 -43.49 5.63 -17.99
C GLN B 284 -42.24 5.93 -18.79
N CYS B 285 -41.28 6.63 -18.16
CA CYS B 285 -39.97 6.79 -18.75
C CYS B 285 -39.05 5.73 -18.16
N SER B 286 -37.78 5.73 -18.55
CA SER B 286 -36.86 4.71 -18.06
C SER B 286 -36.58 4.76 -16.55
N PRO B 287 -36.16 5.91 -16.00
CA PRO B 287 -35.97 5.88 -14.55
C PRO B 287 -37.15 6.44 -13.75
N GLY B 288 -38.40 6.15 -14.12
CA GLY B 288 -39.52 6.69 -13.38
C GLY B 288 -40.73 6.91 -14.27
N ILE B 289 -41.73 7.64 -13.78
CA ILE B 289 -42.96 7.84 -14.54
C ILE B 289 -43.44 9.30 -14.52
N ILE B 290 -44.08 9.70 -15.62
CA ILE B 290 -44.68 11.02 -15.76
C ILE B 290 -46.09 10.89 -16.28
N TYR B 291 -46.85 11.99 -16.28
CA TYR B 291 -48.25 11.96 -16.68
C TYR B 291 -48.56 12.98 -17.76
N ARG B 292 -49.28 12.52 -18.78
CA ARG B 292 -49.61 13.35 -19.94
C ARG B 292 -51.08 13.74 -19.94
N ALA B 293 -51.36 14.96 -20.40
CA ALA B 293 -52.73 15.49 -20.39
C ALA B 293 -53.50 15.06 -21.63
N ASN C 25 4.42 25.03 -5.13
CA ASN C 25 5.10 23.86 -5.67
C ASN C 25 5.44 22.87 -4.58
N ALA C 26 4.94 23.12 -3.38
CA ALA C 26 5.18 22.21 -2.26
C ALA C 26 4.22 21.04 -2.38
N ASP C 27 3.01 21.34 -2.82
CA ASP C 27 1.97 20.34 -3.02
C ASP C 27 2.03 19.83 -4.45
N PHE C 28 3.18 20.02 -5.08
CA PHE C 28 3.34 19.58 -6.45
C PHE C 28 4.41 18.52 -6.56
N GLU C 29 5.52 18.72 -5.84
CA GLU C 29 6.55 17.70 -5.81
C GLU C 29 5.89 16.41 -5.36
N LEU C 30 4.94 16.53 -4.42
CA LEU C 30 4.15 15.40 -3.96
C LEU C 30 3.30 14.79 -5.06
N PHE C 31 2.68 15.64 -5.87
CA PHE C 31 1.80 15.17 -6.94
C PHE C 31 2.62 14.45 -7.99
N ARG C 32 3.77 15.03 -8.33
CA ARG C 32 4.64 14.45 -9.35
C ARG C 32 5.11 13.07 -8.85
N VAL C 33 5.31 12.96 -7.54
CA VAL C 33 5.65 11.69 -6.90
C VAL C 33 4.51 10.70 -7.04
N PHE C 34 3.28 11.20 -6.92
CA PHE C 34 2.09 10.38 -7.08
C PHE C 34 2.00 9.68 -8.42
N LEU C 35 2.11 10.47 -9.49
CA LEU C 35 1.95 9.94 -10.83
C LEU C 35 3.00 8.89 -11.15
N GLU C 36 4.24 9.16 -10.76
CA GLU C 36 5.30 8.20 -10.97
C GLU C 36 5.03 6.94 -10.14
N LYS C 37 4.59 7.13 -8.90
CA LYS C 37 4.33 6.02 -7.99
C LYS C 37 3.27 5.07 -8.53
N THR C 38 2.19 5.61 -9.08
CA THR C 38 1.07 4.77 -9.48
C THR C 38 1.05 4.45 -10.98
N CYS C 39 0.79 5.44 -11.82
CA CYS C 39 0.66 5.17 -13.25
C CYS C 39 2.05 5.05 -13.92
N GLY C 40 3.10 5.42 -13.20
CA GLY C 40 4.44 5.35 -13.78
C GLY C 40 4.66 6.40 -14.83
N ILE C 41 4.33 7.64 -14.46
CA ILE C 41 4.43 8.80 -15.36
C ILE C 41 5.23 9.93 -14.74
N VAL C 42 6.33 10.29 -15.40
CA VAL C 42 7.16 11.38 -14.91
C VAL C 42 6.70 12.70 -15.52
N LEU C 43 6.94 13.78 -14.79
CA LEU C 43 6.49 15.11 -15.19
C LEU C 43 7.67 16.05 -15.32
N GLY C 44 7.64 17.13 -14.58
CA GLY C 44 8.67 18.14 -14.68
C GLY C 44 8.40 19.32 -13.78
N SER C 45 9.41 19.69 -13.02
CA SER C 45 9.39 20.85 -12.12
C SER C 45 8.71 22.08 -12.71
N ASN C 46 9.16 22.52 -13.89
CA ASN C 46 8.59 23.67 -14.57
C ASN C 46 7.22 23.34 -15.17
N LYS C 47 7.01 22.06 -15.45
CA LYS C 47 5.79 21.57 -16.08
C LYS C 47 4.69 21.44 -15.02
N GLN C 48 4.38 22.54 -14.33
CA GLN C 48 3.41 22.53 -13.24
C GLN C 48 2.16 23.36 -13.51
N TYR C 49 2.04 23.83 -14.74
CA TYR C 49 0.85 24.54 -15.17
C TYR C 49 -0.04 23.62 -15.95
N LEU C 50 0.59 22.76 -16.75
CA LEU C 50 -0.12 21.79 -17.58
C LEU C 50 -0.75 20.73 -16.70
N VAL C 51 -0.47 20.82 -15.40
CA VAL C 51 -1.15 20.00 -14.41
C VAL C 51 -2.38 20.74 -13.95
N SER C 52 -2.18 21.95 -13.41
CA SER C 52 -3.28 22.73 -12.86
C SER C 52 -4.21 23.22 -13.97
N SER C 53 -3.79 23.05 -15.22
CA SER C 53 -4.64 23.37 -16.37
C SER C 53 -5.50 22.17 -16.70
N ARG C 54 -4.87 21.00 -16.81
CA ARG C 54 -5.55 19.78 -17.22
C ARG C 54 -6.51 19.27 -16.15
N LEU C 55 -6.08 19.41 -14.91
CA LEU C 55 -6.81 18.90 -13.76
C LEU C 55 -7.88 19.84 -13.24
N ASN C 56 -7.81 21.11 -13.63
CA ASN C 56 -8.75 22.11 -13.14
C ASN C 56 -10.19 21.85 -13.53
N LYS C 57 -10.41 21.15 -14.63
CA LYS C 57 -11.77 20.76 -15.00
C LYS C 57 -12.32 19.67 -14.10
N LEU C 58 -11.48 18.68 -13.77
CA LEU C 58 -11.92 17.57 -12.94
C LEU C 58 -12.06 17.85 -11.45
N MET C 59 -11.10 18.55 -10.86
CA MET C 59 -11.18 18.81 -9.43
C MET C 59 -12.20 19.88 -9.10
N GLU C 60 -12.56 20.71 -10.08
CA GLU C 60 -13.55 21.73 -9.82
C GLU C 60 -14.94 21.10 -9.81
N GLN C 61 -15.02 19.89 -10.34
CA GLN C 61 -16.25 19.11 -10.29
C GLN C 61 -16.34 18.36 -8.97
N GLN C 62 -15.26 18.42 -8.20
CA GLN C 62 -15.19 17.74 -6.91
C GLN C 62 -15.10 18.71 -5.73
N GLY C 63 -14.39 19.81 -5.93
CA GLY C 63 -14.11 20.77 -4.88
C GLY C 63 -12.61 20.95 -4.81
N ILE C 64 -12.09 21.22 -3.63
CA ILE C 64 -10.65 21.41 -3.44
C ILE C 64 -10.03 22.46 -4.38
N LYS C 65 -10.28 23.73 -4.10
CA LYS C 65 -9.73 24.82 -4.90
C LYS C 65 -8.22 24.73 -5.19
N SER C 66 -7.52 23.88 -4.45
CA SER C 66 -6.09 23.71 -4.63
C SER C 66 -5.69 22.29 -4.99
N LEU C 67 -4.40 22.01 -4.79
CA LEU C 67 -3.86 20.69 -5.05
C LEU C 67 -3.88 19.94 -3.72
N GLY C 68 -4.99 20.17 -2.99
CA GLY C 68 -5.38 19.45 -1.81
C GLY C 68 -5.91 18.12 -2.31
N GLU C 69 -5.98 18.05 -3.63
CA GLU C 69 -6.29 16.84 -4.37
C GLU C 69 -5.20 15.82 -4.09
N LEU C 70 -3.97 16.29 -3.98
CA LEU C 70 -2.83 15.45 -3.62
C LEU C 70 -3.12 14.77 -2.29
N VAL C 71 -3.74 15.51 -1.37
CA VAL C 71 -4.12 14.98 -0.07
C VAL C 71 -5.28 13.99 -0.17
N GLN C 72 -6.30 14.34 -0.97
CA GLN C 72 -7.45 13.46 -1.12
C GLN C 72 -7.19 12.29 -2.08
N ARG C 73 -6.13 12.39 -2.87
CA ARG C 73 -5.76 11.27 -3.74
C ARG C 73 -5.02 10.27 -2.89
N ILE C 74 -4.41 10.78 -1.82
CA ILE C 74 -3.59 9.97 -0.93
C ILE C 74 -4.51 9.12 -0.10
N GLN C 75 -4.01 7.98 0.36
CA GLN C 75 -4.73 7.14 1.31
C GLN C 75 -6.12 6.77 0.79
N THR C 76 -6.26 6.72 -0.52
CA THR C 76 -7.56 6.50 -1.14
C THR C 76 -7.92 5.02 -1.19
N GLN C 77 -7.48 4.33 -2.24
CA GLN C 77 -7.81 2.91 -2.48
C GLN C 77 -9.31 2.59 -2.45
N ARG C 78 -10.16 3.61 -2.38
CA ARG C 78 -11.60 3.41 -2.40
C ARG C 78 -12.22 4.34 -3.43
N GLY C 79 -11.76 5.59 -3.46
CA GLY C 79 -12.24 6.53 -4.44
C GLY C 79 -11.68 6.21 -5.82
N GLY C 80 -12.53 6.36 -6.84
CA GLY C 80 -12.12 6.23 -8.22
C GLY C 80 -11.49 7.51 -8.71
N LEU C 81 -11.18 8.40 -7.76
CA LEU C 81 -10.55 9.67 -8.05
C LEU C 81 -9.16 9.48 -8.61
N ARG C 82 -8.45 8.48 -8.07
CA ARG C 82 -7.12 8.15 -8.56
C ARG C 82 -7.13 7.77 -10.03
N GLU C 83 -8.08 6.90 -10.39
CA GLU C 83 -8.19 6.41 -11.76
C GLU C 83 -8.72 7.51 -12.66
N MET C 84 -9.39 8.47 -12.04
CA MET C 84 -10.01 9.58 -12.75
C MET C 84 -9.02 10.68 -13.07
N VAL C 85 -8.11 10.98 -12.16
CA VAL C 85 -7.10 12.00 -12.43
C VAL C 85 -6.13 11.49 -13.51
N VAL C 86 -5.72 10.24 -13.38
CA VAL C 86 -4.87 9.59 -14.38
C VAL C 86 -5.54 9.57 -15.75
N ASP C 87 -6.82 9.25 -15.76
CA ASP C 87 -7.61 9.27 -16.98
C ASP C 87 -7.78 10.70 -17.52
N ALA C 88 -7.45 11.70 -16.71
CA ALA C 88 -7.62 13.08 -17.15
C ALA C 88 -6.29 13.78 -17.36
N MET C 89 -5.20 13.10 -17.05
CA MET C 89 -3.87 13.58 -17.39
C MET C 89 -3.32 12.97 -18.68
N THR C 90 -4.06 12.04 -19.26
CA THR C 90 -3.61 11.39 -20.48
C THR C 90 -4.55 11.66 -21.63
N THR C 91 -4.00 12.05 -22.78
CA THR C 91 -4.79 12.24 -23.99
C THR C 91 -5.47 10.92 -24.32
N ASN C 92 -6.80 10.93 -24.26
CA ASN C 92 -7.56 9.73 -24.53
C ASN C 92 -8.06 9.63 -25.97
N GLU C 93 -7.17 9.93 -26.92
CA GLU C 93 -7.49 9.85 -28.33
C GLU C 93 -6.37 9.13 -29.06
N THR C 94 -6.71 8.40 -30.11
CA THR C 94 -5.70 7.71 -30.89
C THR C 94 -5.21 8.56 -32.08
N LEU C 95 -3.97 8.99 -31.99
CA LEU C 95 -3.39 9.90 -32.97
C LEU C 95 -2.64 9.19 -34.10
N TRP C 96 -2.31 9.97 -35.13
CA TRP C 96 -1.42 9.55 -36.18
C TRP C 96 -0.09 10.20 -35.90
N PHE C 97 0.96 9.40 -35.83
CA PHE C 97 2.30 9.87 -35.48
C PHE C 97 2.28 10.59 -34.14
N ARG C 98 1.92 9.87 -33.09
CA ARG C 98 1.83 10.44 -31.74
C ARG C 98 3.10 11.16 -31.30
N ASP C 99 2.95 12.43 -30.94
CA ASP C 99 4.06 13.26 -30.45
C ASP C 99 5.06 13.64 -31.55
N THR C 100 4.97 12.97 -32.71
CA THR C 100 5.77 13.27 -33.91
C THR C 100 7.27 13.04 -33.74
N TYR C 101 7.79 13.21 -32.53
CA TYR C 101 9.22 13.04 -32.31
C TYR C 101 9.72 11.59 -32.48
N PRO C 102 8.96 10.57 -32.00
CA PRO C 102 9.60 9.24 -32.08
C PRO C 102 9.75 8.75 -33.51
N PHE C 103 8.93 9.29 -34.40
CA PHE C 103 8.94 8.88 -35.80
C PHE C 103 10.06 9.62 -36.53
N GLU C 104 10.32 10.85 -36.09
CA GLU C 104 11.48 11.59 -36.58
C GLU C 104 12.78 11.02 -36.03
N VAL C 105 12.76 10.55 -34.78
CA VAL C 105 13.92 9.87 -34.21
C VAL C 105 14.27 8.65 -35.04
N LEU C 106 13.23 7.89 -35.39
CA LEU C 106 13.36 6.69 -36.18
C LEU C 106 14.07 6.96 -37.50
N LYS C 107 13.60 7.99 -38.20
CA LYS C 107 14.10 8.31 -39.53
C LYS C 107 15.52 8.87 -39.48
N GLN C 108 15.76 9.87 -38.62
CA GLN C 108 17.01 10.61 -38.64
C GLN C 108 18.05 10.12 -37.63
N ARG C 109 17.71 9.08 -36.86
CA ARG C 109 18.68 8.57 -35.89
C ARG C 109 18.75 7.03 -35.88
N VAL C 110 17.63 6.39 -35.57
CA VAL C 110 17.60 4.95 -35.34
C VAL C 110 17.87 4.09 -36.58
N LEU C 111 17.11 4.30 -37.66
CA LEU C 111 17.31 3.52 -38.88
C LEU C 111 18.71 3.66 -39.47
N PRO C 112 19.25 4.91 -39.52
CA PRO C 112 20.66 5.02 -39.94
C PRO C 112 21.60 4.27 -39.00
N GLU C 113 21.31 4.33 -37.70
CA GLU C 113 22.11 3.63 -36.71
C GLU C 113 22.04 2.12 -36.94
N LEU C 114 20.84 1.64 -37.28
CA LEU C 114 20.61 0.21 -37.46
C LEU C 114 21.12 -0.34 -38.78
N ILE C 115 21.08 0.45 -39.84
CA ILE C 115 21.58 -0.03 -41.13
C ILE C 115 23.09 -0.20 -41.06
N LYS C 116 23.78 0.71 -40.36
CA LYS C 116 25.21 0.58 -40.15
C LYS C 116 25.45 -0.66 -39.31
N ALA C 117 26.60 -1.29 -39.50
CA ALA C 117 27.00 -2.52 -38.79
C ALA C 117 26.21 -3.74 -39.25
N ASN C 118 24.87 -3.66 -39.25
CA ASN C 118 24.03 -4.81 -39.57
C ASN C 118 23.99 -5.11 -41.07
N GLY C 119 24.10 -4.07 -41.88
CA GLY C 119 24.07 -4.21 -43.32
C GLY C 119 22.66 -4.32 -43.87
N GLY C 120 21.74 -3.56 -43.27
CA GLY C 120 20.35 -3.57 -43.69
C GLY C 120 19.84 -4.97 -43.95
N GLN C 121 19.78 -5.78 -42.90
CA GLN C 121 19.30 -7.15 -43.02
C GLN C 121 18.32 -7.51 -41.90
N ARG C 122 17.33 -8.34 -42.23
CA ARG C 122 16.32 -8.79 -41.27
C ARG C 122 15.73 -7.77 -40.30
N LEU C 123 15.25 -6.63 -40.81
CA LEU C 123 14.61 -5.62 -39.96
C LEU C 123 13.31 -6.14 -39.34
N ARG C 124 12.71 -5.34 -38.46
CA ARG C 124 11.47 -5.71 -37.79
C ARG C 124 11.09 -4.69 -36.72
N ILE C 125 9.80 -4.61 -36.41
CA ILE C 125 9.31 -3.69 -35.40
C ILE C 125 8.05 -4.21 -34.73
N TRP C 126 7.93 -3.97 -33.43
CA TRP C 126 6.78 -4.43 -32.68
C TRP C 126 5.91 -3.26 -32.22
N SER C 127 4.66 -3.23 -32.69
CA SER C 127 3.69 -2.28 -32.16
C SER C 127 2.78 -3.01 -31.17
N ALA C 128 3.08 -2.86 -29.89
CA ALA C 128 2.33 -3.54 -28.84
C ALA C 128 1.05 -2.76 -28.53
N ALA C 129 -0.07 -3.49 -28.51
CA ALA C 129 -1.41 -2.92 -28.35
C ALA C 129 -1.64 -1.87 -29.44
N CYS C 130 -1.75 -2.35 -30.67
CA CYS C 130 -1.82 -1.47 -31.83
C CYS C 130 -3.18 -0.77 -31.98
N SER C 131 -4.19 -1.29 -31.30
CA SER C 131 -5.56 -0.75 -31.34
C SER C 131 -6.12 -0.68 -32.76
N SER C 132 -6.55 0.52 -33.14
CA SER C 132 -7.19 0.74 -34.44
C SER C 132 -6.20 0.73 -35.61
N GLY C 133 -4.90 0.64 -35.31
CA GLY C 133 -3.92 0.51 -36.37
C GLY C 133 -2.95 1.66 -36.63
N GLN C 134 -3.27 2.85 -36.14
CA GLN C 134 -2.45 4.03 -36.43
C GLN C 134 -0.93 3.92 -36.22
N GLU C 135 -0.48 3.48 -35.04
CA GLU C 135 0.97 3.44 -34.79
C GLU C 135 1.71 2.57 -35.84
N PRO C 136 1.26 1.33 -36.08
CA PRO C 136 2.01 0.60 -37.11
C PRO C 136 1.90 1.16 -38.53
N TYR C 137 0.73 1.69 -38.88
CA TYR C 137 0.56 2.31 -40.19
C TYR C 137 1.39 3.59 -40.31
N SER C 138 1.47 4.35 -39.22
CA SER C 138 2.33 5.54 -39.21
C SER C 138 3.79 5.11 -39.36
N LEU C 139 4.14 3.99 -38.75
CA LEU C 139 5.49 3.46 -38.89
C LEU C 139 5.79 3.06 -40.32
N SER C 140 4.84 2.38 -40.96
CA SER C 140 5.00 1.98 -42.34
C SER C 140 5.18 3.20 -43.25
N MET C 141 4.42 4.26 -42.97
CA MET C 141 4.57 5.53 -43.68
C MET C 141 5.92 6.17 -43.41
N ALA C 142 6.35 6.13 -42.16
CA ALA C 142 7.66 6.66 -41.77
C ALA C 142 8.80 5.87 -42.40
N ILE C 143 8.60 4.57 -42.58
CA ILE C 143 9.57 3.70 -43.25
C ILE C 143 9.66 4.07 -44.73
N ASP C 144 8.49 4.16 -45.36
CA ASP C 144 8.37 4.54 -46.76
C ASP C 144 9.08 5.86 -47.04
N GLU C 145 8.92 6.80 -46.11
CA GLU C 145 9.51 8.12 -46.28
C GLU C 145 11.01 8.10 -46.08
N PHE C 146 11.51 7.08 -45.40
CA PHE C 146 12.95 6.89 -45.26
C PHE C 146 13.50 6.16 -46.48
N GLU C 147 12.74 5.20 -46.99
CA GLU C 147 13.10 4.45 -48.19
C GLU C 147 13.15 5.37 -49.40
N LYS C 148 12.24 6.34 -49.41
CA LYS C 148 12.12 7.28 -50.53
C LYS C 148 13.33 8.19 -50.62
N THR C 149 13.86 8.57 -49.45
CA THR C 149 15.00 9.46 -49.36
C THR C 149 16.34 8.75 -49.56
N ASN C 150 16.47 7.57 -48.97
CA ASN C 150 17.70 6.80 -49.07
C ASN C 150 17.62 5.75 -50.17
N LEU C 151 16.46 5.11 -50.29
CA LEU C 151 16.25 4.08 -51.30
C LEU C 151 17.06 2.83 -50.98
N GLY C 152 18.28 2.76 -51.52
CA GLY C 152 19.15 1.62 -51.29
C GLY C 152 19.26 1.26 -49.82
N GLN C 153 19.02 2.24 -48.95
CA GLN C 153 19.10 2.02 -47.52
C GLN C 153 18.26 0.81 -47.09
N LEU C 154 17.05 0.73 -47.62
CA LEU C 154 16.14 -0.37 -47.30
C LEU C 154 16.87 -1.71 -47.36
N LYS C 155 17.38 -2.04 -48.53
CA LYS C 155 18.13 -3.28 -48.76
C LYS C 155 17.34 -4.60 -48.81
N ALA C 156 16.64 -4.92 -47.73
CA ALA C 156 15.90 -6.17 -47.62
C ALA C 156 14.45 -5.78 -47.51
N GLY C 157 14.12 -5.14 -46.38
CA GLY C 157 12.77 -4.65 -46.16
C GLY C 157 12.35 -4.84 -44.71
N VAL C 158 11.62 -3.87 -44.20
CA VAL C 158 11.15 -3.93 -42.82
C VAL C 158 9.82 -4.64 -42.60
N GLN C 159 9.80 -5.54 -41.63
CA GLN C 159 8.59 -6.24 -41.18
C GLN C 159 8.00 -5.60 -39.93
N ILE C 160 6.80 -5.05 -40.04
CA ILE C 160 6.15 -4.50 -38.87
C ILE C 160 5.15 -5.50 -38.30
N VAL C 161 5.34 -5.89 -37.04
CA VAL C 161 4.41 -6.80 -36.38
C VAL C 161 3.62 -6.05 -35.32
N ALA C 162 2.31 -6.02 -35.48
CA ALA C 162 1.45 -5.30 -34.54
C ALA C 162 0.46 -6.23 -33.85
N THR C 163 0.55 -6.27 -32.52
CA THR C 163 -0.28 -7.19 -31.75
C THR C 163 -1.17 -6.46 -30.76
N ASP C 164 -2.40 -6.95 -30.63
CA ASP C 164 -3.37 -6.45 -29.66
C ASP C 164 -4.41 -7.52 -29.38
N LEU C 165 -5.22 -7.30 -28.35
CA LEU C 165 -6.30 -8.23 -27.97
C LEU C 165 -7.19 -8.79 -29.08
N SER C 166 -7.22 -10.12 -29.14
CA SER C 166 -8.04 -10.84 -30.12
C SER C 166 -9.49 -10.44 -29.84
N GLY C 167 -9.92 -9.41 -30.54
CA GLY C 167 -11.25 -8.84 -30.40
C GLY C 167 -11.46 -7.82 -31.48
N SER C 168 -12.46 -6.95 -31.33
CA SER C 168 -12.72 -5.94 -32.36
C SER C 168 -11.64 -4.86 -32.35
N MET C 169 -11.84 -3.81 -33.15
CA MET C 169 -10.87 -2.72 -33.29
C MET C 169 -9.53 -3.23 -33.86
N LEU C 170 -9.04 -4.37 -33.38
CA LEU C 170 -7.90 -5.04 -34.01
C LEU C 170 -8.33 -5.51 -35.39
N THR C 171 -9.54 -6.06 -35.44
CA THR C 171 -10.12 -6.47 -36.70
C THR C 171 -10.32 -5.26 -37.60
N ALA C 172 -10.66 -4.13 -36.98
CA ALA C 172 -10.82 -2.86 -37.68
C ALA C 172 -9.47 -2.35 -38.18
N ALA C 173 -8.41 -2.65 -37.43
CA ALA C 173 -7.05 -2.30 -37.82
C ALA C 173 -6.67 -3.06 -39.09
N LYS C 174 -6.93 -4.37 -39.07
CA LYS C 174 -6.62 -5.23 -40.21
C LYS C 174 -7.30 -4.76 -41.48
N ALA C 175 -8.56 -4.34 -41.34
CA ALA C 175 -9.31 -3.77 -42.46
C ALA C 175 -8.61 -2.51 -42.95
N GLY C 176 -8.29 -1.62 -42.02
CA GLY C 176 -7.53 -0.43 -42.34
C GLY C 176 -8.28 0.71 -43.00
N GLU C 177 -9.61 0.70 -42.92
CA GLU C 177 -10.37 1.90 -43.30
C GLU C 177 -10.41 2.83 -42.09
N TYR C 178 -10.94 4.03 -42.28
CA TYR C 178 -10.90 5.06 -41.24
C TYR C 178 -11.89 6.17 -41.52
N ASP C 179 -12.58 6.62 -40.48
CA ASP C 179 -13.51 7.74 -40.60
C ASP C 179 -12.78 9.00 -41.08
N THR C 180 -13.45 9.81 -41.88
CA THR C 180 -12.86 11.05 -42.40
C THR C 180 -12.39 11.98 -41.28
N LEU C 181 -13.08 11.96 -40.15
CA LEU C 181 -12.71 12.79 -39.00
C LEU C 181 -11.48 12.26 -38.29
N ALA C 182 -11.35 10.94 -38.27
CA ALA C 182 -10.21 10.31 -37.62
C ALA C 182 -8.93 10.65 -38.38
N MET C 183 -9.10 10.99 -39.66
CA MET C 183 -7.98 11.32 -40.53
C MET C 183 -7.42 12.71 -40.27
N GLY C 184 -8.26 13.60 -39.75
CA GLY C 184 -7.83 14.97 -39.49
C GLY C 184 -6.96 15.17 -38.27
N ARG C 185 -6.85 14.14 -37.43
CA ARG C 185 -6.14 14.30 -36.16
C ARG C 185 -4.72 13.72 -36.19
N GLY C 186 -3.75 14.63 -36.26
CA GLY C 186 -2.33 14.29 -36.26
C GLY C 186 -1.76 13.80 -37.58
N LEU C 187 -2.52 13.91 -38.65
CA LEU C 187 -2.05 13.47 -39.97
C LEU C 187 -2.03 14.61 -40.96
N SER C 188 -0.85 14.85 -41.53
CA SER C 188 -0.66 15.88 -42.55
C SER C 188 -1.44 15.55 -43.81
N PRO C 189 -1.97 16.58 -44.49
CA PRO C 189 -2.69 16.39 -45.74
C PRO C 189 -1.80 15.80 -46.85
N GLU C 190 -0.50 16.05 -46.78
CA GLU C 190 0.45 15.42 -47.69
C GLU C 190 0.41 13.90 -47.57
N ARG C 191 0.61 13.41 -46.35
CA ARG C 191 0.62 11.98 -46.05
C ARG C 191 -0.73 11.34 -46.38
N LEU C 192 -1.79 12.13 -46.21
CA LEU C 192 -3.14 11.69 -46.50
C LEU C 192 -3.32 11.46 -47.99
N GLN C 193 -2.91 12.44 -48.78
CA GLN C 193 -3.05 12.34 -50.22
C GLN C 193 -2.16 11.22 -50.76
N ARG C 194 -0.99 11.06 -50.14
CA ARG C 194 -0.01 10.10 -50.64
C ARG C 194 -0.31 8.66 -50.26
N TYR C 195 -0.66 8.42 -49.00
CA TYR C 195 -0.79 7.05 -48.51
C TYR C 195 -2.22 6.55 -48.33
N PHE C 196 -3.21 7.33 -48.75
CA PHE C 196 -4.59 6.92 -48.53
C PHE C 196 -5.52 7.08 -49.73
N ASP C 197 -6.24 6.01 -50.03
CA ASP C 197 -7.32 6.04 -51.01
C ASP C 197 -8.68 6.18 -50.33
N ALA C 198 -9.49 7.12 -50.80
CA ALA C 198 -10.83 7.31 -50.25
C ALA C 198 -11.82 6.28 -50.81
N LYS C 199 -12.27 5.35 -49.98
CA LYS C 199 -13.21 4.33 -50.41
C LYS C 199 -14.60 4.60 -49.85
N GLY C 200 -15.10 5.80 -50.07
CA GLY C 200 -16.39 6.18 -49.55
C GLY C 200 -16.51 7.67 -49.40
N PRO C 201 -17.74 8.16 -49.18
CA PRO C 201 -17.95 9.58 -48.93
C PRO C 201 -17.37 10.00 -47.58
N GLY C 202 -17.52 9.16 -46.56
CA GLY C 202 -17.02 9.49 -45.24
C GLY C 202 -15.91 8.59 -44.72
N ARG C 203 -15.36 7.75 -45.58
CA ARG C 203 -14.29 6.84 -45.17
C ARG C 203 -13.03 6.95 -46.02
N TRP C 204 -11.91 6.52 -45.44
CA TRP C 204 -10.62 6.54 -46.10
C TRP C 204 -9.87 5.26 -45.75
N ALA C 205 -9.28 4.62 -46.76
CA ALA C 205 -8.55 3.39 -46.53
C ALA C 205 -7.07 3.58 -46.84
N VAL C 206 -6.22 2.83 -46.13
CA VAL C 206 -4.78 2.90 -46.34
C VAL C 206 -4.41 2.29 -47.70
N LYS C 207 -3.51 2.94 -48.41
CA LYS C 207 -3.05 2.42 -49.70
C LYS C 207 -2.33 1.09 -49.49
N PRO C 208 -2.65 0.10 -50.34
CA PRO C 208 -2.18 -1.29 -50.24
C PRO C 208 -0.68 -1.44 -50.05
N ALA C 209 0.10 -0.50 -50.59
CA ALA C 209 1.55 -0.51 -50.46
C ALA C 209 1.99 -0.36 -48.99
N ILE C 210 1.26 0.46 -48.23
CA ILE C 210 1.59 0.68 -46.82
C ILE C 210 1.11 -0.43 -45.89
N ARG C 211 -0.10 -0.92 -46.10
CA ARG C 211 -0.66 -1.99 -45.29
C ARG C 211 0.17 -3.28 -45.36
N SER C 212 0.72 -3.58 -46.53
CA SER C 212 1.37 -4.87 -46.76
C SER C 212 2.66 -5.03 -45.96
N ARG C 213 3.13 -3.92 -45.38
CA ARG C 213 4.36 -3.92 -44.60
C ARG C 213 4.14 -4.33 -43.15
N VAL C 214 2.87 -4.42 -42.75
CA VAL C 214 2.55 -4.81 -41.38
C VAL C 214 1.79 -6.14 -41.35
N GLU C 215 2.04 -6.92 -40.30
CA GLU C 215 1.26 -8.12 -40.03
C GLU C 215 0.65 -8.02 -38.65
N PHE C 216 -0.67 -8.22 -38.58
CA PHE C 216 -1.36 -8.15 -37.30
C PHE C 216 -1.58 -9.54 -36.71
N ARG C 217 -1.23 -9.68 -35.43
CA ARG C 217 -1.46 -10.94 -34.74
C ARG C 217 -2.13 -10.66 -33.40
N ALA C 218 -3.08 -11.49 -33.03
CA ALA C 218 -3.81 -11.29 -31.78
C ALA C 218 -2.96 -11.75 -30.61
N LEU C 219 -2.70 -10.84 -29.67
CA LEU C 219 -1.89 -11.18 -28.51
C LEU C 219 -2.28 -10.37 -27.29
N ASN C 220 -2.40 -11.06 -26.15
CA ASN C 220 -2.55 -10.39 -24.88
C ASN C 220 -1.18 -10.18 -24.25
N LEU C 221 -0.90 -8.94 -23.82
CA LEU C 221 0.44 -8.61 -23.31
C LEU C 221 0.76 -9.35 -22.03
N LEU C 222 -0.24 -10.00 -21.45
CA LEU C 222 -0.04 -10.78 -20.23
C LEU C 222 0.44 -12.18 -20.58
N ASP C 223 0.46 -12.48 -21.88
CA ASP C 223 0.88 -13.79 -22.38
C ASP C 223 2.34 -13.81 -22.84
N SER C 224 2.77 -14.96 -23.35
CA SER C 224 4.14 -15.15 -23.77
C SER C 224 4.42 -14.42 -25.07
N TYR C 225 5.61 -13.84 -25.17
CA TYR C 225 6.00 -13.08 -26.34
C TYR C 225 6.87 -13.91 -27.27
N ALA C 226 6.90 -15.22 -27.01
CA ALA C 226 7.76 -16.14 -27.75
C ALA C 226 7.31 -16.30 -29.20
N SER C 227 5.99 -16.25 -29.40
CA SER C 227 5.41 -16.46 -30.73
C SER C 227 5.81 -15.38 -31.73
N LEU C 228 6.27 -14.24 -31.22
CA LEU C 228 6.61 -13.10 -32.05
C LEU C 228 8.02 -13.17 -32.62
N GLY C 229 8.95 -13.77 -31.88
CA GLY C 229 10.33 -13.79 -32.28
C GLY C 229 11.06 -12.57 -31.74
N LYS C 230 12.21 -12.24 -32.31
CA LYS C 230 13.02 -11.13 -31.81
C LYS C 230 12.83 -9.87 -32.67
N PHE C 231 12.95 -8.70 -32.04
CA PHE C 231 12.69 -7.43 -32.71
C PHE C 231 13.89 -6.49 -32.62
N ASP C 232 14.02 -5.63 -33.64
CA ASP C 232 15.04 -4.57 -33.62
C ASP C 232 14.51 -3.38 -32.84
N MET C 233 13.21 -3.15 -32.95
CA MET C 233 12.55 -2.07 -32.22
C MET C 233 11.21 -2.51 -31.68
N VAL C 234 10.82 -1.95 -30.54
CA VAL C 234 9.52 -2.23 -29.97
C VAL C 234 8.83 -0.92 -29.61
N PHE C 235 7.60 -0.76 -30.07
CA PHE C 235 6.80 0.41 -29.76
C PHE C 235 5.67 0.05 -28.82
N CYS C 236 5.84 0.37 -27.54
CA CYS C 236 4.76 0.15 -26.58
C CYS C 236 4.53 1.45 -25.82
N ARG C 237 3.56 2.22 -26.30
CA ARG C 237 3.41 3.59 -25.85
C ARG C 237 1.99 3.86 -25.39
N ASN C 238 1.88 4.47 -24.21
CA ASN C 238 0.61 4.73 -23.54
C ASN C 238 -0.13 3.41 -23.30
N VAL C 239 0.60 2.45 -22.73
CA VAL C 239 0.09 1.11 -22.51
C VAL C 239 0.26 0.67 -21.06
N LEU C 240 1.51 0.68 -20.62
CA LEU C 240 1.91 0.13 -19.32
C LEU C 240 1.37 0.94 -18.15
N ILE C 241 1.05 2.20 -18.41
CA ILE C 241 0.56 3.10 -17.37
C ILE C 241 -0.81 2.66 -16.82
N TYR C 242 -1.51 1.82 -17.58
CA TYR C 242 -2.80 1.31 -17.18
C TYR C 242 -2.68 -0.01 -16.41
N PHE C 243 -1.44 -0.42 -16.16
CA PHE C 243 -1.17 -1.61 -15.35
C PHE C 243 -0.54 -1.24 -14.01
N SER C 244 -0.31 -2.24 -13.17
CA SER C 244 0.31 -2.03 -11.89
C SER C 244 1.80 -1.84 -12.05
N ALA C 245 2.53 -1.93 -10.95
CA ALA C 245 3.98 -1.80 -10.99
C ALA C 245 4.60 -3.17 -11.18
N GLU C 246 4.01 -4.15 -10.52
CA GLU C 246 4.50 -5.52 -10.57
C GLU C 246 4.34 -6.10 -11.96
N VAL C 247 3.23 -5.77 -12.62
CA VAL C 247 2.95 -6.32 -13.94
C VAL C 247 3.59 -5.51 -15.06
N LYS C 248 3.86 -4.23 -14.80
CA LYS C 248 4.60 -3.40 -15.75
C LYS C 248 6.03 -3.89 -15.85
N ARG C 249 6.66 -4.10 -14.69
CA ARG C 249 8.02 -4.59 -14.64
C ARG C 249 8.10 -5.95 -15.31
N ASP C 250 7.08 -6.78 -15.09
CA ASP C 250 7.05 -8.11 -15.69
C ASP C 250 7.11 -8.01 -17.21
N ILE C 251 6.27 -7.15 -17.77
CA ILE C 251 6.17 -6.97 -19.21
C ILE C 251 7.44 -6.38 -19.81
N LEU C 252 8.01 -5.40 -19.12
CA LEU C 252 9.23 -4.77 -19.58
C LEU C 252 10.38 -5.78 -19.71
N LEU C 253 10.45 -6.71 -18.77
CA LEU C 253 11.48 -7.74 -18.80
C LEU C 253 11.18 -8.79 -19.87
N ARG C 254 9.90 -9.05 -20.09
CA ARG C 254 9.48 -10.01 -21.10
C ARG C 254 9.60 -9.41 -22.52
N ILE C 255 9.57 -8.09 -22.60
CA ILE C 255 9.83 -7.38 -23.84
C ILE C 255 11.33 -7.34 -24.13
N HIS C 256 12.12 -7.35 -23.07
CA HIS C 256 13.57 -7.39 -23.19
C HIS C 256 14.00 -8.70 -23.83
N GLY C 257 13.26 -9.76 -23.55
CA GLY C 257 13.46 -11.04 -24.20
C GLY C 257 13.09 -11.09 -25.68
N THR C 258 12.52 -10.00 -26.19
CA THR C 258 12.12 -9.95 -27.58
C THR C 258 12.75 -8.73 -28.26
N LEU C 259 13.97 -8.41 -27.81
CA LEU C 259 14.71 -7.30 -28.39
C LEU C 259 16.15 -7.70 -28.69
N LYS C 260 16.56 -7.50 -29.94
CA LYS C 260 17.93 -7.71 -30.36
C LYS C 260 18.85 -6.77 -29.60
N PRO C 261 20.08 -7.22 -29.29
CA PRO C 261 21.02 -6.37 -28.53
C PRO C 261 21.27 -5.03 -29.21
N GLY C 262 21.10 -3.95 -28.45
CA GLY C 262 21.18 -2.60 -28.99
C GLY C 262 19.87 -2.19 -29.63
N GLY C 263 18.83 -2.98 -29.37
CA GLY C 263 17.51 -2.70 -29.89
C GLY C 263 16.82 -1.63 -29.07
N TYR C 264 15.84 -0.96 -29.68
CA TYR C 264 15.22 0.19 -29.04
C TYR C 264 13.78 -0.08 -28.62
N LEU C 265 13.37 0.57 -27.53
CA LEU C 265 12.00 0.46 -27.04
C LEU C 265 11.39 1.85 -26.91
N PHE C 266 10.21 2.03 -27.47
CA PHE C 266 9.52 3.31 -27.44
C PHE C 266 8.32 3.29 -26.51
N LEU C 267 8.38 4.09 -25.45
CA LEU C 267 7.29 4.15 -24.49
C LEU C 267 6.43 5.37 -24.79
N GLY C 268 5.65 5.80 -23.81
CA GLY C 268 4.82 6.97 -23.98
C GLY C 268 5.70 8.19 -23.75
N ALA C 269 5.21 9.36 -24.12
CA ALA C 269 6.00 10.60 -24.00
C ALA C 269 6.46 10.85 -22.57
N SER C 270 5.52 10.76 -21.64
CA SER C 270 5.80 10.94 -20.22
C SER C 270 5.83 9.59 -19.48
N GLU C 271 6.32 8.56 -20.15
CA GLU C 271 6.53 7.27 -19.51
C GLU C 271 7.99 7.01 -19.19
N ALA C 272 8.24 6.48 -18.00
CA ALA C 272 9.57 6.06 -17.58
C ALA C 272 9.51 4.56 -17.31
N LEU C 273 10.62 3.85 -17.50
CA LEU C 273 10.65 2.43 -17.15
C LEU C 273 11.64 2.10 -16.05
N ASN C 274 12.13 3.13 -15.35
CA ASN C 274 13.17 2.92 -14.35
C ASN C 274 12.78 2.02 -13.18
N ASN C 275 13.30 0.80 -13.25
CA ASN C 275 13.15 -0.26 -12.25
C ASN C 275 13.95 -1.43 -12.78
N LEU C 276 13.98 -2.56 -12.07
CA LEU C 276 14.71 -3.75 -12.52
C LEU C 276 16.23 -3.50 -12.56
N PRO C 277 17.01 -4.56 -12.53
CA PRO C 277 18.47 -4.42 -12.61
C PRO C 277 18.86 -3.86 -13.98
N ASP C 278 20.16 -3.77 -14.27
CA ASP C 278 20.58 -3.25 -15.56
C ASP C 278 19.98 -3.98 -16.75
N HIS C 279 19.02 -3.35 -17.43
CA HIS C 279 18.39 -3.97 -18.59
C HIS C 279 18.34 -2.98 -19.74
N TYR C 280 17.53 -1.95 -19.57
CA TYR C 280 17.35 -0.89 -20.57
C TYR C 280 18.24 0.33 -20.34
N GLN C 281 18.92 0.79 -21.39
CA GLN C 281 19.70 2.03 -21.29
C GLN C 281 18.90 3.24 -21.76
N MET C 282 18.86 4.29 -20.95
CA MET C 282 18.15 5.51 -21.35
C MET C 282 18.96 6.31 -22.37
N VAL C 283 18.37 6.50 -23.55
CA VAL C 283 19.01 7.22 -24.64
C VAL C 283 18.30 8.55 -24.93
N GLN C 284 18.93 9.67 -24.56
CA GLN C 284 18.30 10.97 -24.76
C GLN C 284 18.43 11.43 -26.23
N CYS C 285 17.29 11.78 -26.81
CA CYS C 285 17.21 12.37 -28.14
C CYS C 285 17.13 13.90 -28.07
N SER C 286 16.94 14.56 -29.20
CA SER C 286 16.87 16.02 -29.20
C SER C 286 15.66 16.51 -28.39
N PRO C 287 14.44 16.02 -28.68
CA PRO C 287 13.40 16.42 -27.74
C PRO C 287 13.15 15.35 -26.67
N GLY C 288 12.49 14.26 -27.04
CA GLY C 288 12.18 13.16 -26.16
C GLY C 288 13.29 12.16 -25.94
N ILE C 289 12.95 11.01 -25.35
CA ILE C 289 13.93 10.00 -25.00
C ILE C 289 13.45 8.60 -25.39
N ILE C 290 14.39 7.71 -25.70
CA ILE C 290 14.08 6.32 -26.01
C ILE C 290 14.96 5.39 -25.17
N TYR C 291 14.68 4.10 -25.21
CA TYR C 291 15.38 3.14 -24.37
C TYR C 291 15.99 2.01 -25.19
N ARG C 292 17.26 1.73 -24.93
CA ARG C 292 18.00 0.69 -25.63
C ARG C 292 18.25 -0.50 -24.71
N ALA C 293 18.25 -1.71 -25.28
CA ALA C 293 18.39 -2.92 -24.50
C ALA C 293 19.87 -3.23 -24.27
N LYS C 294 20.28 -3.21 -23.00
CA LYS C 294 21.64 -3.55 -22.61
C LYS C 294 21.75 -4.98 -22.06
N ALA D 26 -29.41 0.74 -30.00
CA ALA D 26 -30.56 -0.14 -29.83
C ALA D 26 -30.27 -1.22 -28.80
N ASP D 27 -29.02 -1.69 -28.76
CA ASP D 27 -28.62 -2.73 -27.82
C ASP D 27 -28.10 -2.15 -26.50
N PHE D 28 -28.65 -2.65 -25.40
CA PHE D 28 -28.25 -2.24 -24.06
C PHE D 28 -27.76 -3.46 -23.27
N GLU D 29 -28.47 -4.57 -23.44
CA GLU D 29 -28.16 -5.83 -22.78
C GLU D 29 -26.72 -6.30 -22.99
N LEU D 30 -26.16 -6.06 -24.17
CA LEU D 30 -24.77 -6.40 -24.43
C LEU D 30 -23.83 -5.61 -23.53
N PHE D 31 -24.14 -4.33 -23.32
CA PHE D 31 -23.29 -3.47 -22.52
C PHE D 31 -23.29 -3.85 -21.03
N ARG D 32 -24.46 -4.06 -20.46
CA ARG D 32 -24.56 -4.37 -19.04
C ARG D 32 -23.90 -5.70 -18.74
N VAL D 33 -24.01 -6.63 -19.69
CA VAL D 33 -23.31 -7.91 -19.61
C VAL D 33 -21.82 -7.70 -19.77
N PHE D 34 -21.45 -6.80 -20.69
CA PHE D 34 -20.05 -6.46 -20.93
C PHE D 34 -19.40 -5.86 -19.69
N LEU D 35 -20.05 -4.84 -19.13
CA LEU D 35 -19.52 -4.14 -17.96
C LEU D 35 -19.35 -5.12 -16.81
N GLU D 36 -20.35 -5.97 -16.63
CA GLU D 36 -20.33 -7.00 -15.61
C GLU D 36 -19.21 -7.99 -15.90
N LYS D 37 -19.08 -8.37 -17.17
CA LYS D 37 -18.06 -9.32 -17.58
C LYS D 37 -16.66 -8.76 -17.34
N THR D 38 -16.47 -7.48 -17.67
CA THR D 38 -15.19 -6.83 -17.49
C THR D 38 -15.09 -6.16 -16.12
N CYS D 39 -15.49 -4.90 -16.05
CA CYS D 39 -15.45 -4.14 -14.81
C CYS D 39 -16.00 -4.97 -13.65
N GLY D 40 -16.77 -6.00 -13.97
CA GLY D 40 -17.36 -6.86 -12.97
C GLY D 40 -18.50 -6.20 -12.23
N ILE D 41 -19.06 -5.16 -12.83
CA ILE D 41 -20.16 -4.43 -12.23
C ILE D 41 -21.50 -4.85 -12.84
N VAL D 42 -22.54 -4.86 -12.03
CA VAL D 42 -23.87 -5.25 -12.49
C VAL D 42 -24.76 -4.02 -12.66
N LEU D 43 -25.67 -4.11 -13.62
CA LEU D 43 -26.59 -3.03 -13.90
C LEU D 43 -28.01 -3.56 -13.86
N GLY D 44 -28.75 -3.33 -14.93
CA GLY D 44 -30.13 -3.78 -14.96
C GLY D 44 -31.04 -2.93 -15.82
N SER D 45 -31.85 -3.59 -16.65
CA SER D 45 -32.79 -2.87 -17.51
C SER D 45 -33.61 -1.86 -16.72
N ASN D 46 -33.69 -2.04 -15.40
CA ASN D 46 -34.45 -1.13 -14.54
C ASN D 46 -34.17 0.36 -14.73
N LYS D 47 -32.94 0.80 -14.47
CA LYS D 47 -32.62 2.23 -14.61
C LYS D 47 -31.70 2.49 -15.81
N GLN D 48 -32.21 2.21 -17.00
CA GLN D 48 -31.47 2.36 -18.25
C GLN D 48 -31.02 3.81 -18.55
N TYR D 49 -31.61 4.77 -17.86
CA TYR D 49 -31.28 6.19 -18.06
C TYR D 49 -30.22 6.68 -17.07
N LEU D 50 -30.27 6.15 -15.85
CA LEU D 50 -29.28 6.52 -14.84
C LEU D 50 -27.92 5.94 -15.21
N VAL D 51 -27.91 5.14 -16.27
CA VAL D 51 -26.68 4.64 -16.89
C VAL D 51 -26.25 5.54 -18.05
N SER D 52 -27.17 5.69 -19.00
CA SER D 52 -26.94 6.43 -20.24
C SER D 52 -26.78 7.93 -20.07
N SER D 53 -26.96 8.43 -18.85
CA SER D 53 -26.77 9.85 -18.58
C SER D 53 -25.29 10.19 -18.38
N ARG D 54 -24.62 9.40 -17.56
CA ARG D 54 -23.24 9.67 -17.19
C ARG D 54 -22.29 9.43 -18.36
N LEU D 55 -22.60 8.43 -19.17
CA LEU D 55 -21.72 8.03 -20.26
C LEU D 55 -21.80 8.88 -21.51
N ASN D 56 -22.90 9.59 -21.70
CA ASN D 56 -23.04 10.42 -22.90
C ASN D 56 -22.08 11.61 -22.96
N LYS D 57 -21.63 12.10 -21.81
CA LYS D 57 -20.61 13.13 -21.82
C LYS D 57 -19.28 12.51 -22.21
N LEU D 58 -19.04 11.29 -21.74
CA LEU D 58 -17.82 10.56 -22.05
C LEU D 58 -17.84 10.08 -23.50
N MET D 59 -19.02 9.70 -23.98
CA MET D 59 -19.21 9.30 -25.37
C MET D 59 -19.21 10.49 -26.32
N GLU D 60 -19.35 11.68 -25.77
CA GLU D 60 -19.34 12.89 -26.60
C GLU D 60 -17.91 13.13 -27.07
N GLN D 61 -16.96 12.47 -26.43
CA GLN D 61 -15.59 12.50 -26.90
C GLN D 61 -15.44 11.43 -28.00
N GLN D 62 -15.91 11.79 -29.20
CA GLN D 62 -15.84 11.01 -30.44
C GLN D 62 -16.85 9.86 -30.58
N GLY D 63 -16.86 8.95 -29.61
CA GLY D 63 -17.69 7.75 -29.65
C GLY D 63 -19.19 7.91 -29.54
N ILE D 64 -19.88 8.08 -30.67
CA ILE D 64 -21.32 8.35 -30.63
C ILE D 64 -22.18 7.15 -31.01
N LYS D 65 -22.27 6.21 -30.07
CA LYS D 65 -23.06 4.98 -30.15
C LYS D 65 -22.82 4.16 -28.88
N SER D 66 -23.85 3.51 -28.37
CA SER D 66 -23.67 2.66 -27.19
C SER D 66 -23.02 1.36 -27.64
N LEU D 67 -22.99 1.13 -28.94
CA LEU D 67 -22.44 -0.08 -29.51
C LEU D 67 -21.04 0.16 -30.03
N GLY D 68 -20.70 1.44 -30.21
CA GLY D 68 -19.33 1.80 -30.55
C GLY D 68 -18.43 1.88 -29.34
N GLU D 69 -19.00 2.16 -28.18
CA GLU D 69 -18.23 2.16 -26.94
C GLU D 69 -17.84 0.74 -26.60
N LEU D 70 -18.82 -0.16 -26.76
CA LEU D 70 -18.60 -1.57 -26.53
C LEU D 70 -17.49 -2.11 -27.42
N VAL D 71 -17.52 -1.72 -28.69
CA VAL D 71 -16.53 -2.18 -29.66
C VAL D 71 -15.15 -1.52 -29.48
N GLN D 72 -15.13 -0.23 -29.17
CA GLN D 72 -13.86 0.49 -29.04
C GLN D 72 -13.14 0.15 -27.74
N ARG D 73 -13.86 -0.46 -26.82
CA ARG D 73 -13.29 -0.91 -25.56
C ARG D 73 -12.56 -2.24 -25.70
N ILE D 74 -12.85 -3.01 -26.74
CA ILE D 74 -12.32 -4.37 -26.83
C ILE D 74 -10.82 -4.44 -27.11
N GLN D 75 -10.32 -3.69 -28.09
CA GLN D 75 -8.87 -3.59 -28.23
C GLN D 75 -8.21 -2.68 -27.17
N THR D 76 -8.25 -3.09 -25.91
CA THR D 76 -7.76 -2.27 -24.80
C THR D 76 -6.24 -2.34 -24.75
N GLN D 77 -5.68 -2.18 -23.55
CA GLN D 77 -4.23 -2.08 -23.38
C GLN D 77 -3.63 -0.88 -24.10
N ARG D 78 -4.48 0.03 -24.57
CA ARG D 78 -3.97 1.23 -25.23
C ARG D 78 -4.61 2.52 -24.74
N GLY D 79 -5.86 2.76 -25.14
CA GLY D 79 -6.56 3.98 -24.78
C GLY D 79 -7.43 4.06 -23.55
N GLY D 80 -7.01 3.45 -22.44
CA GLY D 80 -7.70 3.51 -21.15
C GLY D 80 -9.17 3.90 -21.08
N LEU D 81 -9.88 3.69 -22.18
CA LEU D 81 -11.31 4.00 -22.28
C LEU D 81 -12.14 3.16 -21.34
N ARG D 82 -11.73 1.91 -21.15
CA ARG D 82 -12.41 1.02 -20.23
C ARG D 82 -12.32 1.62 -18.83
N GLU D 83 -11.15 2.13 -18.48
CA GLU D 83 -10.93 2.72 -17.17
C GLU D 83 -11.66 4.03 -17.01
N MET D 84 -11.98 4.66 -18.14
CA MET D 84 -12.70 5.93 -18.13
C MET D 84 -14.17 5.67 -17.93
N VAL D 85 -14.66 4.60 -18.55
CA VAL D 85 -16.04 4.19 -18.40
C VAL D 85 -16.31 3.73 -16.98
N VAL D 86 -15.35 2.98 -16.44
CA VAL D 86 -15.43 2.53 -15.06
C VAL D 86 -15.54 3.72 -14.11
N ASP D 87 -14.74 4.74 -14.35
CA ASP D 87 -14.79 5.97 -13.56
C ASP D 87 -16.12 6.69 -13.72
N ALA D 88 -16.59 6.78 -14.96
CA ALA D 88 -17.83 7.50 -15.26
C ALA D 88 -19.08 6.67 -14.96
N MET D 89 -18.91 5.42 -14.52
CA MET D 89 -20.04 4.63 -14.01
C MET D 89 -20.20 4.74 -12.50
N THR D 90 -19.21 5.32 -11.84
CA THR D 90 -19.29 5.47 -10.40
C THR D 90 -19.14 6.92 -9.95
N THR D 91 -20.07 7.36 -9.10
CA THR D 91 -19.97 8.66 -8.45
C THR D 91 -18.69 8.73 -7.64
N ASN D 92 -17.84 9.70 -7.94
CA ASN D 92 -16.58 9.85 -7.24
C ASN D 92 -16.76 10.70 -5.98
N GLU D 93 -17.70 10.31 -5.14
CA GLU D 93 -18.01 11.06 -3.92
C GLU D 93 -18.07 10.18 -2.68
N THR D 94 -17.61 10.72 -1.54
CA THR D 94 -17.69 10.02 -0.26
C THR D 94 -18.88 10.45 0.59
N LEU D 95 -19.87 9.58 0.71
CA LEU D 95 -21.08 9.88 1.45
C LEU D 95 -21.05 9.37 2.90
N TRP D 96 -22.07 9.79 3.64
CA TRP D 96 -22.38 9.26 4.96
C TRP D 96 -23.53 8.27 4.83
N PHE D 97 -23.34 7.06 5.36
CA PHE D 97 -24.32 5.98 5.22
C PHE D 97 -24.61 5.75 3.75
N ARG D 98 -23.59 5.32 3.02
CA ARG D 98 -23.67 5.13 1.58
C ARG D 98 -24.80 4.16 1.24
N ASP D 99 -25.69 4.61 0.37
CA ASP D 99 -26.85 3.84 -0.11
C ASP D 99 -27.90 3.62 0.99
N THR D 100 -27.52 3.87 2.23
CA THR D 100 -28.39 3.82 3.42
C THR D 100 -28.93 2.42 3.75
N TYR D 101 -29.11 1.58 2.74
CA TYR D 101 -29.66 0.24 2.95
C TYR D 101 -28.76 -0.72 3.75
N PRO D 102 -27.42 -0.70 3.53
CA PRO D 102 -26.68 -1.74 4.23
C PRO D 102 -26.65 -1.55 5.75
N PHE D 103 -26.89 -0.32 6.19
CA PHE D 103 -26.84 -0.02 7.61
C PHE D 103 -28.11 -0.41 8.35
N GLU D 104 -29.27 -0.27 7.71
CA GLU D 104 -30.48 -0.78 8.31
C GLU D 104 -30.51 -2.31 8.22
N VAL D 105 -29.97 -2.86 7.14
CA VAL D 105 -29.81 -4.31 7.00
C VAL D 105 -28.96 -4.80 8.15
N LEU D 106 -27.93 -4.03 8.47
CA LEU D 106 -27.08 -4.30 9.61
C LEU D 106 -27.90 -4.37 10.90
N LYS D 107 -28.79 -3.40 11.09
CA LYS D 107 -29.56 -3.28 12.33
C LYS D 107 -30.61 -4.38 12.50
N GLN D 108 -31.45 -4.54 11.48
CA GLN D 108 -32.63 -5.40 11.60
C GLN D 108 -32.46 -6.81 11.02
N ARG D 109 -31.27 -7.12 10.51
CA ARG D 109 -31.03 -8.44 9.95
C ARG D 109 -29.74 -9.06 10.48
N VAL D 110 -28.62 -8.41 10.22
CA VAL D 110 -27.31 -8.98 10.54
C VAL D 110 -27.08 -9.09 12.06
N LEU D 111 -27.23 -7.98 12.77
CA LEU D 111 -27.03 -7.94 14.21
C LEU D 111 -27.96 -8.87 15.01
N PRO D 112 -29.26 -8.94 14.68
CA PRO D 112 -30.11 -9.93 15.36
C PRO D 112 -29.65 -11.38 15.13
N GLU D 113 -29.21 -11.68 13.91
CA GLU D 113 -28.73 -13.01 13.56
C GLU D 113 -27.47 -13.38 14.34
N LEU D 114 -26.58 -12.42 14.50
CA LEU D 114 -25.27 -12.64 15.08
C LEU D 114 -25.31 -12.79 16.61
N ILE D 115 -26.21 -12.06 17.25
CA ILE D 115 -26.32 -12.15 18.71
C ILE D 115 -26.90 -13.50 19.14
N LYS D 116 -27.88 -14.00 18.40
CA LYS D 116 -28.51 -15.29 18.68
C LYS D 116 -27.53 -16.44 18.49
N ALA D 117 -26.58 -16.28 17.58
CA ALA D 117 -25.59 -17.32 17.29
C ALA D 117 -24.41 -17.29 18.25
N ASN D 118 -23.77 -16.13 18.35
CA ASN D 118 -22.56 -16.01 19.14
C ASN D 118 -22.86 -15.91 20.63
N GLY D 119 -24.02 -15.34 20.96
CA GLY D 119 -24.36 -15.09 22.34
C GLY D 119 -23.63 -13.84 22.79
N GLY D 120 -23.38 -13.74 24.10
CA GLY D 120 -22.67 -12.59 24.63
C GLY D 120 -21.19 -12.64 24.28
N GLN D 121 -20.79 -11.84 23.28
CA GLN D 121 -19.41 -11.81 22.83
C GLN D 121 -19.04 -10.50 22.11
N ARG D 122 -17.78 -10.10 22.28
CA ARG D 122 -17.21 -8.89 21.69
C ARG D 122 -17.05 -8.98 20.17
N LEU D 123 -17.79 -8.15 19.45
CA LEU D 123 -17.77 -8.17 17.98
C LEU D 123 -16.74 -7.24 17.31
N ARG D 124 -16.12 -7.76 16.25
CA ARG D 124 -15.15 -7.01 15.47
C ARG D 124 -15.68 -6.75 14.05
N ILE D 125 -15.53 -5.51 13.58
CA ILE D 125 -16.01 -5.14 12.24
C ILE D 125 -14.85 -4.69 11.36
N TRP D 126 -14.89 -5.07 10.08
CA TRP D 126 -13.81 -4.73 9.17
C TRP D 126 -14.13 -3.70 8.08
N SER D 127 -13.62 -2.48 8.27
CA SER D 127 -13.77 -1.40 7.30
C SER D 127 -12.57 -1.31 6.38
N ALA D 128 -12.65 -1.91 5.21
CA ALA D 128 -11.54 -1.91 4.28
C ALA D 128 -11.52 -0.63 3.45
N ALA D 129 -10.36 0.02 3.41
CA ALA D 129 -10.20 1.31 2.74
C ALA D 129 -11.22 2.31 3.26
N CYS D 130 -11.04 2.70 4.51
CA CYS D 130 -12.00 3.56 5.20
C CYS D 130 -11.96 4.99 4.71
N SER D 131 -10.87 5.34 4.02
CA SER D 131 -10.65 6.67 3.46
C SER D 131 -10.74 7.75 4.54
N SER D 132 -11.58 8.74 4.31
CA SER D 132 -11.70 9.88 5.21
C SER D 132 -12.42 9.57 6.53
N GLY D 133 -12.98 8.37 6.65
CA GLY D 133 -13.62 7.99 7.90
C GLY D 133 -15.12 7.78 7.95
N GLN D 134 -15.87 8.30 6.98
CA GLN D 134 -17.34 8.19 6.99
C GLN D 134 -17.90 6.79 7.21
N GLU D 135 -17.44 5.80 6.43
CA GLU D 135 -17.98 4.44 6.55
C GLU D 135 -17.83 3.85 7.96
N PRO D 136 -16.62 3.89 8.56
CA PRO D 136 -16.58 3.33 9.91
C PRO D 136 -17.35 4.15 10.96
N TYR D 137 -17.35 5.47 10.85
CA TYR D 137 -18.14 6.31 11.74
C TYR D 137 -19.63 6.13 11.51
N SER D 138 -20.02 5.91 10.26
CA SER D 138 -21.42 5.63 9.97
C SER D 138 -21.84 4.33 10.65
N LEU D 139 -20.95 3.36 10.66
CA LEU D 139 -21.20 2.10 11.34
C LEU D 139 -21.29 2.31 12.84
N SER D 140 -20.37 3.11 13.36
CA SER D 140 -20.33 3.45 14.78
C SER D 140 -21.61 4.15 15.23
N MET D 141 -22.13 5.04 14.40
CA MET D 141 -23.41 5.68 14.66
C MET D 141 -24.52 4.65 14.60
N ALA D 142 -24.43 3.76 13.61
CA ALA D 142 -25.43 2.70 13.43
C ALA D 142 -25.44 1.74 14.61
N ILE D 143 -24.27 1.52 15.19
CA ILE D 143 -24.12 0.69 16.39
C ILE D 143 -24.76 1.36 17.60
N ASP D 144 -24.41 2.63 17.81
CA ASP D 144 -24.93 3.41 18.92
C ASP D 144 -26.46 3.41 18.95
N GLU D 145 -27.07 3.65 17.81
CA GLU D 145 -28.53 3.70 17.72
C GLU D 145 -29.19 2.32 17.78
N PHE D 146 -28.43 1.27 17.51
CA PHE D 146 -28.96 -0.08 17.70
C PHE D 146 -28.88 -0.44 19.16
N GLU D 147 -27.79 -0.03 19.81
CA GLU D 147 -27.63 -0.25 21.24
C GLU D 147 -28.72 0.53 21.98
N LYS D 148 -29.10 1.68 21.44
CA LYS D 148 -30.12 2.52 22.06
C LYS D 148 -31.51 1.88 22.03
N THR D 149 -31.83 1.20 20.93
CA THR D 149 -33.13 0.54 20.77
C THR D 149 -33.08 -0.85 21.41
N ASN D 150 -31.99 -1.56 21.15
CA ASN D 150 -31.79 -2.93 21.61
C ASN D 150 -30.81 -2.99 22.77
N LEU D 151 -31.16 -2.36 23.89
CA LEU D 151 -30.29 -2.29 25.06
C LEU D 151 -30.17 -3.59 25.86
N GLY D 152 -29.00 -3.78 26.45
CA GLY D 152 -28.72 -4.94 27.28
C GLY D 152 -28.37 -6.22 26.54
N GLN D 153 -28.41 -6.18 25.22
CA GLN D 153 -28.09 -7.34 24.40
C GLN D 153 -26.79 -7.15 23.63
N LEU D 154 -26.37 -5.89 23.52
CA LEU D 154 -25.14 -5.56 22.81
C LEU D 154 -23.91 -6.19 23.49
N LYS D 155 -24.14 -7.05 24.47
CA LYS D 155 -23.04 -7.73 25.16
C LYS D 155 -22.04 -6.86 25.91
N ALA D 156 -20.76 -6.98 25.55
CA ALA D 156 -19.69 -6.25 26.21
C ALA D 156 -19.59 -4.95 25.43
N GLY D 157 -18.96 -5.03 24.28
CA GLY D 157 -18.83 -3.91 23.36
C GLY D 157 -18.55 -4.35 21.93
N VAL D 158 -18.42 -3.38 21.04
CA VAL D 158 -18.15 -3.66 19.64
C VAL D 158 -16.94 -2.87 19.14
N GLN D 159 -15.94 -3.60 18.64
CA GLN D 159 -14.73 -2.98 18.13
C GLN D 159 -14.73 -2.82 16.61
N ILE D 160 -14.72 -1.58 16.13
CA ILE D 160 -14.65 -1.34 14.69
C ILE D 160 -13.23 -1.04 14.26
N VAL D 161 -12.71 -1.83 13.32
CA VAL D 161 -11.37 -1.58 12.81
C VAL D 161 -11.42 -1.07 11.38
N ALA D 162 -10.91 0.14 11.18
CA ALA D 162 -10.89 0.75 9.85
C ALA D 162 -9.47 1.06 9.42
N THR D 163 -9.02 0.42 8.35
CA THR D 163 -7.64 0.58 7.90
C THR D 163 -7.55 1.07 6.47
N ASP D 164 -6.56 1.90 6.21
CA ASP D 164 -6.27 2.34 4.86
C ASP D 164 -4.81 2.74 4.85
N LEU D 165 -4.23 2.87 3.66
CA LEU D 165 -2.86 3.35 3.52
C LEU D 165 -2.64 4.62 4.34
N SER D 166 -1.66 4.56 5.23
CA SER D 166 -1.19 5.74 5.96
C SER D 166 -0.96 6.93 5.04
N GLY D 167 -1.78 7.97 5.19
CA GLY D 167 -1.63 9.16 4.38
C GLY D 167 -2.39 10.32 4.97
N SER D 168 -2.64 11.35 4.17
CA SER D 168 -3.34 12.53 4.64
C SER D 168 -4.85 12.33 4.83
N MET D 169 -5.36 11.18 4.45
CA MET D 169 -6.80 10.92 4.58
C MET D 169 -7.11 10.11 5.83
N LEU D 170 -6.31 9.09 6.09
CA LEU D 170 -6.46 8.28 7.29
C LEU D 170 -6.18 9.12 8.53
N THR D 171 -5.15 9.96 8.45
CA THR D 171 -4.83 10.87 9.53
C THR D 171 -5.98 11.87 9.73
N ALA D 172 -6.61 12.26 8.63
CA ALA D 172 -7.76 13.15 8.67
C ALA D 172 -8.98 12.46 9.29
N ALA D 173 -9.07 11.15 9.07
CA ALA D 173 -10.15 10.33 9.64
C ALA D 173 -10.09 10.28 11.16
N LYS D 174 -8.90 9.96 11.69
CA LYS D 174 -8.70 9.87 13.13
C LYS D 174 -9.04 11.19 13.82
N ALA D 175 -8.67 12.29 13.16
CA ALA D 175 -8.95 13.64 13.64
C ALA D 175 -10.44 13.97 13.79
N GLY D 176 -11.23 13.70 12.76
CA GLY D 176 -12.67 13.97 12.82
C GLY D 176 -13.04 15.37 12.35
N GLU D 177 -12.10 16.02 11.68
CA GLU D 177 -12.31 17.37 11.17
C GLU D 177 -13.04 17.35 9.83
N TYR D 178 -14.37 17.35 9.88
CA TYR D 178 -15.19 17.33 8.68
C TYR D 178 -15.73 18.72 8.35
N ASP D 179 -15.71 19.07 7.07
CA ASP D 179 -16.20 20.37 6.63
C ASP D 179 -17.72 20.42 6.62
N THR D 180 -18.27 21.58 6.98
CA THR D 180 -19.72 21.75 7.02
C THR D 180 -20.43 21.26 5.75
N LEU D 181 -19.75 21.31 4.62
CA LEU D 181 -20.36 20.87 3.36
C LEU D 181 -20.51 19.35 3.30
N ALA D 182 -19.54 18.65 3.89
CA ALA D 182 -19.55 17.19 3.90
C ALA D 182 -20.70 16.62 4.71
N MET D 183 -21.22 17.42 5.65
CA MET D 183 -22.30 16.99 6.52
C MET D 183 -23.65 16.94 5.81
N GLY D 184 -23.80 17.71 4.74
CA GLY D 184 -25.04 17.73 3.99
C GLY D 184 -25.23 16.52 3.10
N ARG D 185 -24.20 15.69 2.98
CA ARG D 185 -24.23 14.59 2.03
C ARG D 185 -24.49 13.24 2.69
N GLY D 186 -25.74 12.78 2.57
CA GLY D 186 -26.16 11.49 3.09
C GLY D 186 -26.42 11.38 4.59
N LEU D 187 -26.41 12.52 5.28
CA LEU D 187 -26.61 12.48 6.73
C LEU D 187 -27.84 13.25 7.18
N SER D 188 -28.75 12.56 7.86
CA SER D 188 -29.94 13.21 8.41
C SER D 188 -29.53 14.21 9.49
N PRO D 189 -30.28 15.32 9.60
CA PRO D 189 -29.99 16.36 10.61
C PRO D 189 -30.09 15.85 12.04
N GLU D 190 -30.93 14.83 12.27
CA GLU D 190 -31.00 14.17 13.57
C GLU D 190 -29.65 13.61 13.95
N ARG D 191 -29.09 12.80 13.07
CA ARG D 191 -27.80 12.16 13.29
C ARG D 191 -26.70 13.20 13.44
N LEU D 192 -26.87 14.32 12.74
CA LEU D 192 -25.90 15.40 12.77
C LEU D 192 -25.85 16.09 14.14
N GLN D 193 -27.01 16.48 14.65
CA GLN D 193 -27.07 17.13 15.95
C GLN D 193 -26.64 16.20 17.07
N ARG D 194 -26.99 14.91 16.95
CA ARG D 194 -26.75 13.95 18.01
C ARG D 194 -25.30 13.46 18.10
N TYR D 195 -24.70 13.13 16.96
CA TYR D 195 -23.39 12.50 16.96
C TYR D 195 -22.24 13.44 16.59
N PHE D 196 -22.53 14.72 16.44
CA PHE D 196 -21.50 15.68 16.03
C PHE D 196 -21.48 16.95 16.86
N ASP D 197 -20.28 17.31 17.31
CA ASP D 197 -20.03 18.61 17.94
C ASP D 197 -19.43 19.57 16.93
N ALA D 198 -19.99 20.78 16.83
CA ALA D 198 -19.45 21.79 15.93
C ALA D 198 -18.23 22.46 16.54
N LYS D 199 -17.05 22.17 16.00
CA LYS D 199 -15.80 22.74 16.51
C LYS D 199 -15.22 23.79 15.56
N GLY D 200 -16.06 24.75 15.18
CA GLY D 200 -15.63 25.79 14.26
C GLY D 200 -16.82 26.38 13.53
N PRO D 201 -16.60 27.50 12.82
CA PRO D 201 -17.65 28.09 11.99
C PRO D 201 -17.97 27.20 10.77
N GLY D 202 -16.94 26.60 10.19
CA GLY D 202 -17.11 25.73 9.05
C GLY D 202 -16.73 24.27 9.28
N ARG D 203 -16.49 23.90 10.54
CA ARG D 203 -16.09 22.52 10.84
C ARG D 203 -17.02 21.84 11.86
N TRP D 204 -17.04 20.51 11.82
CA TRP D 204 -17.88 19.70 12.69
C TRP D 204 -17.11 18.47 13.14
N ALA D 205 -17.14 18.17 14.43
CA ALA D 205 -16.35 17.04 14.90
C ALA D 205 -17.24 15.91 15.40
N VAL D 206 -16.74 14.69 15.25
CA VAL D 206 -17.46 13.52 15.69
C VAL D 206 -17.50 13.48 17.21
N LYS D 207 -18.64 13.10 17.77
CA LYS D 207 -18.77 12.99 19.22
C LYS D 207 -17.83 11.90 19.72
N PRO D 208 -17.06 12.21 20.76
CA PRO D 208 -16.01 11.33 21.31
C PRO D 208 -16.49 9.91 21.60
N ALA D 209 -17.76 9.77 21.95
CA ALA D 209 -18.36 8.47 22.20
C ALA D 209 -18.32 7.61 20.94
N ILE D 210 -18.51 8.26 19.79
CA ILE D 210 -18.47 7.58 18.51
C ILE D 210 -17.03 7.32 18.05
N ARG D 211 -16.15 8.31 18.24
CA ARG D 211 -14.74 8.18 17.87
C ARG D 211 -14.04 7.03 18.58
N SER D 212 -14.32 6.85 19.87
CA SER D 212 -13.61 5.88 20.69
C SER D 212 -14.01 4.44 20.37
N ARG D 213 -15.10 4.27 19.63
CA ARG D 213 -15.63 2.94 19.33
C ARG D 213 -14.86 2.30 18.18
N VAL D 214 -14.13 3.13 17.43
CA VAL D 214 -13.37 2.67 16.27
C VAL D 214 -11.87 2.80 16.51
N GLU D 215 -11.11 1.89 15.94
CA GLU D 215 -9.66 2.01 15.95
C GLU D 215 -9.09 2.00 14.54
N PHE D 216 -8.31 3.03 14.22
CA PHE D 216 -7.70 3.15 12.92
C PHE D 216 -6.26 2.67 12.94
N ARG D 217 -5.91 1.78 12.01
CA ARG D 217 -4.53 1.34 11.89
C ARG D 217 -4.12 1.41 10.42
N ALA D 218 -2.88 1.79 10.15
CA ALA D 218 -2.43 1.95 8.77
C ALA D 218 -2.14 0.59 8.12
N LEU D 219 -2.80 0.34 6.99
CA LEU D 219 -2.61 -0.91 6.25
C LEU D 219 -2.82 -0.75 4.75
N ASN D 220 -1.95 -1.37 3.97
CA ASN D 220 -2.13 -1.49 2.54
C ASN D 220 -2.90 -2.77 2.25
N LEU D 221 -3.96 -2.66 1.45
CA LEU D 221 -4.86 -3.80 1.22
C LEU D 221 -4.19 -4.95 0.48
N LEU D 222 -3.01 -4.69 -0.08
CA LEU D 222 -2.24 -5.73 -0.75
C LEU D 222 -1.33 -6.51 0.21
N ASP D 223 -1.26 -6.07 1.46
CA ASP D 223 -0.39 -6.73 2.43
C ASP D 223 -1.15 -7.75 3.27
N SER D 224 -0.45 -8.36 4.23
CA SER D 224 -1.05 -9.43 5.03
C SER D 224 -2.06 -8.89 6.02
N TYR D 225 -3.15 -9.64 6.18
CA TYR D 225 -4.23 -9.24 7.06
C TYR D 225 -4.11 -9.97 8.39
N ALA D 226 -2.96 -10.59 8.62
CA ALA D 226 -2.73 -11.40 9.81
C ALA D 226 -2.75 -10.51 11.04
N SER D 227 -2.24 -9.30 10.89
CA SER D 227 -2.14 -8.34 11.98
C SER D 227 -3.52 -7.91 12.48
N LEU D 228 -4.55 -8.11 11.66
CA LEU D 228 -5.89 -7.63 11.97
C LEU D 228 -6.68 -8.54 12.89
N GLY D 229 -6.45 -9.85 12.78
CA GLY D 229 -7.25 -10.80 13.53
C GLY D 229 -8.49 -11.18 12.74
N LYS D 230 -9.48 -11.73 13.43
CA LYS D 230 -10.69 -12.19 12.77
C LYS D 230 -11.83 -11.20 12.96
N PHE D 231 -12.71 -11.14 11.98
CA PHE D 231 -13.82 -10.19 11.96
C PHE D 231 -15.14 -10.93 11.79
N ASP D 232 -16.21 -10.37 12.34
CA ASP D 232 -17.53 -10.98 12.16
C ASP D 232 -18.16 -10.56 10.84
N MET D 233 -17.92 -9.32 10.44
CA MET D 233 -18.43 -8.79 9.17
C MET D 233 -17.39 -7.92 8.49
N VAL D 234 -17.46 -7.85 7.18
CA VAL D 234 -16.51 -7.05 6.41
C VAL D 234 -17.14 -6.03 5.47
N PHE D 235 -16.68 -4.78 5.59
CA PHE D 235 -17.14 -3.71 4.73
C PHE D 235 -16.03 -3.25 3.80
N CYS D 236 -16.09 -3.68 2.54
CA CYS D 236 -15.17 -3.22 1.52
C CYS D 236 -15.98 -2.80 0.30
N ARG D 237 -16.20 -1.49 0.16
CA ARG D 237 -17.20 -1.04 -0.80
C ARG D 237 -16.67 -0.03 -1.79
N ASN D 238 -16.96 -0.30 -3.06
CA ASN D 238 -16.49 0.51 -4.18
C ASN D 238 -14.96 0.59 -4.19
N VAL D 239 -14.35 -0.59 -4.08
CA VAL D 239 -12.91 -0.70 -3.97
C VAL D 239 -12.35 -1.66 -5.01
N LEU D 240 -12.89 -2.88 -4.99
CA LEU D 240 -12.34 -4.01 -5.72
C LEU D 240 -12.48 -3.86 -7.23
N ILE D 241 -13.46 -3.08 -7.66
CA ILE D 241 -13.70 -2.85 -9.09
C ILE D 241 -12.56 -2.06 -9.70
N TYR D 242 -11.81 -1.36 -8.85
CA TYR D 242 -10.70 -0.55 -9.31
C TYR D 242 -9.41 -1.35 -9.36
N PHE D 243 -9.52 -2.65 -9.11
CA PHE D 243 -8.38 -3.55 -9.26
C PHE D 243 -8.62 -4.44 -10.46
N SER D 244 -7.64 -5.27 -10.79
CA SER D 244 -7.78 -6.20 -11.90
C SER D 244 -8.60 -7.41 -11.45
N ALA D 245 -8.55 -8.47 -12.23
CA ALA D 245 -9.30 -9.68 -11.91
C ALA D 245 -8.46 -10.62 -11.06
N GLU D 246 -7.17 -10.68 -11.38
CA GLU D 246 -6.24 -11.56 -10.68
C GLU D 246 -6.07 -11.15 -9.22
N VAL D 247 -6.01 -9.85 -8.98
CA VAL D 247 -5.83 -9.34 -7.62
C VAL D 247 -7.16 -9.15 -6.90
N LYS D 248 -8.25 -9.04 -7.65
CA LYS D 248 -9.58 -8.98 -7.04
C LYS D 248 -9.88 -10.30 -6.36
N ARG D 249 -9.60 -11.39 -7.06
CA ARG D 249 -9.79 -12.71 -6.48
C ARG D 249 -8.88 -12.92 -5.27
N ASP D 250 -7.66 -12.39 -5.36
CA ASP D 250 -6.67 -12.54 -4.30
C ASP D 250 -7.03 -11.92 -2.94
N ILE D 251 -7.41 -10.65 -2.93
CA ILE D 251 -7.74 -9.99 -1.67
C ILE D 251 -9.02 -10.57 -1.07
N LEU D 252 -9.95 -10.95 -1.94
CA LEU D 252 -11.21 -11.56 -1.52
C LEU D 252 -10.96 -12.83 -0.72
N LEU D 253 -9.93 -13.59 -1.11
CA LEU D 253 -9.59 -14.82 -0.40
C LEU D 253 -8.90 -14.52 0.94
N ARG D 254 -8.09 -13.46 0.98
CA ARG D 254 -7.40 -13.09 2.22
C ARG D 254 -8.33 -12.41 3.22
N ILE D 255 -9.41 -11.81 2.73
CA ILE D 255 -10.46 -11.26 3.59
C ILE D 255 -11.35 -12.39 4.09
N HIS D 256 -11.44 -13.43 3.27
CA HIS D 256 -12.15 -14.65 3.64
C HIS D 256 -11.45 -15.34 4.81
N GLY D 257 -10.12 -15.20 4.86
CA GLY D 257 -9.34 -15.68 5.99
C GLY D 257 -9.57 -14.89 7.28
N THR D 258 -9.99 -13.64 7.14
CA THR D 258 -10.23 -12.78 8.29
C THR D 258 -11.73 -12.68 8.56
N LEU D 259 -12.43 -13.77 8.30
CA LEU D 259 -13.87 -13.84 8.55
C LEU D 259 -14.27 -15.11 9.27
N LYS D 260 -15.00 -14.95 10.38
CA LYS D 260 -15.56 -16.08 11.09
C LYS D 260 -16.52 -16.81 10.15
N PRO D 261 -16.59 -18.14 10.24
CA PRO D 261 -17.45 -18.92 9.35
C PRO D 261 -18.90 -18.46 9.42
N GLY D 262 -19.48 -18.17 8.26
CA GLY D 262 -20.82 -17.62 8.19
C GLY D 262 -20.81 -16.12 8.40
N GLY D 263 -19.62 -15.54 8.33
CA GLY D 263 -19.45 -14.11 8.50
C GLY D 263 -19.90 -13.40 7.24
N TYR D 264 -20.20 -12.12 7.34
CA TYR D 264 -20.79 -11.41 6.21
C TYR D 264 -19.82 -10.43 5.57
N LEU D 265 -19.97 -10.28 4.25
CA LEU D 265 -19.16 -9.38 3.47
C LEU D 265 -20.02 -8.41 2.69
N PHE D 266 -19.72 -7.12 2.83
CA PHE D 266 -20.46 -6.10 2.10
C PHE D 266 -19.52 -5.54 1.05
N LEU D 267 -19.84 -5.78 -0.22
CA LEU D 267 -18.97 -5.34 -1.32
C LEU D 267 -19.49 -4.04 -1.94
N GLY D 268 -20.55 -3.50 -1.35
CA GLY D 268 -21.14 -2.28 -1.84
C GLY D 268 -21.99 -2.50 -3.07
N ALA D 269 -22.81 -1.51 -3.39
CA ALA D 269 -23.73 -1.59 -4.53
C ALA D 269 -23.07 -1.88 -5.88
N SER D 270 -23.86 -2.45 -6.79
CA SER D 270 -23.39 -2.77 -8.14
C SER D 270 -21.96 -3.30 -8.22
N GLU D 271 -21.63 -4.25 -7.35
CA GLU D 271 -20.30 -4.88 -7.36
C GLU D 271 -20.39 -6.40 -7.49
N ALA D 272 -19.77 -6.96 -8.53
CA ALA D 272 -19.77 -8.40 -8.76
C ALA D 272 -18.87 -9.12 -7.78
N LEU D 273 -19.14 -10.41 -7.54
CA LEU D 273 -18.29 -11.23 -6.69
C LEU D 273 -17.51 -12.25 -7.51
N ASN D 274 -17.84 -12.33 -8.80
CA ASN D 274 -17.22 -13.26 -9.73
C ASN D 274 -17.41 -14.72 -9.33
N ASN D 275 -16.65 -15.60 -9.99
CA ASN D 275 -16.76 -17.03 -9.72
C ASN D 275 -15.72 -17.54 -8.73
N LEU D 276 -16.04 -17.44 -7.44
CA LEU D 276 -15.13 -17.94 -6.41
C LEU D 276 -15.37 -19.44 -6.28
N PRO D 277 -14.33 -20.21 -5.94
CA PRO D 277 -14.61 -21.64 -5.80
C PRO D 277 -15.47 -21.88 -4.58
N ASP D 278 -16.79 -21.84 -4.78
CA ASP D 278 -17.80 -21.82 -3.72
C ASP D 278 -17.28 -21.40 -2.35
N HIS D 279 -16.70 -20.21 -2.28
CA HIS D 279 -16.16 -19.71 -1.02
C HIS D 279 -17.16 -18.83 -0.27
N TYR D 280 -17.51 -17.71 -0.89
CA TYR D 280 -18.51 -16.80 -0.33
C TYR D 280 -19.90 -17.11 -0.89
N GLN D 281 -20.88 -17.27 0.00
CA GLN D 281 -22.28 -17.50 -0.40
C GLN D 281 -23.07 -16.20 -0.46
N MET D 282 -23.75 -15.99 -1.59
CA MET D 282 -24.53 -14.77 -1.80
C MET D 282 -25.84 -14.76 -1.03
N VAL D 283 -26.01 -13.76 -0.17
CA VAL D 283 -27.22 -13.62 0.64
C VAL D 283 -28.05 -12.41 0.20
N GLN D 284 -29.15 -12.68 -0.49
CA GLN D 284 -30.01 -11.61 -0.98
C GLN D 284 -30.94 -11.08 0.11
N CYS D 285 -30.90 -9.76 0.32
CA CYS D 285 -31.87 -9.12 1.18
C CYS D 285 -32.99 -8.57 0.31
N SER D 286 -34.00 -7.97 0.93
CA SER D 286 -35.04 -7.30 0.17
C SER D 286 -34.44 -6.06 -0.51
N PRO D 287 -33.75 -5.19 0.26
CA PRO D 287 -33.05 -4.08 -0.40
C PRO D 287 -31.56 -4.39 -0.68
N GLY D 288 -31.26 -5.19 -1.70
CA GLY D 288 -29.88 -5.47 -2.06
C GLY D 288 -29.35 -6.79 -1.57
N ILE D 289 -28.03 -6.98 -1.69
CA ILE D 289 -27.42 -8.27 -1.37
C ILE D 289 -26.12 -8.15 -0.57
N ILE D 290 -25.86 -9.17 0.25
CA ILE D 290 -24.62 -9.28 1.00
C ILE D 290 -24.04 -10.69 0.82
N TYR D 291 -22.83 -10.91 1.33
CA TYR D 291 -22.15 -12.19 1.08
C TYR D 291 -21.69 -12.87 2.37
N ARG D 292 -21.99 -14.15 2.49
CA ARG D 292 -21.66 -14.94 3.68
C ARG D 292 -20.53 -15.93 3.40
N ALA D 293 -19.66 -16.13 4.38
CA ALA D 293 -18.49 -17.00 4.21
C ALA D 293 -18.82 -18.46 4.51
N ASN E 25 10.94 6.34 -0.98
CA ASN E 25 11.81 6.05 -2.12
C ASN E 25 11.09 6.28 -3.44
N ALA E 26 9.90 6.85 -3.36
CA ALA E 26 9.14 7.17 -4.56
C ALA E 26 9.70 8.45 -5.14
N ASP E 27 10.11 9.35 -4.26
CA ASP E 27 10.68 10.62 -4.68
C ASP E 27 12.19 10.49 -4.80
N PHE E 28 12.63 9.32 -5.25
CA PHE E 28 14.03 9.08 -5.50
C PHE E 28 14.12 8.65 -6.95
N GLU E 29 13.16 7.82 -7.33
CA GLU E 29 13.04 7.38 -8.71
C GLU E 29 12.93 8.60 -9.63
N LEU E 30 12.20 9.61 -9.20
CA LEU E 30 12.12 10.87 -9.94
C LEU E 30 13.49 11.55 -9.99
N PHE E 31 14.21 11.44 -8.89
CA PHE E 31 15.51 12.08 -8.78
C PHE E 31 16.55 11.47 -9.72
N ARG E 32 16.65 10.14 -9.74
CA ARG E 32 17.62 9.46 -10.58
C ARG E 32 17.30 9.67 -12.06
N VAL E 33 16.02 9.76 -12.39
CA VAL E 33 15.60 10.04 -13.75
C VAL E 33 16.04 11.43 -14.16
N PHE E 34 15.97 12.37 -13.24
CA PHE E 34 16.44 13.73 -13.52
C PHE E 34 17.92 13.66 -13.81
N LEU E 35 18.66 12.99 -12.93
CA LEU E 35 20.10 12.90 -13.05
C LEU E 35 20.53 12.31 -14.39
N GLU E 36 19.86 11.25 -14.82
CA GLU E 36 20.17 10.64 -16.12
C GLU E 36 19.89 11.61 -17.27
N LYS E 37 18.77 12.30 -17.18
CA LYS E 37 18.37 13.24 -18.23
C LYS E 37 19.34 14.42 -18.35
N THR E 38 19.79 14.96 -17.23
CA THR E 38 20.61 16.17 -17.25
C THR E 38 22.11 15.93 -17.09
N CYS E 39 22.50 15.49 -15.89
CA CYS E 39 23.92 15.34 -15.56
C CYS E 39 24.55 14.08 -16.16
N GLY E 40 23.70 13.17 -16.62
CA GLY E 40 24.15 11.93 -17.21
C GLY E 40 24.77 10.97 -16.20
N ILE E 41 24.10 10.80 -15.06
CA ILE E 41 24.59 9.88 -14.03
C ILE E 41 23.49 8.90 -13.56
N VAL E 42 23.78 7.63 -13.74
CA VAL E 42 22.90 6.53 -13.35
C VAL E 42 23.27 6.04 -11.95
N LEU E 43 22.41 5.25 -11.31
CA LEU E 43 22.73 4.77 -9.97
C LEU E 43 22.81 3.26 -9.88
N GLY E 44 22.10 2.66 -8.94
CA GLY E 44 22.24 1.23 -8.74
C GLY E 44 21.01 0.37 -8.84
N SER E 45 20.00 0.82 -9.59
CA SER E 45 18.77 0.05 -9.79
C SER E 45 18.27 -0.38 -8.43
N ASN E 46 17.65 0.57 -7.72
CA ASN E 46 17.16 0.42 -6.35
C ASN E 46 18.39 0.59 -5.46
N LYS E 47 18.27 0.25 -4.18
CA LYS E 47 19.35 0.47 -3.22
C LYS E 47 19.78 1.94 -3.26
N GLN E 48 21.09 2.17 -3.27
CA GLN E 48 21.65 3.52 -3.26
C GLN E 48 21.08 4.35 -2.10
N TYR E 49 21.37 3.90 -0.89
CA TYR E 49 20.99 4.59 0.33
C TYR E 49 22.16 5.47 0.75
N LEU E 50 23.36 5.01 0.46
CA LEU E 50 24.58 5.77 0.75
C LEU E 50 24.62 7.02 -0.13
N VAL E 51 23.63 7.13 -1.01
CA VAL E 51 23.39 8.33 -1.79
C VAL E 51 22.42 9.19 -0.99
N SER E 52 21.26 8.63 -0.67
CA SER E 52 20.23 9.37 0.05
C SER E 52 20.69 9.69 1.48
N SER E 53 21.82 9.12 1.86
CA SER E 53 22.47 9.42 3.12
C SER E 53 23.36 10.63 2.90
N ARG E 54 24.12 10.59 1.81
CA ARG E 54 25.11 11.61 1.51
C ARG E 54 24.40 12.91 1.17
N LEU E 55 23.26 12.81 0.50
CA LEU E 55 22.53 14.00 0.10
C LEU E 55 21.69 14.55 1.24
N ASN E 56 21.39 13.71 2.22
CA ASN E 56 20.62 14.15 3.37
C ASN E 56 21.39 15.16 4.22
N LYS E 57 22.71 15.05 4.18
CA LYS E 57 23.60 16.03 4.81
C LYS E 57 23.62 17.34 4.03
N LEU E 58 23.62 17.23 2.71
CA LEU E 58 23.64 18.38 1.82
C LEU E 58 22.29 19.08 1.81
N MET E 59 21.23 18.30 1.96
CA MET E 59 19.88 18.84 1.99
C MET E 59 19.65 19.60 3.29
N GLU E 60 20.51 19.37 4.27
CA GLU E 60 20.46 20.09 5.54
C GLU E 60 21.09 21.48 5.36
N GLN E 61 21.87 21.66 4.31
CA GLN E 61 22.53 22.93 4.05
C GLN E 61 21.50 23.99 3.68
N GLN E 62 20.26 23.52 3.65
CA GLN E 62 19.09 24.30 3.36
C GLN E 62 17.95 23.36 3.72
N GLY E 63 16.75 23.71 3.27
CA GLY E 63 15.56 22.92 3.51
C GLY E 63 15.62 21.43 3.23
N ILE E 64 14.74 20.69 3.91
CA ILE E 64 14.64 19.25 3.74
C ILE E 64 13.49 18.95 2.80
N LYS E 65 13.81 18.36 1.65
CA LYS E 65 12.83 18.04 0.64
C LYS E 65 13.56 17.63 -0.64
N SER E 66 13.55 16.35 -0.98
CA SER E 66 14.15 15.91 -2.23
C SER E 66 13.26 16.42 -3.34
N LEU E 67 13.72 16.33 -4.58
CA LEU E 67 12.95 16.83 -5.74
C LEU E 67 12.74 18.35 -5.69
N GLY E 68 12.42 18.89 -4.52
CA GLY E 68 12.39 20.33 -4.37
C GLY E 68 13.82 20.82 -4.24
N GLU E 69 14.70 19.92 -3.82
CA GLU E 69 16.14 20.16 -3.83
C GLU E 69 16.62 20.10 -5.27
N LEU E 70 16.05 19.14 -5.99
CA LEU E 70 16.26 18.93 -7.41
C LEU E 70 15.90 20.18 -8.21
N VAL E 71 14.84 20.86 -7.78
CA VAL E 71 14.33 22.06 -8.44
C VAL E 71 15.28 23.24 -8.32
N GLN E 72 15.87 23.39 -7.15
CA GLN E 72 16.79 24.49 -6.87
C GLN E 72 18.14 24.22 -7.55
N ARG E 73 18.34 22.98 -8.00
CA ARG E 73 19.52 22.59 -8.77
C ARG E 73 19.37 22.96 -10.24
N ILE E 74 18.11 23.08 -10.67
CA ILE E 74 17.77 23.45 -12.06
C ILE E 74 18.00 24.94 -12.18
N GLN E 75 18.60 25.50 -11.15
CA GLN E 75 18.95 26.91 -11.13
C GLN E 75 19.93 27.24 -12.19
N THR E 76 20.30 28.50 -12.17
CA THR E 76 21.11 29.02 -13.21
C THR E 76 22.50 28.52 -13.00
N GLN E 77 23.36 28.77 -13.97
CA GLN E 77 24.73 28.34 -13.86
C GLN E 77 25.39 29.16 -12.74
N ARG E 78 24.57 29.96 -12.06
CA ARG E 78 24.95 30.80 -10.93
C ARG E 78 25.01 30.08 -9.57
N GLY E 79 24.74 28.79 -9.55
CA GLY E 79 24.82 28.04 -8.31
C GLY E 79 25.73 26.83 -8.42
N GLY E 80 26.57 26.64 -7.41
CA GLY E 80 27.40 25.46 -7.33
C GLY E 80 26.72 24.28 -6.67
N LEU E 81 25.41 24.40 -6.48
CA LEU E 81 24.64 23.31 -5.90
C LEU E 81 24.60 22.08 -6.80
N ARG E 82 24.54 22.31 -8.11
CA ARG E 82 24.51 21.20 -9.05
C ARG E 82 25.78 20.36 -8.90
N GLU E 83 26.91 21.03 -8.78
CA GLU E 83 28.19 20.36 -8.63
C GLU E 83 28.30 19.76 -7.23
N MET E 84 27.49 20.26 -6.32
CA MET E 84 27.54 19.79 -4.95
C MET E 84 26.79 18.47 -4.81
N VAL E 85 25.68 18.34 -5.53
CA VAL E 85 24.93 17.09 -5.52
C VAL E 85 25.75 15.98 -6.16
N VAL E 86 26.44 16.31 -7.24
CA VAL E 86 27.32 15.38 -7.94
C VAL E 86 28.42 14.78 -7.04
N ASP E 87 29.08 15.62 -6.24
CA ASP E 87 30.09 15.13 -5.29
C ASP E 87 29.50 14.26 -4.20
N ALA E 88 28.21 14.41 -3.97
CA ALA E 88 27.52 13.65 -2.94
C ALA E 88 27.03 12.34 -3.54
N MET E 89 27.29 12.17 -4.84
CA MET E 89 26.96 10.91 -5.50
C MET E 89 28.15 9.95 -5.52
N THR E 90 29.35 10.48 -5.24
CA THR E 90 30.56 9.67 -5.21
C THR E 90 31.31 9.81 -3.89
N THR E 91 31.77 8.69 -3.35
CA THR E 91 32.61 8.70 -2.15
C THR E 91 33.80 9.61 -2.41
N ASN E 92 33.96 10.62 -1.57
CA ASN E 92 35.00 11.62 -1.73
C ASN E 92 36.31 11.14 -1.10
N GLU E 93 36.71 9.93 -1.51
CA GLU E 93 37.92 9.26 -1.02
C GLU E 93 38.76 8.80 -2.20
N THR E 94 40.06 8.70 -1.97
CA THR E 94 41.00 8.24 -2.99
C THR E 94 41.00 6.71 -2.92
N LEU E 95 40.57 6.06 -3.99
CA LEU E 95 40.46 4.60 -3.98
C LEU E 95 41.63 3.71 -4.43
N TRP E 96 41.48 2.43 -4.08
CA TRP E 96 42.39 1.34 -4.38
C TRP E 96 41.44 0.31 -4.99
N PHE E 97 41.69 -0.07 -6.23
CA PHE E 97 40.80 -0.98 -6.92
C PHE E 97 39.36 -0.51 -6.74
N ARG E 98 39.04 0.68 -7.24
CA ARG E 98 37.71 1.25 -6.99
C ARG E 98 36.59 0.34 -7.48
N ASP E 99 35.65 0.06 -6.58
CA ASP E 99 34.48 -0.78 -6.87
C ASP E 99 34.86 -2.25 -7.08
N THR E 100 36.16 -2.49 -7.21
CA THR E 100 36.75 -3.84 -7.31
C THR E 100 36.35 -4.60 -8.57
N TYR E 101 35.14 -4.37 -9.07
CA TYR E 101 34.65 -5.09 -10.24
C TYR E 101 35.43 -4.76 -11.53
N PRO E 102 35.83 -3.48 -11.77
CA PRO E 102 36.44 -3.26 -13.08
C PRO E 102 37.81 -3.93 -13.23
N PHE E 103 38.43 -4.24 -12.10
CA PHE E 103 39.73 -4.87 -12.10
C PHE E 103 39.61 -6.39 -12.30
N GLU E 104 38.54 -6.98 -11.78
CA GLU E 104 38.25 -8.37 -12.09
C GLU E 104 37.80 -8.50 -13.55
N VAL E 105 37.06 -7.50 -14.02
CA VAL E 105 36.67 -7.42 -15.43
C VAL E 105 37.91 -7.37 -16.32
N LEU E 106 38.87 -6.54 -15.92
CA LEU E 106 40.12 -6.41 -16.66
C LEU E 106 40.83 -7.75 -16.83
N LYS E 107 40.96 -8.48 -15.73
CA LYS E 107 41.71 -9.73 -15.74
C LYS E 107 40.99 -10.81 -16.52
N GLN E 108 39.70 -10.98 -16.20
CA GLN E 108 38.94 -12.13 -16.65
C GLN E 108 38.11 -11.88 -17.91
N ARG E 109 38.19 -10.69 -18.48
CA ARG E 109 37.40 -10.35 -19.66
C ARG E 109 38.21 -9.62 -20.73
N VAL E 110 38.71 -8.43 -20.38
CA VAL E 110 39.37 -7.54 -21.34
C VAL E 110 40.74 -8.02 -21.85
N LEU E 111 41.67 -8.28 -20.94
CA LEU E 111 43.02 -8.70 -21.33
C LEU E 111 43.10 -9.98 -22.16
N PRO E 112 42.30 -11.01 -21.80
CA PRO E 112 42.30 -12.18 -22.70
C PRO E 112 41.87 -11.84 -24.11
N GLU E 113 40.89 -10.94 -24.23
CA GLU E 113 40.39 -10.51 -25.52
C GLU E 113 41.43 -9.78 -26.37
N LEU E 114 42.24 -8.93 -25.72
CA LEU E 114 43.21 -8.11 -26.44
C LEU E 114 44.44 -8.88 -26.87
N ILE E 115 44.84 -9.87 -26.08
CA ILE E 115 45.99 -10.69 -26.42
C ILE E 115 45.66 -11.53 -27.65
N LYS E 116 44.42 -12.03 -27.70
CA LYS E 116 43.97 -12.83 -28.84
C LYS E 116 43.98 -12.00 -30.13
N ALA E 117 43.69 -10.70 -30.01
CA ALA E 117 43.66 -9.80 -31.14
C ALA E 117 45.05 -9.25 -31.49
N ASN E 118 45.72 -8.68 -30.49
CA ASN E 118 47.00 -8.00 -30.67
C ASN E 118 48.15 -8.99 -30.81
N GLY E 119 48.02 -10.15 -30.16
CA GLY E 119 49.09 -11.11 -30.10
C GLY E 119 50.11 -10.66 -29.07
N GLY E 120 49.60 -10.22 -27.92
CA GLY E 120 50.40 -9.73 -26.80
C GLY E 120 51.66 -8.99 -27.18
N GLN E 121 51.53 -7.96 -28.02
CA GLN E 121 52.66 -7.17 -28.49
C GLN E 121 52.80 -5.85 -27.73
N ARG E 122 52.97 -5.94 -26.41
CA ARG E 122 53.16 -4.77 -25.56
C ARG E 122 52.02 -3.74 -25.43
N LEU E 123 50.86 -4.15 -24.94
CA LEU E 123 49.76 -3.22 -24.72
C LEU E 123 50.06 -2.10 -23.70
N ARG E 124 49.58 -0.89 -24.03
CA ARG E 124 49.72 0.30 -23.20
C ARG E 124 48.36 0.80 -22.72
N ILE E 125 48.31 1.14 -21.45
CA ILE E 125 47.08 1.59 -20.79
C ILE E 125 47.22 3.02 -20.29
N TRP E 126 46.14 3.79 -20.41
CA TRP E 126 46.15 5.18 -19.95
C TRP E 126 45.33 5.37 -18.69
N SER E 127 45.99 5.84 -17.62
CA SER E 127 45.28 6.27 -16.42
C SER E 127 45.16 7.79 -16.46
N ALA E 128 44.00 8.27 -16.92
CA ALA E 128 43.76 9.70 -17.06
C ALA E 128 43.33 10.32 -15.72
N ALA E 129 43.99 11.40 -15.36
CA ALA E 129 43.82 12.04 -14.05
C ALA E 129 44.11 10.99 -12.99
N CYS E 130 45.38 10.61 -12.88
CA CYS E 130 45.78 9.51 -12.01
C CYS E 130 45.73 9.92 -10.55
N SER E 131 45.68 11.23 -10.31
CA SER E 131 45.60 11.79 -8.97
C SER E 131 46.77 11.33 -8.08
N SER E 132 46.43 10.70 -6.94
CA SER E 132 47.42 10.33 -5.95
C SER E 132 48.35 9.19 -6.38
N GLY E 133 48.03 8.56 -7.52
CA GLY E 133 48.89 7.52 -8.07
C GLY E 133 48.27 6.16 -7.92
N GLN E 134 47.32 6.10 -6.99
CA GLN E 134 46.62 4.90 -6.56
C GLN E 134 46.00 4.03 -7.67
N GLU E 135 45.20 4.63 -8.55
CA GLU E 135 44.54 3.87 -9.62
C GLU E 135 45.49 3.13 -10.58
N PRO E 136 46.53 3.81 -11.12
CA PRO E 136 47.41 3.05 -12.03
C PRO E 136 48.20 1.95 -11.33
N TYR E 137 48.56 2.14 -10.07
CA TYR E 137 49.25 1.11 -9.30
C TYR E 137 48.35 -0.11 -9.14
N SER E 138 47.06 0.15 -8.99
CA SER E 138 46.08 -0.92 -8.90
C SER E 138 46.08 -1.70 -10.20
N LEU E 139 46.27 -0.99 -11.31
CA LEU E 139 46.37 -1.59 -12.62
C LEU E 139 47.65 -2.42 -12.73
N SER E 140 48.76 -1.84 -12.28
CA SER E 140 50.05 -2.50 -12.32
C SER E 140 50.04 -3.79 -11.50
N MET E 141 49.41 -3.73 -10.33
CA MET E 141 49.25 -4.91 -9.48
C MET E 141 48.35 -5.92 -10.18
N ALA E 142 47.28 -5.44 -10.81
CA ALA E 142 46.34 -6.30 -11.51
C ALA E 142 47.00 -7.00 -12.69
N ILE E 143 47.94 -6.31 -13.32
CA ILE E 143 48.72 -6.90 -14.41
C ILE E 143 49.59 -8.00 -13.86
N ASP E 144 50.28 -7.67 -12.78
CA ASP E 144 51.14 -8.62 -12.08
C ASP E 144 50.36 -9.88 -11.73
N GLU E 145 49.13 -9.70 -11.26
CA GLU E 145 48.29 -10.83 -10.87
C GLU E 145 47.78 -11.59 -12.07
N PHE E 146 47.76 -10.94 -13.23
CA PHE E 146 47.40 -11.62 -14.46
C PHE E 146 48.58 -12.39 -15.01
N GLU E 147 49.76 -11.79 -14.89
CA GLU E 147 50.99 -12.45 -15.32
C GLU E 147 51.20 -13.71 -14.48
N LYS E 148 50.81 -13.64 -13.21
CA LYS E 148 50.96 -14.75 -12.28
C LYS E 148 50.02 -15.92 -12.60
N THR E 149 48.80 -15.61 -13.00
CA THR E 149 47.81 -16.64 -13.31
C THR E 149 47.93 -17.17 -14.74
N ASN E 150 48.06 -16.26 -15.69
CA ASN E 150 48.11 -16.59 -17.11
C ASN E 150 49.50 -16.48 -17.73
N LEU E 151 50.44 -17.25 -17.20
CA LEU E 151 51.82 -17.22 -17.68
C LEU E 151 51.96 -17.49 -19.19
N GLY E 152 53.10 -17.08 -19.74
CA GLY E 152 53.38 -17.26 -21.15
C GLY E 152 52.45 -16.55 -22.12
N GLN E 153 51.47 -15.81 -21.61
CA GLN E 153 50.51 -15.13 -22.47
C GLN E 153 50.87 -13.65 -22.68
N LEU E 154 51.15 -12.94 -21.60
CA LEU E 154 51.53 -11.53 -21.70
C LEU E 154 53.00 -11.38 -22.07
N LYS E 155 53.27 -10.79 -23.22
CA LYS E 155 54.66 -10.58 -23.65
C LYS E 155 55.08 -9.12 -23.62
N ALA E 156 56.39 -8.92 -23.53
CA ALA E 156 56.98 -7.58 -23.48
C ALA E 156 56.78 -6.94 -22.10
N GLY E 157 55.89 -5.95 -22.04
CA GLY E 157 55.58 -5.25 -20.81
C GLY E 157 54.26 -4.54 -21.04
N VAL E 158 53.43 -4.43 -20.01
CA VAL E 158 52.15 -3.77 -20.21
C VAL E 158 52.51 -2.38 -19.72
N GLN E 159 52.51 -1.40 -20.62
CA GLN E 159 52.92 -0.05 -20.25
C GLN E 159 51.76 0.79 -19.73
N ILE E 160 51.83 1.22 -18.47
CA ILE E 160 50.80 2.08 -17.91
C ILE E 160 51.22 3.55 -17.94
N VAL E 161 50.43 4.39 -18.61
CA VAL E 161 50.71 5.82 -18.64
C VAL E 161 49.68 6.56 -17.80
N ALA E 162 50.17 7.26 -16.78
CA ALA E 162 49.30 7.99 -15.85
C ALA E 162 49.56 9.50 -15.87
N THR E 163 48.53 10.27 -16.22
CA THR E 163 48.68 11.71 -16.36
C THR E 163 47.75 12.49 -15.45
N ASP E 164 48.24 13.57 -14.87
CA ASP E 164 47.42 14.48 -14.08
C ASP E 164 48.14 15.83 -14.06
N LEU E 165 47.44 16.89 -13.68
CA LEU E 165 48.01 18.25 -13.60
C LEU E 165 49.35 18.35 -12.91
N SER E 166 50.34 18.89 -13.62
CA SER E 166 51.62 19.24 -13.01
C SER E 166 51.40 20.04 -11.73
N GLY E 167 51.59 19.37 -10.60
CA GLY E 167 51.42 20.00 -9.30
C GLY E 167 51.81 18.98 -8.26
N SER E 168 51.29 19.16 -7.05
CA SER E 168 51.44 18.14 -6.03
C SER E 168 50.51 17.00 -6.45
N MET E 169 50.41 15.97 -5.61
CA MET E 169 49.60 14.78 -5.89
C MET E 169 50.19 13.95 -7.03
N LEU E 170 50.55 14.60 -8.14
CA LEU E 170 51.27 13.93 -9.22
C LEU E 170 52.68 13.62 -8.75
N THR E 171 53.29 14.58 -8.06
CA THR E 171 54.59 14.38 -7.43
C THR E 171 54.48 13.32 -6.35
N ALA E 172 53.33 13.27 -5.68
CA ALA E 172 53.03 12.26 -4.68
C ALA E 172 52.87 10.88 -5.31
N ALA E 173 52.33 10.86 -6.53
CA ALA E 173 52.19 9.63 -7.31
C ALA E 173 53.56 9.08 -7.68
N LYS E 174 54.40 9.95 -8.24
CA LYS E 174 55.75 9.60 -8.63
C LYS E 174 56.53 9.10 -7.42
N ALA E 175 56.29 9.70 -6.27
CA ALA E 175 56.91 9.25 -5.03
C ALA E 175 56.48 7.83 -4.68
N GLY E 176 55.18 7.60 -4.66
CA GLY E 176 54.63 6.27 -4.43
C GLY E 176 54.70 5.84 -2.98
N GLU E 177 54.92 6.79 -2.07
CA GLU E 177 54.79 6.53 -0.65
C GLU E 177 53.31 6.70 -0.31
N TYR E 178 52.90 6.28 0.89
CA TYR E 178 51.48 6.30 1.28
C TYR E 178 51.33 6.09 2.79
N ASP E 179 50.42 6.85 3.40
CA ASP E 179 50.09 6.71 4.81
C ASP E 179 49.53 5.32 5.13
N THR E 180 49.79 4.82 6.33
CA THR E 180 49.24 3.54 6.76
C THR E 180 47.72 3.55 6.66
N LEU E 181 47.13 4.73 6.83
CA LEU E 181 45.68 4.90 6.75
C LEU E 181 45.18 4.79 5.33
N ALA E 182 45.96 5.34 4.40
CA ALA E 182 45.61 5.33 2.98
C ALA E 182 45.68 3.91 2.42
N MET E 183 46.50 3.09 3.06
CA MET E 183 46.69 1.71 2.63
C MET E 183 45.53 0.81 3.05
N GLY E 184 44.86 1.18 4.13
CA GLY E 184 43.76 0.40 4.66
C GLY E 184 42.46 0.50 3.87
N ARG E 185 42.42 1.42 2.91
CA ARG E 185 41.18 1.70 2.21
C ARG E 185 41.12 1.02 0.84
N GLY E 186 40.35 -0.06 0.78
CA GLY E 186 40.12 -0.80 -0.44
C GLY E 186 41.24 -1.75 -0.84
N LEU E 187 42.21 -1.97 0.05
CA LEU E 187 43.30 -2.86 -0.27
C LEU E 187 43.42 -4.04 0.71
N SER E 188 43.38 -5.25 0.16
CA SER E 188 43.57 -6.48 0.93
C SER E 188 44.99 -6.57 1.48
N PRO E 189 45.15 -7.16 2.68
CA PRO E 189 46.46 -7.33 3.30
C PRO E 189 47.41 -8.19 2.48
N GLU E 190 46.85 -9.11 1.70
CA GLU E 190 47.62 -9.92 0.75
C GLU E 190 48.35 -9.03 -0.25
N ARG E 191 47.58 -8.18 -0.92
CA ARG E 191 48.13 -7.28 -1.93
C ARG E 191 49.11 -6.31 -1.29
N LEU E 192 48.88 -6.01 -0.02
CA LEU E 192 49.74 -5.11 0.75
C LEU E 192 51.13 -5.67 1.01
N GLN E 193 51.19 -6.86 1.60
CA GLN E 193 52.49 -7.44 1.92
C GLN E 193 53.25 -7.77 0.64
N ARG E 194 52.52 -8.16 -0.40
CA ARG E 194 53.14 -8.62 -1.64
C ARG E 194 53.64 -7.49 -2.53
N TYR E 195 52.82 -6.46 -2.71
CA TYR E 195 53.14 -5.40 -3.67
C TYR E 195 53.61 -4.11 -3.02
N PHE E 196 53.76 -4.11 -1.70
CA PHE E 196 54.13 -2.90 -0.98
C PHE E 196 55.20 -3.17 0.06
N ASP E 197 56.27 -2.38 -0.01
CA ASP E 197 57.31 -2.41 0.99
C ASP E 197 57.15 -1.27 1.99
N ALA E 198 57.22 -1.59 3.28
CA ALA E 198 57.15 -0.56 4.31
C ALA E 198 58.51 0.13 4.42
N LYS E 199 58.56 1.39 4.03
CA LYS E 199 59.80 2.15 4.06
C LYS E 199 59.78 3.15 5.22
N GLY E 200 58.83 2.95 6.12
CA GLY E 200 58.67 3.83 7.27
C GLY E 200 57.86 3.15 8.35
N PRO E 201 57.87 3.71 9.57
CA PRO E 201 57.04 3.16 10.63
C PRO E 201 55.55 3.38 10.35
N GLY E 202 55.21 4.54 9.83
CA GLY E 202 53.84 4.86 9.49
C GLY E 202 53.65 5.06 8.00
N ARG E 203 54.67 4.69 7.23
CA ARG E 203 54.63 4.88 5.78
C ARG E 203 54.87 3.59 4.99
N TRP E 204 54.37 3.57 3.76
CA TRP E 204 54.47 2.44 2.85
C TRP E 204 54.75 2.87 1.42
N ALA E 205 55.70 2.20 0.78
CA ALA E 205 56.09 2.53 -0.58
C ALA E 205 55.76 1.37 -1.52
N VAL E 206 55.49 1.70 -2.78
CA VAL E 206 55.20 0.68 -3.78
C VAL E 206 56.46 -0.12 -4.12
N LYS E 207 56.30 -1.43 -4.24
CA LYS E 207 57.40 -2.32 -4.62
C LYS E 207 57.86 -2.03 -6.04
N PRO E 208 59.19 -1.98 -6.26
CA PRO E 208 59.84 -1.60 -7.53
C PRO E 208 59.31 -2.35 -8.74
N ALA E 209 58.88 -3.59 -8.56
CA ALA E 209 58.31 -4.37 -9.64
C ALA E 209 57.01 -3.75 -10.18
N ILE E 210 56.21 -3.20 -9.27
CA ILE E 210 54.95 -2.56 -9.64
C ILE E 210 55.18 -1.16 -10.22
N ARG E 211 56.13 -0.44 -9.66
CA ARG E 211 56.45 0.92 -10.10
C ARG E 211 57.08 1.06 -11.49
N SER E 212 57.73 0.02 -12.00
CA SER E 212 58.37 0.10 -13.30
C SER E 212 57.38 -0.05 -14.44
N ARG E 213 56.17 -0.49 -14.10
CA ARG E 213 55.13 -0.71 -15.09
C ARG E 213 54.43 0.60 -15.47
N VAL E 214 54.57 1.62 -14.64
CA VAL E 214 53.87 2.88 -14.88
C VAL E 214 54.80 4.04 -15.21
N GLU E 215 54.34 4.92 -16.08
CA GLU E 215 55.02 6.16 -16.39
C GLU E 215 54.14 7.38 -16.16
N PHE E 216 54.63 8.34 -15.38
CA PHE E 216 53.86 9.56 -15.08
C PHE E 216 54.27 10.74 -15.95
N ARG E 217 53.28 11.38 -16.57
CA ARG E 217 53.51 12.60 -17.35
C ARG E 217 52.47 13.66 -16.95
N ALA E 218 52.90 14.90 -16.85
CA ALA E 218 52.00 15.99 -16.44
C ALA E 218 51.10 16.45 -17.59
N LEU E 219 49.79 16.40 -17.38
CA LEU E 219 48.86 16.83 -18.43
C LEU E 219 47.54 17.38 -17.91
N ASN E 220 47.09 18.49 -18.50
CA ASN E 220 45.74 18.98 -18.28
C ASN E 220 44.86 18.39 -19.36
N LEU E 221 43.76 17.75 -18.96
CA LEU E 221 42.92 17.02 -19.92
C LEU E 221 42.25 17.93 -20.94
N LEU E 222 42.32 19.24 -20.74
CA LEU E 222 41.73 20.17 -21.71
C LEU E 222 42.70 20.46 -22.86
N ASP E 223 43.93 19.95 -22.75
CA ASP E 223 44.95 20.18 -23.77
C ASP E 223 45.04 19.03 -24.77
N SER E 224 45.96 19.13 -25.72
CA SER E 224 46.08 18.15 -26.79
C SER E 224 46.64 16.83 -26.28
N TYR E 225 46.12 15.73 -26.81
CA TYR E 225 46.54 14.39 -26.39
C TYR E 225 47.54 13.78 -27.36
N ALA E 226 48.10 14.62 -28.24
CA ALA E 226 49.00 14.15 -29.28
C ALA E 226 50.29 13.60 -28.69
N SER E 227 50.72 14.22 -27.58
CA SER E 227 51.96 13.85 -26.92
C SER E 227 51.91 12.45 -26.32
N LEU E 228 50.71 11.93 -26.14
CA LEU E 228 50.50 10.65 -25.46
C LEU E 228 50.68 9.43 -26.36
N GLY E 229 50.28 9.56 -27.62
CA GLY E 229 50.30 8.44 -28.53
C GLY E 229 48.99 7.69 -28.37
N LYS E 230 48.90 6.46 -28.88
CA LYS E 230 47.64 5.71 -28.82
C LYS E 230 47.65 4.59 -27.76
N PHE E 231 46.49 4.29 -27.20
CA PHE E 231 46.36 3.32 -26.11
C PHE E 231 45.38 2.20 -26.46
N ASP E 232 45.63 1.03 -25.89
CA ASP E 232 44.70 -0.08 -26.05
C ASP E 232 43.55 0.05 -25.06
N MET E 233 43.84 0.60 -23.90
CA MET E 233 42.83 0.81 -22.87
C MET E 233 42.96 2.18 -22.21
N VAL E 234 41.84 2.76 -21.80
CA VAL E 234 41.85 4.04 -21.11
C VAL E 234 41.01 3.99 -19.83
N PHE E 235 41.58 4.44 -18.72
CA PHE E 235 40.88 4.50 -17.45
C PHE E 235 40.64 5.95 -17.03
N CYS E 236 39.41 6.41 -17.23
CA CYS E 236 39.04 7.77 -16.81
C CYS E 236 37.79 7.75 -15.96
N ARG E 237 37.97 7.78 -14.64
CA ARG E 237 36.86 7.47 -13.76
C ARG E 237 36.60 8.56 -12.73
N ASN E 238 35.35 8.97 -12.64
CA ASN E 238 34.92 10.07 -11.77
C ASN E 238 35.69 11.33 -12.08
N VAL E 239 35.71 11.66 -13.37
CA VAL E 239 36.47 12.79 -13.87
C VAL E 239 35.56 13.70 -14.67
N LEU E 240 34.94 13.14 -15.69
CA LEU E 240 34.16 13.90 -16.65
C LEU E 240 32.89 14.48 -16.06
N ILE E 241 32.36 13.84 -15.01
CA ILE E 241 31.12 14.31 -14.40
C ILE E 241 31.29 15.67 -13.74
N TYR E 242 32.54 16.03 -13.46
CA TYR E 242 32.84 17.31 -12.83
C TYR E 242 33.07 18.39 -13.87
N PHE E 243 32.85 18.04 -15.14
CA PHE E 243 32.94 19.00 -16.22
C PHE E 243 31.55 19.30 -16.77
N SER E 244 31.49 20.20 -17.74
CA SER E 244 30.22 20.53 -18.38
C SER E 244 29.87 19.44 -19.39
N ALA E 245 28.91 19.70 -20.26
CA ALA E 245 28.50 18.69 -21.22
C ALA E 245 29.27 18.79 -22.53
N GLU E 246 29.50 20.02 -23.00
CA GLU E 246 30.20 20.22 -24.27
C GLU E 246 31.66 19.75 -24.19
N VAL E 247 32.28 19.92 -23.03
CA VAL E 247 33.67 19.54 -22.86
C VAL E 247 33.78 18.06 -22.50
N LYS E 248 32.67 17.46 -22.08
CA LYS E 248 32.66 16.03 -21.76
C LYS E 248 32.77 15.26 -23.08
N ARG E 249 31.94 15.65 -24.04
CA ARG E 249 31.92 15.05 -25.38
C ARG E 249 33.20 15.35 -26.17
N ASP E 250 33.75 16.55 -26.02
CA ASP E 250 34.97 16.93 -26.72
C ASP E 250 36.12 16.03 -26.30
N ILE E 251 36.27 15.85 -24.99
CA ILE E 251 37.33 15.03 -24.43
C ILE E 251 37.13 13.58 -24.84
N LEU E 252 35.87 13.15 -24.82
CA LEU E 252 35.52 11.80 -25.22
C LEU E 252 35.92 11.49 -26.66
N LEU E 253 35.78 12.50 -27.54
CA LEU E 253 36.15 12.33 -28.94
C LEU E 253 37.66 12.31 -29.10
N ARG E 254 38.33 13.08 -28.26
CA ARG E 254 39.79 13.12 -28.25
C ARG E 254 40.34 11.88 -27.56
N ILE E 255 39.53 11.27 -26.70
CA ILE E 255 39.87 10.00 -26.09
C ILE E 255 39.61 8.89 -27.13
N HIS E 256 38.68 9.14 -28.05
CA HIS E 256 38.48 8.20 -29.16
C HIS E 256 39.71 8.17 -30.05
N GLY E 257 40.33 9.34 -30.21
CA GLY E 257 41.65 9.40 -30.82
C GLY E 257 42.53 8.80 -29.76
N THR E 258 43.82 8.65 -30.00
CA THR E 258 44.67 7.97 -29.01
C THR E 258 44.02 6.67 -28.44
N LEU E 259 43.24 5.99 -29.27
CA LEU E 259 42.63 4.70 -28.93
C LEU E 259 42.72 3.74 -30.11
N LYS E 260 43.31 2.58 -29.86
CA LYS E 260 43.32 1.53 -30.88
C LYS E 260 41.89 1.07 -31.15
N PRO E 261 41.59 0.76 -32.42
CA PRO E 261 40.24 0.33 -32.78
C PRO E 261 39.79 -0.90 -32.00
N GLY E 262 38.62 -0.82 -31.38
CA GLY E 262 38.13 -1.88 -30.52
C GLY E 262 38.73 -1.80 -29.13
N GLY E 263 39.36 -0.66 -28.83
CA GLY E 263 39.97 -0.45 -27.53
C GLY E 263 38.92 -0.12 -26.49
N TYR E 264 39.26 -0.32 -25.23
CA TYR E 264 38.28 -0.16 -24.15
C TYR E 264 38.51 1.05 -23.27
N LEU E 265 37.41 1.62 -22.79
CA LEU E 265 37.42 2.76 -21.90
C LEU E 265 36.65 2.43 -20.63
N PHE E 266 37.29 2.67 -19.49
CA PHE E 266 36.65 2.42 -18.21
C PHE E 266 36.28 3.73 -17.54
N LEU E 267 34.98 3.94 -17.37
CA LEU E 267 34.51 5.15 -16.72
C LEU E 267 34.21 4.77 -15.28
N GLY E 268 33.99 5.77 -14.43
CA GLY E 268 33.74 5.48 -13.03
C GLY E 268 32.36 4.94 -12.75
N ALA E 269 32.19 4.40 -11.55
CA ALA E 269 30.91 3.85 -11.13
C ALA E 269 29.89 4.97 -11.22
N SER E 270 28.84 4.74 -12.00
CA SER E 270 27.74 5.69 -12.18
C SER E 270 28.09 6.86 -13.11
N GLU E 271 28.93 6.61 -14.09
CA GLU E 271 29.15 7.56 -15.19
C GLU E 271 28.48 6.98 -16.43
N ALA E 272 27.77 7.81 -17.18
CA ALA E 272 27.09 7.32 -18.39
C ALA E 272 27.56 8.02 -19.66
N LEU E 273 27.45 7.30 -20.79
CA LEU E 273 27.69 7.88 -22.11
C LEU E 273 26.42 7.89 -22.95
N ASN E 274 25.37 8.53 -22.43
CA ASN E 274 24.08 8.60 -23.10
C ASN E 274 24.08 9.34 -24.45
N ASN E 275 25.25 9.69 -24.98
CA ASN E 275 25.31 10.39 -26.25
C ASN E 275 26.46 9.98 -27.17
N LEU E 276 26.93 10.94 -27.97
CA LEU E 276 27.98 10.80 -28.99
C LEU E 276 27.44 9.94 -30.15
N PRO E 277 27.85 10.26 -31.38
CA PRO E 277 27.34 9.47 -32.50
C PRO E 277 27.97 8.08 -32.55
N ASP E 278 27.33 7.13 -31.87
CA ASP E 278 27.84 5.77 -31.63
C ASP E 278 29.36 5.59 -31.85
N HIS E 279 30.15 6.49 -31.30
CA HIS E 279 31.60 6.39 -31.38
C HIS E 279 32.05 5.22 -30.53
N TYR E 280 31.69 5.28 -29.26
CA TYR E 280 31.98 4.25 -28.28
C TYR E 280 30.81 3.26 -28.22
N GLN E 281 31.10 1.96 -28.36
CA GLN E 281 30.05 0.97 -28.22
C GLN E 281 30.02 0.47 -26.77
N MET E 282 28.84 0.49 -26.17
CA MET E 282 28.66 0.09 -24.80
C MET E 282 28.73 -1.41 -24.60
N VAL E 283 29.69 -1.85 -23.79
CA VAL E 283 29.87 -3.27 -23.50
C VAL E 283 29.52 -3.57 -22.05
N GLN E 284 28.37 -4.20 -21.83
CA GLN E 284 27.91 -4.52 -20.48
C GLN E 284 28.60 -5.77 -19.93
N CYS E 285 29.19 -5.63 -18.76
CA CYS E 285 29.74 -6.77 -18.02
C CYS E 285 28.70 -7.26 -17.03
N SER E 286 29.05 -8.27 -16.23
CA SER E 286 28.10 -8.80 -15.25
C SER E 286 27.70 -7.79 -14.17
N PRO E 287 28.68 -7.16 -13.48
CA PRO E 287 28.21 -6.11 -12.58
C PRO E 287 28.25 -4.70 -13.17
N GLY E 288 29.38 -4.35 -13.78
CA GLY E 288 29.58 -3.04 -14.38
C GLY E 288 29.59 -3.01 -15.89
N ILE E 289 30.00 -1.88 -16.44
CA ILE E 289 29.95 -1.65 -17.89
C ILE E 289 31.24 -0.99 -18.39
N ILE E 290 31.64 -1.33 -19.60
CA ILE E 290 32.78 -0.69 -20.27
C ILE E 290 32.37 -0.28 -21.68
N TYR E 291 33.24 0.46 -22.35
CA TYR E 291 32.92 1.00 -23.66
C TYR E 291 34.00 0.65 -24.70
N ARG E 292 33.57 0.21 -25.87
CA ARG E 292 34.51 -0.20 -26.93
C ARG E 292 34.57 0.87 -28.02
N ALA E 293 35.75 1.09 -28.57
CA ALA E 293 35.97 2.14 -29.55
C ALA E 293 35.66 1.69 -30.98
N LYS E 294 34.67 2.32 -31.60
CA LYS E 294 34.34 2.05 -33.00
C LYS E 294 34.90 3.15 -33.90
N ASN F 25 55.45 -54.71 18.13
CA ASN F 25 56.30 -53.64 17.66
C ASN F 25 57.66 -53.64 18.35
N ALA F 26 57.93 -54.71 19.10
CA ALA F 26 59.21 -54.84 19.78
C ALA F 26 60.27 -55.33 18.80
N ASP F 27 59.86 -56.17 17.86
CA ASP F 27 60.78 -56.67 16.86
C ASP F 27 60.78 -55.78 15.62
N PHE F 28 60.88 -54.47 15.84
CA PHE F 28 61.02 -53.51 14.75
C PHE F 28 62.24 -52.63 14.96
N GLU F 29 62.40 -52.17 16.19
CA GLU F 29 63.52 -51.33 16.59
C GLU F 29 64.84 -52.00 16.26
N LEU F 30 64.87 -53.33 16.39
CA LEU F 30 66.04 -54.09 16.01
C LEU F 30 66.28 -53.96 14.50
N PHE F 31 65.20 -53.99 13.73
CA PHE F 31 65.28 -53.93 12.27
C PHE F 31 65.76 -52.59 11.71
N ARG F 32 65.16 -51.50 12.17
CA ARG F 32 65.50 -50.18 11.66
C ARG F 32 66.93 -49.79 11.99
N VAL F 33 67.43 -50.24 13.15
CA VAL F 33 68.81 -50.00 13.53
C VAL F 33 69.77 -50.68 12.56
N PHE F 34 69.39 -51.87 12.11
CA PHE F 34 70.19 -52.62 11.14
C PHE F 34 70.34 -51.83 9.84
N LEU F 35 69.21 -51.36 9.33
CA LEU F 35 69.17 -50.63 8.06
C LEU F 35 70.04 -49.38 8.11
N GLU F 36 69.99 -48.66 9.23
CA GLU F 36 70.81 -47.47 9.42
C GLU F 36 72.29 -47.84 9.44
N LYS F 37 72.60 -48.92 10.14
CA LYS F 37 73.98 -49.37 10.31
C LYS F 37 74.63 -49.81 9.00
N THR F 38 73.91 -50.59 8.20
CA THR F 38 74.48 -51.17 6.99
C THR F 38 74.08 -50.47 5.70
N CYS F 39 72.78 -50.56 5.37
CA CYS F 39 72.29 -50.06 4.09
C CYS F 39 72.15 -48.54 4.07
N GLY F 40 72.27 -47.90 5.22
CA GLY F 40 72.18 -46.47 5.31
C GLY F 40 70.77 -45.95 5.08
N ILE F 41 69.81 -46.56 5.77
CA ILE F 41 68.42 -46.17 5.65
C ILE F 41 67.83 -45.91 7.03
N VAL F 42 67.43 -44.68 7.28
CA VAL F 42 66.82 -44.35 8.55
C VAL F 42 65.31 -44.42 8.43
N LEU F 43 64.67 -44.79 9.53
CA LEU F 43 63.22 -44.88 9.59
C LEU F 43 62.71 -44.06 10.76
N GLY F 44 61.96 -44.73 11.62
CA GLY F 44 61.37 -44.10 12.78
C GLY F 44 60.48 -45.11 13.45
N SER F 45 59.93 -44.72 14.61
CA SER F 45 58.93 -45.54 15.28
C SER F 45 57.57 -45.22 14.72
N ASN F 46 57.50 -44.13 13.95
CA ASN F 46 56.29 -43.70 13.28
C ASN F 46 55.92 -44.53 12.06
N LYS F 47 56.76 -44.47 11.03
CA LYS F 47 56.49 -45.14 9.75
C LYS F 47 56.55 -46.67 9.82
N GLN F 48 56.43 -47.24 11.01
CA GLN F 48 56.56 -48.68 11.23
C GLN F 48 55.53 -49.55 10.50
N TYR F 49 54.48 -48.94 9.96
CA TYR F 49 53.46 -49.72 9.27
C TYR F 49 53.67 -49.80 7.76
N LEU F 50 54.14 -48.72 7.15
CA LEU F 50 54.42 -48.71 5.72
C LEU F 50 55.64 -49.58 5.43
N VAL F 51 56.25 -50.08 6.48
CA VAL F 51 57.34 -51.04 6.38
C VAL F 51 56.76 -52.43 6.39
N SER F 52 56.02 -52.76 7.45
CA SER F 52 55.48 -54.09 7.63
C SER F 52 54.39 -54.42 6.58
N SER F 53 53.99 -53.44 5.79
CA SER F 53 53.07 -53.69 4.70
C SER F 53 53.77 -54.13 3.42
N ARG F 54 54.77 -53.36 3.00
CA ARG F 54 55.43 -53.57 1.72
C ARG F 54 56.34 -54.79 1.67
N LEU F 55 57.09 -55.04 2.75
CA LEU F 55 58.03 -56.16 2.75
C LEU F 55 57.37 -57.50 3.08
N ASN F 56 56.18 -57.47 3.68
CA ASN F 56 55.46 -58.70 4.00
C ASN F 56 55.08 -59.47 2.74
N LYS F 57 55.01 -58.75 1.63
CA LYS F 57 54.82 -59.38 0.32
C LYS F 57 56.10 -60.13 -0.02
N LEU F 58 57.23 -59.53 0.35
CA LEU F 58 58.55 -60.14 0.14
C LEU F 58 58.80 -61.27 1.14
N MET F 59 58.25 -61.16 2.34
CA MET F 59 58.41 -62.20 3.35
C MET F 59 57.62 -63.46 2.98
N GLU F 60 56.60 -63.29 2.15
CA GLU F 60 55.86 -64.41 1.60
C GLU F 60 56.63 -64.94 0.39
N GLN F 61 57.48 -64.10 -0.19
CA GLN F 61 58.27 -64.49 -1.36
C GLN F 61 59.50 -65.25 -0.93
N GLN F 62 59.67 -65.29 0.38
CA GLN F 62 60.76 -65.98 1.03
C GLN F 62 60.06 -66.56 2.23
N GLY F 63 60.79 -67.24 3.08
CA GLY F 63 60.18 -67.82 4.26
C GLY F 63 60.74 -67.38 5.60
N ILE F 64 60.22 -66.27 6.13
CA ILE F 64 60.68 -65.74 7.40
C ILE F 64 59.60 -64.89 8.07
N LYS F 65 59.96 -64.25 9.17
CA LYS F 65 59.03 -63.39 9.90
C LYS F 65 59.73 -62.16 10.47
N SER F 66 60.21 -61.31 9.57
CA SER F 66 60.90 -60.09 9.97
C SER F 66 62.07 -60.39 10.89
N LEU F 67 61.82 -61.19 11.92
CA LEU F 67 62.86 -61.57 12.88
C LEU F 67 64.15 -61.97 12.17
N GLY F 68 64.24 -63.23 11.80
CA GLY F 68 65.42 -63.73 11.11
C GLY F 68 65.77 -62.93 9.88
N GLU F 69 64.75 -62.32 9.28
CA GLU F 69 64.95 -61.51 8.07
C GLU F 69 66.14 -60.58 8.23
N LEU F 70 66.51 -60.29 9.47
CA LEU F 70 67.65 -59.42 9.75
C LEU F 70 68.96 -60.17 9.62
N VAL F 71 69.03 -61.35 10.23
CA VAL F 71 70.23 -62.16 10.18
C VAL F 71 70.48 -62.66 8.75
N GLN F 72 69.40 -62.90 8.02
CA GLN F 72 69.47 -63.43 6.66
C GLN F 72 69.97 -62.42 5.64
N ARG F 73 70.08 -61.16 6.03
CA ARG F 73 70.62 -60.15 5.13
C ARG F 73 72.14 -60.27 5.02
N ILE F 74 72.76 -60.82 6.06
CA ILE F 74 74.22 -60.91 6.07
C ILE F 74 74.69 -62.07 5.21
N GLN F 75 73.72 -62.83 4.69
CA GLN F 75 74.00 -63.80 3.63
C GLN F 75 74.10 -63.07 2.30
N THR F 76 74.57 -61.83 2.31
CA THR F 76 74.48 -61.05 1.10
C THR F 76 75.53 -61.55 0.13
N GLN F 77 75.72 -60.83 -0.97
CA GLN F 77 76.66 -61.30 -1.98
C GLN F 77 76.15 -62.63 -2.53
N ARG F 78 75.02 -63.10 -2.01
CA ARG F 78 74.42 -64.35 -2.46
C ARG F 78 72.92 -64.39 -2.18
N GLY F 79 72.13 -64.31 -3.25
CA GLY F 79 70.69 -64.32 -3.13
C GLY F 79 70.05 -63.02 -3.56
N GLY F 80 70.85 -61.96 -3.62
CA GLY F 80 70.37 -60.66 -4.02
C GLY F 80 69.29 -60.12 -3.09
N LEU F 81 68.99 -60.88 -2.04
CA LEU F 81 67.98 -60.47 -1.06
C LEU F 81 68.30 -59.08 -0.53
N ARG F 82 69.57 -58.86 -0.21
CA ARG F 82 70.01 -57.57 0.32
C ARG F 82 69.49 -56.42 -0.55
N GLU F 83 69.58 -56.57 -1.86
CA GLU F 83 69.11 -55.53 -2.77
C GLU F 83 67.59 -55.48 -2.82
N MET F 84 66.94 -56.57 -2.45
CA MET F 84 65.49 -56.64 -2.44
C MET F 84 64.89 -56.01 -1.18
N VAL F 85 65.58 -56.18 -0.07
CA VAL F 85 65.15 -55.56 1.19
C VAL F 85 65.25 -54.04 1.07
N VAL F 86 66.32 -53.57 0.43
CA VAL F 86 66.48 -52.15 0.13
C VAL F 86 65.28 -51.69 -0.71
N ASP F 87 64.92 -52.51 -1.69
CA ASP F 87 63.72 -52.31 -2.50
C ASP F 87 62.47 -52.46 -1.65
N ALA F 88 61.37 -51.86 -2.10
CA ALA F 88 60.09 -51.87 -1.40
C ALA F 88 60.12 -51.06 -0.09
N MET F 89 61.29 -50.51 0.23
CA MET F 89 61.39 -49.53 1.31
C MET F 89 61.23 -48.15 0.70
N THR F 90 61.28 -48.12 -0.63
CA THR F 90 61.07 -46.90 -1.39
C THR F 90 59.94 -47.16 -2.38
N THR F 91 59.02 -46.20 -2.47
CA THR F 91 57.96 -46.27 -3.46
C THR F 91 58.55 -46.45 -4.84
N ASN F 92 58.17 -47.54 -5.51
CA ASN F 92 58.68 -47.81 -6.85
C ASN F 92 57.78 -47.07 -7.84
N GLU F 93 57.55 -45.80 -7.53
CA GLU F 93 56.69 -44.93 -8.31
C GLU F 93 57.40 -43.60 -8.52
N THR F 94 57.17 -42.98 -9.67
CA THR F 94 57.71 -41.65 -9.91
C THR F 94 56.64 -40.63 -9.56
N LEU F 95 56.87 -39.89 -8.48
CA LEU F 95 55.89 -38.95 -7.94
C LEU F 95 56.08 -37.51 -8.43
N TRP F 96 55.08 -36.66 -8.16
CA TRP F 96 55.18 -35.21 -8.34
C TRP F 96 55.37 -34.58 -6.98
N PHE F 97 56.43 -33.80 -6.82
CA PHE F 97 56.78 -33.23 -5.53
C PHE F 97 56.85 -34.35 -4.50
N ARG F 98 57.80 -35.26 -4.67
CA ARG F 98 57.89 -36.43 -3.80
C ARG F 98 58.02 -36.00 -2.34
N ASP F 99 57.12 -36.52 -1.50
CA ASP F 99 57.08 -36.24 -0.07
C ASP F 99 56.63 -34.80 0.26
N THR F 100 56.60 -33.96 -0.77
CA THR F 100 56.08 -32.58 -0.70
C THR F 100 56.89 -31.64 0.20
N TYR F 101 57.49 -32.18 1.25
CA TYR F 101 58.22 -31.33 2.20
C TYR F 101 59.49 -30.63 1.66
N PRO F 102 60.32 -31.31 0.84
CA PRO F 102 61.59 -30.64 0.52
C PRO F 102 61.39 -29.44 -0.40
N PHE F 103 60.26 -29.44 -1.12
CA PHE F 103 59.97 -28.39 -2.07
C PHE F 103 59.45 -27.17 -1.32
N GLU F 104 58.72 -27.40 -0.23
CA GLU F 104 58.32 -26.32 0.65
C GLU F 104 59.52 -25.82 1.44
N VAL F 105 60.39 -26.74 1.83
CA VAL F 105 61.64 -26.37 2.48
C VAL F 105 62.47 -25.51 1.54
N LEU F 106 62.53 -25.91 0.28
CA LEU F 106 63.25 -25.18 -0.76
C LEU F 106 62.77 -23.73 -0.84
N LYS F 107 61.46 -23.56 -0.85
CA LYS F 107 60.86 -22.25 -1.04
C LYS F 107 61.07 -21.29 0.14
N GLN F 108 60.79 -21.74 1.35
CA GLN F 108 60.76 -20.84 2.51
C GLN F 108 62.02 -20.84 3.35
N ARG F 109 63.04 -21.59 2.94
CA ARG F 109 64.28 -21.63 3.71
C ARG F 109 65.54 -21.48 2.87
N VAL F 110 65.75 -22.42 1.97
CA VAL F 110 66.99 -22.48 1.21
C VAL F 110 67.16 -21.28 0.30
N LEU F 111 66.15 -21.04 -0.53
CA LEU F 111 66.17 -19.93 -1.47
C LEU F 111 66.29 -18.58 -0.77
N PRO F 112 65.55 -18.35 0.34
CA PRO F 112 65.80 -17.10 1.08
C PRO F 112 67.24 -17.00 1.60
N GLU F 113 67.78 -18.12 2.07
CA GLU F 113 69.14 -18.16 2.58
C GLU F 113 70.16 -17.84 1.49
N LEU F 114 69.90 -18.36 0.28
CA LEU F 114 70.82 -18.22 -0.84
C LEU F 114 70.79 -16.82 -1.45
N ILE F 115 69.64 -16.17 -1.38
CA ILE F 115 69.47 -14.83 -1.94
C ILE F 115 70.32 -13.80 -1.21
N LYS F 116 70.41 -13.93 0.11
CA LYS F 116 71.24 -13.00 0.89
C LYS F 116 72.71 -13.12 0.49
N ALA F 117 73.34 -14.23 0.87
CA ALA F 117 74.75 -14.49 0.57
C ALA F 117 75.13 -14.23 -0.89
N ASN F 118 74.41 -14.84 -1.82
CA ASN F 118 74.74 -14.78 -3.25
C ASN F 118 74.31 -13.49 -3.97
N GLY F 119 73.22 -12.88 -3.50
CA GLY F 119 72.64 -11.74 -4.18
C GLY F 119 71.71 -12.08 -5.33
N GLY F 120 71.54 -13.37 -5.61
CA GLY F 120 70.63 -13.82 -6.64
C GLY F 120 71.12 -13.86 -8.07
N GLN F 121 72.37 -13.45 -8.29
CA GLN F 121 73.01 -13.38 -9.60
C GLN F 121 72.52 -14.40 -10.64
N ARG F 122 72.66 -15.68 -10.31
CA ARG F 122 72.18 -16.77 -11.16
C ARG F 122 72.26 -18.06 -10.34
N LEU F 123 71.11 -18.61 -9.96
CA LEU F 123 71.11 -19.85 -9.19
C LEU F 123 70.95 -21.07 -10.08
N ARG F 124 71.76 -22.09 -9.82
CA ARG F 124 71.70 -23.32 -10.60
C ARG F 124 71.26 -24.51 -9.75
N ILE F 125 70.31 -25.27 -10.27
CA ILE F 125 69.85 -26.46 -9.57
C ILE F 125 70.10 -27.68 -10.44
N TRP F 126 70.58 -28.75 -9.82
CA TRP F 126 70.85 -29.99 -10.54
C TRP F 126 69.85 -31.05 -10.14
N SER F 127 69.07 -31.54 -11.10
CA SER F 127 68.24 -32.70 -10.86
C SER F 127 68.96 -33.90 -11.43
N ALA F 128 69.68 -34.60 -10.56
CA ALA F 128 70.49 -35.73 -10.97
C ALA F 128 69.61 -36.95 -11.14
N ALA F 129 69.74 -37.60 -12.29
CA ALA F 129 68.86 -38.70 -12.66
C ALA F 129 67.42 -38.19 -12.63
N CYS F 130 67.08 -37.37 -13.61
CA CYS F 130 65.77 -36.73 -13.63
C CYS F 130 64.65 -37.71 -14.01
N SER F 131 65.03 -38.84 -14.58
CA SER F 131 64.11 -39.88 -15.04
C SER F 131 63.09 -39.32 -16.04
N SER F 132 61.81 -39.49 -15.74
CA SER F 132 60.75 -39.10 -16.67
C SER F 132 60.59 -37.58 -16.78
N GLY F 133 61.30 -36.84 -15.92
CA GLY F 133 61.25 -35.39 -16.00
C GLY F 133 60.52 -34.74 -14.84
N GLN F 134 59.71 -35.54 -14.15
CA GLN F 134 58.83 -35.08 -13.08
C GLN F 134 59.46 -34.22 -11.98
N GLU F 135 60.50 -34.73 -11.33
CA GLU F 135 61.11 -33.98 -10.22
C GLU F 135 61.65 -32.60 -10.63
N PRO F 136 62.43 -32.50 -11.72
CA PRO F 136 62.90 -31.15 -12.06
C PRO F 136 61.76 -30.21 -12.47
N TYR F 137 60.72 -30.73 -13.12
CA TYR F 137 59.55 -29.92 -13.45
C TYR F 137 58.86 -29.48 -12.17
N SER F 138 58.88 -30.35 -11.17
CA SER F 138 58.36 -30.00 -9.85
C SER F 138 59.20 -28.89 -9.25
N LEU F 139 60.51 -28.95 -9.50
CA LEU F 139 61.43 -27.92 -9.04
C LEU F 139 61.18 -26.60 -9.73
N SER F 140 60.98 -26.66 -11.04
CA SER F 140 60.72 -25.47 -11.85
C SER F 140 59.45 -24.75 -11.40
N MET F 141 58.44 -25.52 -11.03
CA MET F 141 57.20 -24.94 -10.49
C MET F 141 57.44 -24.25 -9.15
N ALA F 142 58.24 -24.89 -8.29
CA ALA F 142 58.50 -24.35 -6.95
C ALA F 142 59.21 -23.01 -7.02
N ILE F 143 60.08 -22.87 -8.03
CA ILE F 143 60.74 -21.60 -8.28
C ILE F 143 59.72 -20.61 -8.77
N ASP F 144 58.96 -21.03 -9.75
CA ASP F 144 57.92 -20.21 -10.37
C ASP F 144 56.94 -19.66 -9.33
N GLU F 145 56.48 -20.51 -8.41
CA GLU F 145 55.53 -20.08 -7.39
C GLU F 145 56.20 -19.29 -6.28
N PHE F 146 57.53 -19.37 -6.21
CA PHE F 146 58.30 -18.55 -5.29
C PHE F 146 58.50 -17.14 -5.86
N GLU F 147 58.73 -17.07 -7.17
CA GLU F 147 58.91 -15.79 -7.86
C GLU F 147 57.64 -14.93 -7.82
N LYS F 148 56.49 -15.59 -7.90
CA LYS F 148 55.20 -14.90 -7.90
C LYS F 148 54.89 -14.24 -6.56
N THR F 149 55.31 -14.89 -5.47
CA THR F 149 55.10 -14.38 -4.13
C THR F 149 56.20 -13.38 -3.74
N ASN F 150 57.44 -13.73 -4.07
CA ASN F 150 58.61 -12.93 -3.71
C ASN F 150 59.21 -12.16 -4.87
N LEU F 151 58.37 -11.34 -5.51
CA LEU F 151 58.75 -10.46 -6.61
C LEU F 151 60.04 -9.66 -6.37
N GLY F 152 60.72 -9.31 -7.47
CA GLY F 152 61.93 -8.52 -7.43
C GLY F 152 63.19 -9.21 -6.94
N GLN F 153 63.08 -10.49 -6.58
CA GLN F 153 64.23 -11.24 -6.10
C GLN F 153 64.73 -12.11 -7.24
N LEU F 154 63.86 -12.32 -8.22
CA LEU F 154 64.17 -13.13 -9.40
C LEU F 154 65.02 -12.36 -10.41
N LYS F 155 66.33 -12.45 -10.21
CA LYS F 155 67.31 -11.83 -11.08
C LYS F 155 67.50 -12.91 -12.11
N ALA F 156 67.33 -12.56 -13.39
CA ALA F 156 67.43 -13.57 -14.44
C ALA F 156 66.40 -14.70 -14.24
N GLY F 157 66.84 -15.93 -14.44
CA GLY F 157 66.03 -17.12 -14.31
C GLY F 157 66.96 -18.09 -13.62
N VAL F 158 66.45 -18.98 -12.76
CA VAL F 158 67.34 -19.95 -12.15
C VAL F 158 67.53 -21.07 -13.17
N GLN F 159 68.78 -21.50 -13.36
CA GLN F 159 69.03 -22.52 -14.35
C GLN F 159 68.94 -23.92 -13.76
N ILE F 160 67.95 -24.68 -14.21
CA ILE F 160 67.82 -26.05 -13.77
C ILE F 160 68.38 -27.00 -14.81
N VAL F 161 69.37 -27.78 -14.41
CA VAL F 161 69.93 -28.79 -15.30
C VAL F 161 69.51 -30.15 -14.80
N ALA F 162 68.81 -30.90 -15.64
CA ALA F 162 68.35 -32.22 -15.24
C ALA F 162 68.96 -33.26 -16.16
N THR F 163 69.75 -34.16 -15.58
CA THR F 163 70.50 -35.13 -16.35
C THR F 163 70.14 -36.54 -15.96
N ASP F 164 70.06 -37.44 -16.94
CA ASP F 164 69.84 -38.85 -16.69
C ASP F 164 70.33 -39.66 -17.89
N LEU F 165 70.46 -40.96 -17.70
CA LEU F 165 70.85 -41.89 -18.77
C LEU F 165 70.07 -41.72 -20.07
N SER F 166 70.83 -41.54 -21.16
CA SER F 166 70.29 -41.54 -22.52
C SER F 166 69.34 -42.69 -22.79
N GLY F 167 68.06 -42.39 -22.91
CA GLY F 167 67.09 -43.43 -23.20
C GLY F 167 65.76 -42.87 -23.64
N SER F 168 64.73 -43.71 -23.56
CA SER F 168 63.38 -43.31 -23.92
C SER F 168 62.75 -42.46 -22.81
N MET F 169 63.21 -42.66 -21.58
CA MET F 169 62.68 -41.95 -20.42
C MET F 169 63.12 -40.49 -20.40
N LEU F 170 64.40 -40.27 -20.66
CA LEU F 170 64.93 -38.91 -20.77
C LEU F 170 64.33 -38.23 -21.99
N THR F 171 64.19 -38.99 -23.07
CA THR F 171 63.54 -38.49 -24.28
C THR F 171 62.09 -38.13 -23.98
N ALA F 172 61.47 -38.91 -23.09
CA ALA F 172 60.11 -38.62 -22.65
C ALA F 172 60.08 -37.34 -21.81
N ALA F 173 61.16 -37.11 -21.07
CA ALA F 173 61.30 -35.89 -20.28
C ALA F 173 61.38 -34.67 -21.17
N LYS F 174 62.24 -34.71 -22.18
CA LYS F 174 62.40 -33.61 -23.13
C LYS F 174 61.08 -33.31 -23.83
N ALA F 175 60.33 -34.35 -24.17
CA ALA F 175 59.01 -34.19 -24.76
C ALA F 175 58.11 -33.44 -23.76
N GLY F 176 58.11 -33.94 -22.53
CA GLY F 176 57.41 -33.27 -21.44
C GLY F 176 55.90 -33.44 -21.43
N GLU F 177 55.40 -34.44 -22.14
CA GLU F 177 54.01 -34.84 -21.98
C GLU F 177 53.90 -35.78 -20.81
N TYR F 178 52.66 -36.17 -20.48
CA TYR F 178 52.37 -36.99 -19.32
C TYR F 178 50.96 -37.58 -19.41
N ASP F 179 50.84 -38.84 -19.02
CA ASP F 179 49.57 -39.52 -19.00
C ASP F 179 48.59 -38.80 -18.07
N THR F 180 47.32 -38.81 -18.43
CA THR F 180 46.28 -38.21 -17.61
C THR F 180 46.27 -38.82 -16.21
N LEU F 181 46.66 -40.08 -16.13
CA LEU F 181 46.72 -40.81 -14.87
C LEU F 181 47.90 -40.40 -13.99
N ALA F 182 49.04 -40.13 -14.63
CA ALA F 182 50.26 -39.75 -13.91
C ALA F 182 50.15 -38.39 -13.22
N MET F 183 49.25 -37.54 -13.69
CA MET F 183 49.06 -36.21 -13.15
C MET F 183 48.35 -36.21 -11.80
N GLY F 184 47.58 -37.26 -11.54
CA GLY F 184 46.85 -37.37 -10.28
C GLY F 184 47.74 -37.72 -9.10
N ARG F 185 49.01 -38.00 -9.37
CA ARG F 185 49.92 -38.49 -8.34
C ARG F 185 50.85 -37.41 -7.77
N GLY F 186 50.50 -36.94 -6.57
CA GLY F 186 51.31 -35.96 -5.86
C GLY F 186 51.19 -34.54 -6.36
N LEU F 187 50.22 -34.29 -7.23
CA LEU F 187 50.06 -32.97 -7.83
C LEU F 187 48.70 -32.34 -7.54
N SER F 188 48.73 -31.14 -6.98
CA SER F 188 47.51 -30.39 -6.67
C SER F 188 46.74 -30.07 -7.95
N PRO F 189 45.41 -30.11 -7.89
CA PRO F 189 44.60 -29.79 -9.06
C PRO F 189 44.79 -28.35 -9.51
N GLU F 190 45.09 -27.47 -8.56
CA GLU F 190 45.47 -26.10 -8.88
C GLU F 190 46.72 -26.08 -9.75
N ARG F 191 47.78 -26.74 -9.28
CA ARG F 191 49.04 -26.81 -10.02
C ARG F 191 48.89 -27.50 -11.37
N LEU F 192 47.95 -28.44 -11.45
CA LEU F 192 47.66 -29.15 -12.69
C LEU F 192 47.03 -28.16 -13.68
N GLN F 193 46.00 -27.46 -13.23
CA GLN F 193 45.31 -26.49 -14.08
C GLN F 193 46.22 -25.31 -14.43
N ARG F 194 47.06 -24.91 -13.48
CA ARG F 194 47.90 -23.72 -13.63
C ARG F 194 49.14 -23.94 -14.52
N TYR F 195 49.82 -25.06 -14.33
CA TYR F 195 51.11 -25.30 -15.00
C TYR F 195 51.08 -26.26 -16.19
N PHE F 196 49.87 -26.67 -16.60
CA PHE F 196 49.78 -27.67 -17.67
C PHE F 196 48.77 -27.35 -18.76
N ASP F 197 49.20 -27.46 -20.01
CA ASP F 197 48.30 -27.39 -21.16
C ASP F 197 47.94 -28.80 -21.59
N ALA F 198 46.65 -29.07 -21.75
CA ALA F 198 46.21 -30.37 -22.20
C ALA F 198 46.41 -30.47 -23.72
N LYS F 199 47.37 -31.30 -24.13
CA LYS F 199 47.67 -31.46 -25.54
C LYS F 199 47.14 -32.82 -25.99
N GLY F 200 45.87 -33.05 -25.71
CA GLY F 200 45.23 -34.31 -26.06
C GLY F 200 44.04 -34.59 -25.17
N PRO F 201 43.21 -35.56 -25.58
CA PRO F 201 42.08 -36.00 -24.74
C PRO F 201 42.55 -36.73 -23.49
N GLY F 202 43.58 -37.56 -23.63
CA GLY F 202 44.13 -38.32 -22.53
C GLY F 202 45.56 -37.95 -22.18
N ARG F 203 46.05 -36.85 -22.74
CA ARG F 203 47.43 -36.42 -22.50
C ARG F 203 47.56 -35.00 -21.96
N TRP F 204 48.67 -34.73 -21.29
CA TRP F 204 48.95 -33.43 -20.67
C TRP F 204 50.41 -33.05 -20.86
N ALA F 205 50.65 -31.81 -21.27
CA ALA F 205 52.00 -31.33 -21.53
C ALA F 205 52.40 -30.19 -20.59
N VAL F 206 53.68 -30.07 -20.30
CA VAL F 206 54.18 -28.97 -19.46
C VAL F 206 54.11 -27.65 -20.20
N LYS F 207 53.65 -26.60 -19.51
CA LYS F 207 53.60 -25.27 -20.10
C LYS F 207 55.02 -24.74 -20.37
N PRO F 208 55.22 -24.16 -21.57
CA PRO F 208 56.52 -23.70 -22.08
C PRO F 208 57.30 -22.81 -21.11
N ALA F 209 56.59 -22.04 -20.29
CA ALA F 209 57.23 -21.17 -19.31
C ALA F 209 58.03 -21.99 -18.29
N ILE F 210 57.48 -23.15 -17.93
CA ILE F 210 58.14 -24.06 -17.00
C ILE F 210 59.23 -24.83 -17.74
N ARG F 211 58.93 -25.20 -18.98
CA ARG F 211 59.84 -25.94 -19.84
C ARG F 211 61.18 -25.22 -20.06
N SER F 212 61.10 -23.91 -20.28
CA SER F 212 62.28 -23.14 -20.69
C SER F 212 63.27 -22.94 -19.54
N ARG F 213 62.83 -23.23 -18.32
CA ARG F 213 63.69 -23.04 -17.16
C ARG F 213 64.66 -24.21 -17.01
N VAL F 214 64.37 -25.31 -17.69
CA VAL F 214 65.20 -26.49 -17.58
C VAL F 214 65.89 -26.82 -18.90
N GLU F 215 67.10 -27.36 -18.81
CA GLU F 215 67.78 -27.91 -19.97
C GLU F 215 68.12 -29.35 -19.67
N PHE F 216 67.72 -30.26 -20.56
CA PHE F 216 68.02 -31.66 -20.34
C PHE F 216 69.26 -32.04 -21.11
N ARG F 217 70.20 -32.66 -20.40
CA ARG F 217 71.43 -33.12 -21.01
C ARG F 217 71.69 -34.56 -20.59
N ALA F 218 72.19 -35.36 -21.52
CA ALA F 218 72.42 -36.77 -21.26
C ALA F 218 73.68 -36.98 -20.43
N LEU F 219 73.55 -37.67 -19.30
CA LEU F 219 74.70 -37.94 -18.45
C LEU F 219 74.57 -39.24 -17.66
N ASN F 220 75.65 -40.01 -17.64
CA ASN F 220 75.78 -41.16 -16.74
C ASN F 220 76.47 -40.70 -15.45
N LEU F 221 75.85 -40.99 -14.31
CA LEU F 221 76.33 -40.49 -13.03
C LEU F 221 77.68 -41.09 -12.60
N LEU F 222 78.13 -42.13 -13.30
CA LEU F 222 79.42 -42.75 -12.99
C LEU F 222 80.56 -42.03 -13.72
N ASP F 223 80.21 -41.10 -14.61
CA ASP F 223 81.19 -40.37 -15.38
C ASP F 223 81.52 -39.00 -14.77
N SER F 224 82.39 -38.26 -15.45
CA SER F 224 82.87 -36.98 -14.95
C SER F 224 81.78 -35.91 -15.03
N TYR F 225 81.74 -35.05 -14.03
CA TYR F 225 80.73 -34.00 -13.93
C TYR F 225 81.27 -32.64 -14.37
N ALA F 226 82.41 -32.64 -15.05
CA ALA F 226 83.08 -31.39 -15.42
C ALA F 226 82.30 -30.55 -16.42
N SER F 227 81.62 -31.22 -17.34
CA SER F 227 80.88 -30.53 -18.39
C SER F 227 79.66 -29.74 -17.89
N LEU F 228 79.19 -30.04 -16.69
CA LEU F 228 77.96 -29.43 -16.17
C LEU F 228 78.16 -28.05 -15.53
N GLY F 229 79.31 -27.85 -14.90
CA GLY F 229 79.56 -26.62 -14.17
C GLY F 229 79.14 -26.73 -12.71
N LYS F 230 79.01 -25.61 -12.03
CA LYS F 230 78.73 -25.62 -10.60
C LYS F 230 77.28 -25.29 -10.30
N PHE F 231 76.78 -25.85 -9.19
CA PHE F 231 75.38 -25.69 -8.81
C PHE F 231 75.28 -25.15 -7.39
N ASP F 232 74.22 -24.40 -7.14
CA ASP F 232 73.92 -23.92 -5.80
C ASP F 232 73.19 -25.03 -5.04
N MET F 233 72.39 -25.78 -5.76
CA MET F 233 71.64 -26.89 -5.18
C MET F 233 71.68 -28.12 -6.08
N VAL F 234 71.64 -29.29 -5.45
CA VAL F 234 71.60 -30.55 -6.19
C VAL F 234 70.49 -31.44 -5.63
N PHE F 235 69.64 -31.95 -6.52
CA PHE F 235 68.58 -32.85 -6.12
C PHE F 235 68.83 -34.26 -6.62
N CYS F 236 69.27 -35.12 -5.70
CA CYS F 236 69.51 -36.52 -6.00
C CYS F 236 68.75 -37.40 -5.01
N ARG F 237 67.59 -37.90 -5.43
CA ARG F 237 66.66 -38.52 -4.51
C ARG F 237 66.27 -39.92 -4.95
N ASN F 238 66.35 -40.88 -4.03
CA ASN F 238 66.08 -42.29 -4.31
C ASN F 238 67.01 -42.81 -5.40
N VAL F 239 68.31 -42.57 -5.22
CA VAL F 239 69.31 -42.92 -6.22
C VAL F 239 70.46 -43.76 -5.68
N LEU F 240 71.15 -43.22 -4.68
CA LEU F 240 72.41 -43.80 -4.18
C LEU F 240 72.24 -45.13 -3.46
N ILE F 241 71.06 -45.38 -2.92
CA ILE F 241 70.78 -46.62 -2.20
C ILE F 241 70.81 -47.83 -3.13
N TYR F 242 70.69 -47.58 -4.42
CA TYR F 242 70.69 -48.66 -5.41
C TYR F 242 72.09 -48.97 -5.91
N PHE F 243 73.09 -48.29 -5.34
CA PHE F 243 74.48 -48.56 -5.64
C PHE F 243 75.18 -49.16 -4.43
N SER F 244 76.48 -49.46 -4.57
CA SER F 244 77.23 -50.00 -3.45
C SER F 244 77.61 -48.88 -2.49
N ALA F 245 78.52 -49.17 -1.57
CA ALA F 245 78.95 -48.17 -0.59
C ALA F 245 80.19 -47.44 -1.09
N GLU F 246 81.10 -48.19 -1.71
CA GLU F 246 82.35 -47.63 -2.21
C GLU F 246 82.10 -46.63 -3.33
N VAL F 247 81.12 -46.92 -4.19
CA VAL F 247 80.81 -46.06 -5.32
C VAL F 247 79.83 -44.95 -4.92
N LYS F 248 79.12 -45.16 -3.81
CA LYS F 248 78.23 -44.13 -3.26
C LYS F 248 79.05 -42.96 -2.73
N ARG F 249 80.09 -43.26 -1.96
CA ARG F 249 80.98 -42.25 -1.43
C ARG F 249 81.66 -41.50 -2.57
N ASP F 250 81.96 -42.23 -3.64
CA ASP F 250 82.60 -41.66 -4.82
C ASP F 250 81.76 -40.56 -5.45
N ILE F 251 80.49 -40.86 -5.66
CA ILE F 251 79.57 -39.91 -6.28
C ILE F 251 79.36 -38.72 -5.34
N LEU F 252 79.26 -39.01 -4.05
CA LEU F 252 79.07 -37.98 -3.02
C LEU F 252 80.16 -36.92 -3.03
N LEU F 253 81.40 -37.36 -3.24
CA LEU F 253 82.54 -36.43 -3.28
C LEU F 253 82.54 -35.63 -4.58
N ARG F 254 82.10 -36.26 -5.66
CA ARG F 254 82.01 -35.60 -6.95
C ARG F 254 80.81 -34.67 -6.94
N ILE F 255 79.86 -34.96 -6.06
CA ILE F 255 78.74 -34.06 -5.84
C ILE F 255 79.22 -32.89 -4.98
N HIS F 256 80.23 -33.14 -4.14
CA HIS F 256 80.86 -32.06 -3.39
C HIS F 256 81.57 -31.13 -4.34
N GLY F 257 82.13 -31.69 -5.41
CA GLY F 257 82.66 -30.86 -6.48
C GLY F 257 81.45 -30.26 -7.16
N THR F 258 81.67 -29.43 -8.17
CA THR F 258 80.56 -28.73 -8.85
C THR F 258 79.51 -28.18 -7.85
N LEU F 259 79.97 -27.80 -6.65
CA LEU F 259 79.12 -27.20 -5.63
C LEU F 259 79.77 -26.00 -4.99
N LYS F 260 79.07 -24.87 -5.01
CA LYS F 260 79.51 -23.68 -4.30
C LYS F 260 79.51 -23.96 -2.80
N PRO F 261 80.50 -23.42 -2.07
CA PRO F 261 80.60 -23.60 -0.61
C PRO F 261 79.34 -23.16 0.12
N GLY F 262 78.80 -24.03 0.96
CA GLY F 262 77.54 -23.77 1.64
C GLY F 262 76.35 -24.14 0.77
N GLY F 263 76.62 -24.88 -0.30
CA GLY F 263 75.56 -25.34 -1.21
C GLY F 263 74.80 -26.52 -0.63
N TYR F 264 73.59 -26.73 -1.11
CA TYR F 264 72.71 -27.74 -0.52
C TYR F 264 72.45 -28.94 -1.43
N LEU F 265 72.30 -30.11 -0.81
CA LEU F 265 71.98 -31.36 -1.50
C LEU F 265 70.76 -32.05 -0.89
N PHE F 266 69.80 -32.40 -1.74
CA PHE F 266 68.57 -33.04 -1.26
C PHE F 266 68.57 -34.52 -1.67
N LEU F 267 68.62 -35.41 -0.68
CA LEU F 267 68.70 -36.85 -0.94
C LEU F 267 67.36 -37.59 -0.82
N GLY F 268 66.27 -36.86 -0.59
CA GLY F 268 64.98 -37.51 -0.45
C GLY F 268 64.86 -38.31 0.83
N ALA F 269 63.64 -38.73 1.12
CA ALA F 269 63.31 -39.40 2.37
C ALA F 269 64.18 -40.63 2.63
N SER F 270 64.19 -41.06 3.89
CA SER F 270 64.93 -42.25 4.32
C SER F 270 66.26 -42.49 3.60
N GLU F 271 67.07 -41.45 3.47
CA GLU F 271 68.37 -41.58 2.82
C GLU F 271 69.44 -40.88 3.69
N ALA F 272 70.40 -41.64 4.22
CA ALA F 272 71.43 -41.04 5.07
C ALA F 272 72.80 -41.11 4.40
N LEU F 273 73.68 -40.17 4.73
CA LEU F 273 75.04 -40.17 4.20
C LEU F 273 76.04 -40.25 5.36
N ASN F 274 75.84 -41.24 6.24
CA ASN F 274 76.74 -41.42 7.37
C ASN F 274 78.13 -41.76 6.88
N ASN F 275 78.95 -40.73 6.64
CA ASN F 275 80.30 -40.92 6.15
C ASN F 275 81.05 -39.63 5.84
N LEU F 276 82.30 -39.81 5.44
CA LEU F 276 83.23 -38.73 5.08
C LEU F 276 83.64 -37.86 6.27
N PRO F 277 84.89 -37.38 6.24
CA PRO F 277 85.42 -36.50 7.29
C PRO F 277 84.79 -35.12 7.19
N ASP F 278 83.70 -34.90 7.92
CA ASP F 278 82.90 -33.70 7.81
C ASP F 278 82.38 -33.54 6.38
N HIS F 279 82.90 -32.52 5.69
CA HIS F 279 82.53 -32.16 4.32
C HIS F 279 81.05 -31.77 4.23
N TYR F 280 80.16 -32.72 4.49
CA TYR F 280 78.73 -32.41 4.53
C TYR F 280 78.24 -32.23 5.96
N GLN F 281 77.61 -31.08 6.23
CA GLN F 281 77.00 -30.85 7.54
C GLN F 281 75.49 -31.14 7.46
N MET F 282 75.01 -31.96 8.40
CA MET F 282 73.59 -32.33 8.43
C MET F 282 72.74 -31.17 8.95
N VAL F 283 71.80 -30.70 8.12
CA VAL F 283 70.93 -29.59 8.48
C VAL F 283 69.47 -30.06 8.64
N GLN F 284 69.02 -30.17 9.89
CA GLN F 284 67.66 -30.64 10.15
C GLN F 284 66.60 -29.55 9.98
N CYS F 285 65.60 -29.83 9.16
CA CYS F 285 64.41 -28.98 9.10
C CYS F 285 63.35 -29.65 9.97
N SER F 286 62.19 -29.00 10.01
CA SER F 286 61.04 -29.48 10.77
C SER F 286 60.54 -30.80 10.21
N PRO F 287 60.48 -30.95 8.90
CA PRO F 287 59.99 -32.23 8.37
C PRO F 287 61.14 -33.12 7.90
N GLY F 288 61.80 -32.71 6.82
CA GLY F 288 62.91 -33.47 6.28
C GLY F 288 64.26 -32.83 6.55
N ILE F 289 65.33 -33.57 6.30
CA ILE F 289 66.67 -33.06 6.53
C ILE F 289 67.40 -32.81 5.21
N ILE F 290 68.42 -31.96 5.24
CA ILE F 290 69.18 -31.62 4.05
C ILE F 290 70.67 -31.56 4.40
N TYR F 291 71.51 -31.45 3.37
CA TYR F 291 72.96 -31.48 3.59
C TYR F 291 73.67 -30.29 2.95
N ARG F 292 74.54 -29.65 3.71
CA ARG F 292 75.27 -28.47 3.26
C ARG F 292 76.75 -28.76 3.03
N ALA F 293 77.32 -28.15 2.00
CA ALA F 293 78.71 -28.40 1.62
C ALA F 293 79.69 -27.53 2.40
N LYS F 294 80.55 -28.17 3.20
CA LYS F 294 81.60 -27.47 3.92
C LYS F 294 82.95 -27.63 3.22
N ASN G 25 -69.00 26.88 41.62
CA ASN G 25 -67.75 27.58 41.87
C ASN G 25 -67.87 28.63 42.98
N ALA G 26 -68.99 28.61 43.68
CA ALA G 26 -69.21 29.53 44.79
C ALA G 26 -68.53 29.06 46.07
N ASP G 27 -68.98 27.91 46.58
CA ASP G 27 -68.44 27.33 47.81
C ASP G 27 -67.28 26.37 47.55
N PHE G 28 -66.28 26.79 46.78
CA PHE G 28 -65.11 25.95 46.56
C PHE G 28 -63.81 26.63 46.98
N GLU G 29 -63.68 27.91 46.63
CA GLU G 29 -62.52 28.71 46.97
C GLU G 29 -62.24 28.71 48.46
N LEU G 30 -63.31 28.65 49.24
CA LEU G 30 -63.22 28.59 50.68
C LEU G 30 -62.49 27.34 51.16
N PHE G 31 -62.79 26.21 50.54
CA PHE G 31 -62.19 24.93 50.94
C PHE G 31 -60.71 24.79 50.62
N ARG G 32 -60.31 25.17 49.41
CA ARG G 32 -58.92 24.99 49.00
C ARG G 32 -57.98 25.85 49.85
N VAL G 33 -58.48 27.00 50.29
CA VAL G 33 -57.73 27.86 51.21
C VAL G 33 -57.56 27.16 52.55
N PHE G 34 -58.59 26.42 52.97
CA PHE G 34 -58.54 25.66 54.21
C PHE G 34 -57.42 24.62 54.18
N LEU G 35 -57.40 23.84 53.11
CA LEU G 35 -56.43 22.74 52.95
C LEU G 35 -55.00 23.22 53.03
N GLU G 36 -54.72 24.38 52.43
CA GLU G 36 -53.39 24.97 52.46
C GLU G 36 -52.96 25.31 53.89
N LYS G 37 -53.87 25.89 54.66
CA LYS G 37 -53.57 26.27 56.03
C LYS G 37 -53.29 25.07 56.93
N THR G 38 -54.12 24.04 56.81
CA THR G 38 -54.03 22.88 57.68
C THR G 38 -53.35 21.68 57.03
N CYS G 39 -53.99 21.10 56.03
CA CYS G 39 -53.51 19.86 55.43
C CYS G 39 -52.30 20.05 54.51
N GLY G 40 -52.01 21.30 54.15
CA GLY G 40 -50.88 21.60 53.29
C GLY G 40 -51.13 21.07 51.90
N ILE G 41 -52.31 21.34 51.37
CA ILE G 41 -52.70 20.87 50.05
C ILE G 41 -53.22 21.99 49.19
N VAL G 42 -52.52 22.25 48.09
CA VAL G 42 -52.92 23.28 47.16
C VAL G 42 -53.77 22.68 46.06
N LEU G 43 -54.68 23.46 45.49
CA LEU G 43 -55.52 22.95 44.42
C LEU G 43 -55.41 23.82 43.19
N GLY G 44 -56.56 24.23 42.67
CA GLY G 44 -56.59 25.05 41.48
C GLY G 44 -58.01 25.15 40.97
N SER G 45 -58.44 26.36 40.61
CA SER G 45 -59.77 26.55 40.06
C SER G 45 -60.04 25.55 38.94
N ASN G 46 -58.96 25.07 38.32
CA ASN G 46 -59.09 24.10 37.22
C ASN G 46 -59.55 22.71 37.66
N LYS G 47 -58.75 22.06 38.51
CA LYS G 47 -59.06 20.71 39.01
C LYS G 47 -60.34 20.61 39.86
N GLN G 48 -61.10 21.69 39.91
CA GLN G 48 -62.35 21.76 40.67
C GLN G 48 -63.36 20.63 40.46
N TYR G 49 -63.16 19.80 39.45
CA TYR G 49 -64.10 18.71 39.20
C TYR G 49 -63.57 17.41 39.76
N LEU G 50 -62.27 17.20 39.65
CA LEU G 50 -61.61 16.02 40.18
C LEU G 50 -61.56 16.10 41.71
N VAL G 51 -62.01 17.23 42.24
CA VAL G 51 -62.18 17.42 43.67
C VAL G 51 -63.60 17.08 44.10
N SER G 52 -64.57 17.77 43.50
CA SER G 52 -65.96 17.62 43.87
C SER G 52 -66.54 16.26 43.49
N SER G 53 -65.76 15.48 42.74
CA SER G 53 -66.15 14.11 42.42
C SER G 53 -65.71 13.15 43.52
N ARG G 54 -64.44 13.26 43.90
CA ARG G 54 -63.83 12.32 44.84
C ARG G 54 -64.28 12.45 46.29
N LEU G 55 -64.45 13.68 46.77
CA LEU G 55 -64.82 13.88 48.18
C LEU G 55 -66.33 13.72 48.42
N ASN G 56 -67.11 13.84 47.35
CA ASN G 56 -68.56 13.68 47.46
C ASN G 56 -68.96 12.26 47.85
N LYS G 57 -68.08 11.30 47.55
CA LYS G 57 -68.29 9.92 47.97
C LYS G 57 -68.08 9.76 49.48
N LEU G 58 -67.08 10.44 50.02
CA LEU G 58 -66.82 10.42 51.46
C LEU G 58 -67.87 11.31 52.16
N MET G 59 -68.35 12.32 51.44
CA MET G 59 -69.40 13.19 51.99
C MET G 59 -70.72 12.45 52.08
N GLU G 60 -70.86 11.39 51.29
CA GLU G 60 -72.01 10.50 51.38
C GLU G 60 -71.76 9.48 52.48
N GLN G 61 -70.49 9.31 52.84
CA GLN G 61 -70.11 8.37 53.88
C GLN G 61 -70.55 8.86 55.26
N GLN G 62 -71.21 10.01 55.27
CA GLN G 62 -71.70 10.60 56.52
C GLN G 62 -72.68 11.72 56.21
N GLY G 63 -72.91 12.58 57.21
CA GLY G 63 -73.83 13.70 57.04
C GLY G 63 -73.16 15.02 56.75
N ILE G 64 -72.85 15.27 55.48
CA ILE G 64 -72.22 16.50 55.06
C ILE G 64 -72.64 16.89 53.64
N LYS G 65 -72.98 18.16 53.45
CA LYS G 65 -73.40 18.66 52.15
C LYS G 65 -72.72 19.97 51.81
N SER G 66 -71.39 19.94 51.71
CA SER G 66 -70.62 21.15 51.40
C SER G 66 -70.70 22.17 52.53
N LEU G 67 -69.62 22.91 52.74
CA LEU G 67 -69.58 23.90 53.79
C LEU G 67 -69.68 23.18 55.13
N GLY G 68 -70.75 22.43 55.31
CA GLY G 68 -70.96 21.67 56.53
C GLY G 68 -69.86 20.72 56.92
N GLU G 69 -69.07 20.31 55.94
CA GLU G 69 -67.96 19.38 56.19
C GLU G 69 -66.75 20.11 56.76
N LEU G 70 -66.61 21.38 56.39
CA LEU G 70 -65.49 22.19 56.87
C LEU G 70 -65.50 22.32 58.39
N VAL G 71 -66.67 22.63 58.94
CA VAL G 71 -66.82 22.77 60.38
C VAL G 71 -66.67 21.42 61.09
N GLN G 72 -67.11 20.35 60.44
CA GLN G 72 -67.11 19.01 61.04
C GLN G 72 -65.72 18.39 61.17
N ARG G 73 -64.74 18.93 60.46
CA ARG G 73 -63.38 18.46 60.60
C ARG G 73 -62.70 19.07 61.82
N ILE G 74 -63.21 20.21 62.29
CA ILE G 74 -62.54 20.90 63.37
C ILE G 74 -62.77 20.17 64.70
N GLN G 75 -63.61 19.15 64.69
CA GLN G 75 -63.61 18.21 65.80
C GLN G 75 -62.51 17.22 65.48
N THR G 76 -61.28 17.70 65.33
CA THR G 76 -60.25 16.78 64.88
C THR G 76 -59.83 16.01 66.10
N GLN G 77 -58.71 15.29 66.00
CA GLN G 77 -58.27 14.48 67.14
C GLN G 77 -59.41 13.58 67.62
N ARG G 78 -60.46 13.45 66.81
CA ARG G 78 -61.60 12.62 67.16
C ARG G 78 -62.55 12.47 65.96
N GLY G 79 -62.42 11.35 65.26
CA GLY G 79 -63.24 11.07 64.10
C GLY G 79 -62.45 10.62 62.89
N GLY G 80 -61.14 10.87 62.94
CA GLY G 80 -60.26 10.49 61.85
C GLY G 80 -60.66 11.12 60.52
N LEU G 81 -61.70 11.95 60.57
CA LEU G 81 -62.18 12.62 59.37
C LEU G 81 -61.07 13.42 58.71
N ARG G 82 -60.29 14.13 59.52
CA ARG G 82 -59.18 14.94 59.01
C ARG G 82 -58.24 14.18 58.08
N GLU G 83 -57.84 12.97 58.46
CA GLU G 83 -56.96 12.16 57.61
C GLU G 83 -57.71 11.56 56.43
N MET G 84 -59.04 11.55 56.51
CA MET G 84 -59.85 11.01 55.42
C MET G 84 -59.97 12.03 54.30
N VAL G 85 -60.09 13.30 54.68
CA VAL G 85 -60.16 14.37 53.71
C VAL G 85 -58.82 14.52 53.00
N VAL G 86 -57.73 14.35 53.74
CA VAL G 86 -56.40 14.37 53.14
C VAL G 86 -56.33 13.31 52.05
N ASP G 87 -56.83 12.12 52.36
CA ASP G 87 -56.98 11.06 51.37
C ASP G 87 -58.06 11.44 50.37
N ALA G 88 -58.00 10.83 49.18
CA ALA G 88 -58.93 11.09 48.07
C ALA G 88 -58.71 12.46 47.43
N MET G 89 -57.76 13.23 47.95
CA MET G 89 -57.32 14.43 47.27
C MET G 89 -56.12 14.04 46.44
N THR G 90 -55.65 12.82 46.70
CA THR G 90 -54.55 12.24 45.96
C THR G 90 -54.98 10.90 45.38
N THR G 91 -54.69 10.69 44.10
CA THR G 91 -54.93 9.40 43.47
C THR G 91 -54.20 8.31 44.25
N ASN G 92 -54.93 7.34 44.78
CA ASN G 92 -54.33 6.27 45.56
C ASN G 92 -53.87 5.13 44.66
N GLU G 93 -52.94 5.44 43.78
CA GLU G 93 -52.41 4.47 42.84
C GLU G 93 -50.88 4.51 42.76
N THR G 94 -50.24 3.38 42.48
CA THR G 94 -48.80 3.42 42.24
C THR G 94 -48.60 3.56 40.73
N LEU G 95 -48.21 4.76 40.31
CA LEU G 95 -48.05 5.09 38.90
C LEU G 95 -46.62 4.97 38.35
N TRP G 96 -46.51 5.02 37.04
CA TRP G 96 -45.22 5.17 36.35
C TRP G 96 -45.11 6.60 35.84
N PHE G 97 -44.04 7.29 36.19
CA PHE G 97 -43.85 8.69 35.84
C PHE G 97 -45.06 9.50 36.28
N ARG G 98 -45.29 9.56 37.58
CA ARG G 98 -46.46 10.21 38.15
C ARG G 98 -46.58 11.68 37.73
N ASP G 99 -47.75 12.05 37.23
CA ASP G 99 -48.06 13.43 36.80
C ASP G 99 -47.29 13.85 35.54
N THR G 100 -46.30 13.05 35.15
CA THR G 100 -45.54 13.22 33.91
C THR G 100 -44.66 14.48 33.84
N TYR G 101 -45.09 15.55 34.50
CA TYR G 101 -44.34 16.81 34.45
C TYR G 101 -42.97 16.80 35.15
N PRO G 102 -42.83 16.13 36.31
CA PRO G 102 -41.54 16.30 36.99
C PRO G 102 -40.36 15.66 36.28
N PHE G 103 -40.64 14.67 35.43
CA PHE G 103 -39.58 13.95 34.74
C PHE G 103 -39.08 14.71 33.51
N GLU G 104 -39.99 15.43 32.86
CA GLU G 104 -39.59 16.34 31.78
C GLU G 104 -38.86 17.54 32.34
N VAL G 105 -39.28 18.00 33.52
CA VAL G 105 -38.58 19.07 34.22
C VAL G 105 -37.15 18.64 34.51
N LEU G 106 -37.02 17.40 34.98
CA LEU G 106 -35.72 16.81 35.27
C LEU G 106 -34.79 16.80 34.07
N LYS G 107 -35.32 16.35 32.93
CA LYS G 107 -34.51 16.15 31.73
C LYS G 107 -34.04 17.45 31.07
N GLN G 108 -34.97 18.37 30.81
CA GLN G 108 -34.63 19.56 30.02
C GLN G 108 -34.33 20.80 30.84
N ARG G 109 -34.35 20.68 32.16
CA ARG G 109 -34.09 21.82 33.03
C ARG G 109 -33.12 21.52 34.16
N VAL G 110 -33.47 20.57 35.02
CA VAL G 110 -32.70 20.30 36.23
C VAL G 110 -31.32 19.74 35.90
N LEU G 111 -31.29 18.66 35.11
CA LEU G 111 -30.03 18.03 34.73
C LEU G 111 -29.08 18.96 33.96
N PRO G 112 -29.60 19.73 32.97
CA PRO G 112 -28.71 20.72 32.35
C PRO G 112 -28.14 21.73 33.34
N GLU G 113 -28.96 22.13 34.32
CA GLU G 113 -28.52 23.07 35.36
C GLU G 113 -27.39 22.42 36.17
N LEU G 114 -27.55 21.12 36.43
CA LEU G 114 -26.61 20.37 37.25
C LEU G 114 -25.37 20.01 36.45
N ILE G 115 -25.53 19.83 35.14
CA ILE G 115 -24.41 19.52 34.26
C ILE G 115 -23.45 20.70 34.20
N LYS G 116 -23.99 21.92 34.18
CA LYS G 116 -23.14 23.11 34.17
C LYS G 116 -22.29 23.20 35.43
N ALA G 117 -22.95 23.53 36.56
CA ALA G 117 -22.29 23.66 37.86
C ALA G 117 -21.34 22.51 38.23
N ASN G 118 -21.85 21.28 38.18
CA ASN G 118 -21.09 20.10 38.59
C ASN G 118 -20.08 19.64 37.55
N GLY G 119 -20.37 19.93 36.29
CA GLY G 119 -19.57 19.41 35.18
C GLY G 119 -20.02 18.00 34.86
N GLY G 120 -19.79 17.07 35.78
CA GLY G 120 -20.20 15.69 35.60
C GLY G 120 -19.51 14.80 36.61
N GLN G 121 -19.64 15.16 37.88
CA GLN G 121 -19.03 14.41 38.98
C GLN G 121 -20.03 13.49 39.67
N ARG G 122 -20.63 12.61 38.88
CA ARG G 122 -21.61 11.63 39.36
C ARG G 122 -22.73 12.08 40.30
N LEU G 123 -23.77 12.72 39.73
CA LEU G 123 -24.94 13.13 40.52
C LEU G 123 -25.65 11.97 41.25
N ARG G 124 -26.13 12.27 42.46
CA ARG G 124 -26.85 11.35 43.32
C ARG G 124 -28.28 11.83 43.55
N ILE G 125 -29.23 10.92 43.36
CA ILE G 125 -30.64 11.24 43.53
C ILE G 125 -31.26 10.36 44.62
N TRP G 126 -32.12 10.95 45.43
CA TRP G 126 -32.78 10.22 46.49
C TRP G 126 -34.25 10.01 46.21
N SER G 127 -34.66 8.73 46.14
CA SER G 127 -36.07 8.39 46.06
C SER G 127 -36.56 7.95 47.43
N ALA G 128 -37.20 8.89 48.13
CA ALA G 128 -37.69 8.62 49.48
C ALA G 128 -39.02 7.88 49.42
N ALA G 129 -39.10 6.78 50.15
CA ALA G 129 -40.27 5.90 50.11
C ALA G 129 -40.54 5.41 48.68
N CYS G 130 -39.68 4.51 48.19
CA CYS G 130 -39.75 4.08 46.80
C CYS G 130 -40.93 3.15 46.50
N SER G 131 -41.52 2.59 47.56
CA SER G 131 -42.64 1.65 47.47
C SER G 131 -42.31 0.43 46.61
N SER G 132 -43.14 0.16 45.61
CA SER G 132 -42.96 -1.03 44.78
C SER G 132 -41.77 -0.92 43.84
N GLY G 133 -41.15 0.25 43.79
CA GLY G 133 -39.96 0.42 42.96
C GLY G 133 -40.19 1.31 41.75
N GLN G 134 -41.45 1.48 41.39
CA GLN G 134 -41.84 2.21 40.20
C GLN G 134 -41.21 3.60 40.01
N GLU G 135 -41.34 4.47 41.00
CA GLU G 135 -40.80 5.82 40.88
C GLU G 135 -39.28 5.87 40.63
N PRO G 136 -38.47 5.15 41.43
CA PRO G 136 -37.03 5.21 41.14
C PRO G 136 -36.64 4.56 39.80
N TYR G 137 -37.35 3.50 39.42
CA TYR G 137 -37.10 2.87 38.12
C TYR G 137 -37.47 3.82 36.99
N SER G 138 -38.51 4.62 37.22
CA SER G 138 -38.92 5.66 36.27
C SER G 138 -37.80 6.68 36.11
N LEU G 139 -37.12 6.97 37.22
CA LEU G 139 -35.99 7.89 37.21
C LEU G 139 -34.83 7.32 36.39
N SER G 140 -34.56 6.04 36.60
CA SER G 140 -33.50 5.35 35.88
C SER G 140 -33.76 5.37 34.38
N MET G 141 -35.03 5.20 33.98
CA MET G 141 -35.40 5.29 32.57
C MET G 141 -35.17 6.70 32.04
N ALA G 142 -35.58 7.69 32.82
CA ALA G 142 -35.47 9.09 32.43
C ALA G 142 -34.02 9.49 32.25
N ILE G 143 -33.14 8.89 33.05
CA ILE G 143 -31.72 9.12 32.93
C ILE G 143 -31.20 8.51 31.63
N ASP G 144 -31.54 7.24 31.42
CA ASP G 144 -31.11 6.51 30.22
C ASP G 144 -31.48 7.22 28.94
N GLU G 145 -32.72 7.71 28.84
CA GLU G 145 -33.17 8.38 27.62
C GLU G 145 -32.59 9.79 27.51
N PHE G 146 -32.06 10.33 28.60
CA PHE G 146 -31.33 11.59 28.56
C PHE G 146 -29.89 11.39 28.10
N GLU G 147 -29.28 10.29 28.54
CA GLU G 147 -27.92 9.95 28.15
C GLU G 147 -27.84 9.69 26.64
N LYS G 148 -28.89 9.10 26.09
CA LYS G 148 -28.92 8.78 24.67
C LYS G 148 -28.99 10.05 23.82
N THR G 149 -29.71 11.06 24.30
CA THR G 149 -29.86 12.31 23.57
C THR G 149 -28.68 13.25 23.78
N ASN G 150 -28.26 13.40 25.02
CA ASN G 150 -27.19 14.33 25.40
C ASN G 150 -25.87 13.64 25.72
N LEU G 151 -25.35 12.89 24.76
CA LEU G 151 -24.10 12.14 24.92
C LEU G 151 -22.92 12.97 25.40
N GLY G 152 -21.97 12.30 26.03
CA GLY G 152 -20.76 12.92 26.54
C GLY G 152 -20.97 13.72 27.80
N GLN G 153 -22.23 13.83 28.22
CA GLN G 153 -22.55 14.57 29.43
C GLN G 153 -22.76 13.53 30.52
N LEU G 154 -22.97 12.30 30.07
CA LEU G 154 -23.20 11.17 30.95
C LEU G 154 -21.87 10.69 31.55
N LYS G 155 -21.16 11.59 32.20
CA LYS G 155 -19.93 11.25 32.90
C LYS G 155 -20.27 10.23 33.96
N ALA G 156 -19.63 9.07 33.88
CA ALA G 156 -19.91 7.95 34.78
C ALA G 156 -21.39 7.57 34.68
N GLY G 157 -22.00 7.30 35.82
CA GLY G 157 -23.42 6.98 35.89
C GLY G 157 -24.00 7.66 37.12
N VAL G 158 -25.25 8.11 37.05
CA VAL G 158 -25.82 8.77 38.22
C VAL G 158 -26.29 7.70 39.22
N GLN G 159 -25.97 7.92 40.50
CA GLN G 159 -26.34 6.98 41.53
C GLN G 159 -27.70 7.32 42.11
N ILE G 160 -28.66 6.44 41.88
CA ILE G 160 -29.99 6.63 42.44
C ILE G 160 -30.16 5.78 43.68
N VAL G 161 -30.45 6.44 44.80
CA VAL G 161 -30.67 5.72 46.04
C VAL G 161 -32.15 5.78 46.37
N ALA G 162 -32.77 4.61 46.48
CA ALA G 162 -34.19 4.52 46.79
C ALA G 162 -34.39 3.78 48.10
N THR G 163 -34.99 4.47 49.06
CA THR G 163 -35.14 3.94 50.41
C THR G 163 -36.61 3.87 50.81
N ASP G 164 -36.96 2.79 51.51
CA ASP G 164 -38.31 2.63 52.05
C ASP G 164 -38.30 1.65 53.21
N LEU G 165 -39.38 1.66 53.98
CA LEU G 165 -39.60 0.71 55.07
C LEU G 165 -39.33 -0.74 54.67
N SER G 166 -38.44 -1.39 55.43
CA SER G 166 -38.20 -2.82 55.29
C SER G 166 -39.49 -3.63 55.23
N GLY G 167 -39.81 -4.14 54.05
CA GLY G 167 -41.00 -4.96 53.92
C GLY G 167 -41.08 -5.71 52.61
N SER G 168 -42.28 -6.17 52.29
CA SER G 168 -42.52 -6.89 51.05
C SER G 168 -42.60 -5.97 49.83
N MET G 169 -42.85 -4.68 50.08
CA MET G 169 -42.96 -3.70 49.00
C MET G 169 -41.58 -3.24 48.58
N LEU G 170 -40.71 -2.99 49.55
CA LEU G 170 -39.32 -2.66 49.28
C LEU G 170 -38.63 -3.84 48.63
N THR G 171 -38.94 -5.04 49.12
CA THR G 171 -38.43 -6.28 48.55
C THR G 171 -38.94 -6.45 47.11
N ALA G 172 -40.16 -5.99 46.86
CA ALA G 172 -40.75 -6.05 45.53
C ALA G 172 -40.01 -5.12 44.57
N ALA G 173 -39.48 -4.03 45.10
CA ALA G 173 -38.69 -3.09 44.31
C ALA G 173 -37.41 -3.75 43.81
N LYS G 174 -36.69 -4.37 44.75
CA LYS G 174 -35.45 -5.08 44.42
C LYS G 174 -35.66 -6.20 43.40
N ALA G 175 -36.77 -6.94 43.55
CA ALA G 175 -37.11 -7.99 42.60
C ALA G 175 -37.30 -7.41 41.22
N GLY G 176 -38.13 -6.37 41.13
CA GLY G 176 -38.32 -5.63 39.90
C GLY G 176 -39.21 -6.24 38.83
N GLU G 177 -40.01 -7.24 39.17
CA GLU G 177 -41.07 -7.66 38.26
C GLU G 177 -42.27 -6.76 38.47
N TYR G 178 -43.28 -6.95 37.64
CA TYR G 178 -44.47 -6.09 37.63
C TYR G 178 -45.59 -6.75 36.84
N ASP G 179 -46.82 -6.61 37.36
CA ASP G 179 -48.01 -7.13 36.71
C ASP G 179 -48.15 -6.55 35.31
N THR G 180 -48.65 -7.35 34.37
CA THR G 180 -48.89 -6.91 33.01
C THR G 180 -49.88 -5.74 33.01
N LEU G 181 -50.77 -5.73 34.00
CA LEU G 181 -51.77 -4.68 34.15
C LEU G 181 -51.17 -3.39 34.71
N ALA G 182 -50.23 -3.53 35.63
CA ALA G 182 -49.59 -2.39 36.29
C ALA G 182 -48.74 -1.57 35.33
N MET G 183 -48.32 -2.22 34.24
CA MET G 183 -47.49 -1.57 33.23
C MET G 183 -48.29 -0.57 32.39
N GLY G 184 -49.60 -0.77 32.33
CA GLY G 184 -50.46 0.10 31.56
C GLY G 184 -50.67 1.45 32.22
N ARG G 185 -50.16 1.61 33.43
CA ARG G 185 -50.43 2.81 34.22
C ARG G 185 -49.28 3.81 34.16
N GLY G 186 -49.44 4.84 33.32
CA GLY G 186 -48.47 5.92 33.22
C GLY G 186 -47.20 5.64 32.44
N LEU G 187 -47.13 4.50 31.76
CA LEU G 187 -45.92 4.13 31.04
C LEU G 187 -46.15 3.98 29.55
N SER G 188 -45.37 4.72 28.76
CA SER G 188 -45.44 4.66 27.30
C SER G 188 -45.10 3.27 26.80
N PRO G 189 -45.80 2.82 25.74
CA PRO G 189 -45.54 1.50 25.13
C PRO G 189 -44.13 1.40 24.56
N GLU G 190 -43.57 2.55 24.16
CA GLU G 190 -42.17 2.63 23.75
C GLU G 190 -41.25 2.20 24.88
N ARG G 191 -41.43 2.85 26.03
CA ARG G 191 -40.63 2.56 27.22
C ARG G 191 -40.82 1.12 27.71
N LEU G 192 -42.00 0.55 27.48
CA LEU G 192 -42.25 -0.82 27.86
C LEU G 192 -41.42 -1.80 27.03
N GLN G 193 -41.49 -1.66 25.72
CA GLN G 193 -40.74 -2.54 24.83
C GLN G 193 -39.24 -2.33 25.00
N ARG G 194 -38.86 -1.07 25.23
CA ARG G 194 -37.45 -0.69 25.28
C ARG G 194 -36.77 -1.09 26.59
N TYR G 195 -37.43 -0.83 27.71
CA TYR G 195 -36.81 -1.00 29.02
C TYR G 195 -37.27 -2.23 29.80
N PHE G 196 -38.07 -3.10 29.19
CA PHE G 196 -38.61 -4.25 29.91
C PHE G 196 -38.55 -5.59 29.18
N ASP G 197 -38.07 -6.61 29.88
CA ASP G 197 -38.12 -7.99 29.40
C ASP G 197 -39.32 -8.71 29.99
N ALA G 198 -40.08 -9.39 29.13
CA ALA G 198 -41.22 -10.17 29.60
C ALA G 198 -40.76 -11.51 30.17
N LYS G 199 -40.88 -11.66 31.49
CA LYS G 199 -40.43 -12.88 32.16
C LYS G 199 -41.67 -13.69 32.55
N GLY G 200 -42.53 -13.91 31.56
CA GLY G 200 -43.75 -14.64 31.79
C GLY G 200 -44.80 -14.26 30.77
N PRO G 201 -45.89 -15.05 30.71
CA PRO G 201 -47.00 -14.68 29.83
C PRO G 201 -47.68 -13.41 30.34
N GLY G 202 -47.81 -13.30 31.65
CA GLY G 202 -48.44 -12.14 32.27
C GLY G 202 -47.50 -11.30 33.13
N ARG G 203 -46.20 -11.55 33.04
CA ARG G 203 -45.26 -10.81 33.88
C ARG G 203 -44.17 -10.11 33.06
N TRP G 204 -43.60 -9.05 33.64
CA TRP G 204 -42.57 -8.23 32.99
C TRP G 204 -41.48 -7.83 33.99
N ALA G 205 -40.23 -7.94 33.58
CA ALA G 205 -39.11 -7.62 34.46
C ALA G 205 -38.29 -6.42 33.98
N VAL G 206 -37.69 -5.70 34.92
CA VAL G 206 -36.84 -4.56 34.61
C VAL G 206 -35.53 -5.00 33.96
N LYS G 207 -35.14 -4.34 32.88
CA LYS G 207 -33.85 -4.62 32.25
C LYS G 207 -32.70 -4.20 33.15
N PRO G 208 -31.69 -5.06 33.30
CA PRO G 208 -30.53 -4.88 34.19
C PRO G 208 -29.81 -3.54 34.06
N ALA G 209 -29.80 -2.95 32.86
CA ALA G 209 -29.18 -1.65 32.65
C ALA G 209 -29.90 -0.57 33.46
N ILE G 210 -31.22 -0.72 33.57
CA ILE G 210 -32.03 0.18 34.36
C ILE G 210 -31.89 -0.17 35.84
N ARG G 211 -31.85 -1.46 36.11
CA ARG G 211 -31.69 -1.99 37.46
C ARG G 211 -30.41 -1.53 38.15
N SER G 212 -29.29 -1.56 37.42
CA SER G 212 -27.99 -1.34 38.02
C SER G 212 -27.71 0.12 38.38
N ARG G 213 -28.55 1.02 37.89
CA ARG G 213 -28.35 2.45 38.16
C ARG G 213 -28.87 2.82 39.55
N VAL G 214 -29.70 1.95 40.11
CA VAL G 214 -30.30 2.22 41.41
C VAL G 214 -29.81 1.22 42.46
N GLU G 215 -29.67 1.70 43.70
CA GLU G 215 -29.41 0.80 44.82
C GLU G 215 -30.48 1.01 45.88
N PHE G 216 -31.10 -0.08 46.29
CA PHE G 216 -32.17 -0.01 47.28
C PHE G 216 -31.62 -0.29 48.67
N ARG G 217 -31.92 0.61 49.61
CA ARG G 217 -31.50 0.41 50.99
C ARG G 217 -32.68 0.66 51.90
N ALA G 218 -32.81 -0.15 52.95
CA ALA G 218 -33.93 -0.06 53.87
C ALA G 218 -33.77 1.09 54.86
N LEU G 219 -34.74 1.99 54.89
CA LEU G 219 -34.69 3.13 55.80
C LEU G 219 -36.08 3.61 56.24
N ASN G 220 -36.22 3.89 57.53
CA ASN G 220 -37.38 4.59 58.06
C ASN G 220 -37.09 6.08 58.08
N LEU G 221 -38.00 6.87 57.52
CA LEU G 221 -37.78 8.31 57.37
C LEU G 221 -37.70 9.04 58.71
N LEU G 222 -38.04 8.34 59.80
CA LEU G 222 -37.96 8.91 61.14
C LEU G 222 -36.56 8.79 61.76
N ASP G 223 -35.67 8.08 61.08
CA ASP G 223 -34.31 7.87 61.57
C ASP G 223 -33.30 8.85 60.98
N SER G 224 -32.04 8.68 61.36
CA SER G 224 -30.97 9.56 60.94
C SER G 224 -30.59 9.34 59.47
N TYR G 225 -30.29 10.42 58.77
CA TYR G 225 -29.98 10.35 57.34
C TYR G 225 -28.48 10.35 57.04
N ALA G 226 -27.66 10.14 58.06
CA ALA G 226 -26.21 10.24 57.91
C ALA G 226 -25.61 9.13 57.03
N SER G 227 -26.17 7.93 57.12
CA SER G 227 -25.64 6.78 56.40
C SER G 227 -25.75 6.85 54.88
N LEU G 228 -26.62 7.74 54.37
CA LEU G 228 -26.89 7.80 52.94
C LEU G 228 -25.88 8.64 52.14
N GLY G 229 -25.34 9.68 52.76
CA GLY G 229 -24.47 10.61 52.07
C GLY G 229 -25.25 11.77 51.48
N LYS G 230 -24.65 12.50 50.55
CA LYS G 230 -25.27 13.71 50.01
C LYS G 230 -25.88 13.53 48.63
N PHE G 231 -26.94 14.28 48.35
CA PHE G 231 -27.70 14.16 47.11
C PHE G 231 -27.84 15.47 46.36
N ASP G 232 -27.92 15.38 45.03
CA ASP G 232 -28.20 16.56 44.20
C ASP G 232 -29.69 16.80 44.11
N MET G 233 -30.46 15.70 44.10
CA MET G 233 -31.91 15.78 44.06
C MET G 233 -32.57 14.78 45.00
N VAL G 234 -33.74 15.15 45.51
CA VAL G 234 -34.52 14.26 46.35
C VAL G 234 -35.95 14.20 45.83
N PHE G 235 -36.47 13.00 45.64
CA PHE G 235 -37.84 12.82 45.20
C PHE G 235 -38.70 12.19 46.29
N CYS G 236 -39.50 13.02 46.95
CA CYS G 236 -40.43 12.56 47.99
C CYS G 236 -41.83 13.09 47.70
N ARG G 237 -42.67 12.23 47.13
CA ARG G 237 -43.93 12.66 46.53
C ARG G 237 -45.14 11.89 47.08
N ASN G 238 -46.18 12.63 47.46
CA ASN G 238 -47.36 12.04 48.08
C ASN G 238 -46.97 11.30 49.36
N VAL G 239 -46.22 11.99 50.21
CA VAL G 239 -45.67 11.41 51.43
C VAL G 239 -45.98 12.22 52.70
N LEU G 240 -45.53 13.47 52.72
CA LEU G 240 -45.56 14.29 53.93
C LEU G 240 -46.96 14.70 54.35
N ILE G 241 -47.90 14.71 53.41
CA ILE G 241 -49.27 15.08 53.71
C ILE G 241 -49.93 14.07 54.65
N TYR G 242 -49.35 12.89 54.71
CA TYR G 242 -49.85 11.81 55.54
C TYR G 242 -49.21 11.82 56.93
N PHE G 243 -48.40 12.84 57.19
CA PHE G 243 -47.79 13.03 58.49
C PHE G 243 -48.39 14.25 59.18
N SER G 244 -47.93 14.53 60.39
CA SER G 244 -48.38 15.72 61.11
C SER G 244 -47.67 16.94 60.56
N ALA G 245 -47.76 18.06 61.26
CA ALA G 245 -47.09 19.28 60.82
C ALA G 245 -45.70 19.41 61.43
N GLU G 246 -45.59 19.06 62.71
CA GLU G 246 -44.34 19.14 63.45
C GLU G 246 -43.29 18.16 62.92
N VAL G 247 -43.74 16.96 62.57
CA VAL G 247 -42.81 15.93 62.10
C VAL G 247 -42.55 16.09 60.60
N LYS G 248 -43.47 16.77 59.90
CA LYS G 248 -43.24 17.10 58.50
C LYS G 248 -42.10 18.08 58.37
N ARG G 249 -42.18 19.16 59.15
CA ARG G 249 -41.16 20.20 59.17
C ARG G 249 -39.83 19.62 59.63
N ASP G 250 -39.88 18.68 60.57
CA ASP G 250 -38.67 18.03 61.08
C ASP G 250 -37.94 17.28 59.98
N ILE G 251 -38.68 16.48 59.22
CA ILE G 251 -38.08 15.67 58.16
C ILE G 251 -37.53 16.55 57.04
N LEU G 252 -38.27 17.59 56.68
CA LEU G 252 -37.83 18.54 55.63
C LEU G 252 -36.50 19.21 55.96
N LEU G 253 -36.29 19.52 57.24
CA LEU G 253 -35.06 20.17 57.68
C LEU G 253 -33.88 19.21 57.62
N ARG G 254 -34.17 17.94 57.91
CA ARG G 254 -33.17 16.89 57.84
C ARG G 254 -32.92 16.53 56.39
N ILE G 255 -33.91 16.83 55.55
CA ILE G 255 -33.79 16.69 54.12
C ILE G 255 -32.94 17.84 53.56
N HIS G 256 -32.91 18.97 54.26
CA HIS G 256 -32.02 20.05 53.87
C HIS G 256 -30.57 19.61 54.02
N GLY G 257 -30.31 18.78 55.03
CA GLY G 257 -29.01 18.13 55.12
C GLY G 257 -28.99 17.12 53.98
N THR G 258 -27.90 16.39 53.82
CA THR G 258 -27.76 15.47 52.68
C THR G 258 -28.26 16.08 51.35
N LEU G 259 -28.14 17.40 51.23
CA LEU G 259 -28.50 18.11 50.00
C LEU G 259 -27.40 19.12 49.69
N LYS G 260 -26.83 19.02 48.50
CA LYS G 260 -25.87 20.00 48.05
C LYS G 260 -26.55 21.36 47.94
N PRO G 261 -25.83 22.44 48.29
CA PRO G 261 -26.42 23.78 48.19
C PRO G 261 -26.91 24.06 46.78
N GLY G 262 -28.16 24.46 46.66
CA GLY G 262 -28.77 24.63 45.36
C GLY G 262 -29.31 23.32 44.81
N GLY G 263 -29.41 22.30 45.67
CA GLY G 263 -29.95 21.02 45.28
C GLY G 263 -31.46 21.07 45.23
N TYR G 264 -32.09 20.14 44.50
CA TYR G 264 -33.53 20.20 44.28
C TYR G 264 -34.35 19.12 44.99
N LEU G 265 -35.57 19.49 45.37
CA LEU G 265 -36.52 18.58 46.02
C LEU G 265 -37.85 18.58 45.27
N PHE G 266 -38.35 17.39 44.96
CA PHE G 266 -39.62 17.24 44.24
C PHE G 266 -40.69 16.70 45.19
N LEU G 267 -41.73 17.49 45.45
CA LEU G 267 -42.75 17.08 46.41
C LEU G 267 -44.02 16.46 45.85
N GLY G 268 -44.08 16.27 44.53
CA GLY G 268 -45.27 15.66 43.97
C GLY G 268 -46.50 16.55 43.88
N ALA G 269 -47.50 16.05 43.18
CA ALA G 269 -48.73 16.76 42.88
C ALA G 269 -49.42 17.33 44.11
N SER G 270 -49.66 18.64 44.09
CA SER G 270 -50.36 19.38 45.14
C SER G 270 -49.82 19.22 46.57
N GLU G 271 -48.51 19.06 46.69
CA GLU G 271 -47.88 18.91 48.00
C GLU G 271 -46.79 19.95 48.21
N ALA G 272 -47.19 21.13 48.67
CA ALA G 272 -46.24 22.21 48.91
C ALA G 272 -45.64 22.11 50.31
N LEU G 273 -44.68 22.98 50.60
CA LEU G 273 -44.02 23.00 51.91
C LEU G 273 -43.87 24.42 52.44
N ASN G 274 -45.01 25.08 52.68
CA ASN G 274 -45.01 26.44 53.19
C ASN G 274 -44.46 26.53 54.60
N ASN G 275 -43.17 26.82 54.73
CA ASN G 275 -42.53 26.92 56.03
C ASN G 275 -41.01 27.02 55.92
N LEU G 276 -40.32 26.57 56.96
CA LEU G 276 -38.85 26.60 56.98
C LEU G 276 -38.31 28.01 57.07
N PRO G 277 -37.21 28.19 57.83
CA PRO G 277 -36.59 29.52 57.92
C PRO G 277 -35.88 29.84 56.63
N ASP G 278 -36.58 30.42 55.66
CA ASP G 278 -36.00 30.76 54.38
C ASP G 278 -34.93 29.75 54.00
N HIS G 279 -35.22 28.47 54.26
CA HIS G 279 -34.29 27.40 53.95
C HIS G 279 -34.47 27.04 52.49
N TYR G 280 -35.64 26.49 52.19
CA TYR G 280 -35.99 26.12 50.82
C TYR G 280 -36.59 27.28 50.03
N GLN G 281 -36.01 27.51 48.86
CA GLN G 281 -36.50 28.50 47.91
C GLN G 281 -37.42 27.83 46.90
N MET G 282 -38.62 28.38 46.73
CA MET G 282 -39.59 27.84 45.79
C MET G 282 -39.16 28.06 44.36
N VAL G 283 -39.37 27.05 43.51
CA VAL G 283 -38.99 27.15 42.10
C VAL G 283 -40.19 26.88 41.20
N GLN G 284 -40.92 27.94 40.87
CA GLN G 284 -42.09 27.82 40.01
C GLN G 284 -41.69 27.52 38.56
N CYS G 285 -41.90 26.29 38.14
CA CYS G 285 -41.55 25.87 36.78
C CYS G 285 -42.71 26.13 35.82
N SER G 286 -42.43 25.92 34.54
CA SER G 286 -43.39 26.08 33.47
C SER G 286 -44.71 25.41 33.84
N PRO G 287 -44.74 24.09 33.86
CA PRO G 287 -46.00 23.44 34.22
C PRO G 287 -46.01 22.97 35.67
N GLY G 288 -44.83 22.70 36.21
CA GLY G 288 -44.71 22.24 37.58
C GLY G 288 -43.89 23.19 38.44
N ILE G 289 -43.59 22.76 39.66
CA ILE G 289 -42.81 23.58 40.59
C ILE G 289 -42.09 22.72 41.61
N ILE G 290 -40.78 22.90 41.70
CA ILE G 290 -39.97 22.13 42.65
C ILE G 290 -39.47 23.01 43.79
N TYR G 291 -38.43 22.56 44.47
CA TYR G 291 -37.85 23.30 45.59
C TYR G 291 -36.33 23.18 45.61
N ARG G 292 -35.66 24.26 45.99
CA ARG G 292 -34.20 24.27 46.05
C ARG G 292 -33.68 24.58 47.47
N ALA G 293 -32.61 23.91 47.85
CA ALA G 293 -32.06 24.04 49.20
C ALA G 293 -31.07 25.19 49.30
N LYS G 294 -31.42 26.19 50.10
CA LYS G 294 -30.52 27.31 50.37
C LYS G 294 -29.84 27.16 51.72
N ASN H 25 -38.79 29.97 27.84
CA ASN H 25 -40.22 29.89 27.64
C ASN H 25 -40.78 31.14 26.97
N ALA H 26 -39.90 32.00 26.49
CA ALA H 26 -40.31 33.22 25.80
C ALA H 26 -40.70 32.88 24.37
N ASP H 27 -40.01 31.90 23.80
CA ASP H 27 -40.30 31.45 22.44
C ASP H 27 -41.32 30.31 22.49
N PHE H 28 -42.39 30.51 23.25
CA PHE H 28 -43.50 29.57 23.31
C PHE H 28 -44.80 30.27 23.00
N GLU H 29 -44.96 31.45 23.58
CA GLU H 29 -46.12 32.30 23.34
C GLU H 29 -46.25 32.57 21.85
N LEU H 30 -45.12 32.71 21.18
CA LEU H 30 -45.09 32.90 19.75
C LEU H 30 -45.67 31.68 19.03
N PHE H 31 -45.32 30.50 19.54
CA PHE H 31 -45.77 29.24 18.95
C PHE H 31 -47.26 28.96 19.14
N ARG H 32 -47.73 29.09 20.38
CA ARG H 32 -49.12 28.77 20.68
C ARG H 32 -50.10 29.73 20.00
N VAL H 33 -49.71 30.98 19.84
CA VAL H 33 -50.53 31.96 19.13
C VAL H 33 -50.67 31.56 17.65
N PHE H 34 -49.61 31.00 17.09
CA PHE H 34 -49.64 30.51 15.72
C PHE H 34 -50.69 29.41 15.54
N LEU H 35 -50.64 28.41 16.40
CA LEU H 35 -51.54 27.26 16.32
C LEU H 35 -53.00 27.65 16.43
N GLU H 36 -53.29 28.56 17.36
CA GLU H 36 -54.65 29.03 17.57
C GLU H 36 -55.18 29.80 16.36
N LYS H 37 -54.33 30.67 15.80
CA LYS H 37 -54.71 31.49 14.67
C LYS H 37 -54.97 30.66 13.41
N THR H 38 -54.10 29.70 13.15
CA THR H 38 -54.17 28.91 11.93
C THR H 38 -54.78 27.52 12.11
N CYS H 39 -54.08 26.66 12.85
CA CYS H 39 -54.48 25.26 12.96
C CYS H 39 -55.68 25.02 13.89
N GLY H 40 -56.04 26.03 14.66
CA GLY H 40 -57.18 25.91 15.55
C GLY H 40 -56.94 24.98 16.72
N ILE H 41 -55.79 25.10 17.36
CA ILE H 41 -55.45 24.31 18.53
C ILE H 41 -54.99 25.22 19.66
N VAL H 42 -55.73 25.23 20.76
CA VAL H 42 -55.39 26.08 21.88
C VAL H 42 -54.54 25.35 22.89
N LEU H 43 -53.68 26.09 23.58
CA LEU H 43 -52.84 25.48 24.61
C LEU H 43 -53.01 26.21 25.92
N GLY H 44 -51.88 26.61 26.51
CA GLY H 44 -51.91 27.24 27.79
C GLY H 44 -50.51 27.36 28.32
N SER H 45 -50.16 28.49 28.91
CA SER H 45 -48.83 28.67 29.47
C SER H 45 -48.48 27.46 30.33
N ASN H 46 -49.51 26.77 30.82
CA ASN H 46 -49.31 25.58 31.66
C ASN H 46 -48.74 24.35 30.93
N LYS H 47 -49.51 23.80 29.98
CA LYS H 47 -49.07 22.60 29.24
C LYS H 47 -47.68 22.65 28.62
N GLN H 48 -47.05 23.83 28.59
CA GLN H 48 -45.73 23.96 28.00
C GLN H 48 -44.72 23.09 28.74
N TYR H 49 -44.48 21.91 28.16
CA TYR H 49 -43.48 20.90 28.53
C TYR H 49 -43.97 19.58 27.96
N LEU H 50 -45.27 19.31 28.09
CA LEU H 50 -45.86 18.13 27.46
C LEU H 50 -45.96 18.45 25.97
N VAL H 51 -45.67 19.71 25.66
CA VAL H 51 -45.55 20.19 24.30
C VAL H 51 -44.08 20.05 23.93
N SER H 52 -43.23 20.70 24.72
CA SER H 52 -41.79 20.75 24.45
C SER H 52 -41.11 19.39 24.59
N SER H 53 -41.83 18.39 25.10
CA SER H 53 -41.30 17.03 25.15
C SER H 53 -41.57 16.31 23.85
N ARG H 54 -42.82 16.36 23.41
CA ARG H 54 -43.28 15.61 22.27
C ARG H 54 -42.75 16.13 20.93
N LEU H 55 -42.63 17.44 20.78
CA LEU H 55 -42.19 18.01 19.51
C LEU H 55 -40.66 18.01 19.37
N ASN H 56 -39.94 17.87 20.48
CA ASN H 56 -38.48 17.85 20.43
C ASN H 56 -37.96 16.62 19.66
N LYS H 57 -38.76 15.57 19.62
CA LYS H 57 -38.43 14.41 18.80
C LYS H 57 -38.58 14.78 17.32
N LEU H 58 -39.62 15.57 17.03
CA LEU H 58 -39.87 16.06 15.68
C LEU H 58 -38.92 17.19 15.32
N MET H 59 -38.59 18.00 16.32
CA MET H 59 -37.67 19.13 16.14
C MET H 59 -36.23 18.65 15.98
N GLU H 60 -35.96 17.43 16.42
CA GLU H 60 -34.65 16.83 16.21
C GLU H 60 -34.57 16.17 14.82
N GLN H 61 -35.73 15.84 14.26
CA GLN H 61 -35.79 15.21 12.95
C GLN H 61 -35.71 16.25 11.83
N GLN H 62 -35.10 17.39 12.13
CA GLN H 62 -34.95 18.46 11.16
C GLN H 62 -34.36 19.72 11.79
N GLY H 63 -33.48 20.39 11.05
CA GLY H 63 -32.87 21.61 11.53
C GLY H 63 -34.00 22.49 12.02
N ILE H 64 -34.09 22.65 13.33
CA ILE H 64 -35.16 23.43 13.93
C ILE H 64 -34.79 23.80 15.36
N LYS H 65 -35.01 25.06 15.73
CA LYS H 65 -34.68 25.52 17.07
C LYS H 65 -35.83 26.33 17.66
N SER H 66 -37.01 25.71 17.73
CA SER H 66 -38.20 26.38 18.28
C SER H 66 -38.82 27.38 17.31
N LEU H 67 -38.16 28.52 17.13
CA LEU H 67 -38.68 29.55 16.24
C LEU H 67 -38.38 29.32 14.76
N GLY H 68 -37.52 28.35 14.46
CA GLY H 68 -37.30 27.97 13.07
C GLY H 68 -38.43 27.09 12.59
N GLU H 69 -39.12 26.45 13.53
CA GLU H 69 -40.31 25.67 13.23
C GLU H 69 -41.50 26.54 12.86
N LEU H 70 -41.64 27.66 13.56
CA LEU H 70 -42.70 28.60 13.28
C LEU H 70 -42.64 29.11 11.85
N VAL H 71 -41.44 29.45 11.39
CA VAL H 71 -41.26 29.92 10.03
C VAL H 71 -41.33 28.78 9.01
N GLN H 72 -40.77 27.63 9.35
CA GLN H 72 -40.73 26.49 8.43
C GLN H 72 -42.09 25.80 8.31
N ARG H 73 -43.03 26.15 9.17
CA ARG H 73 -44.38 25.62 9.07
C ARG H 73 -45.18 26.35 8.00
N ILE H 74 -44.81 27.59 7.72
CA ILE H 74 -45.59 28.40 6.79
C ILE H 74 -45.27 28.06 5.33
N GLN H 75 -44.36 27.13 5.08
CA GLN H 75 -44.18 26.63 3.73
C GLN H 75 -44.99 25.36 3.58
N THR H 76 -46.29 25.51 3.74
CA THR H 76 -47.18 24.36 3.77
C THR H 76 -47.50 23.90 2.37
N GLN H 77 -48.59 23.13 2.24
CA GLN H 77 -48.98 22.53 0.99
C GLN H 77 -47.88 21.72 0.28
N ARG H 78 -46.75 21.53 0.96
CA ARG H 78 -45.68 20.64 0.50
C ARG H 78 -44.65 20.45 1.61
N GLY H 79 -44.62 19.23 2.14
CA GLY H 79 -43.66 18.88 3.18
C GLY H 79 -44.28 18.00 4.25
N GLY H 80 -45.45 18.41 4.72
CA GLY H 80 -46.20 17.60 5.67
C GLY H 80 -45.69 17.79 7.09
N LEU H 81 -44.84 18.79 7.26
CA LEU H 81 -44.35 19.16 8.58
C LEU H 81 -45.53 19.75 9.34
N ARG H 82 -46.38 20.45 8.59
CA ARG H 82 -47.61 21.04 9.09
C ARG H 82 -48.53 19.96 9.68
N GLU H 83 -48.67 18.86 8.96
CA GLU H 83 -49.52 17.76 9.42
C GLU H 83 -48.86 16.97 10.55
N MET H 84 -47.54 17.06 10.66
CA MET H 84 -46.81 16.37 11.72
C MET H 84 -46.86 17.14 13.02
N VAL H 85 -46.83 18.46 12.92
CA VAL H 85 -46.91 19.32 14.10
C VAL H 85 -48.27 19.19 14.76
N VAL H 86 -49.33 19.10 13.95
CA VAL H 86 -50.68 18.88 14.49
C VAL H 86 -50.72 17.61 15.33
N ASP H 87 -50.16 16.54 14.78
CA ASP H 87 -49.97 15.29 15.50
C ASP H 87 -48.95 15.49 16.62
N ALA H 88 -49.00 14.63 17.63
CA ALA H 88 -48.12 14.68 18.80
C ALA H 88 -48.45 15.86 19.72
N MET H 89 -49.44 16.66 19.34
CA MET H 89 -50.01 17.63 20.25
C MET H 89 -51.16 16.89 20.91
N THR H 90 -51.45 15.73 20.32
CA THR H 90 -52.46 14.83 20.82
C THR H 90 -51.79 13.47 21.00
N THR H 91 -52.01 12.85 22.15
CA THR H 91 -51.54 11.50 22.40
C THR H 91 -52.07 10.54 21.34
N ASN H 92 -51.17 9.85 20.63
CA ASN H 92 -51.63 8.93 19.61
C ASN H 92 -51.94 7.58 20.23
N GLU H 93 -52.74 7.62 21.29
CA GLU H 93 -53.13 6.43 22.01
C GLU H 93 -54.63 6.50 22.24
N THR H 94 -55.31 5.36 22.21
CA THR H 94 -56.73 5.35 22.50
C THR H 94 -56.91 5.06 23.99
N LEU H 95 -57.32 6.08 24.72
CA LEU H 95 -57.45 6.00 26.17
C LEU H 95 -58.86 5.64 26.63
N TRP H 96 -58.97 5.35 27.93
CA TRP H 96 -60.25 5.17 28.60
C TRP H 96 -60.56 6.43 29.37
N PHE H 97 -61.73 7.01 29.12
CA PHE H 97 -62.10 8.29 29.70
C PHE H 97 -61.01 9.33 29.39
N ARG H 98 -60.84 9.65 28.12
CA ARG H 98 -59.77 10.54 27.68
C ARG H 98 -59.91 11.89 28.39
N ASP H 99 -58.79 12.34 28.97
CA ASP H 99 -58.70 13.62 29.68
C ASP H 99 -59.51 13.61 30.99
N THR H 100 -60.38 12.61 31.16
CA THR H 100 -61.14 12.34 32.39
C THR H 100 -62.17 13.43 32.75
N TYR H 101 -61.88 14.68 32.42
CA TYR H 101 -62.78 15.78 32.77
C TYR H 101 -64.15 15.78 32.07
N PRO H 102 -64.22 15.42 30.76
CA PRO H 102 -65.54 15.57 30.14
C PRO H 102 -66.58 14.59 30.68
N PHE H 103 -66.10 13.50 31.26
CA PHE H 103 -66.96 12.46 31.78
C PHE H 103 -67.51 12.85 33.16
N GLU H 104 -66.71 13.59 33.92
CA GLU H 104 -67.20 14.15 35.18
C GLU H 104 -68.19 15.26 34.90
N VAL H 105 -67.93 16.04 33.85
CA VAL H 105 -68.85 17.09 33.42
C VAL H 105 -70.21 16.50 33.09
N LEU H 106 -70.18 15.38 32.37
CA LEU H 106 -71.40 14.66 31.99
C LEU H 106 -72.23 14.27 33.20
N LYS H 107 -71.55 13.71 34.21
CA LYS H 107 -72.22 13.17 35.38
C LYS H 107 -72.83 14.23 36.28
N GLN H 108 -72.02 15.21 36.70
CA GLN H 108 -72.45 16.15 37.73
C GLN H 108 -72.96 17.49 37.17
N ARG H 109 -72.99 17.63 35.86
CA ARG H 109 -73.44 18.88 35.26
C ARG H 109 -74.44 18.68 34.12
N VAL H 110 -74.00 17.98 33.07
CA VAL H 110 -74.80 17.86 31.86
C VAL H 110 -76.10 17.09 32.10
N LEU H 111 -75.97 15.89 32.64
CA LEU H 111 -77.13 15.03 32.90
C LEU H 111 -78.18 15.66 33.83
N PRO H 112 -77.75 16.32 34.92
CA PRO H 112 -78.77 17.03 35.72
C PRO H 112 -79.54 18.11 34.95
N GLU H 113 -78.86 18.82 34.06
CA GLU H 113 -79.50 19.87 33.26
C GLU H 113 -80.58 19.32 32.33
N LEU H 114 -80.31 18.16 31.73
CA LEU H 114 -81.21 17.57 30.74
C LEU H 114 -82.41 16.85 31.36
N ILE H 115 -82.22 16.31 32.56
CA ILE H 115 -83.27 15.59 33.25
C ILE H 115 -84.42 16.52 33.65
N LYS H 116 -84.07 17.71 34.12
CA LYS H 116 -85.09 18.69 34.48
C LYS H 116 -85.91 19.09 33.27
N ALA H 117 -85.27 19.85 32.36
CA ALA H 117 -85.90 20.34 31.14
C ALA H 117 -86.70 19.29 30.36
N ASN H 118 -86.06 18.18 30.01
CA ASN H 118 -86.71 17.18 29.17
C ASN H 118 -87.70 16.28 29.92
N GLY H 119 -87.41 16.00 31.19
CA GLY H 119 -88.22 15.06 31.93
C GLY H 119 -87.85 13.64 31.54
N GLY H 120 -86.54 13.36 31.48
CA GLY H 120 -85.99 12.07 31.10
C GLY H 120 -86.71 11.34 29.97
N GLN H 121 -86.84 12.03 28.84
CA GLN H 121 -87.52 11.47 27.66
C GLN H 121 -86.55 10.87 26.66
N ARG H 122 -85.89 9.80 27.06
CA ARG H 122 -84.94 9.07 26.21
C ARG H 122 -83.81 9.84 25.53
N LEU H 123 -82.80 10.25 26.30
CA LEU H 123 -81.63 10.92 25.75
C LEU H 123 -80.75 10.09 24.79
N ARG H 124 -80.27 10.76 23.73
CA ARG H 124 -79.38 10.15 22.74
C ARG H 124 -78.01 10.81 22.71
N ILE H 125 -76.96 9.99 22.72
CA ILE H 125 -75.60 10.49 22.67
C ILE H 125 -74.88 9.96 21.44
N TRP H 126 -74.13 10.81 20.76
CA TRP H 126 -73.40 10.41 19.57
C TRP H 126 -71.90 10.37 19.82
N SER H 127 -71.29 9.20 19.64
CA SER H 127 -69.85 9.07 19.65
C SER H 127 -69.32 9.00 18.22
N ALA H 128 -68.84 10.14 17.71
CA ALA H 128 -68.37 10.23 16.34
C ALA H 128 -66.95 9.70 16.22
N ALA H 129 -66.75 8.79 15.26
CA ALA H 129 -65.48 8.09 15.08
C ALA H 129 -65.08 7.39 16.38
N CYS H 130 -65.83 6.34 16.70
CA CYS H 130 -65.68 5.64 17.97
C CYS H 130 -64.42 4.80 18.05
N SER H 131 -63.83 4.52 16.89
CA SER H 131 -62.61 3.72 16.75
C SER H 131 -62.80 2.34 17.39
N SER H 132 -61.93 2.00 18.33
CA SER H 132 -61.94 0.68 18.93
C SER H 132 -63.13 0.45 19.86
N GLY H 133 -63.91 1.49 20.15
CA GLY H 133 -65.10 1.32 20.95
C GLY H 133 -64.97 1.93 22.33
N GLN H 134 -63.73 2.17 22.72
CA GLN H 134 -63.40 2.67 24.06
C GLN H 134 -64.18 3.89 24.53
N GLU H 135 -64.18 4.96 23.73
CA GLU H 135 -64.87 6.19 24.13
C GLU H 135 -66.38 6.01 24.41
N PRO H 136 -67.14 5.35 23.51
CA PRO H 136 -68.55 5.14 23.84
C PRO H 136 -68.79 4.18 25.01
N TYR H 137 -67.92 3.19 25.17
CA TYR H 137 -68.00 2.27 26.30
C TYR H 137 -67.74 3.01 27.61
N SER H 138 -66.82 3.97 27.57
CA SER H 138 -66.54 4.82 28.71
C SER H 138 -67.76 5.64 29.08
N LEU H 139 -68.52 6.05 28.07
CA LEU H 139 -69.76 6.78 28.28
C LEU H 139 -70.81 5.91 28.96
N SER H 140 -70.93 4.67 28.47
CA SER H 140 -71.89 3.72 29.03
C SER H 140 -71.59 3.42 30.50
N MET H 141 -70.30 3.33 30.83
CA MET H 141 -69.90 3.17 32.22
C MET H 141 -70.29 4.40 33.01
N ALA H 142 -70.04 5.57 32.42
CA ALA H 142 -70.35 6.84 33.06
C ALA H 142 -71.86 6.97 33.27
N ILE H 143 -72.64 6.42 32.35
CA ILE H 143 -74.09 6.39 32.49
C ILE H 143 -74.50 5.46 33.61
N ASP H 144 -73.95 4.25 33.56
CA ASP H 144 -74.24 3.21 34.55
C ASP H 144 -73.95 3.66 35.98
N GLU H 145 -72.80 4.30 36.19
CA GLU H 145 -72.41 4.76 37.52
C GLU H 145 -73.20 6.00 37.96
N PHE H 146 -73.83 6.67 37.01
CA PHE H 146 -74.74 7.77 37.37
C PHE H 146 -76.11 7.22 37.75
N GLU H 147 -76.55 6.17 37.05
CA GLU H 147 -77.82 5.52 37.34
C GLU H 147 -77.78 4.91 38.74
N LYS H 148 -76.61 4.42 39.14
CA LYS H 148 -76.46 3.78 40.44
C LYS H 148 -76.61 4.79 41.60
N THR H 149 -76.13 6.01 41.40
CA THR H 149 -76.21 7.03 42.43
C THR H 149 -77.55 7.77 42.43
N ASN H 150 -77.97 8.19 41.23
CA ASN H 150 -79.20 8.95 41.04
C ASN H 150 -80.38 8.19 40.46
N LEU H 151 -80.79 7.12 41.14
CA LEU H 151 -81.90 6.28 40.67
C LEU H 151 -83.26 6.96 40.54
N GLY H 152 -84.16 6.32 39.79
CA GLY H 152 -85.51 6.80 39.55
C GLY H 152 -85.51 7.79 38.41
N GLN H 153 -84.31 8.14 37.96
CA GLN H 153 -84.14 9.08 36.86
C GLN H 153 -83.82 8.30 35.59
N LEU H 154 -83.45 7.04 35.76
CA LEU H 154 -83.08 6.19 34.63
C LEU H 154 -84.32 5.71 33.88
N LYS H 155 -85.25 6.62 33.61
CA LYS H 155 -86.42 6.25 32.82
C LYS H 155 -85.92 5.79 31.47
N ALA H 156 -86.68 4.91 30.83
CA ALA H 156 -86.24 4.34 29.55
C ALA H 156 -84.80 3.84 29.63
N GLY H 157 -83.90 4.66 29.10
CA GLY H 157 -82.48 4.37 29.11
C GLY H 157 -81.86 5.26 28.06
N VAL H 158 -80.64 5.73 28.27
CA VAL H 158 -80.04 6.58 27.25
C VAL H 158 -79.43 5.74 26.14
N GLN H 159 -79.69 6.14 24.90
CA GLN H 159 -79.17 5.45 23.73
C GLN H 159 -77.86 6.08 23.30
N ILE H 160 -76.78 5.31 23.40
CA ILE H 160 -75.49 5.80 22.95
C ILE H 160 -75.26 5.25 21.55
N VAL H 161 -75.08 6.17 20.61
CA VAL H 161 -74.81 5.78 19.23
C VAL H 161 -73.37 6.11 18.86
N ALA H 162 -72.63 5.07 18.48
CA ALA H 162 -71.24 5.24 18.11
C ALA H 162 -71.02 4.82 16.66
N THR H 163 -70.57 5.76 15.84
CA THR H 163 -70.44 5.51 14.42
C THR H 163 -69.00 5.69 13.96
N ASP H 164 -68.56 4.80 13.08
CA ASP H 164 -67.23 4.90 12.49
C ASP H 164 -67.12 4.15 11.16
N LEU H 165 -66.07 4.45 10.42
CA LEU H 165 -65.74 3.78 9.17
C LEU H 165 -65.77 2.25 9.26
N SER H 166 -66.54 1.64 8.35
CA SER H 166 -66.54 0.19 8.15
C SER H 166 -65.12 -0.37 8.09
N GLY H 167 -64.71 -1.08 9.13
CA GLY H 167 -63.37 -1.64 9.13
C GLY H 167 -63.13 -2.66 10.22
N SER H 168 -61.85 -2.85 10.53
CA SER H 168 -61.45 -3.74 11.61
C SER H 168 -61.84 -3.09 12.92
N MET H 169 -61.09 -2.05 13.30
CA MET H 169 -61.32 -1.29 14.53
C MET H 169 -62.79 -1.19 14.95
N LEU H 170 -63.68 -0.91 14.00
CA LEU H 170 -65.12 -0.91 14.27
C LEU H 170 -65.66 -2.31 14.56
N THR H 171 -65.20 -3.30 13.80
CA THR H 171 -65.57 -4.69 14.03
C THR H 171 -65.05 -5.15 15.38
N ALA H 172 -63.90 -4.62 15.77
CA ALA H 172 -63.32 -4.90 17.08
C ALA H 172 -64.14 -4.27 18.20
N ALA H 173 -64.75 -3.13 17.92
CA ALA H 173 -65.59 -2.44 18.89
C ALA H 173 -66.84 -3.26 19.25
N LYS H 174 -67.59 -3.66 18.23
CA LYS H 174 -68.79 -4.48 18.44
C LYS H 174 -68.43 -5.79 19.11
N ALA H 175 -67.28 -6.36 18.74
CA ALA H 175 -66.76 -7.57 19.37
C ALA H 175 -66.53 -7.29 20.86
N GLY H 176 -65.83 -6.20 21.14
CA GLY H 176 -65.64 -5.69 22.48
C GLY H 176 -64.64 -6.35 23.42
N GLU H 177 -63.70 -7.13 22.89
CA GLU H 177 -62.59 -7.58 23.72
C GLU H 177 -61.52 -6.51 23.74
N TYR H 178 -60.48 -6.74 24.53
CA TYR H 178 -59.43 -5.74 24.74
C TYR H 178 -58.17 -6.37 25.35
N ASP H 179 -57.02 -5.91 24.87
CA ASP H 179 -55.72 -6.33 25.37
C ASP H 179 -55.60 -6.02 26.86
N THR H 180 -54.93 -6.91 27.60
CA THR H 180 -54.70 -6.71 29.03
C THR H 180 -53.92 -5.43 29.28
N LEU H 181 -53.08 -5.05 28.31
CA LEU H 181 -52.28 -3.83 28.41
C LEU H 181 -53.12 -2.58 28.19
N ALA H 182 -54.09 -2.66 27.28
CA ALA H 182 -54.93 -1.51 26.94
C ALA H 182 -55.83 -1.08 28.09
N MET H 183 -56.12 -2.00 29.01
CA MET H 183 -56.99 -1.71 30.13
C MET H 183 -56.31 -0.87 31.20
N GLY H 184 -54.98 -0.91 31.24
CA GLY H 184 -54.23 -0.16 32.22
C GLY H 184 -54.20 1.34 31.92
N ARG H 185 -54.75 1.73 30.78
CA ARG H 185 -54.63 3.09 30.30
C ARG H 185 -55.87 3.94 30.61
N GLY H 186 -55.77 4.77 31.65
CA GLY H 186 -56.83 5.70 31.98
C GLY H 186 -58.04 5.08 32.64
N LEU H 187 -57.94 3.81 33.03
CA LEU H 187 -59.09 3.13 33.60
C LEU H 187 -58.87 2.67 35.03
N SER H 188 -59.75 3.11 35.93
CA SER H 188 -59.70 2.75 37.33
C SER H 188 -59.93 1.25 37.54
N PRO H 189 -59.21 0.65 38.50
CA PRO H 189 -59.36 -0.77 38.82
C PRO H 189 -60.77 -1.08 39.33
N GLU H 190 -61.42 -0.08 39.93
CA GLU H 190 -62.82 -0.20 40.29
C GLU H 190 -63.67 -0.48 39.07
N ARG H 191 -63.57 0.42 38.09
CA ARG H 191 -64.32 0.31 36.85
C ARG H 191 -63.92 -0.93 36.05
N LEU H 192 -62.67 -1.35 36.22
CA LEU H 192 -62.18 -2.55 35.56
C LEU H 192 -62.84 -3.81 36.12
N GLN H 193 -62.79 -3.98 37.43
CA GLN H 193 -63.39 -5.16 38.06
C GLN H 193 -64.91 -5.15 37.92
N ARG H 194 -65.48 -3.94 37.98
CA ARG H 194 -66.93 -3.77 38.00
C ARG H 194 -67.59 -3.96 36.64
N TYR H 195 -66.99 -3.38 35.61
CA TYR H 195 -67.61 -3.36 34.28
C TYR H 195 -66.98 -4.33 33.27
N PHE H 196 -66.05 -5.18 33.72
CA PHE H 196 -65.36 -6.08 32.81
C PHE H 196 -65.22 -7.53 33.28
N ASP H 197 -65.60 -8.46 32.40
CA ASP H 197 -65.30 -9.88 32.59
C ASP H 197 -64.07 -10.27 31.79
N ALA H 198 -63.13 -10.95 32.43
CA ALA H 198 -61.92 -11.42 31.74
C ALA H 198 -62.20 -12.67 30.92
N LYS H 199 -62.13 -12.53 29.59
CA LYS H 199 -62.40 -13.65 28.69
C LYS H 199 -61.07 -14.14 28.13
N GLY H 200 -60.13 -14.43 29.03
CA GLY H 200 -58.82 -14.90 28.64
C GLY H 200 -57.77 -14.61 29.69
N PRO H 201 -56.60 -15.25 29.56
CA PRO H 201 -55.50 -14.98 30.49
C PRO H 201 -54.94 -13.57 30.27
N GLY H 202 -54.83 -13.17 29.00
CA GLY H 202 -54.33 -11.86 28.65
C GLY H 202 -55.36 -10.98 27.97
N ARG H 203 -56.62 -11.40 27.98
CA ARG H 203 -57.66 -10.62 27.31
C ARG H 203 -58.81 -10.25 28.24
N TRP H 204 -59.52 -9.18 27.89
CA TRP H 204 -60.61 -8.66 28.71
C TRP H 204 -61.80 -8.20 27.86
N ALA H 205 -63.00 -8.59 28.27
CA ALA H 205 -64.21 -8.27 27.51
C ALA H 205 -65.18 -7.37 28.28
N VAL H 206 -65.94 -6.58 27.54
CA VAL H 206 -66.97 -5.71 28.12
C VAL H 206 -68.15 -6.52 28.63
N LYS H 207 -68.63 -6.21 29.84
CA LYS H 207 -69.81 -6.86 30.36
C LYS H 207 -71.02 -6.46 29.54
N PRO H 208 -71.86 -7.45 29.17
CA PRO H 208 -73.03 -7.26 28.29
C PRO H 208 -73.96 -6.13 28.73
N ALA H 209 -74.03 -5.85 30.03
CA ALA H 209 -74.87 -4.77 30.55
C ALA H 209 -74.42 -3.41 30.02
N ILE H 210 -73.10 -3.24 29.90
CA ILE H 210 -72.50 -2.03 29.33
C ILE H 210 -72.61 -2.10 27.81
N ARG H 211 -72.45 -3.31 27.28
CA ARG H 211 -72.55 -3.57 25.84
C ARG H 211 -73.88 -3.15 25.21
N SER H 212 -74.99 -3.45 25.88
CA SER H 212 -76.32 -3.29 25.31
C SER H 212 -76.80 -1.84 25.21
N ARG H 213 -76.10 -0.93 25.89
CA ARG H 213 -76.51 0.47 25.93
C ARG H 213 -76.06 1.20 24.67
N VAL H 214 -75.11 0.61 23.94
CA VAL H 214 -74.59 1.26 22.75
C VAL H 214 -74.96 0.46 21.50
N GLU H 215 -75.21 1.18 20.41
CA GLU H 215 -75.41 0.54 19.11
C GLU H 215 -74.45 1.11 18.07
N PHE H 216 -73.73 0.23 17.39
CA PHE H 216 -72.77 0.63 16.38
C PHE H 216 -73.33 0.56 14.97
N ARG H 217 -73.16 1.66 14.23
CA ARG H 217 -73.56 1.69 12.82
C ARG H 217 -72.39 2.24 12.02
N ALA H 218 -72.17 1.68 10.84
CA ALA H 218 -71.07 2.11 10.00
C ALA H 218 -71.42 3.41 9.30
N LEU H 219 -70.60 4.44 9.50
CA LEU H 219 -70.83 5.73 8.86
C LEU H 219 -69.53 6.49 8.62
N ASN H 220 -69.42 7.07 7.42
CA ASN H 220 -68.37 8.03 7.11
C ASN H 220 -68.87 9.43 7.43
N LEU H 221 -68.08 10.20 8.16
CA LEU H 221 -68.50 11.51 8.68
C LEU H 221 -68.78 12.55 7.58
N LEU H 222 -68.40 12.24 6.34
CA LEU H 222 -68.67 13.13 5.21
C LEU H 222 -70.05 12.94 4.59
N ASP H 223 -70.78 11.93 5.06
CA ASP H 223 -72.10 11.63 4.51
C ASP H 223 -73.24 12.24 5.33
N SER H 224 -74.47 11.99 4.91
CA SER H 224 -75.63 12.60 5.53
C SER H 224 -75.93 11.98 6.89
N TYR H 225 -76.34 12.84 7.83
CA TYR H 225 -76.61 12.42 9.19
C TYR H 225 -78.10 12.20 9.43
N ALA H 226 -78.87 12.17 8.35
CA ALA H 226 -80.32 12.08 8.46
C ALA H 226 -80.75 10.72 9.02
N SER H 227 -80.00 9.69 8.66
CA SER H 227 -80.32 8.32 9.06
C SER H 227 -80.18 8.10 10.57
N LEU H 228 -79.42 8.97 11.22
CA LEU H 228 -79.13 8.82 12.65
C LEU H 228 -80.24 9.39 13.54
N GLY H 229 -80.90 10.44 13.07
CA GLY H 229 -81.91 11.12 13.87
C GLY H 229 -81.29 12.24 14.70
N LYS H 230 -82.01 12.71 15.72
CA LYS H 230 -81.54 13.84 16.51
C LYS H 230 -80.96 13.39 17.85
N PHE H 231 -79.97 14.13 18.35
CA PHE H 231 -79.27 13.78 19.58
C PHE H 231 -79.27 14.91 20.60
N ASP H 232 -79.23 14.54 21.87
CA ASP H 232 -79.10 15.51 22.96
C ASP H 232 -77.63 15.88 23.18
N MET H 233 -76.74 14.91 22.97
CA MET H 233 -75.30 15.14 23.11
C MET H 233 -74.48 14.48 21.99
N VAL H 234 -73.36 15.10 21.64
CA VAL H 234 -72.45 14.56 20.64
C VAL H 234 -71.00 14.58 21.13
N PHE H 235 -70.32 13.43 21.03
CA PHE H 235 -68.91 13.34 21.41
C PHE H 235 -68.04 13.14 20.17
N CYS H 236 -67.37 14.21 19.75
CA CYS H 236 -66.46 14.14 18.62
C CYS H 236 -65.10 14.71 19.03
N ARG H 237 -64.18 13.80 19.36
CA ARG H 237 -62.95 14.20 20.01
C ARG H 237 -61.72 13.68 19.28
N ASN H 238 -60.77 14.58 19.05
CA ASN H 238 -59.55 14.29 18.31
C ASN H 238 -59.88 13.78 16.92
N VAL H 239 -60.75 14.51 16.24
CA VAL H 239 -61.22 14.11 14.91
C VAL H 239 -61.08 15.24 13.90
N LEU H 240 -61.69 16.38 14.20
CA LEU H 240 -61.81 17.49 13.27
C LEU H 240 -60.49 18.18 12.96
N ILE H 241 -59.53 18.09 13.87
CA ILE H 241 -58.23 18.73 13.66
C ILE H 241 -57.48 18.07 12.51
N TYR H 242 -57.88 16.85 12.18
CA TYR H 242 -57.24 16.09 11.10
C TYR H 242 -57.90 16.32 9.75
N PHE H 243 -58.86 17.24 9.72
CA PHE H 243 -59.50 17.64 8.47
C PHE H 243 -59.12 19.07 8.12
N SER H 244 -59.61 19.58 7.00
CA SER H 244 -59.29 20.95 6.62
C SER H 244 -60.13 21.94 7.44
N ALA H 245 -60.14 23.20 7.01
CA ALA H 245 -60.90 24.22 7.71
C ALA H 245 -62.28 24.34 7.08
N GLU H 246 -62.32 24.26 5.76
CA GLU H 246 -63.56 24.38 5.01
C GLU H 246 -64.49 23.20 5.29
N VAL H 247 -63.94 22.00 5.41
CA VAL H 247 -64.75 20.81 5.65
C VAL H 247 -65.03 20.59 7.13
N LYS H 248 -64.22 21.19 7.99
CA LYS H 248 -64.48 21.15 9.43
C LYS H 248 -65.75 21.93 9.74
N ARG H 249 -65.83 23.14 9.18
CA ARG H 249 -66.98 24.00 9.34
C ARG H 249 -68.22 23.33 8.77
N ASP H 250 -68.03 22.60 7.67
CA ASP H 250 -69.12 21.86 7.04
C ASP H 250 -69.69 20.80 7.98
N ILE H 251 -68.80 20.01 8.57
CA ILE H 251 -69.21 18.93 9.47
C ILE H 251 -69.85 19.48 10.75
N LEU H 252 -69.26 20.54 11.29
CA LEU H 252 -69.78 21.18 12.50
C LEU H 252 -71.21 21.68 12.32
N LEU H 253 -71.50 22.18 11.12
CA LEU H 253 -72.84 22.69 10.84
C LEU H 253 -73.82 21.53 10.68
N ARG H 254 -73.36 20.41 10.14
CA ARG H 254 -74.21 19.22 10.02
C ARG H 254 -74.36 18.50 11.35
N ILE H 255 -73.40 18.71 12.25
CA ILE H 255 -73.50 18.20 13.62
C ILE H 255 -74.48 19.10 14.37
N HIS H 256 -74.61 20.34 13.94
CA HIS H 256 -75.63 21.24 14.48
C HIS H 256 -77.02 20.72 14.12
N GLY H 257 -77.13 20.12 12.95
CA GLY H 257 -78.33 19.39 12.60
C GLY H 257 -78.29 18.16 13.49
N THR H 258 -79.29 17.28 13.41
CA THR H 258 -79.33 16.13 14.32
C THR H 258 -78.98 16.51 15.77
N LEU H 259 -79.32 17.73 16.17
CA LEU H 259 -79.13 18.19 17.54
C LEU H 259 -80.36 18.95 18.01
N LYS H 260 -80.95 18.52 19.12
CA LYS H 260 -82.02 19.25 19.75
C LYS H 260 -81.49 20.58 20.26
N PRO H 261 -82.33 21.64 20.19
CA PRO H 261 -81.91 22.99 20.62
C PRO H 261 -81.40 23.00 22.07
N GLY H 262 -80.21 23.55 22.26
CA GLY H 262 -79.56 23.52 23.55
C GLY H 262 -78.78 22.24 23.80
N GLY H 263 -78.55 21.47 22.74
CA GLY H 263 -77.78 20.25 22.82
C GLY H 263 -76.27 20.49 22.89
N TYR H 264 -75.53 19.53 23.41
CA TYR H 264 -74.10 19.72 23.66
C TYR H 264 -73.17 18.91 22.74
N LEU H 265 -72.01 19.50 22.43
CA LEU H 265 -70.97 18.86 21.64
C LEU H 265 -69.64 18.88 22.38
N PHE H 266 -68.98 17.72 22.47
CA PHE H 266 -67.70 17.64 23.18
C PHE H 266 -66.55 17.44 22.19
N LEU H 267 -65.66 18.42 22.11
CA LEU H 267 -64.56 18.37 21.16
C LEU H 267 -63.23 17.91 21.75
N GLY H 268 -63.23 17.56 23.03
CA GLY H 268 -62.00 17.15 23.68
C GLY H 268 -61.01 18.26 23.85
N ALA H 269 -59.97 18.00 24.64
CA ALA H 269 -58.93 18.96 24.94
C ALA H 269 -58.30 19.63 23.72
N SER H 270 -57.77 20.83 23.91
CA SER H 270 -57.10 21.58 22.85
C SER H 270 -57.76 21.52 21.47
N GLU H 271 -59.08 21.65 21.44
CA GLU H 271 -59.83 21.65 20.18
C GLU H 271 -60.78 22.84 20.20
N ALA H 272 -60.63 23.77 19.26
CA ALA H 272 -61.49 24.94 19.25
C ALA H 272 -62.36 25.01 18.00
N LEU H 273 -63.51 25.67 18.12
CA LEU H 273 -64.42 25.89 17.00
C LEU H 273 -64.62 27.40 16.89
N ASN H 274 -63.53 28.12 16.60
CA ASN H 274 -63.54 29.58 16.50
C ASN H 274 -64.49 30.25 15.49
N ASN H 275 -65.26 29.45 14.75
CA ASN H 275 -66.19 30.01 13.77
C ASN H 275 -67.69 29.73 13.91
N LEU H 276 -68.35 29.68 12.75
CA LEU H 276 -69.79 29.48 12.59
C LEU H 276 -70.56 30.74 12.98
N PRO H 277 -71.70 30.98 12.31
CA PRO H 277 -72.48 32.17 12.63
C PRO H 277 -73.17 32.04 13.99
N ASP H 278 -72.45 32.41 15.05
CA ASP H 278 -72.84 32.17 16.46
C ASP H 278 -73.95 31.15 16.65
N HIS H 279 -73.77 30.00 16.03
CA HIS H 279 -74.72 28.90 16.14
C HIS H 279 -74.41 28.16 17.43
N TYR H 280 -73.14 27.79 17.60
CA TYR H 280 -72.71 27.17 18.84
C TYR H 280 -72.32 28.20 19.88
N GLN H 281 -72.89 28.08 21.07
CA GLN H 281 -72.50 28.93 22.19
C GLN H 281 -71.46 28.17 23.02
N MET H 282 -70.34 28.81 23.27
CA MET H 282 -69.25 28.20 24.03
C MET H 282 -69.57 28.17 25.52
N VAL H 283 -69.62 26.98 26.10
CA VAL H 283 -69.91 26.82 27.51
C VAL H 283 -68.67 26.40 28.29
N GLN H 284 -67.86 27.39 28.68
CA GLN H 284 -66.64 27.13 29.43
C GLN H 284 -66.95 26.57 30.81
N CYS H 285 -66.03 25.78 31.35
CA CYS H 285 -66.20 25.18 32.66
C CYS H 285 -64.86 24.97 33.35
N SER H 286 -64.90 24.80 34.67
CA SER H 286 -63.68 24.59 35.45
C SER H 286 -62.78 23.53 34.80
N PRO H 287 -63.24 22.22 34.88
CA PRO H 287 -62.35 21.24 34.23
C PRO H 287 -62.03 21.62 32.79
N GLY H 288 -62.95 21.32 31.88
CA GLY H 288 -62.75 21.63 30.47
C GLY H 288 -63.79 22.60 29.94
N ILE H 289 -64.19 22.41 28.68
CA ILE H 289 -65.17 23.28 28.06
C ILE H 289 -65.97 22.52 26.99
N ILE H 290 -67.24 22.89 26.84
CA ILE H 290 -68.11 22.26 25.85
C ILE H 290 -68.76 23.30 24.95
N TYR H 291 -69.64 22.84 24.07
CA TYR H 291 -70.34 23.73 23.14
C TYR H 291 -71.82 23.41 23.05
N ARG H 292 -72.66 24.43 23.16
CA ARG H 292 -74.10 24.27 23.11
C ARG H 292 -74.68 24.83 21.81
N ALA H 293 -75.67 24.15 21.25
CA ALA H 293 -76.27 24.52 19.97
C ALA H 293 -77.41 25.52 20.12
N LYS H 294 -77.23 26.72 19.58
CA LYS H 294 -78.28 27.73 19.58
C LYS H 294 -78.99 27.80 18.23
N ASN I 25 58.84 -21.50 14.73
CA ASN I 25 58.07 -22.60 15.30
C ASN I 25 57.84 -22.43 16.79
N ALA I 26 58.16 -21.25 17.32
CA ALA I 26 57.94 -20.97 18.74
C ALA I 26 56.48 -20.65 19.00
N ASP I 27 55.87 -19.92 18.07
CA ASP I 27 54.44 -19.59 18.19
C ASP I 27 53.62 -20.64 17.44
N PHE I 28 53.90 -21.91 17.71
CA PHE I 28 53.15 -23.00 17.11
C PHE I 28 52.55 -23.89 18.20
N GLU I 29 53.36 -24.14 19.23
CA GLU I 29 52.92 -24.93 20.38
C GLU I 29 51.68 -24.34 21.05
N LEU I 30 51.60 -23.02 21.08
CA LEU I 30 50.42 -22.33 21.61
C LEU I 30 49.20 -22.64 20.75
N PHE I 31 49.40 -22.67 19.44
CA PHE I 31 48.33 -22.91 18.48
C PHE I 31 47.75 -24.32 18.51
N ARG I 32 48.63 -25.32 18.49
CA ARG I 32 48.18 -26.71 18.47
C ARG I 32 47.48 -27.11 19.77
N VAL I 33 47.92 -26.53 20.89
CA VAL I 33 47.26 -26.74 22.17
C VAL I 33 45.85 -26.16 22.14
N PHE I 34 45.71 -25.03 21.45
CA PHE I 34 44.41 -24.38 21.28
C PHE I 34 43.44 -25.30 20.57
N LEU I 35 43.88 -25.85 19.44
CA LEU I 35 43.06 -26.73 18.60
C LEU I 35 42.58 -27.98 19.34
N GLU I 36 43.47 -28.56 20.13
CA GLU I 36 43.14 -29.74 20.93
C GLU I 36 42.08 -29.41 21.99
N LYS I 37 42.27 -28.27 22.65
CA LYS I 37 41.37 -27.83 23.70
C LYS I 37 39.97 -27.52 23.16
N THR I 38 39.91 -26.85 22.02
CA THR I 38 38.65 -26.37 21.47
C THR I 38 38.09 -27.25 20.34
N CYS I 39 38.78 -27.29 19.22
CA CYS I 39 38.27 -27.98 18.03
C CYS I 39 38.38 -29.49 18.16
N GLY I 40 39.12 -29.95 19.16
CA GLY I 40 39.33 -31.37 19.38
C GLY I 40 40.19 -31.93 18.27
N ILE I 41 41.27 -31.23 17.96
CA ILE I 41 42.19 -31.65 16.92
C ILE I 41 43.62 -31.64 17.44
N VAL I 42 44.24 -32.82 17.47
CA VAL I 42 45.60 -32.95 17.95
C VAL I 42 46.56 -32.90 16.76
N LEU I 43 47.77 -32.39 17.00
CA LEU I 43 48.73 -32.32 15.91
C LEU I 43 50.03 -33.02 16.24
N GLY I 44 51.15 -32.34 16.02
CA GLY I 44 52.46 -32.90 16.29
C GLY I 44 53.58 -31.98 15.85
N SER I 45 54.66 -31.97 16.62
CA SER I 45 55.82 -31.12 16.32
C SER I 45 56.36 -31.39 14.92
N ASN I 46 55.80 -32.39 14.24
CA ASN I 46 56.24 -32.75 12.90
C ASN I 46 55.50 -32.07 11.74
N LYS I 47 54.28 -32.53 11.47
CA LYS I 47 53.48 -32.00 10.36
C LYS I 47 53.39 -30.46 10.26
N GLN I 48 54.23 -29.77 11.03
CA GLN I 48 54.20 -28.30 11.11
C GLN I 48 54.51 -27.56 9.80
N TYR I 49 54.75 -28.27 8.70
CA TYR I 49 54.95 -27.63 7.41
C TYR I 49 53.71 -27.63 6.53
N LEU I 50 52.99 -28.76 6.51
CA LEU I 50 51.76 -28.86 5.73
C LEU I 50 50.66 -28.05 6.39
N VAL I 51 51.00 -27.51 7.56
CA VAL I 51 50.12 -26.59 8.29
C VAL I 51 50.45 -25.15 7.89
N SER I 52 51.70 -24.75 8.10
CA SER I 52 52.12 -23.38 7.85
C SER I 52 52.10 -23.02 6.37
N SER I 53 51.89 -24.01 5.52
CA SER I 53 51.71 -23.77 4.09
C SER I 53 50.24 -23.44 3.82
N ARG I 54 49.37 -24.30 4.34
CA ARG I 54 47.94 -24.21 4.07
C ARG I 54 47.23 -23.06 4.75
N LEU I 55 47.60 -22.75 6.00
CA LEU I 55 46.91 -21.67 6.72
C LEU I 55 47.46 -20.29 6.36
N ASN I 56 48.68 -20.25 5.84
CA ASN I 56 49.29 -18.98 5.44
C ASN I 56 48.55 -18.36 4.26
N LYS I 57 47.88 -19.19 3.48
CA LYS I 57 47.01 -18.71 2.41
C LYS I 57 45.80 -18.05 3.05
N LEU I 58 45.35 -18.62 4.17
CA LEU I 58 44.24 -18.07 4.95
C LEU I 58 44.70 -16.84 5.72
N MET I 59 45.98 -16.83 6.11
CA MET I 59 46.55 -15.71 6.84
C MET I 59 46.71 -14.45 5.97
N GLU I 60 46.77 -14.65 4.66
CA GLU I 60 46.76 -13.54 3.71
C GLU I 60 45.31 -13.13 3.45
N GLN I 61 44.40 -14.07 3.74
CA GLN I 61 42.96 -13.86 3.68
C GLN I 61 42.47 -13.27 5.00
N GLN I 62 43.34 -12.47 5.60
CA GLN I 62 43.11 -11.78 6.88
C GLN I 62 44.39 -11.05 7.23
N GLY I 63 44.46 -10.53 8.46
CA GLY I 63 45.61 -9.76 8.88
C GLY I 63 46.14 -10.28 10.20
N ILE I 64 46.37 -11.58 10.27
CA ILE I 64 46.88 -12.22 11.48
C ILE I 64 48.34 -12.60 11.33
N LYS I 65 49.17 -12.10 12.24
CA LYS I 65 50.61 -12.36 12.21
C LYS I 65 51.07 -13.73 12.72
N SER I 66 51.07 -13.89 14.04
CA SER I 66 51.54 -15.14 14.64
C SER I 66 50.54 -15.66 15.67
N LEU I 67 50.60 -15.08 16.86
CA LEU I 67 49.69 -15.47 17.95
C LEU I 67 48.44 -14.61 17.99
N GLY I 68 48.39 -13.61 17.12
CA GLY I 68 47.21 -12.78 17.01
C GLY I 68 46.06 -13.54 16.42
N GLU I 69 46.35 -14.64 15.75
CA GLU I 69 45.29 -15.53 15.28
C GLU I 69 44.63 -16.23 16.46
N LEU I 70 45.43 -16.66 17.42
CA LEU I 70 44.93 -17.34 18.61
C LEU I 70 43.92 -16.52 19.40
N VAL I 71 44.22 -15.24 19.59
CA VAL I 71 43.34 -14.33 20.31
C VAL I 71 42.12 -13.98 19.46
N GLN I 72 42.33 -13.82 18.15
CA GLN I 72 41.27 -13.44 17.22
C GLN I 72 40.32 -14.60 16.97
N ARG I 73 40.69 -15.78 17.44
CA ARG I 73 39.83 -16.93 17.34
C ARG I 73 38.71 -16.87 18.37
N ILE I 74 38.96 -16.18 19.48
CA ILE I 74 37.99 -16.16 20.56
C ILE I 74 36.82 -15.18 20.33
N GLN I 75 36.83 -14.45 19.22
CA GLN I 75 35.61 -13.74 18.82
C GLN I 75 34.75 -14.71 18.06
N THR I 76 34.35 -15.82 18.68
CA THR I 76 33.66 -16.81 17.89
C THR I 76 32.22 -16.38 17.75
N GLN I 77 31.36 -17.28 17.27
CA GLN I 77 29.95 -16.92 17.08
C GLN I 77 29.88 -15.55 16.41
N ARG I 78 30.89 -15.29 15.58
CA ARG I 78 31.02 -14.02 14.85
C ARG I 78 32.06 -14.14 13.73
N GLY I 79 31.72 -13.68 12.52
CA GLY I 79 32.62 -13.72 11.38
C GLY I 79 33.11 -15.05 10.81
N GLY I 80 32.75 -16.16 11.45
CA GLY I 80 33.13 -17.49 10.96
C GLY I 80 34.59 -17.90 10.76
N LEU I 81 35.53 -17.15 11.33
CA LEU I 81 36.95 -17.46 11.22
C LEU I 81 37.22 -18.86 11.80
N ARG I 82 36.43 -19.21 12.80
CA ARG I 82 36.50 -20.50 13.48
C ARG I 82 36.32 -21.72 12.57
N GLU I 83 35.33 -21.70 11.69
CA GLU I 83 35.12 -22.83 10.77
C GLU I 83 36.15 -22.83 9.64
N MET I 84 36.77 -21.69 9.39
CA MET I 84 37.75 -21.57 8.32
C MET I 84 39.14 -22.09 8.71
N VAL I 85 39.52 -21.86 9.96
CA VAL I 85 40.79 -22.36 10.47
C VAL I 85 40.78 -23.88 10.50
N VAL I 86 39.65 -24.45 10.90
CA VAL I 86 39.45 -25.90 10.88
C VAL I 86 39.68 -26.44 9.46
N ASP I 87 39.13 -25.73 8.48
CA ASP I 87 39.35 -26.02 7.08
C ASP I 87 40.81 -25.74 6.76
N ALA I 88 41.31 -26.41 5.72
CA ALA I 88 42.71 -26.31 5.28
C ALA I 88 43.69 -26.97 6.27
N MET I 89 43.16 -27.53 7.36
CA MET I 89 43.98 -28.37 8.24
C MET I 89 43.82 -29.80 7.76
N THR I 90 42.82 -29.99 6.92
CA THR I 90 42.51 -31.26 6.28
C THR I 90 42.42 -31.05 4.78
N THR I 91 43.02 -31.96 4.01
CA THR I 91 42.91 -31.93 2.56
C THR I 91 41.44 -31.93 2.17
N ASN I 92 41.01 -30.90 1.44
CA ASN I 92 39.61 -30.79 1.05
C ASN I 92 39.38 -31.57 -0.24
N GLU I 93 39.90 -32.79 -0.25
CA GLU I 93 39.81 -33.70 -1.38
C GLU I 93 39.44 -35.10 -0.92
N THR I 94 38.74 -35.84 -1.77
CA THR I 94 38.38 -37.21 -1.47
C THR I 94 39.43 -38.19 -1.99
N LEU I 95 40.16 -38.82 -1.06
CA LEU I 95 41.26 -39.72 -1.40
C LEU I 95 40.87 -41.20 -1.47
N TRP I 96 41.80 -42.00 -1.98
CA TRP I 96 41.72 -43.46 -1.92
C TRP I 96 42.68 -43.94 -0.83
N PHE I 97 42.17 -44.72 0.12
CA PHE I 97 42.95 -45.17 1.26
C PHE I 97 43.57 -43.99 2.01
N ARG I 98 42.73 -43.14 2.60
CA ARG I 98 43.19 -41.93 3.27
C ARG I 98 44.19 -42.24 4.38
N ASP I 99 45.33 -41.54 4.33
CA ASP I 99 46.41 -41.64 5.32
C ASP I 99 47.17 -42.97 5.28
N THR I 100 46.60 -43.96 4.58
CA THR I 100 47.22 -45.27 4.33
C THR I 100 47.44 -46.13 5.58
N TYR I 101 47.69 -45.50 6.72
CA TYR I 101 47.93 -46.23 7.96
C TYR I 101 46.70 -46.99 8.52
N PRO I 102 45.49 -46.40 8.46
CA PRO I 102 44.40 -47.13 9.13
C PRO I 102 44.00 -48.43 8.43
N PHE I 103 44.31 -48.55 7.15
CA PHE I 103 43.93 -49.75 6.40
C PHE I 103 44.88 -50.90 6.65
N GLU I 104 46.16 -50.57 6.88
CA GLU I 104 47.13 -51.57 7.29
C GLU I 104 46.86 -51.99 8.73
N VAL I 105 46.40 -51.05 9.55
CA VAL I 105 46.00 -51.36 10.92
C VAL I 105 44.89 -52.41 10.90
N LEU I 106 43.93 -52.21 10.00
CA LEU I 106 42.81 -53.12 9.84
C LEU I 106 43.26 -54.55 9.52
N LYS I 107 44.17 -54.68 8.58
CA LYS I 107 44.60 -56.00 8.10
C LYS I 107 45.45 -56.79 9.11
N GLN I 108 46.50 -56.16 9.65
CA GLN I 108 47.48 -56.89 10.46
C GLN I 108 47.27 -56.75 11.96
N ARG I 109 46.22 -56.05 12.37
CA ARG I 109 45.98 -55.85 13.79
C ARG I 109 44.52 -56.11 14.18
N VAL I 110 43.61 -55.35 13.60
CA VAL I 110 42.20 -55.40 13.98
C VAL I 110 41.52 -56.72 13.61
N LEU I 111 41.60 -57.10 12.35
CA LEU I 111 40.97 -58.32 11.85
C LEU I 111 41.51 -59.59 12.54
N PRO I 112 42.84 -59.70 12.73
CA PRO I 112 43.29 -60.85 13.52
C PRO I 112 42.71 -60.84 14.93
N GLU I 113 42.62 -59.66 15.54
CA GLU I 113 42.05 -59.53 16.89
C GLU I 113 40.57 -59.90 16.91
N LEU I 114 39.84 -59.47 15.89
CA LEU I 114 38.40 -59.67 15.82
C LEU I 114 38.00 -61.09 15.38
N ILE I 115 38.81 -61.70 14.51
CA ILE I 115 38.55 -63.05 14.05
C ILE I 115 38.72 -64.05 15.19
N LYS I 116 39.74 -63.81 16.01
CA LYS I 116 40.00 -64.65 17.17
C LYS I 116 38.81 -64.57 18.11
N ALA I 117 38.61 -63.41 18.72
CA ALA I 117 37.50 -63.17 19.64
C ALA I 117 36.16 -63.69 19.12
N ASN I 118 35.79 -63.27 17.91
CA ASN I 118 34.47 -63.61 17.37
C ASN I 118 34.36 -65.02 16.78
N GLY I 119 35.43 -65.55 16.21
CA GLY I 119 35.35 -66.83 15.53
C GLY I 119 34.70 -66.64 14.18
N GLY I 120 35.18 -65.64 13.44
CA GLY I 120 34.64 -65.25 12.14
C GLY I 120 33.13 -65.31 11.97
N GLN I 121 32.42 -64.61 12.85
CA GLN I 121 30.96 -64.59 12.87
C GLN I 121 30.37 -63.33 12.23
N ARG I 122 30.72 -63.11 10.96
CA ARG I 122 30.23 -61.96 10.18
C ARG I 122 30.56 -60.56 10.70
N LEU I 123 31.80 -60.11 10.52
CA LEU I 123 32.17 -58.75 10.92
C LEU I 123 31.44 -57.69 10.10
N ARG I 124 30.88 -56.68 10.77
CA ARG I 124 30.17 -55.61 10.10
C ARG I 124 30.93 -54.31 10.24
N ILE I 125 31.07 -53.60 9.12
CA ILE I 125 31.79 -52.34 9.12
C ILE I 125 30.88 -51.20 8.74
N TRP I 126 31.02 -50.09 9.45
CA TRP I 126 30.24 -48.90 9.17
C TRP I 126 31.14 -47.83 8.57
N SER I 127 30.84 -47.45 7.33
CA SER I 127 31.47 -46.29 6.72
C SER I 127 30.50 -45.12 6.79
N ALA I 128 30.69 -44.27 7.78
CA ALA I 128 29.78 -43.16 7.99
C ALA I 128 30.11 -42.04 7.02
N ALA I 129 29.08 -41.56 6.32
CA ALA I 129 29.25 -40.55 5.27
C ALA I 129 30.22 -41.08 4.21
N CYS I 130 29.75 -42.00 3.37
CA CYS I 130 30.64 -42.64 2.41
C CYS I 130 31.02 -41.69 1.28
N SER I 131 30.27 -40.60 1.16
CA SER I 131 30.48 -39.59 0.13
C SER I 131 30.43 -40.22 -1.27
N SER I 132 31.47 -40.00 -2.05
CA SER I 132 31.50 -40.46 -3.44
C SER I 132 31.62 -41.97 -3.54
N GLY I 133 31.88 -42.63 -2.40
CA GLY I 133 31.94 -44.08 -2.39
C GLY I 133 33.36 -44.58 -2.18
N GLN I 134 34.33 -43.71 -2.42
CA GLN I 134 35.74 -44.06 -2.37
C GLN I 134 36.22 -44.80 -1.12
N GLU I 135 36.00 -44.25 0.07
CA GLU I 135 36.48 -44.90 1.29
C GLU I 135 35.92 -46.32 1.53
N PRO I 136 34.58 -46.51 1.42
CA PRO I 136 34.11 -47.89 1.61
C PRO I 136 34.58 -48.86 0.53
N TYR I 137 34.72 -48.39 -0.70
CA TYR I 137 35.26 -49.23 -1.78
C TYR I 137 36.72 -49.57 -1.46
N SER I 138 37.42 -48.62 -0.85
CA SER I 138 38.79 -48.86 -0.40
C SER I 138 38.84 -49.95 0.67
N LEU I 139 37.82 -49.95 1.52
CA LEU I 139 37.69 -50.95 2.58
C LEU I 139 37.45 -52.35 2.00
N SER I 140 36.57 -52.43 1.00
CA SER I 140 36.24 -53.68 0.35
C SER I 140 37.48 -54.34 -0.28
N MET I 141 38.34 -53.52 -0.88
CA MET I 141 39.59 -53.99 -1.47
C MET I 141 40.53 -54.57 -0.41
N ALA I 142 40.60 -53.89 0.73
CA ALA I 142 41.45 -54.32 1.83
C ALA I 142 41.02 -55.68 2.35
N ILE I 143 39.72 -55.95 2.28
CA ILE I 143 39.17 -57.24 2.67
C ILE I 143 39.61 -58.32 1.68
N ASP I 144 39.44 -58.03 0.40
CA ASP I 144 39.84 -58.95 -0.66
C ASP I 144 41.31 -59.37 -0.55
N GLU I 145 42.19 -58.40 -0.31
CA GLU I 145 43.63 -58.69 -0.20
C GLU I 145 43.99 -59.36 1.13
N PHE I 146 43.08 -59.29 2.09
CA PHE I 146 43.24 -60.03 3.34
C PHE I 146 42.80 -61.47 3.14
N GLU I 147 41.73 -61.65 2.36
CA GLU I 147 41.24 -62.99 2.04
C GLU I 147 42.28 -63.77 1.26
N LYS I 148 43.04 -63.07 0.42
CA LYS I 148 44.05 -63.72 -0.41
C LYS I 148 45.19 -64.26 0.45
N THR I 149 45.53 -63.54 1.51
CA THR I 149 46.60 -63.97 2.40
C THR I 149 46.09 -64.97 3.45
N ASN I 150 44.98 -64.64 4.09
CA ASN I 150 44.42 -65.44 5.17
C ASN I 150 43.15 -66.21 4.80
N LEU I 151 43.22 -66.99 3.72
CA LEU I 151 42.11 -67.82 3.23
C LEU I 151 41.19 -68.48 4.28
N GLY I 152 41.77 -69.31 5.13
CA GLY I 152 41.01 -70.05 6.13
C GLY I 152 40.32 -69.24 7.22
N GLN I 153 40.44 -67.92 7.18
CA GLN I 153 39.84 -67.09 8.22
C GLN I 153 38.51 -66.48 7.76
N LEU I 154 38.28 -66.42 6.45
CA LEU I 154 37.03 -65.84 5.98
C LEU I 154 35.93 -66.88 6.14
N LYS I 155 34.89 -66.51 6.90
CA LYS I 155 33.76 -67.39 7.10
C LYS I 155 32.51 -66.73 6.54
N ALA I 156 32.52 -65.39 6.52
CA ALA I 156 31.39 -64.61 6.06
C ALA I 156 31.88 -63.28 5.51
N GLY I 157 31.43 -62.92 4.32
CA GLY I 157 31.79 -61.66 3.70
C GLY I 157 31.39 -60.48 4.56
N VAL I 158 32.40 -59.83 5.15
CA VAL I 158 32.17 -58.66 5.99
C VAL I 158 31.15 -57.77 5.28
N GLN I 159 30.03 -57.55 5.94
CA GLN I 159 28.96 -56.74 5.36
C GLN I 159 29.27 -55.27 5.59
N ILE I 160 29.63 -54.57 4.52
CA ILE I 160 29.97 -53.17 4.62
C ILE I 160 28.75 -52.31 4.34
N VAL I 161 28.40 -51.48 5.31
CA VAL I 161 27.29 -50.56 5.16
C VAL I 161 27.81 -49.14 5.04
N ALA I 162 27.50 -48.50 3.92
CA ALA I 162 27.97 -47.14 3.68
C ALA I 162 26.77 -46.22 3.55
N THR I 163 26.70 -45.25 4.46
CA THR I 163 25.54 -44.36 4.55
C THR I 163 25.93 -42.90 4.38
N ASP I 164 25.11 -42.15 3.67
CA ASP I 164 25.31 -40.70 3.53
C ASP I 164 24.02 -40.01 3.14
N LEU I 165 23.99 -38.69 3.29
CA LEU I 165 22.88 -37.85 2.89
C LEU I 165 22.37 -38.14 1.48
N SER I 166 21.06 -38.37 1.37
CA SER I 166 20.36 -38.48 0.09
C SER I 166 20.78 -37.39 -0.89
N GLY I 167 21.53 -37.78 -1.92
CA GLY I 167 21.95 -36.81 -2.91
C GLY I 167 22.54 -37.43 -4.15
N SER I 168 23.30 -36.61 -4.88
CA SER I 168 24.00 -37.05 -6.07
C SER I 168 25.15 -37.94 -5.63
N MET I 169 26.14 -37.33 -5.00
CA MET I 169 27.32 -38.03 -4.47
C MET I 169 27.08 -39.47 -4.00
N LEU I 170 26.00 -39.67 -3.24
CA LEU I 170 25.61 -41.03 -2.82
C LEU I 170 25.16 -41.85 -4.01
N THR I 171 24.37 -41.24 -4.88
CA THR I 171 23.93 -41.86 -6.12
C THR I 171 25.15 -42.12 -7.00
N ALA I 172 26.14 -41.22 -6.94
CA ALA I 172 27.38 -41.38 -7.68
C ALA I 172 28.18 -42.57 -7.13
N ALA I 173 28.06 -42.79 -5.83
CA ALA I 173 28.69 -43.93 -5.18
C ALA I 173 28.10 -45.23 -5.70
N LYS I 174 26.77 -45.31 -5.73
CA LYS I 174 26.05 -46.50 -6.19
C LYS I 174 26.43 -46.87 -7.62
N ALA I 175 26.62 -45.86 -8.46
CA ALA I 175 27.09 -46.09 -9.83
C ALA I 175 28.46 -46.74 -9.81
N GLY I 176 29.37 -46.14 -9.04
CA GLY I 176 30.70 -46.68 -8.83
C GLY I 176 31.67 -46.45 -9.97
N GLU I 177 31.36 -45.53 -10.86
CA GLU I 177 32.35 -45.07 -11.83
C GLU I 177 33.17 -43.97 -11.18
N TYR I 178 34.21 -43.52 -11.88
CA TYR I 178 35.15 -42.55 -11.32
C TYR I 178 36.03 -41.94 -12.40
N ASP I 179 36.29 -40.64 -12.25
CA ASP I 179 37.15 -39.91 -13.18
C ASP I 179 38.54 -40.54 -13.23
N THR I 180 39.14 -40.53 -14.43
CA THR I 180 40.48 -41.05 -14.63
C THR I 180 41.51 -40.32 -13.77
N LEU I 181 41.27 -39.04 -13.52
CA LEU I 181 42.16 -38.22 -12.72
C LEU I 181 42.03 -38.56 -11.24
N ALA I 182 40.80 -38.87 -10.82
CA ALA I 182 40.50 -39.17 -9.42
C ALA I 182 41.17 -40.46 -8.96
N MET I 183 41.49 -41.33 -9.91
CA MET I 183 42.11 -42.61 -9.61
C MET I 183 43.58 -42.46 -9.24
N GLY I 184 44.20 -41.39 -9.71
CA GLY I 184 45.61 -41.14 -9.46
C GLY I 184 45.92 -40.71 -8.04
N ARG I 185 44.88 -40.47 -7.25
CA ARG I 185 45.06 -39.90 -5.93
C ARG I 185 45.05 -40.97 -4.84
N GLY I 186 46.24 -41.34 -4.37
CA GLY I 186 46.35 -42.28 -3.26
C GLY I 186 46.12 -43.73 -3.62
N LEU I 187 46.05 -44.06 -4.91
CA LEU I 187 45.77 -45.43 -5.33
C LEU I 187 46.88 -46.06 -6.17
N SER I 188 47.35 -47.22 -5.71
CA SER I 188 48.36 -47.99 -6.41
C SER I 188 47.86 -48.48 -7.77
N PRO I 189 48.75 -48.48 -8.79
CA PRO I 189 48.42 -48.98 -10.13
C PRO I 189 48.11 -50.47 -10.09
N GLU I 190 48.70 -51.15 -9.12
CA GLU I 190 48.37 -52.54 -8.84
C GLU I 190 46.89 -52.69 -8.54
N ARG I 191 46.43 -51.94 -7.55
CA ARG I 191 45.03 -51.95 -7.15
C ARG I 191 44.11 -51.46 -8.26
N LEU I 192 44.64 -50.59 -9.11
CA LEU I 192 43.87 -50.07 -10.24
C LEU I 192 43.58 -51.15 -11.28
N GLN I 193 44.61 -51.85 -11.75
CA GLN I 193 44.41 -52.90 -12.74
C GLN I 193 43.63 -54.08 -12.16
N ARG I 194 43.87 -54.37 -10.89
CA ARG I 194 43.30 -55.54 -10.25
C ARG I 194 41.82 -55.37 -9.89
N TYR I 195 41.48 -54.23 -9.30
CA TYR I 195 40.14 -54.01 -8.75
C TYR I 195 39.24 -53.12 -9.61
N PHE I 196 39.69 -52.76 -10.80
CA PHE I 196 38.92 -51.84 -11.65
C PHE I 196 38.80 -52.23 -13.11
N ASP I 197 37.57 -52.15 -13.62
CA ASP I 197 37.30 -52.29 -15.05
C ASP I 197 37.27 -50.92 -15.72
N ALA I 198 38.00 -50.78 -16.81
CA ALA I 198 37.95 -49.53 -17.54
C ALA I 198 36.68 -49.52 -18.38
N LYS I 199 35.71 -48.70 -17.96
CA LYS I 199 34.43 -48.64 -18.66
C LYS I 199 34.38 -47.33 -19.43
N GLY I 200 35.43 -47.08 -20.20
CA GLY I 200 35.53 -45.87 -20.97
C GLY I 200 36.99 -45.52 -21.25
N PRO I 201 37.20 -44.58 -22.18
CA PRO I 201 38.55 -44.08 -22.45
C PRO I 201 39.07 -43.24 -21.27
N GLY I 202 38.18 -42.44 -20.69
CA GLY I 202 38.52 -41.59 -19.57
C GLY I 202 37.78 -41.95 -18.30
N ARG I 203 37.13 -43.11 -18.28
CA ARG I 203 36.35 -43.54 -17.11
C ARG I 203 36.82 -44.90 -16.60
N TRP I 204 36.56 -45.16 -15.32
CA TRP I 204 37.00 -46.40 -14.69
C TRP I 204 35.89 -46.89 -13.76
N ALA I 205 35.57 -48.19 -13.84
CA ALA I 205 34.48 -48.74 -13.04
C ALA I 205 34.94 -49.78 -12.02
N VAL I 206 34.20 -49.88 -10.92
CA VAL I 206 34.48 -50.87 -9.87
C VAL I 206 34.12 -52.29 -10.32
N LYS I 207 35.00 -53.24 -10.02
CA LYS I 207 34.74 -54.65 -10.32
C LYS I 207 33.57 -55.14 -9.49
N PRO I 208 32.62 -55.85 -10.12
CA PRO I 208 31.39 -56.31 -9.47
C PRO I 208 31.63 -57.07 -8.16
N ALA I 209 32.75 -57.77 -8.06
CA ALA I 209 33.11 -58.50 -6.86
C ALA I 209 33.31 -57.55 -5.67
N ILE I 210 33.89 -56.39 -5.94
CA ILE I 210 34.12 -55.36 -4.93
C ILE I 210 32.80 -54.61 -4.67
N ARG I 211 32.06 -54.41 -5.75
CA ARG I 211 30.77 -53.72 -5.72
C ARG I 211 29.81 -54.39 -4.74
N SER I 212 29.80 -55.71 -4.76
CA SER I 212 28.82 -56.51 -4.02
C SER I 212 29.02 -56.56 -2.51
N ARG I 213 30.18 -56.14 -2.03
CA ARG I 213 30.44 -56.22 -0.59
C ARG I 213 29.78 -55.05 0.15
N VAL I 214 29.40 -54.02 -0.62
CA VAL I 214 28.80 -52.84 -0.02
C VAL I 214 27.35 -52.63 -0.45
N GLU I 215 26.54 -52.11 0.47
CA GLU I 215 25.19 -51.66 0.16
C GLU I 215 25.07 -50.21 0.60
N PHE I 216 24.60 -49.36 -0.32
CA PHE I 216 24.47 -47.94 -0.01
C PHE I 216 23.06 -47.59 0.42
N ARG I 217 22.97 -46.90 1.55
CA ARG I 217 21.69 -46.46 2.09
C ARG I 217 21.74 -44.98 2.47
N ALA I 218 20.65 -44.27 2.21
CA ALA I 218 20.57 -42.85 2.53
C ALA I 218 20.27 -42.63 4.00
N LEU I 219 21.14 -41.89 4.70
CA LEU I 219 20.93 -41.60 6.11
C LEU I 219 21.55 -40.27 6.54
N ASN I 220 20.80 -39.52 7.35
CA ASN I 220 21.34 -38.34 8.02
C ASN I 220 21.87 -38.75 9.39
N LEU I 221 23.12 -38.40 9.67
CA LEU I 221 23.79 -38.81 10.90
C LEU I 221 23.20 -38.13 12.15
N LEU I 222 22.34 -37.13 11.95
CA LEU I 222 21.68 -36.46 13.06
C LEU I 222 20.43 -37.23 13.47
N ASP I 223 20.10 -38.25 12.68
CA ASP I 223 18.92 -39.06 12.95
C ASP I 223 19.29 -40.34 13.71
N SER I 224 18.30 -41.17 13.97
CA SER I 224 18.49 -42.37 14.78
C SER I 224 19.26 -43.44 14.00
N TYR I 225 20.14 -44.15 14.69
CA TYR I 225 20.96 -45.18 14.05
C TYR I 225 20.41 -46.58 14.26
N ALA I 226 19.16 -46.67 14.71
CA ALA I 226 18.55 -47.95 15.05
C ALA I 226 18.33 -48.85 13.84
N SER I 227 18.00 -48.22 12.71
CA SER I 227 17.69 -48.95 11.48
C SER I 227 18.88 -49.72 10.92
N LEU I 228 20.09 -49.35 11.35
CA LEU I 228 21.30 -49.96 10.80
C LEU I 228 21.66 -51.29 11.44
N GLY I 229 21.34 -51.46 12.71
CA GLY I 229 21.73 -52.66 13.44
C GLY I 229 23.09 -52.47 14.07
N LYS I 230 23.75 -53.56 14.46
CA LYS I 230 25.02 -53.46 15.16
C LYS I 230 26.22 -53.73 14.25
N PHE I 231 27.33 -53.08 14.57
CA PHE I 231 28.54 -53.17 13.77
C PHE I 231 29.74 -53.60 14.60
N ASP I 232 30.68 -54.29 13.97
CA ASP I 232 31.92 -54.66 14.61
C ASP I 232 32.94 -53.52 14.55
N MET I 233 32.90 -52.76 13.46
CA MET I 233 33.78 -51.61 13.29
C MET I 233 33.04 -50.42 12.70
N VAL I 234 33.48 -49.21 13.06
CA VAL I 234 32.91 -48.00 12.50
C VAL I 234 33.99 -47.09 11.95
N PHE I 235 33.83 -46.67 10.69
CA PHE I 235 34.78 -45.75 10.08
C PHE I 235 34.14 -44.39 9.86
N CYS I 236 34.47 -43.45 10.74
CA CYS I 236 33.98 -42.09 10.63
C CYS I 236 35.16 -41.13 10.73
N ARG I 237 35.62 -40.66 9.58
CA ARG I 237 36.91 -39.96 9.51
C ARG I 237 36.74 -38.58 8.85
N ASN I 238 37.30 -37.56 9.49
CA ASN I 238 37.16 -36.18 9.03
C ASN I 238 35.68 -35.78 8.97
N VAL I 239 34.97 -36.04 10.07
CA VAL I 239 33.53 -35.80 10.11
C VAL I 239 33.09 -34.93 11.29
N LEU I 240 33.40 -35.39 12.51
CA LEU I 240 32.88 -34.75 13.72
C LEU I 240 33.47 -33.38 13.98
N ILE I 241 34.66 -33.11 13.46
CA ILE I 241 35.29 -31.81 13.66
C ILE I 241 34.50 -30.72 12.94
N TYR I 242 33.68 -31.11 11.99
CA TYR I 242 32.84 -30.18 11.24
C TYR I 242 31.48 -29.98 11.91
N PHE I 243 31.31 -30.58 13.08
CA PHE I 243 30.12 -30.39 13.90
C PHE I 243 30.47 -29.62 15.17
N SER I 244 29.45 -29.37 16.00
CA SER I 244 29.67 -28.68 17.26
C SER I 244 30.24 -29.66 18.28
N ALA I 245 30.24 -29.26 19.56
CA ALA I 245 30.76 -30.12 20.61
C ALA I 245 29.64 -30.97 21.21
N GLU I 246 28.48 -30.35 21.37
CA GLU I 246 27.32 -31.03 21.95
C GLU I 246 26.80 -32.15 21.06
N VAL I 247 26.79 -31.91 19.75
CA VAL I 247 26.27 -32.89 18.80
C VAL I 247 27.35 -33.91 18.40
N LYS I 248 28.60 -33.54 18.58
CA LYS I 248 29.71 -34.46 18.35
C LYS I 248 29.61 -35.58 19.38
N ARG I 249 29.43 -35.17 20.63
CA ARG I 249 29.24 -36.11 21.74
C ARG I 249 27.99 -36.94 21.56
N ASP I 250 26.95 -36.31 21.01
CA ASP I 250 25.67 -36.97 20.78
C ASP I 250 25.84 -38.13 19.81
N ILE I 251 26.54 -37.86 18.71
CA ILE I 251 26.78 -38.86 17.68
C ILE I 251 27.71 -39.96 18.22
N LEU I 252 28.73 -39.55 18.98
CA LEU I 252 29.66 -40.49 19.58
C LEU I 252 28.98 -41.49 20.50
N LEU I 253 27.97 -41.01 21.24
CA LEU I 253 27.21 -41.87 22.15
C LEU I 253 26.29 -42.80 21.38
N ARG I 254 25.77 -42.32 20.26
CA ARG I 254 24.92 -43.12 19.39
C ARG I 254 25.77 -44.09 18.56
N ILE I 255 27.05 -43.74 18.41
CA ILE I 255 28.02 -44.63 17.79
C ILE I 255 28.41 -45.69 18.82
N HIS I 256 28.31 -45.36 20.10
CA HIS I 256 28.52 -46.35 21.15
C HIS I 256 27.43 -47.41 21.05
N GLY I 257 26.23 -46.97 20.69
CA GLY I 257 25.17 -47.90 20.32
C GLY I 257 25.56 -48.48 18.96
N THR I 258 24.74 -49.35 18.40
CA THR I 258 25.07 -50.00 17.11
C THR I 258 26.53 -50.47 17.03
N LEU I 259 27.11 -50.84 18.16
CA LEU I 259 28.46 -51.37 18.20
C LEU I 259 28.52 -52.59 19.11
N LYS I 260 29.01 -53.70 18.57
CA LYS I 260 29.27 -54.88 19.37
C LYS I 260 30.38 -54.52 20.36
N PRO I 261 30.31 -55.08 21.58
CA PRO I 261 31.29 -54.79 22.64
C PRO I 261 32.73 -55.05 22.19
N GLY I 262 33.60 -54.06 22.36
CA GLY I 262 34.97 -54.15 21.88
C GLY I 262 35.11 -53.77 20.42
N GLY I 263 34.07 -53.13 19.87
CA GLY I 263 34.10 -52.72 18.48
C GLY I 263 34.98 -51.49 18.31
N TYR I 264 35.45 -51.27 17.09
CA TYR I 264 36.43 -50.22 16.83
C TYR I 264 35.88 -49.04 16.03
N LEU I 265 36.40 -47.85 16.34
CA LEU I 265 36.03 -46.64 15.61
C LEU I 265 37.28 -45.92 15.11
N PHE I 266 37.29 -45.59 13.82
CA PHE I 266 38.42 -44.90 13.20
C PHE I 266 38.03 -43.46 12.90
N LEU I 267 38.69 -42.50 13.54
CA LEU I 267 38.32 -41.09 13.39
C LEU I 267 39.19 -40.30 12.41
N GLY I 268 40.13 -40.96 11.77
CA GLY I 268 40.98 -40.27 10.81
C GLY I 268 42.09 -39.42 11.42
N ALA I 269 43.01 -39.01 10.56
CA ALA I 269 44.20 -38.26 10.94
C ALA I 269 43.92 -36.97 11.70
N SER I 270 44.52 -36.87 12.90
CA SER I 270 44.48 -35.69 13.77
C SER I 270 43.11 -35.37 14.37
N GLU I 271 42.30 -36.38 14.63
CA GLU I 271 41.09 -36.19 15.43
C GLU I 271 41.24 -36.83 16.81
N ALA I 272 40.79 -36.11 17.83
CA ALA I 272 40.79 -36.63 19.20
C ALA I 272 39.36 -36.67 19.72
N LEU I 273 39.06 -37.61 20.61
CA LEU I 273 37.75 -37.63 21.25
C LEU I 273 37.84 -37.34 22.74
N ASN I 274 38.40 -36.18 23.07
CA ASN I 274 38.59 -35.77 24.46
C ASN I 274 37.42 -36.04 25.42
N ASN I 275 36.22 -36.28 24.87
CA ASN I 275 35.03 -36.52 25.69
C ASN I 275 34.57 -37.96 26.02
N LEU I 276 33.35 -38.02 26.54
CA LEU I 276 32.64 -39.23 26.99
C LEU I 276 33.32 -39.78 28.24
N PRO I 277 32.52 -40.31 29.18
CA PRO I 277 33.10 -40.87 30.41
C PRO I 277 33.81 -42.18 30.11
N ASP I 278 35.09 -42.09 29.74
CA ASP I 278 35.88 -43.27 29.44
C ASP I 278 35.06 -44.35 28.75
N HIS I 279 34.16 -43.94 27.87
CA HIS I 279 33.31 -44.89 27.16
C HIS I 279 34.24 -45.63 26.21
N TYR I 280 34.84 -44.87 25.30
CA TYR I 280 35.80 -45.40 24.36
C TYR I 280 37.20 -45.40 24.96
N GLN I 281 37.88 -46.54 24.87
CA GLN I 281 39.26 -46.63 25.35
C GLN I 281 40.17 -46.36 24.17
N MET I 282 41.08 -45.41 24.34
CA MET I 282 42.00 -45.00 23.29
C MET I 282 43.09 -46.03 23.06
N VAL I 283 43.17 -46.55 21.84
CA VAL I 283 44.16 -47.56 21.49
C VAL I 283 45.20 -47.01 20.53
N GLN I 284 46.39 -46.72 21.05
CA GLN I 284 47.48 -46.18 20.25
C GLN I 284 48.24 -47.26 19.50
N CYS I 285 48.34 -47.11 18.18
CA CYS I 285 49.24 -47.94 17.39
C CYS I 285 50.52 -47.15 17.24
N SER I 286 51.50 -47.70 16.53
CA SER I 286 52.75 -46.97 16.30
C SER I 286 52.50 -45.74 15.39
N PRO I 287 51.87 -45.93 14.20
CA PRO I 287 51.53 -44.77 13.37
C PRO I 287 50.09 -44.27 13.57
N GLY I 288 49.81 -43.56 14.66
CA GLY I 288 48.47 -43.04 14.89
C GLY I 288 47.66 -43.84 15.90
N ILE I 289 46.37 -43.53 15.98
CA ILE I 289 45.51 -44.10 17.01
C ILE I 289 44.13 -44.54 16.51
N ILE I 290 43.56 -45.55 17.20
CA ILE I 290 42.20 -46.00 16.93
C ILE I 290 41.44 -46.07 18.24
N TYR I 291 40.12 -46.27 18.16
CA TYR I 291 39.28 -46.23 19.36
C TYR I 291 38.36 -47.44 19.51
N ARG I 292 38.37 -48.03 20.70
CA ARG I 292 37.55 -49.21 20.99
C ARG I 292 36.39 -48.89 21.95
N ALA I 293 35.24 -49.52 21.72
CA ALA I 293 34.04 -49.25 22.50
C ALA I 293 33.96 -50.11 23.77
N LYS I 294 34.01 -49.47 24.93
CA LYS I 294 33.84 -50.17 26.20
C LYS I 294 32.42 -49.98 26.76
N ASN J 25 26.28 -17.98 -17.77
CA ASN J 25 25.51 -17.48 -16.64
C ASN J 25 24.27 -18.33 -16.38
N ALA J 26 24.18 -19.46 -17.06
CA ALA J 26 23.07 -20.39 -16.88
C ALA J 26 23.27 -21.23 -15.62
N ASP J 27 24.53 -21.58 -15.35
CA ASP J 27 24.85 -22.38 -14.17
C ASP J 27 25.20 -21.47 -12.98
N PHE J 28 24.36 -20.48 -12.73
CA PHE J 28 24.49 -19.61 -11.58
C PHE J 28 23.21 -19.60 -10.76
N GLU J 29 22.10 -19.49 -11.48
CA GLU J 29 20.77 -19.52 -10.88
C GLU J 29 20.55 -20.82 -10.11
N LEU J 30 21.12 -21.90 -10.62
CA LEU J 30 21.07 -23.20 -9.97
C LEU J 30 21.79 -23.18 -8.62
N PHE J 31 22.93 -22.50 -8.57
CA PHE J 31 23.74 -22.44 -7.36
C PHE J 31 23.08 -21.66 -6.22
N ARG J 32 22.58 -20.46 -6.53
CA ARG J 32 21.98 -19.60 -5.53
C ARG J 32 20.69 -20.19 -4.96
N VAL J 33 19.96 -20.94 -5.78
CA VAL J 33 18.77 -21.65 -5.31
C VAL J 33 19.15 -22.71 -4.29
N PHE J 34 20.30 -23.34 -4.51
CA PHE J 34 20.83 -24.33 -3.57
C PHE J 34 21.08 -23.73 -2.20
N LEU J 35 21.78 -22.60 -2.18
CA LEU J 35 22.15 -21.93 -0.93
C LEU J 35 20.95 -21.51 -0.09
N GLU J 36 19.91 -21.00 -0.74
CA GLU J 36 18.69 -20.61 -0.05
C GLU J 36 18.00 -21.82 0.58
N LYS J 37 17.94 -22.92 -0.17
CA LYS J 37 17.28 -24.14 0.28
C LYS J 37 17.99 -24.78 1.48
N THR J 38 19.33 -24.85 1.42
CA THR J 38 20.09 -25.54 2.44
C THR J 38 20.78 -24.61 3.45
N CYS J 39 21.78 -23.86 2.96
CA CYS J 39 22.62 -23.05 3.85
C CYS J 39 21.95 -21.76 4.31
N GLY J 40 20.84 -21.40 3.68
CA GLY J 40 20.11 -20.20 4.05
C GLY J 40 20.85 -18.93 3.69
N ILE J 41 21.34 -18.87 2.46
CA ILE J 41 22.06 -17.69 1.97
C ILE J 41 21.47 -17.25 0.63
N VAL J 42 20.91 -16.05 0.61
CA VAL J 42 20.35 -15.50 -0.62
C VAL J 42 21.39 -14.66 -1.32
N LEU J 43 21.32 -14.60 -2.64
CA LEU J 43 22.29 -13.81 -3.39
C LEU J 43 21.62 -12.80 -4.29
N GLY J 44 22.02 -12.82 -5.54
CA GLY J 44 21.50 -11.92 -6.54
C GLY J 44 22.33 -12.01 -7.79
N SER J 45 21.68 -12.12 -8.94
CA SER J 45 22.40 -12.18 -10.21
C SER J 45 23.44 -11.07 -10.27
N ASN J 46 23.17 -9.95 -9.61
CA ASN J 46 24.09 -8.82 -9.60
C ASN J 46 25.49 -9.19 -9.09
N LYS J 47 25.62 -9.46 -7.79
CA LYS J 47 26.89 -9.85 -7.20
C LYS J 47 27.08 -11.25 -7.75
N GLN J 48 27.59 -11.31 -8.97
CA GLN J 48 27.76 -12.57 -9.66
C GLN J 48 29.25 -12.62 -9.79
N TYR J 49 29.85 -11.48 -9.52
CA TYR J 49 31.31 -11.35 -9.55
C TYR J 49 31.93 -11.51 -8.18
N LEU J 50 31.26 -10.94 -7.18
CA LEU J 50 31.76 -11.02 -5.81
C LEU J 50 31.55 -12.43 -5.29
N VAL J 51 30.84 -13.25 -6.07
CA VAL J 51 30.68 -14.67 -5.80
C VAL J 51 31.70 -15.51 -6.56
N SER J 52 31.66 -15.41 -7.89
CA SER J 52 32.47 -16.24 -8.79
C SER J 52 33.97 -15.93 -8.75
N SER J 53 34.34 -14.87 -8.04
CA SER J 53 35.75 -14.55 -7.85
C SER J 53 36.30 -15.34 -6.67
N ARG J 54 35.57 -15.28 -5.56
CA ARG J 54 36.01 -15.85 -4.29
C ARG J 54 36.02 -17.38 -4.29
N LEU J 55 35.04 -17.99 -4.96
CA LEU J 55 34.92 -19.45 -4.95
C LEU J 55 35.89 -20.12 -5.93
N ASN J 56 36.40 -19.36 -6.90
CA ASN J 56 37.36 -19.92 -7.85
C ASN J 56 38.67 -20.30 -7.18
N LYS J 57 38.99 -19.64 -6.06
CA LYS J 57 40.14 -20.03 -5.27
C LYS J 57 39.83 -21.36 -4.61
N LEU J 58 38.57 -21.52 -4.20
CA LEU J 58 38.09 -22.76 -3.59
C LEU J 58 37.90 -23.85 -4.64
N MET J 59 37.52 -23.46 -5.85
CA MET J 59 37.31 -24.40 -6.93
C MET J 59 38.63 -24.96 -7.44
N GLU J 60 39.71 -24.23 -7.21
CA GLU J 60 41.03 -24.63 -7.65
C GLU J 60 41.69 -25.56 -6.62
N GLN J 61 41.12 -25.59 -5.42
CA GLN J 61 41.66 -26.43 -4.37
C GLN J 61 40.91 -27.76 -4.28
N GLN J 62 40.36 -28.17 -5.40
CA GLN J 62 39.60 -29.41 -5.47
C GLN J 62 38.99 -29.55 -6.86
N GLY J 63 38.34 -30.69 -7.07
CA GLY J 63 37.69 -30.98 -8.34
C GLY J 63 36.30 -30.45 -8.53
N ILE J 64 36.20 -29.14 -8.69
CA ILE J 64 34.92 -28.48 -8.92
C ILE J 64 34.89 -27.77 -10.27
N LYS J 65 33.83 -27.98 -11.03
CA LYS J 65 33.68 -27.36 -12.34
C LYS J 65 32.38 -26.58 -12.44
N SER J 66 32.18 -25.65 -11.52
CA SER J 66 30.97 -24.83 -11.50
C SER J 66 29.77 -25.65 -11.02
N LEU J 67 29.32 -26.55 -11.89
CA LEU J 67 28.15 -27.39 -11.59
C LEU J 67 28.47 -28.76 -11.00
N GLY J 68 29.74 -29.15 -11.00
CA GLY J 68 30.16 -30.37 -10.32
C GLY J 68 30.28 -30.15 -8.82
N GLU J 69 30.44 -28.89 -8.44
CA GLU J 69 30.48 -28.50 -7.04
C GLU J 69 29.13 -28.62 -6.32
N LEU J 70 28.06 -28.27 -7.03
CA LEU J 70 26.71 -28.36 -6.48
C LEU J 70 26.33 -29.75 -5.97
N VAL J 71 26.69 -30.78 -6.73
CA VAL J 71 26.40 -32.15 -6.34
C VAL J 71 27.31 -32.59 -5.20
N GLN J 72 28.56 -32.11 -5.22
CA GLN J 72 29.56 -32.48 -4.22
C GLN J 72 29.30 -31.86 -2.85
N ARG J 73 28.38 -30.90 -2.79
CA ARG J 73 28.02 -30.32 -1.51
C ARG J 73 27.07 -31.24 -0.76
N ILE J 74 26.33 -32.05 -1.51
CA ILE J 74 25.34 -32.94 -0.92
C ILE J 74 26.00 -34.17 -0.30
N GLN J 75 27.32 -34.24 -0.38
CA GLN J 75 28.02 -35.24 0.39
C GLN J 75 28.52 -34.57 1.64
N THR J 76 27.60 -34.08 2.46
CA THR J 76 28.04 -33.33 3.62
C THR J 76 28.45 -34.37 4.63
N GLN J 77 28.59 -33.97 5.89
CA GLN J 77 29.02 -34.90 6.93
C GLN J 77 30.23 -35.71 6.43
N ARG J 78 31.02 -35.10 5.55
CA ARG J 78 32.20 -35.76 5.00
C ARG J 78 32.84 -34.92 3.91
N GLY J 79 33.87 -34.18 4.26
CA GLY J 79 34.57 -33.33 3.32
C GLY J 79 34.74 -31.91 3.82
N GLY J 80 33.90 -31.52 4.77
CA GLY J 80 33.96 -30.18 5.34
C GLY J 80 33.78 -29.09 4.30
N LEU J 81 33.53 -29.50 3.06
CA LEU J 81 33.34 -28.56 1.96
C LEU J 81 32.11 -27.67 2.17
N ARG J 82 31.03 -28.27 2.66
CA ARG J 82 29.80 -27.54 2.90
C ARG J 82 30.00 -26.27 3.72
N GLU J 83 30.76 -26.38 4.81
CA GLU J 83 31.04 -25.21 5.65
C GLU J 83 32.09 -24.32 5.00
N MET J 84 32.86 -24.87 4.07
CA MET J 84 33.90 -24.12 3.38
C MET J 84 33.33 -23.28 2.25
N VAL J 85 32.33 -23.83 1.56
CA VAL J 85 31.65 -23.12 0.48
C VAL J 85 30.88 -21.94 1.05
N VAL J 86 30.27 -22.14 2.22
CA VAL J 86 29.59 -21.07 2.94
C VAL J 86 30.56 -19.92 3.16
N ASP J 87 31.77 -20.27 3.56
CA ASP J 87 32.85 -19.31 3.68
C ASP J 87 33.19 -18.78 2.30
N ALA J 88 33.76 -17.58 2.27
CA ALA J 88 34.11 -16.88 1.04
C ALA J 88 32.86 -16.42 0.29
N MET J 89 31.69 -16.74 0.83
CA MET J 89 30.45 -16.13 0.37
C MET J 89 30.25 -14.96 1.31
N THR J 90 31.05 -14.98 2.36
CA THR J 90 31.06 -13.92 3.36
C THR J 90 32.46 -13.37 3.50
N THR J 91 32.59 -12.04 3.50
CA THR J 91 33.87 -11.40 3.76
C THR J 91 34.34 -11.86 5.14
N ASN J 92 35.51 -12.49 5.18
CA ASN J 92 36.03 -12.99 6.45
C ASN J 92 36.84 -11.93 7.17
N GLU J 93 36.28 -10.73 7.24
CA GLU J 93 36.94 -9.59 7.87
C GLU J 93 35.98 -8.80 8.77
N THR J 94 36.50 -8.19 9.82
CA THR J 94 35.67 -7.35 10.69
C THR J 94 35.72 -5.89 10.25
N LEU J 95 34.59 -5.42 9.72
CA LEU J 95 34.47 -4.07 9.17
C LEU J 95 33.93 -3.02 10.14
N TRP J 96 33.99 -1.76 9.72
CA TRP J 96 33.33 -0.65 10.40
C TRP J 96 32.08 -0.31 9.61
N PHE J 97 30.93 -0.31 10.27
CA PHE J 97 29.65 -0.09 9.60
C PHE J 97 29.51 -1.07 8.45
N ARG J 98 29.43 -2.37 8.77
CA ARG J 98 29.40 -3.40 7.73
C ARG J 98 28.25 -3.16 6.76
N ASP J 99 28.58 -3.12 5.47
CA ASP J 99 27.62 -2.95 4.39
C ASP J 99 26.97 -1.55 4.37
N THR J 100 27.19 -0.79 5.45
CA THR J 100 26.76 0.61 5.58
C THR J 100 25.25 0.82 5.61
N TYR J 101 24.49 -0.03 4.91
CA TYR J 101 23.04 0.15 4.84
C TYR J 101 22.29 -0.07 6.16
N PRO J 102 22.68 -1.06 6.99
CA PRO J 102 21.81 -1.26 8.16
C PRO J 102 21.90 -0.13 9.17
N PHE J 103 23.00 0.63 9.13
CA PHE J 103 23.20 1.72 10.07
C PHE J 103 22.48 2.99 9.60
N GLU J 104 22.42 3.20 8.29
CA GLU J 104 21.63 4.30 7.74
C GLU J 104 20.13 4.01 7.82
N VAL J 105 19.74 2.76 7.63
CA VAL J 105 18.35 2.35 7.82
C VAL J 105 17.95 2.66 9.25
N LEU J 106 18.86 2.35 10.18
CA LEU J 106 18.66 2.65 11.59
C LEU J 106 18.36 4.14 11.82
N LYS J 107 19.16 4.99 11.18
CA LYS J 107 19.08 6.43 11.38
C LYS J 107 17.81 7.06 10.80
N GLN J 108 17.53 6.78 9.53
CA GLN J 108 16.45 7.49 8.83
C GLN J 108 15.15 6.70 8.75
N ARG J 109 15.13 5.51 9.36
CA ARG J 109 13.90 4.70 9.34
C ARG J 109 13.56 4.12 10.72
N VAL J 110 14.45 3.31 11.27
CA VAL J 110 14.18 2.58 12.50
C VAL J 110 14.03 3.51 13.71
N LEU J 111 15.03 4.36 13.92
CA LEU J 111 15.03 5.30 15.04
C LEU J 111 13.85 6.28 15.05
N PRO J 112 13.47 6.84 13.88
CA PRO J 112 12.25 7.67 13.89
C PRO J 112 11.01 6.91 14.33
N GLU J 113 10.88 5.65 13.90
CA GLU J 113 9.74 4.82 14.27
C GLU J 113 9.68 4.52 15.76
N LEU J 114 10.84 4.28 16.36
CA LEU J 114 10.93 3.87 17.76
C LEU J 114 10.74 5.04 18.74
N ILE J 115 11.17 6.22 18.35
CA ILE J 115 11.04 7.41 19.19
C ILE J 115 9.57 7.80 19.36
N LYS J 116 8.81 7.68 18.28
CA LYS J 116 7.39 7.98 18.31
C LYS J 116 6.66 7.04 19.26
N ALA J 117 6.57 5.77 18.86
CA ALA J 117 5.92 4.72 19.64
C ALA J 117 6.30 4.72 21.13
N ASN J 118 7.60 4.64 21.42
CA ASN J 118 8.05 4.50 22.79
C ASN J 118 8.07 5.80 23.60
N GLY J 119 8.36 6.91 22.93
CA GLY J 119 8.53 8.17 23.65
C GLY J 119 9.87 8.24 24.35
N GLY J 120 10.94 7.86 23.63
CA GLY J 120 12.30 7.82 24.13
C GLY J 120 12.47 7.40 25.59
N GLN J 121 11.96 6.20 25.90
CA GLN J 121 11.96 5.69 27.28
C GLN J 121 13.10 4.72 27.57
N ARG J 122 14.33 5.19 27.39
CA ARG J 122 15.52 4.36 27.65
C ARG J 122 15.71 3.16 26.73
N LEU J 123 15.94 3.41 25.44
CA LEU J 123 16.18 2.34 24.48
C LEU J 123 17.41 1.46 24.73
N ARG J 124 17.23 0.15 24.52
CA ARG J 124 18.27 -0.84 24.67
C ARG J 124 18.57 -1.51 23.33
N ILE J 125 19.86 -1.61 23.00
CA ILE J 125 20.28 -2.26 21.76
C ILE J 125 21.19 -3.43 22.08
N TRP J 126 20.98 -4.56 21.40
CA TRP J 126 21.79 -5.73 21.63
C TRP J 126 22.71 -6.02 20.44
N SER J 127 24.01 -6.00 20.70
CA SER J 127 24.98 -6.43 19.70
C SER J 127 25.45 -7.85 20.02
N ALA J 128 24.87 -8.82 19.32
CA ALA J 128 25.18 -10.23 19.54
C ALA J 128 26.46 -10.60 18.81
N ALA J 129 27.39 -11.23 19.54
CA ALA J 129 28.71 -11.56 19.02
C ALA J 129 29.42 -10.29 18.54
N CYS J 130 29.81 -9.45 19.48
CA CYS J 130 30.37 -8.13 19.17
C CYS J 130 31.78 -8.19 18.60
N SER J 131 32.45 -9.32 18.77
CA SER J 131 33.82 -9.52 18.29
C SER J 131 34.80 -8.50 18.86
N SER J 132 35.52 -7.81 17.98
CA SER J 132 36.56 -6.87 18.39
C SER J 132 36.02 -5.57 18.98
N GLY J 133 34.70 -5.38 18.89
CA GLY J 133 34.10 -4.19 19.48
C GLY J 133 33.59 -3.22 18.42
N GLN J 134 34.09 -3.38 17.20
CA GLN J 134 33.79 -2.48 16.09
C GLN J 134 32.30 -2.20 15.83
N GLU J 135 31.49 -3.24 15.65
CA GLU J 135 30.06 -3.04 15.36
C GLU J 135 29.28 -2.27 16.44
N PRO J 136 29.42 -2.64 17.74
CA PRO J 136 28.66 -1.85 18.71
C PRO J 136 29.16 -0.41 18.83
N TYR J 137 30.46 -0.20 18.66
CA TYR J 137 31.02 1.15 18.65
C TYR J 137 30.49 1.90 17.43
N SER J 138 30.30 1.17 16.33
CA SER J 138 29.71 1.72 15.12
C SER J 138 28.26 2.15 15.39
N LEU J 139 27.58 1.37 16.22
CA LEU J 139 26.21 1.67 16.61
C LEU J 139 26.16 2.94 17.46
N SER J 140 27.10 3.04 18.39
CA SER J 140 27.21 4.21 19.26
C SER J 140 27.47 5.49 18.47
N MET J 141 28.30 5.41 17.44
CA MET J 141 28.56 6.56 16.57
C MET J 141 27.31 6.98 15.80
N ALA J 142 26.57 6.00 15.28
CA ALA J 142 25.37 6.29 14.50
C ALA J 142 24.32 6.97 15.36
N ILE J 143 24.29 6.62 16.64
CA ILE J 143 23.40 7.25 17.60
C ILE J 143 23.81 8.70 17.84
N ASP J 144 25.10 8.87 18.12
CA ASP J 144 25.70 10.17 18.40
C ASP J 144 25.39 11.18 17.30
N GLU J 145 25.57 10.75 16.05
CA GLU J 145 25.32 11.63 14.91
C GLU J 145 23.83 11.80 14.63
N PHE J 146 23.00 10.92 15.19
CA PHE J 146 21.54 11.09 15.10
C PHE J 146 21.07 12.08 16.17
N GLU J 147 21.68 12.00 17.35
CA GLU J 147 21.41 12.95 18.43
C GLU J 147 21.83 14.35 17.98
N LYS J 148 22.88 14.41 17.16
CA LYS J 148 23.43 15.67 16.66
C LYS J 148 22.46 16.39 15.70
N THR J 149 21.77 15.62 14.87
CA THR J 149 20.83 16.17 13.90
C THR J 149 19.43 16.41 14.49
N ASN J 150 18.95 15.44 15.27
CA ASN J 150 17.59 15.46 15.80
C ASN J 150 17.49 15.84 17.27
N LEU J 151 17.91 17.06 17.60
CA LEU J 151 17.90 17.55 18.98
C LEU J 151 16.51 17.59 19.63
N GLY J 152 16.50 17.45 20.96
CA GLY J 152 15.28 17.48 21.74
C GLY J 152 14.53 16.16 21.68
N GLN J 153 15.06 15.24 20.88
CA GLN J 153 14.46 13.90 20.72
C GLN J 153 15.21 12.85 21.56
N LEU J 154 16.44 13.17 21.95
CA LEU J 154 17.30 12.30 22.73
C LEU J 154 16.93 12.27 24.22
N LYS J 155 15.73 11.81 24.55
CA LYS J 155 15.34 11.78 25.95
C LYS J 155 16.31 10.99 26.83
N ALA J 156 16.69 9.80 26.39
CA ALA J 156 17.59 8.97 27.18
C ALA J 156 18.72 8.46 26.30
N GLY J 157 19.96 8.58 26.78
CA GLY J 157 21.09 8.05 26.04
C GLY J 157 20.85 6.55 25.92
N VAL J 158 20.74 6.06 24.70
CA VAL J 158 20.47 4.65 24.46
C VAL J 158 21.56 3.75 25.04
N GLN J 159 21.13 2.68 25.71
CA GLN J 159 22.05 1.72 26.29
C GLN J 159 22.33 0.60 25.29
N ILE J 160 23.57 0.51 24.83
CA ILE J 160 23.95 -0.55 23.91
C ILE J 160 24.62 -1.68 24.67
N VAL J 161 24.05 -2.88 24.56
CA VAL J 161 24.63 -4.05 25.19
C VAL J 161 25.23 -4.96 24.14
N ALA J 162 26.54 -5.17 24.24
CA ALA J 162 27.25 -5.99 23.28
C ALA J 162 27.86 -7.20 23.98
N THR J 163 27.47 -8.39 23.55
CA THR J 163 27.87 -9.60 24.23
C THR J 163 28.66 -10.54 23.32
N ASP J 164 29.68 -11.17 23.88
CA ASP J 164 30.46 -12.18 23.18
C ASP J 164 31.15 -13.10 24.18
N LEU J 165 31.62 -14.25 23.68
CA LEU J 165 32.38 -15.22 24.45
C LEU J 165 33.52 -14.60 25.27
N SER J 166 33.54 -14.90 26.57
CA SER J 166 34.65 -14.56 27.45
C SER J 166 35.98 -14.91 26.82
N GLY J 167 36.74 -13.90 26.39
CA GLY J 167 38.03 -14.16 25.78
C GLY J 167 38.93 -12.96 25.60
N SER J 168 39.91 -13.12 24.70
CA SER J 168 40.85 -12.06 24.39
C SER J 168 40.24 -10.96 23.51
N MET J 169 39.28 -11.32 22.67
CA MET J 169 38.64 -10.36 21.76
C MET J 169 37.66 -9.46 22.48
N LEU J 170 36.88 -10.04 23.39
CA LEU J 170 35.95 -9.27 24.22
C LEU J 170 36.75 -8.35 25.15
N THR J 171 37.85 -8.88 25.68
CA THR J 171 38.76 -8.08 26.50
C THR J 171 39.37 -6.98 25.64
N ALA J 172 39.63 -7.30 24.37
CA ALA J 172 40.14 -6.32 23.43
C ALA J 172 39.09 -5.27 23.08
N ALA J 173 37.83 -5.69 23.07
CA ALA J 173 36.71 -4.80 22.76
C ALA J 173 36.56 -3.69 23.80
N LYS J 174 36.48 -4.07 25.07
CA LYS J 174 36.36 -3.10 26.17
C LYS J 174 37.56 -2.15 26.22
N ALA J 175 38.74 -2.66 25.90
CA ALA J 175 39.93 -1.81 25.83
C ALA J 175 39.73 -0.70 24.81
N GLY J 176 39.29 -1.09 23.61
CA GLY J 176 38.89 -0.13 22.60
C GLY J 176 39.99 0.56 21.81
N GLU J 177 41.21 0.05 21.82
CA GLU J 177 42.21 0.54 20.88
C GLU J 177 42.06 -0.19 19.56
N TYR J 178 42.82 0.24 18.56
CA TYR J 178 42.70 -0.29 17.20
C TYR J 178 43.92 0.09 16.40
N ASP J 179 44.40 -0.86 15.61
CA ASP J 179 45.53 -0.63 14.72
C ASP J 179 45.22 0.49 13.74
N THR J 180 46.25 1.25 13.37
CA THR J 180 46.12 2.33 12.40
C THR J 180 45.61 1.81 11.05
N LEU J 181 45.90 0.55 10.76
CA LEU J 181 45.47 -0.11 9.52
C LEU J 181 43.98 -0.46 9.52
N ALA J 182 43.48 -0.86 10.69
CA ALA J 182 42.09 -1.28 10.84
C ALA J 182 41.09 -0.14 10.65
N MET J 183 41.54 1.09 10.83
CA MET J 183 40.66 2.24 10.74
C MET J 183 40.25 2.60 9.31
N GLY J 184 41.08 2.22 8.34
CA GLY J 184 40.80 2.53 6.95
C GLY J 184 39.69 1.69 6.32
N ARG J 185 39.22 0.68 7.05
CA ARG J 185 38.27 -0.27 6.49
C ARG J 185 36.83 0.02 6.93
N GLY J 186 36.07 0.61 6.02
CA GLY J 186 34.65 0.89 6.24
C GLY J 186 34.37 2.08 7.13
N LEU J 187 35.40 2.86 7.45
CA LEU J 187 35.23 4.00 8.34
C LEU J 187 35.59 5.31 7.66
N SER J 188 34.63 6.22 7.65
CA SER J 188 34.85 7.55 7.09
C SER J 188 35.89 8.31 7.90
N PRO J 189 36.73 9.10 7.21
CA PRO J 189 37.75 9.91 7.89
C PRO J 189 37.11 10.94 8.81
N GLU J 190 35.90 11.39 8.47
CA GLU J 190 35.12 12.26 9.35
C GLU J 190 34.88 11.57 10.69
N ARG J 191 34.30 10.37 10.63
CA ARG J 191 34.01 9.57 11.81
C ARG J 191 35.28 9.17 12.55
N LEU J 192 36.36 9.00 11.79
CA LEU J 192 37.67 8.69 12.37
C LEU J 192 38.19 9.90 13.14
N GLN J 193 38.18 11.06 12.48
CA GLN J 193 38.66 12.29 13.10
C GLN J 193 37.76 12.73 14.25
N ARG J 194 36.46 12.50 14.12
CA ARG J 194 35.50 12.97 15.12
C ARG J 194 35.47 12.12 16.39
N TYR J 195 35.46 10.80 16.22
CA TYR J 195 35.22 9.88 17.34
C TYR J 195 36.46 9.15 17.87
N PHE J 196 37.64 9.52 17.40
CA PHE J 196 38.85 8.81 17.80
C PHE J 196 40.03 9.70 18.20
N ASP J 197 40.60 9.38 19.35
CA ASP J 197 41.85 9.97 19.80
C ASP J 197 43.00 9.03 19.46
N ALA J 198 44.06 9.55 18.86
CA ALA J 198 45.21 8.72 18.56
C ALA J 198 46.04 8.49 19.82
N LYS J 199 46.00 7.27 20.34
CA LYS J 199 46.75 6.94 21.55
C LYS J 199 47.93 6.06 21.15
N GLY J 200 48.69 6.54 20.16
CA GLY J 200 49.84 5.82 19.67
C GLY J 200 50.18 6.20 18.23
N PRO J 201 51.38 5.83 17.78
CA PRO J 201 51.77 6.08 16.39
C PRO J 201 51.00 5.17 15.43
N GLY J 202 50.83 3.92 15.82
CA GLY J 202 50.12 2.94 15.01
C GLY J 202 48.84 2.50 15.69
N ARG J 203 48.46 3.20 16.75
CA ARG J 203 47.25 2.87 17.50
C ARG J 203 46.31 4.06 17.58
N TRP J 204 45.03 3.75 17.74
CA TRP J 204 43.97 4.75 17.81
C TRP J 204 42.92 4.32 18.84
N ALA J 205 42.49 5.24 19.69
CA ALA J 205 41.55 4.90 20.74
C ALA J 205 40.19 5.58 20.57
N VAL J 206 39.16 4.91 21.06
CA VAL J 206 37.79 5.43 21.02
C VAL J 206 37.64 6.58 22.02
N LYS J 207 37.00 7.65 21.61
CA LYS J 207 36.73 8.76 22.52
C LYS J 207 35.74 8.33 23.60
N PRO J 208 36.02 8.70 24.86
CA PRO J 208 35.26 8.31 26.06
C PRO J 208 33.74 8.51 25.94
N ALA J 209 33.33 9.53 25.19
CA ALA J 209 31.91 9.80 25.00
C ALA J 209 31.20 8.63 24.30
N ILE J 210 31.90 8.00 23.36
CA ILE J 210 31.37 6.84 22.65
C ILE J 210 31.46 5.61 23.54
N ARG J 211 32.54 5.54 24.30
CA ARG J 211 32.80 4.44 25.22
C ARG J 211 31.67 4.22 26.24
N SER J 212 31.16 5.32 26.79
CA SER J 212 30.19 5.24 27.89
C SER J 212 28.80 4.79 27.47
N ARG J 213 28.54 4.76 26.17
CA ARG J 213 27.22 4.41 25.65
C ARG J 213 27.00 2.89 25.61
N VAL J 214 28.09 2.14 25.67
CA VAL J 214 28.00 0.68 25.58
C VAL J 214 28.44 -0.01 26.87
N GLU J 215 27.81 -1.14 27.16
CA GLU J 215 28.26 -2.00 28.25
C GLU J 215 28.54 -3.38 27.69
N PHE J 216 29.75 -3.89 27.95
CA PHE J 216 30.12 -5.19 27.45
C PHE J 216 29.94 -6.26 28.51
N ARG J 217 29.25 -7.34 28.13
CA ARG J 217 29.04 -8.46 29.02
C ARG J 217 29.37 -9.76 28.32
N ALA J 218 29.99 -10.68 29.05
CA ALA J 218 30.38 -11.96 28.49
C ALA J 218 29.17 -12.89 28.41
N LEU J 219 28.91 -13.40 27.21
CA LEU J 219 27.79 -14.33 27.01
C LEU J 219 28.03 -15.31 25.87
N ASN J 220 27.70 -16.57 26.12
CA ASN J 220 27.65 -17.57 25.05
C ASN J 220 26.22 -17.60 24.50
N LEU J 221 26.09 -17.47 23.18
CA LEU J 221 24.77 -17.35 22.56
C LEU J 221 23.93 -18.63 22.67
N LEU J 222 24.56 -19.73 23.10
CA LEU J 222 23.86 -20.99 23.31
C LEU J 222 23.24 -21.04 24.71
N ASP J 223 23.56 -20.05 25.53
CA ASP J 223 23.09 -19.99 26.90
C ASP J 223 21.84 -19.12 27.07
N SER J 224 21.38 -18.99 28.30
CA SER J 224 20.13 -18.29 28.60
C SER J 224 20.27 -16.77 28.44
N TYR J 225 19.23 -16.15 27.89
CA TYR J 225 19.23 -14.72 27.62
C TYR J 225 18.43 -13.94 28.67
N ALA J 226 18.10 -14.58 29.77
CA ALA J 226 17.25 -13.96 30.79
C ALA J 226 17.94 -12.81 31.49
N SER J 227 19.26 -12.95 31.68
CA SER J 227 20.05 -11.97 32.41
C SER J 227 20.17 -10.61 31.72
N LEU J 228 19.89 -10.57 30.42
CA LEU J 228 20.07 -9.34 29.64
C LEU J 228 18.90 -8.38 29.74
N GLY J 229 17.69 -8.90 29.91
CA GLY J 229 16.49 -8.08 29.92
C GLY J 229 15.93 -7.96 28.52
N LYS J 230 15.07 -6.98 28.28
CA LYS J 230 14.42 -6.84 26.98
C LYS J 230 15.07 -5.74 26.14
N PHE J 231 15.04 -5.92 24.83
CA PHE J 231 15.68 -5.00 23.90
C PHE J 231 14.71 -4.49 22.84
N ASP J 232 14.95 -3.28 22.35
CA ASP J 232 14.18 -2.73 21.23
C ASP J 232 14.76 -3.20 19.89
N MET J 233 16.07 -3.38 19.84
CA MET J 233 16.73 -3.88 18.64
C MET J 233 17.80 -4.91 18.96
N VAL J 234 18.01 -5.84 18.05
CA VAL J 234 19.06 -6.84 18.18
C VAL J 234 19.89 -6.88 16.91
N PHE J 235 21.21 -6.77 17.06
CA PHE J 235 22.11 -6.84 15.91
C PHE J 235 22.92 -8.13 15.95
N CYS J 236 22.52 -9.09 15.15
CA CYS J 236 23.22 -10.36 15.02
C CYS J 236 23.47 -10.65 13.54
N ARG J 237 24.68 -10.37 13.08
CA ARG J 237 24.97 -10.32 11.65
C ARG J 237 26.13 -11.22 11.26
N ASN J 238 25.94 -12.03 10.22
CA ASN J 238 26.94 -13.00 9.77
C ASN J 238 27.29 -13.93 10.92
N VAL J 239 26.25 -14.52 11.51
CA VAL J 239 26.39 -15.36 12.69
C VAL J 239 25.74 -16.74 12.53
N LEU J 240 24.44 -16.75 12.26
CA LEU J 240 23.66 -17.97 12.29
C LEU J 240 24.02 -18.97 11.18
N ILE J 241 24.56 -18.48 10.07
CA ILE J 241 24.94 -19.35 8.96
C ILE J 241 26.10 -20.27 9.33
N TYR J 242 26.83 -19.92 10.38
CA TYR J 242 27.97 -20.71 10.83
C TYR J 242 27.53 -21.79 11.82
N PHE J 243 26.21 -21.86 12.03
CA PHE J 243 25.60 -22.91 12.84
C PHE J 243 24.76 -23.84 11.97
N SER J 244 24.17 -24.84 12.60
CA SER J 244 23.29 -25.77 11.90
C SER J 244 21.94 -25.10 11.68
N ALA J 245 20.93 -25.89 11.31
CA ALA J 245 19.60 -25.34 11.10
C ALA J 245 18.77 -25.43 12.38
N GLU J 246 18.91 -26.55 13.10
CA GLU J 246 18.17 -26.79 14.33
C GLU J 246 18.57 -25.83 15.45
N VAL J 247 19.87 -25.53 15.55
CA VAL J 247 20.38 -24.66 16.60
C VAL J 247 20.29 -23.19 16.18
N LYS J 248 20.17 -22.96 14.88
CA LYS J 248 19.91 -21.62 14.35
C LYS J 248 18.50 -21.17 14.74
N ARG J 249 17.54 -22.05 14.50
CA ARG J 249 16.15 -21.81 14.86
C ARG J 249 15.99 -21.66 16.37
N ASP J 250 16.77 -22.43 17.11
CA ASP J 250 16.76 -22.41 18.58
C ASP J 250 17.12 -21.03 19.11
N ILE J 251 18.19 -20.46 18.57
CA ILE J 251 18.66 -19.15 19.00
C ILE J 251 17.66 -18.07 18.61
N LEU J 252 17.07 -18.23 17.43
CA LEU J 252 16.07 -17.29 16.92
C LEU J 252 14.83 -17.11 17.79
N LEU J 253 14.34 -18.19 18.37
CA LEU J 253 13.15 -18.13 19.21
C LEU J 253 13.47 -17.46 20.53
N ARG J 254 14.70 -17.67 20.99
CA ARG J 254 15.18 -17.03 22.22
C ARG J 254 15.53 -15.57 21.98
N ILE J 255 15.85 -15.23 20.73
CA ILE J 255 16.08 -13.85 20.35
C ILE J 255 14.75 -13.12 20.22
N HIS J 256 13.70 -13.87 19.89
CA HIS J 256 12.35 -13.31 19.87
C HIS J 256 11.94 -12.92 21.29
N GLY J 257 12.41 -13.70 22.26
CA GLY J 257 12.25 -13.32 23.66
C GLY J 257 13.17 -12.13 23.86
N THR J 258 13.25 -11.61 25.09
CA THR J 258 14.05 -10.41 25.35
C THR J 258 13.87 -9.35 24.25
N LEU J 259 12.66 -9.29 23.67
CA LEU J 259 12.32 -8.32 22.64
C LEU J 259 10.95 -7.70 22.91
N LYS J 260 10.91 -6.37 22.97
CA LYS J 260 9.64 -5.66 23.04
C LYS J 260 8.86 -5.93 21.76
N PRO J 261 7.54 -6.04 21.85
CA PRO J 261 6.71 -6.32 20.67
C PRO J 261 6.91 -5.28 19.56
N GLY J 262 7.19 -5.76 18.35
CA GLY J 262 7.50 -4.86 17.25
C GLY J 262 8.96 -4.43 17.16
N GLY J 263 9.83 -5.15 17.87
CA GLY J 263 11.26 -4.87 17.85
C GLY J 263 11.93 -5.34 16.58
N TYR J 264 13.10 -4.77 16.25
CA TYR J 264 13.75 -5.04 14.97
C TYR J 264 15.00 -5.90 15.09
N LEU J 265 15.25 -6.72 14.07
CA LEU J 265 16.40 -7.60 14.04
C LEU J 265 17.25 -7.43 12.77
N PHE J 266 18.55 -7.25 12.95
CA PHE J 266 19.48 -7.05 11.83
C PHE J 266 20.40 -8.26 11.62
N LEU J 267 20.28 -8.90 10.46
CA LEU J 267 21.03 -10.13 10.17
C LEU J 267 22.26 -10.04 9.27
N GLY J 268 22.58 -8.85 8.78
CA GLY J 268 23.73 -8.73 7.90
C GLY J 268 23.54 -9.12 6.45
N ALA J 269 24.54 -8.75 5.66
CA ALA J 269 24.58 -8.92 4.20
C ALA J 269 24.33 -10.35 3.75
N SER J 270 23.39 -10.49 2.82
CA SER J 270 23.05 -11.78 2.22
C SER J 270 22.96 -12.96 3.20
N GLU J 271 22.37 -12.72 4.36
CA GLU J 271 22.13 -13.76 5.36
C GLU J 271 20.62 -13.97 5.32
N ALA J 272 20.17 -15.21 5.12
CA ALA J 272 18.74 -15.46 5.02
C ALA J 272 18.21 -16.31 6.17
N LEU J 273 16.97 -16.06 6.55
CA LEU J 273 16.26 -16.86 7.54
C LEU J 273 14.80 -17.05 7.17
N ASN J 274 14.38 -18.31 7.02
CA ASN J 274 12.99 -18.61 6.70
C ASN J 274 12.56 -19.98 7.20
N ASN J 275 12.49 -20.12 8.53
CA ASN J 275 12.03 -21.36 9.14
C ASN J 275 11.32 -21.16 10.48
N LEU J 276 10.39 -20.20 10.55
CA LEU J 276 9.65 -19.95 11.79
C LEU J 276 8.18 -19.69 11.55
N PRO J 277 7.33 -20.10 12.50
CA PRO J 277 5.91 -19.83 12.37
C PRO J 277 5.67 -18.34 12.60
N ASP J 278 5.71 -17.58 11.50
CA ASP J 278 5.71 -16.12 11.56
C ASP J 278 6.75 -15.61 12.54
N HIS J 279 6.27 -15.08 13.66
CA HIS J 279 7.10 -14.51 14.72
C HIS J 279 7.88 -13.31 14.20
N TYR J 280 8.72 -13.53 13.20
CA TYR J 280 9.42 -12.42 12.57
C TYR J 280 8.69 -11.94 11.32
N GLN J 281 8.41 -10.64 11.25
CA GLN J 281 7.81 -10.05 10.06
C GLN J 281 8.92 -9.48 9.19
N MET J 282 8.94 -9.86 7.92
CA MET J 282 9.96 -9.41 7.00
C MET J 282 9.70 -7.96 6.59
N VAL J 283 10.64 -7.08 6.89
CA VAL J 283 10.51 -5.67 6.54
C VAL J 283 11.52 -5.34 5.45
N GLN J 284 11.02 -5.20 4.23
CA GLN J 284 11.87 -4.91 3.08
C GLN J 284 12.23 -3.45 2.93
N CYS J 285 13.53 -3.16 2.93
CA CYS J 285 14.00 -1.84 2.52
C CYS J 285 14.45 -1.96 1.08
N SER J 286 14.90 -0.86 0.49
CA SER J 286 15.41 -0.92 -0.87
C SER J 286 16.75 -1.69 -0.94
N PRO J 287 17.75 -1.30 -0.12
CA PRO J 287 18.98 -2.09 -0.09
C PRO J 287 19.01 -3.13 1.04
N GLY J 288 18.28 -4.21 0.87
CA GLY J 288 18.23 -5.28 1.85
C GLY J 288 16.99 -5.25 2.72
N ILE J 289 16.99 -6.09 3.76
CA ILE J 289 15.81 -6.27 4.60
C ILE J 289 16.14 -6.33 6.08
N ILE J 290 15.16 -5.99 6.91
CA ILE J 290 15.28 -6.11 8.35
C ILE J 290 14.08 -6.89 8.86
N TYR J 291 14.14 -7.28 10.13
CA TYR J 291 13.11 -8.17 10.68
C TYR J 291 12.45 -7.64 11.94
N ARG J 292 11.13 -7.68 11.96
CA ARG J 292 10.35 -7.17 13.07
C ARG J 292 9.70 -8.31 13.85
N ALA J 293 9.62 -8.16 15.18
CA ALA J 293 9.11 -9.22 16.04
C ALA J 293 7.59 -9.16 16.21
N LYS J 294 6.92 -10.22 15.74
CA LYS J 294 5.47 -10.35 15.91
C LYS J 294 5.15 -11.32 17.04
#